data_3ZLE
#
_entry.id   3ZLE
#
_cell.length_a   179.190
_cell.length_b   155.520
_cell.length_c   180.590
_cell.angle_alpha   90.00
_cell.angle_beta   92.31
_cell.angle_gamma   90.00
#
_symmetry.space_group_name_H-M   'P 1 21 1'
#
loop_
_entity.id
_entity.type
_entity.pdbx_description
1 polymer 'APICAL MEMBRANE ANTIGEN 1'
2 non-polymer 2-acetamido-2-deoxy-beta-D-glucopyranose
3 non-polymer GLYCEROL
4 water water
#
_entity_poly.entity_id   1
_entity_poly.type   'polypeptide(L)'
_entity_poly.pdbx_seq_one_letter_code
;GSAMGQNPWATTTAFADFMKRFNIPQVHGSGIFVDLGRDTEGYREVGGKCPVFGKAIQMHQPAEYSNNFLDDAPTSNDAS
KKPLPGGFNNPQVYTSGQKFSPIDDSLLQERLGTAGPKTAIGRCALYAYSTIAVNPSTNYTSTYKYPFVYDAVSRKCYVL
SVSAQLLKGEKYCSVNGTPSGLTWACFEPVKEKSSARALVYGSAFVAEGNPDAWQSACPNDAVKDALFGKWEDGQCVPFD
TKTSVQSDQATNKEECWKRVFANPLVASDAPTTYPEAAQKNWNDFWPVHEQSSPKSGGFGANWANFYLEKESGETICAIF
DQVPDCFAPITGAVAYTALGSSTEVNLPQCDSASFIPIEGPCNNCVQVVTECVGNQFDQTSKACCTEPEAAALVPR
;
_entity_poly.pdbx_strand_id   A,B,C,D,E,F,G,H,I,J,K,L
#
# COMPACT_ATOMS: atom_id res chain seq x y z
N GLY A 5 54.18 31.71 35.42
CA GLY A 5 53.39 31.59 34.15
C GLY A 5 52.03 32.26 34.26
N GLN A 6 51.95 33.49 33.77
CA GLN A 6 50.72 34.30 33.87
C GLN A 6 49.81 34.14 32.66
N ASN A 7 48.52 34.28 32.90
CA ASN A 7 47.51 34.24 31.89
C ASN A 7 47.76 35.19 30.73
N PRO A 8 48.08 34.64 29.54
CA PRO A 8 48.42 35.51 28.43
C PRO A 8 47.22 36.34 27.95
N TRP A 9 46.01 35.90 28.25
CA TRP A 9 44.80 36.66 27.92
C TRP A 9 44.65 38.02 28.63
N ALA A 10 45.46 38.26 29.65
CA ALA A 10 45.55 39.58 30.26
C ALA A 10 46.86 40.31 29.89
N THR A 11 47.59 39.76 28.92
CA THR A 11 49.00 40.10 28.72
C THR A 11 49.16 41.12 27.61
N THR A 12 48.06 41.45 26.97
CA THR A 12 48.11 42.19 25.73
C THR A 12 46.77 42.86 25.59
N THR A 13 46.77 44.06 25.06
CA THR A 13 45.54 44.80 24.92
C THR A 13 44.58 44.10 24.04
N ALA A 14 45.08 43.52 22.95
CA ALA A 14 44.20 42.82 22.03
C ALA A 14 43.66 41.52 22.65
N PHE A 15 44.47 40.81 23.44
CA PHE A 15 43.97 39.54 24.02
C PHE A 15 42.94 39.87 25.10
N ALA A 16 43.19 40.94 25.84
CA ALA A 16 42.38 41.29 26.99
C ALA A 16 41.06 41.84 26.50
N ASP A 17 41.12 42.55 25.39
CA ASP A 17 39.87 43.07 24.78
C ASP A 17 39.04 41.98 24.22
N PHE A 18 39.69 40.91 23.78
CA PHE A 18 38.93 39.82 23.26
C PHE A 18 38.27 39.03 24.39
N MET A 19 39.04 38.76 25.45
CA MET A 19 38.49 38.00 26.59
C MET A 19 37.36 38.80 27.29
N LYS A 20 37.58 40.10 27.47
CA LYS A 20 36.57 40.96 28.16
C LYS A 20 35.19 40.76 27.57
N ARG A 21 35.14 40.51 26.28
CA ARG A 21 33.86 40.45 25.57
C ARG A 21 33.01 39.38 26.21
N PHE A 22 33.65 38.38 26.79
CA PHE A 22 32.90 37.19 27.24
C PHE A 22 32.53 37.27 28.71
N ASN A 23 32.82 38.43 29.32
CA ASN A 23 32.35 38.69 30.68
C ASN A 23 30.96 39.26 30.66
N ILE A 24 30.02 38.38 30.40
CA ILE A 24 28.62 38.74 30.11
C ILE A 24 27.86 39.55 31.21
N PRO A 25 27.99 39.16 32.50
CA PRO A 25 27.32 40.00 33.52
C PRO A 25 27.86 41.39 33.49
N GLN A 26 29.15 41.55 33.29
CA GLN A 26 29.71 42.87 33.14
C GLN A 26 29.23 43.59 31.85
N VAL A 27 29.44 42.99 30.67
CA VAL A 27 29.21 43.77 29.42
C VAL A 27 27.71 43.78 29.02
N HIS A 28 26.98 42.75 29.36
CA HIS A 28 25.56 42.77 29.06
C HIS A 28 24.69 43.24 30.23
N GLY A 29 24.84 42.61 31.41
CA GLY A 29 24.30 43.13 32.69
C GLY A 29 22.79 42.96 32.87
N SER A 30 22.20 42.10 32.06
CA SER A 30 20.77 41.87 32.13
C SER A 30 20.45 40.48 31.62
N GLY A 31 19.19 40.08 31.71
CA GLY A 31 18.81 38.76 31.22
C GLY A 31 19.04 38.65 29.71
N ILE A 32 19.11 37.40 29.23
CA ILE A 32 19.42 37.13 27.81
C ILE A 32 18.22 36.43 27.18
N PHE A 33 17.79 35.32 27.79
CA PHE A 33 16.59 34.58 27.27
C PHE A 33 15.38 35.51 27.32
N VAL A 34 15.03 35.95 28.52
CA VAL A 34 14.12 37.09 28.69
C VAL A 34 14.84 38.24 29.42
N ASP A 35 14.86 39.39 28.76
CA ASP A 35 15.56 40.58 29.25
C ASP A 35 14.58 41.56 29.84
N LEU A 36 14.54 41.67 31.16
CA LEU A 36 13.63 42.65 31.74
C LEU A 36 14.34 43.27 32.89
N GLY A 37 15.55 43.75 32.62
CA GLY A 37 16.48 44.11 33.68
C GLY A 37 16.24 45.52 34.20
N ARG A 38 15.26 46.21 33.65
CA ARG A 38 14.95 47.58 34.07
C ARG A 38 13.47 47.78 34.38
N ASP A 39 13.17 48.83 35.14
CA ASP A 39 11.80 49.26 35.33
C ASP A 39 11.67 50.77 35.25
N THR A 40 10.55 51.21 34.71
CA THR A 40 10.27 52.63 34.60
C THR A 40 8.78 52.76 34.64
N GLU A 41 8.31 53.80 35.35
CA GLU A 41 6.90 54.12 35.42
C GLU A 41 6.05 52.92 35.81
N GLY A 42 6.63 52.00 36.57
CA GLY A 42 5.91 50.78 36.98
C GLY A 42 6.00 49.58 36.04
N TYR A 43 6.72 49.71 34.91
CA TYR A 43 6.83 48.55 34.00
C TYR A 43 8.25 47.99 33.86
N ARG A 44 8.33 46.67 33.68
CA ARG A 44 9.61 46.03 33.33
C ARG A 44 10.08 46.44 31.92
N GLU A 45 11.35 46.81 31.83
CA GLU A 45 11.87 47.45 30.61
C GLU A 45 13.10 46.66 30.17
N VAL A 46 13.20 46.39 28.86
CA VAL A 46 14.33 45.58 28.31
C VAL A 46 15.59 46.38 28.50
N GLY A 47 16.64 45.76 29.04
CA GLY A 47 17.76 46.53 29.57
C GLY A 47 19.20 46.15 29.23
N GLY A 48 19.44 45.00 28.60
CA GLY A 48 20.80 44.53 28.37
C GLY A 48 21.58 45.42 27.41
N LYS A 49 22.89 45.49 27.61
CA LYS A 49 23.75 46.35 26.78
C LYS A 49 24.24 45.69 25.48
N CYS A 50 24.05 44.37 25.36
CA CYS A 50 24.53 43.62 24.17
C CYS A 50 23.40 43.19 23.25
N PRO A 51 23.63 43.28 21.93
CA PRO A 51 22.64 42.73 21.00
C PRO A 51 22.61 41.22 21.04
N VAL A 52 21.45 40.64 20.79
CA VAL A 52 21.30 39.21 20.96
C VAL A 52 21.04 38.64 19.59
N PHE A 53 22.03 37.94 19.04
CA PHE A 53 21.98 37.54 17.63
C PHE A 53 21.14 36.29 17.44
N GLY A 54 20.19 36.37 16.52
CA GLY A 54 19.34 35.23 16.22
C GLY A 54 18.17 35.03 17.16
N LYS A 55 17.97 35.96 18.13
CA LYS A 55 16.81 35.89 18.97
C LYS A 55 15.53 36.24 18.28
N ALA A 56 14.56 35.30 18.34
CA ALA A 56 13.23 35.54 17.82
C ALA A 56 12.22 35.19 18.92
N ILE A 57 11.04 35.78 18.86
CA ILE A 57 9.95 35.36 19.71
C ILE A 57 9.08 34.41 18.89
N GLN A 58 9.13 33.13 19.23
CA GLN A 58 8.23 32.12 18.68
C GLN A 58 6.77 32.32 19.18
N MET A 59 5.84 32.47 18.25
CA MET A 59 4.43 32.61 18.63
C MET A 59 3.64 31.34 18.37
N HIS A 60 2.41 31.28 18.90
CA HIS A 60 1.63 30.07 18.79
C HIS A 60 0.17 30.34 18.51
N GLN A 61 -0.08 31.22 17.55
CA GLN A 61 -1.44 31.49 17.12
C GLN A 61 -1.89 30.33 16.25
N PRO A 62 -3.22 30.14 16.14
CA PRO A 62 -3.74 29.08 15.30
C PRO A 62 -3.25 29.20 13.86
N ALA A 63 -3.17 28.06 13.18
CA ALA A 63 -2.57 27.93 11.85
C ALA A 63 -2.97 29.01 10.84
N GLU A 64 -4.23 29.40 10.82
CA GLU A 64 -4.64 30.41 9.84
C GLU A 64 -3.98 31.76 10.07
N TYR A 65 -3.55 32.04 11.30
CA TYR A 65 -2.93 33.35 11.62
C TYR A 65 -1.54 33.54 10.96
N SER A 66 -1.08 34.78 10.90
CA SER A 66 0.27 35.08 10.42
C SER A 66 1.34 34.49 11.37
N ASN A 67 1.14 34.63 12.67
CA ASN A 67 2.09 34.06 13.63
C ASN A 67 3.52 34.59 13.46
N ASN A 68 3.64 35.82 12.99
CA ASN A 68 4.93 36.45 12.82
C ASN A 68 5.08 37.60 13.82
N PHE A 69 6.03 37.50 14.71
CA PHE A 69 6.11 38.47 15.77
C PHE A 69 6.55 39.87 15.28
N LEU A 70 7.04 39.96 14.04
CA LEU A 70 7.38 41.26 13.45
C LEU A 70 6.20 41.93 12.81
N ASP A 71 5.03 41.32 12.94
CA ASP A 71 3.80 41.97 12.51
C ASP A 71 3.42 43.10 13.45
N ASP A 72 2.74 44.08 12.88
CA ASP A 72 2.10 45.14 13.59
C ASP A 72 1.34 44.59 14.75
N ALA A 73 1.55 45.18 15.92
CA ALA A 73 0.73 44.89 17.08
C ALA A 73 -0.61 45.58 16.89
N PRO A 74 -1.66 45.06 17.53
CA PRO A 74 -3.02 45.64 17.35
C PRO A 74 -3.16 47.05 17.94
N THR A 75 -3.90 47.91 17.24
CA THR A 75 -4.23 49.26 17.75
C THR A 75 -5.60 49.31 18.47
N SER A 76 -6.42 48.31 18.24
CA SER A 76 -7.70 48.19 18.93
C SER A 76 -8.00 46.72 19.13
N ASN A 77 -8.75 46.41 20.17
CA ASN A 77 -9.31 45.07 20.30
C ASN A 77 -10.31 44.75 19.22
N ASP A 78 -10.39 43.46 18.90
CA ASP A 78 -11.60 42.89 18.35
C ASP A 78 -12.04 41.76 19.27
N ALA A 79 -13.05 42.03 20.08
CA ALA A 79 -13.50 41.10 21.08
C ALA A 79 -13.88 39.77 20.43
N SER A 80 -14.30 39.83 19.16
CA SER A 80 -14.75 38.63 18.43
C SER A 80 -13.63 37.74 17.85
N LYS A 81 -12.39 38.21 17.87
CA LYS A 81 -11.26 37.37 17.49
C LYS A 81 -10.42 36.94 18.71
N LYS A 82 -10.34 35.63 18.92
CA LYS A 82 -9.58 35.06 20.03
C LYS A 82 -8.70 33.96 19.49
N PRO A 83 -7.36 34.12 19.56
CA PRO A 83 -6.61 35.27 20.08
C PRO A 83 -6.60 36.46 19.12
N LEU A 84 -6.22 37.61 19.62
CA LEU A 84 -6.21 38.83 18.80
C LEU A 84 -5.02 38.78 17.80
N PRO A 85 -5.31 38.99 16.50
CA PRO A 85 -4.25 38.98 15.48
C PRO A 85 -3.27 40.11 15.74
N GLY A 86 -2.03 39.93 15.33
CA GLY A 86 -1.01 40.94 15.56
C GLY A 86 0.36 40.32 15.83
N GLY A 87 1.40 41.15 15.75
CA GLY A 87 2.71 40.81 16.28
C GLY A 87 3.11 41.76 17.41
N PHE A 88 4.41 42.02 17.51
CA PHE A 88 4.98 42.87 18.56
C PHE A 88 5.40 44.23 18.02
N ASN A 89 5.28 44.45 16.72
CA ASN A 89 5.82 45.63 16.09
C ASN A 89 4.99 46.87 16.34
N ASN A 90 5.66 47.97 16.70
CA ASN A 90 5.00 49.23 16.97
C ASN A 90 4.30 49.72 15.71
N PRO A 91 2.99 50.01 15.82
CA PRO A 91 2.20 50.27 14.62
C PRO A 91 1.84 51.74 14.40
N GLN A 92 2.37 52.66 15.20
CA GLN A 92 2.06 54.07 15.05
C GLN A 92 2.51 54.59 13.71
N VAL A 93 1.76 55.53 13.14
CA VAL A 93 2.24 56.32 12.00
C VAL A 93 2.67 57.71 12.47
N TYR A 94 3.66 58.28 11.78
CA TYR A 94 3.97 59.71 11.93
C TYR A 94 2.81 60.53 11.40
N THR A 95 2.72 61.78 11.85
CA THR A 95 1.68 62.69 11.38
C THR A 95 1.71 62.83 9.86
N SER A 96 2.89 62.64 9.26
CA SER A 96 3.01 62.53 7.80
C SER A 96 2.26 61.31 7.24
N GLY A 97 1.96 60.34 8.09
CA GLY A 97 1.36 59.08 7.62
C GLY A 97 2.34 57.94 7.34
N GLN A 98 3.64 58.22 7.37
CA GLN A 98 4.68 57.18 7.28
C GLN A 98 4.68 56.36 8.54
N LYS A 99 4.92 55.06 8.42
CA LYS A 99 4.92 54.19 9.61
C LYS A 99 6.14 54.42 10.52
N PHE A 100 5.98 54.29 11.84
CA PHE A 100 7.13 54.31 12.76
C PHE A 100 8.06 53.17 12.37
N SER A 101 7.48 51.99 12.14
CA SER A 101 8.24 50.75 12.12
C SER A 101 7.55 49.66 11.28
N PRO A 102 8.33 48.91 10.50
CA PRO A 102 9.79 48.92 10.36
C PRO A 102 10.31 50.07 9.47
N ILE A 103 11.59 50.38 9.54
CA ILE A 103 12.13 51.40 8.63
C ILE A 103 13.40 50.88 7.98
N ASP A 104 13.54 51.13 6.69
CA ASP A 104 14.75 50.78 5.97
C ASP A 104 15.93 51.42 6.56
N ASP A 105 17.01 50.65 6.66
CA ASP A 105 18.24 51.11 7.25
C ASP A 105 18.80 52.30 6.45
N SER A 106 18.61 52.24 5.13
CA SER A 106 18.92 53.33 4.20
C SER A 106 18.38 54.64 4.74
N LEU A 107 17.08 54.63 5.04
CA LEU A 107 16.38 55.81 5.48
C LEU A 107 16.82 56.26 6.84
N LEU A 108 17.21 55.32 7.70
CA LEU A 108 17.59 55.66 9.05
C LEU A 108 18.92 56.39 9.00
N GLN A 109 19.81 55.88 8.18
CA GLN A 109 21.04 56.58 7.90
C GLN A 109 20.74 58.02 7.47
N GLU A 110 19.78 58.20 6.57
CA GLU A 110 19.37 59.55 6.21
C GLU A 110 18.83 60.32 7.39
N ARG A 111 17.93 59.70 8.15
CA ARG A 111 17.32 60.42 9.25
C ARG A 111 18.23 60.71 10.49
N LEU A 112 19.33 59.98 10.61
CA LEU A 112 20.22 60.14 11.77
C LEU A 112 21.38 61.06 11.50
N GLY A 113 21.62 61.30 10.23
CA GLY A 113 22.58 62.25 9.82
C GLY A 113 24.04 61.86 9.62
N THR A 114 24.76 62.87 9.20
CA THR A 114 26.17 62.88 9.05
C THR A 114 27.00 62.27 10.21
N ALA A 115 26.60 62.45 11.45
CA ALA A 115 27.36 61.91 12.58
C ALA A 115 26.64 60.73 13.27
N GLY A 116 25.59 60.20 12.65
CA GLY A 116 24.88 59.08 13.23
C GLY A 116 25.72 57.84 13.31
N PRO A 117 25.18 56.77 13.89
CA PRO A 117 25.95 55.57 14.13
C PRO A 117 26.42 54.89 12.85
N LYS A 118 27.61 54.30 12.91
CA LYS A 118 28.21 53.63 11.77
C LYS A 118 27.81 52.16 11.62
N THR A 119 27.03 51.60 12.55
CA THR A 119 26.55 50.21 12.41
C THR A 119 25.05 50.16 12.36
N ALA A 120 24.52 49.24 11.57
CA ALA A 120 23.07 49.13 11.43
C ALA A 120 22.44 48.83 12.79
N ILE A 121 23.11 48.01 13.58
CA ILE A 121 22.62 47.71 14.94
C ILE A 121 22.60 48.95 15.85
N GLY A 122 23.63 49.79 15.75
CA GLY A 122 23.69 51.05 16.50
C GLY A 122 22.56 51.99 16.08
N ARG A 123 22.30 52.07 14.78
CA ARG A 123 21.19 52.90 14.27
C ARG A 123 19.86 52.44 14.75
N CYS A 124 19.69 51.14 14.78
CA CYS A 124 18.37 50.64 15.11
C CYS A 124 18.11 50.79 16.60
N ALA A 125 19.19 50.72 17.37
CA ALA A 125 19.06 50.82 18.82
C ALA A 125 18.80 52.28 19.16
N LEU A 126 19.49 53.18 18.46
CA LEU A 126 19.36 54.64 18.68
C LEU A 126 17.97 55.07 18.28
N TYR A 127 17.46 54.47 17.20
CA TYR A 127 16.16 54.83 16.68
C TYR A 127 15.10 54.44 17.69
N ALA A 128 15.25 53.29 18.31
CA ALA A 128 14.37 52.86 19.40
C ALA A 128 14.53 53.81 20.60
N TYR A 129 15.78 54.11 20.93
CA TYR A 129 16.10 54.87 22.15
C TYR A 129 15.47 56.27 22.06
N SER A 130 15.41 56.80 20.84
CA SER A 130 14.80 58.08 20.55
C SER A 130 13.29 58.04 20.41
N THR A 131 12.73 56.85 20.22
CA THR A 131 11.29 56.82 19.97
C THR A 131 10.56 57.12 21.24
N ILE A 132 9.74 58.15 21.20
CA ILE A 132 8.86 58.45 22.32
C ILE A 132 7.74 57.43 22.43
N ALA A 133 7.80 56.64 23.50
CA ALA A 133 6.81 55.62 23.77
C ALA A 133 5.49 56.24 24.21
N VAL A 134 4.44 55.44 24.10
CA VAL A 134 3.11 55.86 24.48
C VAL A 134 2.51 54.73 25.31
N ASN A 135 1.96 55.05 26.46
CA ASN A 135 1.37 54.00 27.28
C ASN A 135 0.25 53.29 26.52
N PRO A 136 0.30 51.96 26.47
CA PRO A 136 -0.66 51.21 25.66
C PRO A 136 -2.04 51.10 26.34
N SER A 137 -2.12 51.45 27.63
CA SER A 137 -3.41 51.68 28.30
C SER A 137 -3.81 53.15 28.31
N THR A 138 -3.19 53.94 29.19
CA THR A 138 -3.59 55.33 29.39
C THR A 138 -3.55 56.12 28.10
N ASN A 139 -2.80 55.62 27.13
CA ASN A 139 -2.63 56.30 25.84
C ASN A 139 -1.80 57.61 25.93
N TYR A 140 -1.12 57.82 27.06
CA TYR A 140 -0.31 59.04 27.27
C TYR A 140 1.16 58.77 27.02
N THR A 141 1.89 59.77 26.51
CA THR A 141 3.33 59.60 26.27
C THR A 141 4.08 59.22 27.56
N SER A 142 5.17 58.47 27.40
CA SER A 142 5.87 57.81 28.51
C SER A 142 7.38 57.96 28.28
N THR A 143 8.19 57.74 29.33
CA THR A 143 9.69 57.70 29.18
C THR A 143 10.22 56.25 28.96
N TYR A 144 9.31 55.30 28.99
CA TYR A 144 9.60 53.89 28.67
C TYR A 144 10.38 53.80 27.36
N LYS A 145 11.39 52.93 27.31
CA LYS A 145 12.08 52.65 26.03
C LYS A 145 11.73 51.27 25.44
N TYR A 146 11.23 51.29 24.21
CA TYR A 146 11.04 50.07 23.40
C TYR A 146 12.32 49.32 23.06
N PRO A 147 12.26 47.99 22.93
CA PRO A 147 13.37 47.23 22.37
C PRO A 147 13.29 47.24 20.84
N PHE A 148 14.28 46.66 20.18
CA PHE A 148 14.27 46.66 18.71
C PHE A 148 14.64 45.29 18.17
N VAL A 149 14.39 45.09 16.88
CA VAL A 149 14.89 43.94 16.19
C VAL A 149 15.40 44.43 14.85
N TYR A 150 16.68 44.15 14.57
CA TYR A 150 17.20 44.52 13.27
C TYR A 150 17.20 43.25 12.43
N ASP A 151 16.75 43.33 11.17
CA ASP A 151 16.83 42.16 10.24
C ASP A 151 17.93 42.39 9.18
N ALA A 152 18.98 41.58 9.23
CA ALA A 152 20.15 41.92 8.39
C ALA A 152 20.00 41.51 6.94
N VAL A 153 18.91 40.79 6.66
CA VAL A 153 18.59 40.42 5.31
C VAL A 153 17.77 41.51 4.64
N SER A 154 16.58 41.82 5.16
CA SER A 154 15.83 42.92 4.55
C SER A 154 16.55 44.25 4.74
N ARG A 155 17.53 44.29 5.67
CA ARG A 155 18.11 45.54 6.17
C ARG A 155 17.07 46.48 6.70
N LYS A 156 16.15 45.95 7.53
CA LYS A 156 15.09 46.75 8.13
C LYS A 156 15.19 46.82 9.66
N CYS A 157 14.88 47.97 10.22
CA CYS A 157 14.92 48.12 11.68
C CYS A 157 13.48 48.12 12.21
N TYR A 158 13.25 47.34 13.27
CA TYR A 158 11.95 47.26 13.93
C TYR A 158 12.06 47.79 15.34
N VAL A 159 11.09 48.63 15.71
CA VAL A 159 10.87 48.99 17.08
C VAL A 159 9.62 48.28 17.57
N LEU A 160 9.76 47.49 18.64
CA LEU A 160 8.64 46.70 19.15
C LEU A 160 7.91 47.48 20.25
N SER A 161 6.62 47.70 20.08
CA SER A 161 5.86 48.22 21.19
C SER A 161 5.44 47.12 22.19
N VAL A 162 5.66 45.87 21.85
CA VAL A 162 5.47 44.79 22.82
C VAL A 162 6.80 44.32 23.35
N SER A 163 6.98 44.42 24.66
CA SER A 163 8.30 44.18 25.28
C SER A 163 8.31 42.88 26.04
N ALA A 164 7.11 42.33 26.28
CA ALA A 164 6.91 40.96 26.74
C ALA A 164 7.63 39.98 25.85
N GLN A 165 8.32 39.03 26.45
CA GLN A 165 9.04 38.05 25.69
C GLN A 165 8.55 36.65 25.96
N LEU A 166 8.00 36.41 27.15
CA LEU A 166 7.60 35.06 27.51
C LEU A 166 6.22 35.01 28.14
N LEU A 167 5.32 34.28 27.49
CA LEU A 167 3.96 34.08 28.02
C LEU A 167 3.60 32.60 27.88
N LYS A 168 3.16 32.01 28.98
CA LYS A 168 3.17 30.55 29.14
C LYS A 168 1.95 30.18 30.02
N GLY A 169 1.36 29.01 29.82
CA GLY A 169 0.39 28.45 30.80
C GLY A 169 -1.06 28.65 30.41
N GLU A 170 -1.87 27.57 30.51
CA GLU A 170 -3.21 27.56 29.90
C GLU A 170 -4.19 28.51 30.61
N LYS A 171 -3.82 28.93 31.82
CA LYS A 171 -4.55 29.99 32.52
C LYS A 171 -4.46 31.31 31.74
N TYR A 172 -3.35 31.52 31.05
CA TYR A 172 -3.03 32.84 30.51
C TYR A 172 -2.98 32.98 28.99
N CYS A 173 -2.84 31.87 28.26
CA CYS A 173 -2.65 31.95 26.78
C CYS A 173 -2.90 30.62 26.09
N SER A 174 -3.22 30.70 24.80
CA SER A 174 -3.53 29.53 23.99
C SER A 174 -2.30 29.12 23.18
N VAL A 175 -2.11 27.81 23.04
CA VAL A 175 -1.23 27.26 22.03
C VAL A 175 -2.06 26.74 20.87
N ASN A 176 -1.81 27.24 19.67
CA ASN A 176 -2.55 26.77 18.52
C ASN A 176 -4.04 26.61 18.81
N GLY A 177 -4.61 27.57 19.53
CA GLY A 177 -6.06 27.70 19.68
C GLY A 177 -6.67 26.90 20.83
N THR A 178 -5.81 26.35 21.69
CA THR A 178 -6.24 25.53 22.82
C THR A 178 -5.53 26.05 24.08
N PRO A 179 -6.27 26.35 25.17
CA PRO A 179 -7.73 26.42 25.23
C PRO A 179 -8.19 27.53 24.36
N SER A 180 -9.46 27.50 23.97
CA SER A 180 -10.00 28.51 23.07
C SER A 180 -10.49 29.69 23.87
N GLY A 181 -10.76 30.79 23.19
CA GLY A 181 -11.25 31.98 23.85
C GLY A 181 -10.20 32.90 24.52
N LEU A 182 -8.96 32.46 24.64
CA LEU A 182 -7.93 33.32 25.22
C LEU A 182 -7.50 34.48 24.31
N THR A 183 -7.42 35.67 24.89
CA THR A 183 -7.04 36.89 24.13
C THR A 183 -5.64 36.79 23.50
N TRP A 184 -4.72 36.23 24.26
CA TRP A 184 -3.32 36.14 23.82
C TRP A 184 -2.92 34.71 23.52
N ALA A 185 -2.22 34.51 22.42
CA ALA A 185 -1.55 33.24 22.19
C ALA A 185 -0.24 33.23 22.97
N CYS A 186 0.29 32.03 23.20
CA CYS A 186 1.51 31.90 24.00
C CYS A 186 2.69 32.23 23.12
N PHE A 187 3.83 32.46 23.75
CA PHE A 187 5.02 32.79 23.03
C PHE A 187 6.24 32.70 23.92
N GLU A 188 7.37 32.40 23.29
CA GLU A 188 8.63 32.29 24.00
C GLU A 188 9.83 32.60 23.11
N PRO A 189 10.93 33.06 23.70
CA PRO A 189 12.07 33.42 22.87
C PRO A 189 12.74 32.16 22.34
N VAL A 190 13.34 32.24 21.14
CA VAL A 190 14.08 31.13 20.56
C VAL A 190 15.21 31.67 19.67
N LYS A 191 16.39 31.04 19.69
CA LYS A 191 17.34 31.21 18.57
C LYS A 191 16.88 30.55 17.27
N GLU A 192 16.89 31.34 16.19
CA GLU A 192 16.61 30.87 14.86
C GLU A 192 17.75 31.14 13.89
N LYS A 193 17.96 30.20 13.00
CA LYS A 193 18.90 30.38 11.93
C LYS A 193 18.21 30.01 10.66
N SER A 194 17.82 31.04 9.92
CA SER A 194 17.02 30.92 8.71
C SER A 194 17.73 31.69 7.59
N SER A 195 17.61 31.22 6.36
CA SER A 195 18.20 31.95 5.27
C SER A 195 17.33 33.19 4.91
N ALA A 196 16.07 33.17 5.27
CA ALA A 196 15.13 34.25 4.85
C ALA A 196 15.28 35.56 5.63
N ARG A 197 15.68 35.46 6.90
CA ARG A 197 15.92 36.64 7.73
C ARG A 197 17.07 36.41 8.76
N ALA A 198 17.72 37.47 9.22
CA ALA A 198 18.81 37.31 10.18
C ALA A 198 18.67 38.36 11.28
N LEU A 199 18.08 37.95 12.40
CA LEU A 199 17.53 38.87 13.35
C LEU A 199 18.54 39.19 14.41
N VAL A 200 18.39 40.38 14.98
CA VAL A 200 19.17 40.76 16.16
C VAL A 200 18.20 41.46 17.06
N TYR A 201 18.02 40.92 18.27
CA TYR A 201 17.07 41.49 19.21
C TYR A 201 17.89 42.23 20.24
N GLY A 202 17.40 43.39 20.64
CA GLY A 202 18.14 44.19 21.62
C GLY A 202 17.25 45.13 22.41
N SER A 203 17.78 45.61 23.53
CA SER A 203 17.14 46.70 24.28
C SER A 203 17.57 48.01 23.69
N ALA A 204 16.89 49.09 24.04
CA ALA A 204 17.18 50.35 23.42
C ALA A 204 18.49 50.87 24.01
N PHE A 205 18.94 50.22 25.08
CA PHE A 205 20.08 50.72 25.79
C PHE A 205 21.40 50.30 25.18
N VAL A 206 21.31 49.42 24.17
CA VAL A 206 22.43 49.22 23.25
C VAL A 206 22.84 50.58 22.76
N ALA A 207 21.91 51.51 22.58
CA ALA A 207 22.30 52.77 21.99
C ALA A 207 23.02 53.74 22.93
N GLU A 208 23.00 53.44 24.22
CA GLU A 208 23.29 54.41 25.25
C GLU A 208 24.79 54.62 25.35
N GLY A 209 25.24 55.87 25.27
CA GLY A 209 26.66 56.12 25.18
C GLY A 209 27.08 56.03 23.72
N ASN A 210 27.91 55.06 23.38
CA ASN A 210 28.26 54.85 22.00
C ASN A 210 27.50 53.66 21.44
N PRO A 211 26.58 53.93 20.52
CA PRO A 211 25.63 52.91 20.04
C PRO A 211 26.36 51.82 19.26
N ASP A 212 27.56 52.12 18.82
CA ASP A 212 28.35 51.21 17.96
C ASP A 212 29.26 50.33 18.80
N ALA A 213 29.29 50.54 20.13
CA ALA A 213 30.31 49.86 20.96
C ALA A 213 30.20 48.35 20.90
N TRP A 214 28.98 47.84 20.86
CA TRP A 214 28.74 46.38 20.80
C TRP A 214 29.75 45.68 19.91
N GLN A 215 30.09 46.25 18.77
CA GLN A 215 30.96 45.61 17.83
C GLN A 215 32.26 45.17 18.43
N SER A 216 32.72 45.92 19.39
CA SER A 216 33.97 45.76 20.07
C SER A 216 33.89 45.22 21.46
N ALA A 217 32.77 45.35 22.10
CA ALA A 217 32.64 45.06 23.50
C ALA A 217 31.91 43.80 23.81
N CYS A 218 31.12 43.39 22.86
CA CYS A 218 30.13 42.31 23.09
C CYS A 218 30.52 40.98 22.44
N PRO A 219 29.99 39.89 22.97
CA PRO A 219 30.36 38.57 22.44
C PRO A 219 29.47 38.18 21.25
N ASN A 220 29.69 38.84 20.14
CA ASN A 220 28.81 38.73 18.97
C ASN A 220 28.92 37.48 18.20
N ASP A 221 30.07 36.79 18.29
CA ASP A 221 30.35 35.61 17.47
C ASP A 221 30.86 34.40 18.24
N ALA A 222 30.62 33.22 17.68
CA ALA A 222 31.20 31.96 18.16
C ALA A 222 32.69 32.02 17.92
N VAL A 223 33.47 31.31 18.73
CA VAL A 223 34.88 31.36 18.53
C VAL A 223 35.31 29.99 17.99
N LYS A 224 35.90 29.96 16.82
CA LYS A 224 36.27 28.68 16.20
C LYS A 224 37.62 28.17 16.65
N ASP A 225 37.68 26.87 16.80
CA ASP A 225 38.88 26.17 17.26
C ASP A 225 39.39 26.63 18.57
N ALA A 226 38.48 26.80 19.55
CA ALA A 226 38.89 27.21 20.89
C ALA A 226 37.80 26.89 21.85
N LEU A 227 38.17 26.64 23.11
CA LEU A 227 37.19 26.45 24.14
C LEU A 227 37.37 27.50 25.23
N PHE A 228 36.25 27.93 25.83
CA PHE A 228 36.31 28.71 27.04
C PHE A 228 36.99 27.89 28.13
N GLY A 229 37.96 28.50 28.81
CA GLY A 229 38.53 27.89 30.03
C GLY A 229 38.74 28.81 31.23
N LYS A 230 39.42 28.27 32.25
CA LYS A 230 39.82 28.98 33.45
C LYS A 230 41.30 28.78 33.63
N TRP A 231 42.04 29.87 33.79
CA TRP A 231 43.47 29.79 33.97
C TRP A 231 43.80 29.27 35.37
N GLU A 232 44.57 28.17 35.42
CA GLU A 232 44.98 27.50 36.66
C GLU A 232 46.25 26.72 36.37
N ASP A 233 47.27 26.89 37.20
CA ASP A 233 48.47 26.08 37.12
C ASP A 233 49.19 26.28 35.79
N GLY A 234 49.27 27.52 35.35
CA GLY A 234 50.03 27.86 34.14
C GLY A 234 49.50 27.30 32.83
N GLN A 235 48.19 27.11 32.75
CA GLN A 235 47.53 26.37 31.67
C GLN A 235 46.09 26.91 31.67
N CYS A 236 45.50 27.14 30.50
CA CYS A 236 44.03 27.19 30.36
C CYS A 236 43.36 25.82 30.48
N VAL A 237 42.52 25.64 31.49
CA VAL A 237 41.79 24.41 31.54
C VAL A 237 40.34 24.62 31.16
N PRO A 238 39.91 23.96 30.06
CA PRO A 238 38.61 24.25 29.48
C PRO A 238 37.53 23.70 30.35
N PHE A 239 36.36 24.30 30.30
CA PHE A 239 35.17 23.74 30.89
C PHE A 239 34.69 22.52 30.13
N ASP A 240 34.29 21.50 30.87
CA ASP A 240 33.88 20.23 30.31
C ASP A 240 32.82 19.61 31.21
N THR A 241 32.67 18.29 31.13
CA THR A 241 31.73 17.58 31.98
C THR A 241 31.93 17.88 33.49
N LYS A 242 33.18 18.00 33.93
CA LYS A 242 33.47 18.18 35.35
C LYS A 242 32.86 19.47 35.91
N THR A 243 32.90 20.53 35.12
CA THR A 243 32.71 21.88 35.64
C THR A 243 31.54 22.56 34.92
N SER A 244 30.58 21.77 34.47
CA SER A 244 29.47 22.32 33.75
C SER A 244 28.12 22.01 34.35
N VAL A 245 27.13 22.77 33.94
CA VAL A 245 25.79 22.68 34.46
C VAL A 245 25.03 21.59 33.67
N GLN A 246 25.39 21.42 32.40
CA GLN A 246 24.94 20.23 31.65
C GLN A 246 25.91 20.01 30.52
N SER A 247 26.01 18.78 30.05
CA SER A 247 26.97 18.42 29.05
C SER A 247 26.48 17.20 28.34
N ASP A 248 25.31 17.30 27.75
CA ASP A 248 24.78 16.23 26.96
C ASP A 248 25.37 16.29 25.55
N GLN A 249 25.17 15.22 24.79
CA GLN A 249 25.64 15.14 23.45
C GLN A 249 24.82 16.12 22.59
N ALA A 250 25.42 16.64 21.54
CA ALA A 250 24.65 17.38 20.53
C ALA A 250 24.97 16.81 19.17
N THR A 251 23.99 16.81 18.27
CA THR A 251 24.18 16.21 16.96
C THR A 251 25.13 17.05 16.15
N ASN A 252 25.01 18.37 16.29
CA ASN A 252 25.92 19.29 15.60
C ASN A 252 25.98 20.64 16.30
N LYS A 253 26.98 21.42 15.94
CA LYS A 253 27.38 22.56 16.73
C LYS A 253 26.27 23.64 16.80
N GLU A 254 25.47 23.71 15.75
CA GLU A 254 24.38 24.67 15.73
C GLU A 254 23.30 24.32 16.77
N GLU A 255 23.12 23.03 17.00
CA GLU A 255 22.20 22.57 18.02
C GLU A 255 22.73 23.03 19.37
N CYS A 256 24.03 22.94 19.57
CA CYS A 256 24.65 23.45 20.80
C CYS A 256 24.42 24.96 20.95
N TRP A 257 24.51 25.68 19.84
CA TRP A 257 24.33 27.11 19.85
C TRP A 257 22.90 27.50 20.27
N LYS A 258 21.93 26.75 19.80
CA LYS A 258 20.53 26.93 20.20
C LYS A 258 20.26 26.54 21.64
N ARG A 259 20.99 25.54 22.12
CA ARG A 259 20.73 24.97 23.42
C ARG A 259 21.14 25.91 24.53
N VAL A 260 22.31 26.52 24.39
CA VAL A 260 22.80 27.39 25.42
C VAL A 260 21.84 28.56 25.65
N PHE A 261 21.21 29.02 24.59
CA PHE A 261 20.31 30.15 24.70
C PHE A 261 19.03 29.71 25.41
N ALA A 262 18.57 28.50 25.10
CA ALA A 262 17.28 28.04 25.63
C ALA A 262 17.39 27.31 26.97
N ASN A 263 18.59 27.12 27.47
CA ASN A 263 18.79 26.24 28.64
C ASN A 263 18.20 26.78 29.93
N PRO A 264 17.63 25.88 30.76
CA PRO A 264 16.78 26.33 31.86
C PRO A 264 17.52 27.22 32.87
N LEU A 265 18.86 27.20 32.84
CA LEU A 265 19.66 28.07 33.74
C LEU A 265 20.29 29.30 33.12
N VAL A 266 19.94 29.65 31.89
CA VAL A 266 20.54 30.80 31.25
C VAL A 266 20.12 32.05 32.01
N ALA A 267 20.98 33.08 32.07
CA ALA A 267 20.54 34.36 32.67
C ALA A 267 19.20 34.75 32.08
N SER A 268 18.20 34.95 32.93
CA SER A 268 16.89 35.27 32.47
C SER A 268 16.13 36.03 33.55
N ASP A 269 15.33 36.99 33.14
CA ASP A 269 14.57 37.82 34.10
C ASP A 269 13.09 37.44 34.16
N ALA A 270 12.73 36.29 33.61
CA ALA A 270 11.33 35.84 33.69
C ALA A 270 10.99 35.52 35.11
N PRO A 271 9.74 35.84 35.53
CA PRO A 271 9.33 35.48 36.88
C PRO A 271 9.28 33.98 37.03
N THR A 272 9.82 33.51 38.13
CA THR A 272 10.00 32.08 38.35
C THR A 272 8.83 31.53 39.17
N THR A 273 7.96 32.44 39.58
CA THR A 273 6.81 32.10 40.38
C THR A 273 5.59 32.49 39.59
N TYR A 274 4.44 31.94 39.95
CA TYR A 274 3.24 32.18 39.17
C TYR A 274 2.11 32.73 40.03
N PRO A 275 2.01 34.07 40.11
CA PRO A 275 0.97 34.69 40.92
C PRO A 275 -0.40 34.46 40.30
N GLU A 276 -1.26 33.73 41.02
CA GLU A 276 -2.67 33.63 40.65
C GLU A 276 -3.16 35.00 40.19
N ALA A 277 -3.51 35.09 38.91
CA ALA A 277 -3.76 36.37 38.27
C ALA A 277 -4.82 36.22 37.18
N ALA A 278 -5.56 37.30 36.93
CA ALA A 278 -6.51 37.31 35.82
C ALA A 278 -5.77 37.34 34.48
N GLN A 279 -6.50 37.05 33.41
CA GLN A 279 -5.97 37.12 32.06
C GLN A 279 -5.41 38.51 31.75
N LYS A 280 -4.27 38.55 31.08
CA LYS A 280 -3.78 39.79 30.49
C LYS A 280 -4.88 40.40 29.61
N ASN A 281 -4.91 41.72 29.52
CA ASN A 281 -5.81 42.39 28.59
C ASN A 281 -5.17 42.47 27.21
N TRP A 282 -5.95 42.80 26.20
CA TRP A 282 -5.47 42.70 24.84
C TRP A 282 -4.29 43.61 24.63
N ASN A 283 -4.11 44.54 25.55
CA ASN A 283 -3.16 45.60 25.31
C ASN A 283 -2.16 45.77 26.41
N ASP A 284 -1.93 44.71 27.16
CA ASP A 284 -0.86 44.67 28.13
C ASP A 284 0.49 44.38 27.45
N PHE A 285 1.01 45.38 26.72
CA PHE A 285 2.20 45.22 25.94
C PHE A 285 3.45 45.15 26.80
N TRP A 286 3.40 45.68 28.02
CA TRP A 286 4.59 45.73 28.87
C TRP A 286 4.34 45.02 30.20
N PRO A 287 5.29 44.18 30.63
CA PRO A 287 5.16 43.44 31.88
C PRO A 287 5.16 44.39 33.07
N VAL A 288 4.19 44.25 33.97
CA VAL A 288 4.19 45.14 35.12
C VAL A 288 5.27 44.77 36.12
N HIS A 289 5.95 45.79 36.63
CA HIS A 289 7.08 45.60 37.53
C HIS A 289 6.58 45.40 38.96
N GLU A 290 6.93 44.26 39.54
CA GLU A 290 6.56 43.95 40.92
C GLU A 290 7.81 43.89 41.79
N GLN A 291 7.66 44.24 43.07
CA GLN A 291 8.78 44.25 44.00
C GLN A 291 9.60 42.96 43.90
N SER A 292 8.94 41.85 43.60
CA SER A 292 9.65 40.57 43.48
C SER A 292 10.17 40.18 42.06
N SER A 293 10.09 41.12 41.10
CA SER A 293 10.54 40.85 39.72
C SER A 293 12.02 40.52 39.71
N PRO A 294 12.38 39.35 39.20
CA PRO A 294 13.78 38.92 39.21
C PRO A 294 14.64 39.72 38.25
N LYS A 295 15.88 39.94 38.65
CA LYS A 295 16.87 40.45 37.73
C LYS A 295 18.12 39.60 37.82
N SER A 296 18.33 38.77 36.79
CA SER A 296 19.55 37.97 36.68
C SER A 296 20.79 38.86 36.72
N GLY A 297 20.70 40.09 36.27
CA GLY A 297 21.95 40.91 36.04
C GLY A 297 22.89 40.29 35.01
N GLY A 298 22.37 39.31 34.25
CA GLY A 298 23.21 38.55 33.32
C GLY A 298 24.09 37.47 33.91
N PHE A 299 23.92 37.17 35.19
CA PHE A 299 24.53 35.97 35.75
C PHE A 299 23.74 34.72 35.34
N GLY A 300 24.46 33.67 34.91
CA GLY A 300 23.77 32.41 34.65
C GLY A 300 24.58 31.50 33.74
N ALA A 301 23.95 30.44 33.24
CA ALA A 301 24.66 29.45 32.42
C ALA A 301 24.60 29.92 30.98
N ASN A 302 25.51 30.80 30.59
CA ASN A 302 25.34 31.59 29.37
C ASN A 302 26.37 31.17 28.30
N TRP A 303 27.37 30.41 28.71
CA TRP A 303 28.44 29.95 27.82
C TRP A 303 28.33 28.45 27.56
N ALA A 304 28.72 28.03 26.33
CA ALA A 304 28.74 26.64 25.97
C ALA A 304 30.03 26.28 25.23
N ASN A 305 30.67 25.18 25.64
CA ASN A 305 31.76 24.62 24.89
C ASN A 305 31.29 23.46 24.04
N PHE A 306 31.55 23.53 22.74
CA PHE A 306 31.22 22.43 21.84
C PHE A 306 32.48 21.66 21.41
N TYR A 307 32.60 20.39 21.84
CA TYR A 307 33.81 19.64 21.48
C TYR A 307 33.59 18.15 21.31
N LEU A 308 34.56 17.53 20.68
CA LEU A 308 34.57 16.09 20.48
C LEU A 308 35.28 15.50 21.68
N GLU A 309 34.55 14.78 22.52
CA GLU A 309 35.15 14.05 23.64
C GLU A 309 36.08 12.95 23.14
N LYS A 310 37.38 13.13 23.39
CA LYS A 310 38.41 12.23 22.87
C LYS A 310 38.13 10.81 23.37
N GLU A 311 37.47 10.74 24.51
CA GLU A 311 37.31 9.50 25.25
C GLU A 311 36.19 8.63 24.68
N SER A 312 35.18 9.24 24.06
CA SER A 312 33.91 8.56 23.79
C SER A 312 33.35 8.73 22.37
N GLY A 313 34.14 9.33 21.49
CA GLY A 313 33.68 9.62 20.12
C GLY A 313 32.43 10.50 19.96
N GLU A 314 31.96 11.12 21.03
CA GLU A 314 30.74 11.94 20.96
C GLU A 314 31.01 13.47 21.01
N THR A 315 30.27 14.22 20.19
CA THR A 315 30.21 15.67 20.37
C THR A 315 29.36 16.10 21.55
N ILE A 316 29.97 16.90 22.41
CA ILE A 316 29.36 17.32 23.66
C ILE A 316 29.06 18.85 23.60
N CYS A 317 27.88 19.26 24.03
CA CYS A 317 27.59 20.66 24.37
C CYS A 317 27.66 20.86 25.88
N ALA A 318 28.78 21.38 26.36
CA ALA A 318 29.01 21.55 27.82
C ALA A 318 28.69 22.98 28.20
N ILE A 319 27.53 23.18 28.80
CA ILE A 319 27.07 24.48 29.17
C ILE A 319 27.46 24.84 30.60
N PHE A 320 28.06 25.99 30.79
CA PHE A 320 28.58 26.30 32.12
C PHE A 320 28.19 27.69 32.53
N ASP A 321 28.42 28.01 33.80
CA ASP A 321 27.95 29.27 34.35
C ASP A 321 28.99 30.07 35.05
N GLN A 322 30.26 29.90 34.66
CA GLN A 322 31.34 30.77 35.14
C GLN A 322 31.86 31.71 34.05
N VAL A 323 32.24 32.91 34.44
CA VAL A 323 32.91 33.77 33.55
C VAL A 323 34.27 33.17 33.23
N PRO A 324 34.55 32.95 31.93
CA PRO A 324 35.79 32.30 31.55
C PRO A 324 36.86 33.37 31.39
N ASP A 325 38.13 33.01 31.55
CA ASP A 325 39.21 34.00 31.48
C ASP A 325 40.36 33.54 30.60
N CYS A 326 40.17 32.47 29.86
CA CYS A 326 41.12 32.15 28.81
C CYS A 326 40.44 31.27 27.79
N PHE A 327 41.16 31.06 26.69
CA PHE A 327 40.77 30.14 25.66
C PHE A 327 41.82 29.07 25.53
N ALA A 328 41.38 27.83 25.43
CA ALA A 328 42.27 26.74 25.06
C ALA A 328 42.17 26.49 23.53
N PRO A 329 43.21 26.79 22.76
CA PRO A 329 43.00 26.55 21.31
C PRO A 329 42.99 25.05 21.00
N ILE A 330 41.89 24.57 20.44
CA ILE A 330 41.66 23.16 20.18
C ILE A 330 41.00 23.11 18.81
N THR A 331 41.61 22.39 17.87
CA THR A 331 41.16 22.36 16.49
C THR A 331 39.83 21.64 16.39
N GLY A 332 38.89 22.23 15.67
CA GLY A 332 37.56 21.63 15.59
C GLY A 332 36.57 21.95 16.69
N ALA A 333 37.01 22.49 17.85
CA ALA A 333 36.03 22.89 18.91
C ALA A 333 35.39 24.25 18.62
N VAL A 334 34.23 24.54 19.21
CA VAL A 334 33.61 25.90 19.07
C VAL A 334 33.11 26.46 20.42
N ALA A 335 33.33 27.74 20.66
CA ALA A 335 32.83 28.36 21.90
C ALA A 335 31.69 29.30 21.62
N TYR A 336 30.54 29.01 22.21
CA TYR A 336 29.31 29.71 21.90
C TYR A 336 28.84 30.53 23.14
N THR A 337 28.02 31.54 22.93
CA THR A 337 27.24 32.07 24.08
C THR A 337 25.77 32.19 23.80
N ALA A 338 25.00 32.36 24.85
CA ALA A 338 23.61 32.74 24.65
C ALA A 338 23.41 34.09 23.95
N LEU A 339 24.42 34.95 23.99
CA LEU A 339 24.29 36.25 23.24
C LEU A 339 24.61 36.21 21.76
N GLY A 340 25.69 35.49 21.44
CA GLY A 340 26.30 35.58 20.13
C GLY A 340 25.53 34.90 19.02
N SER A 341 26.01 35.12 17.79
CA SER A 341 25.60 34.37 16.61
C SER A 341 26.28 33.01 16.54
N SER A 342 25.96 32.24 15.52
CA SER A 342 26.71 31.02 15.28
C SER A 342 27.82 31.29 14.26
N THR A 343 27.84 32.49 13.67
CA THR A 343 28.93 32.83 12.76
C THR A 343 30.21 32.77 13.59
N GLU A 344 31.31 32.30 13.00
CA GLU A 344 32.54 32.02 13.78
C GLU A 344 33.73 32.94 13.47
N VAL A 345 34.44 33.41 14.52
CA VAL A 345 35.59 34.22 14.31
C VAL A 345 36.80 33.47 14.89
N ASN A 346 37.98 33.86 14.45
CA ASN A 346 39.17 33.35 15.08
C ASN A 346 39.56 34.02 16.37
N LEU A 347 40.38 33.32 17.13
CA LEU A 347 41.13 33.90 18.23
C LEU A 347 41.99 34.97 17.64
N PRO A 348 42.30 36.00 18.43
CA PRO A 348 43.20 37.01 17.93
C PRO A 348 44.53 36.36 17.63
N GLN A 349 45.20 36.85 16.61
CA GLN A 349 46.53 36.40 16.35
C GLN A 349 47.47 36.79 17.45
N CYS A 350 48.68 36.31 17.31
CA CYS A 350 49.56 36.14 18.39
C CYS A 350 50.88 36.48 17.72
N ASP A 351 51.80 37.14 18.40
CA ASP A 351 53.09 37.51 17.73
C ASP A 351 54.21 36.53 18.06
N SER A 352 54.52 35.63 17.11
CA SER A 352 55.44 34.52 17.36
C SER A 352 56.81 34.98 17.80
N ALA A 353 57.28 36.07 17.20
CA ALA A 353 58.63 36.60 17.52
C ALA A 353 58.85 37.00 18.98
N SER A 354 57.82 37.46 19.67
CA SER A 354 58.02 38.01 21.02
C SER A 354 57.29 37.21 22.10
N PHE A 355 56.26 36.48 21.69
CA PHE A 355 55.45 35.70 22.61
C PHE A 355 56.35 34.77 23.45
N ILE A 356 56.27 34.90 24.77
CA ILE A 356 57.01 33.99 25.66
C ILE A 356 56.18 32.77 26.07
N PRO A 357 56.67 31.57 25.75
CA PRO A 357 55.93 30.34 26.01
C PRO A 357 55.80 30.08 27.49
N ILE A 358 54.68 29.49 27.87
CA ILE A 358 54.35 29.36 29.28
C ILE A 358 54.20 27.87 29.50
N GLU A 359 54.84 27.36 30.57
CA GLU A 359 54.93 25.93 30.83
C GLU A 359 54.16 25.56 32.08
N GLY A 360 53.16 24.70 31.98
CA GLY A 360 52.55 24.14 33.19
C GLY A 360 53.51 23.32 34.05
N PRO A 361 53.07 22.91 35.23
CA PRO A 361 53.91 22.01 36.04
C PRO A 361 53.89 20.57 35.49
N CYS A 362 54.97 19.80 35.70
CA CYS A 362 55.00 18.38 35.29
C CYS A 362 54.14 17.54 36.18
N ASN A 363 53.12 16.94 35.60
CA ASN A 363 52.29 15.95 36.30
C ASN A 363 52.33 14.63 35.55
N ASN A 364 52.93 13.62 36.16
CA ASN A 364 52.99 12.31 35.56
C ASN A 364 53.69 12.34 34.22
N CYS A 365 54.70 13.19 34.12
CA CYS A 365 55.58 13.27 32.96
C CYS A 365 54.97 14.00 31.72
N VAL A 366 53.82 14.62 31.93
CA VAL A 366 53.23 15.53 30.92
C VAL A 366 53.01 16.92 31.50
N GLN A 367 53.52 17.93 30.82
CA GLN A 367 53.18 19.33 31.15
C GLN A 367 52.42 19.98 29.97
N VAL A 368 51.59 20.98 30.27
CA VAL A 368 50.88 21.73 29.23
C VAL A 368 51.63 23.00 28.87
N VAL A 369 51.85 23.23 27.58
CA VAL A 369 52.71 24.31 27.13
C VAL A 369 51.83 25.18 26.21
N THR A 370 51.82 26.49 26.45
CA THR A 370 51.10 27.47 25.62
C THR A 370 52.11 28.29 24.84
N GLU A 371 52.02 28.28 23.52
CA GLU A 371 52.97 29.03 22.72
C GLU A 371 52.34 29.73 21.53
N CYS A 372 53.21 30.38 20.75
CA CYS A 372 52.83 31.00 19.50
C CYS A 372 53.62 30.39 18.35
N VAL A 373 52.90 29.75 17.46
CA VAL A 373 53.47 28.99 16.40
C VAL A 373 52.78 29.53 15.15
N GLY A 374 53.53 30.11 14.23
CA GLY A 374 52.92 30.61 13.00
C GLY A 374 51.89 31.69 13.34
N ASN A 375 52.20 32.46 14.38
CA ASN A 375 51.32 33.51 14.85
C ASN A 375 49.96 33.09 15.35
N GLN A 376 49.80 31.84 15.75
CA GLN A 376 48.53 31.37 16.33
C GLN A 376 48.72 30.75 17.70
N PHE A 377 47.76 30.98 18.58
CA PHE A 377 47.79 30.37 19.89
C PHE A 377 47.88 28.87 19.74
N ASP A 378 48.72 28.25 20.57
CA ASP A 378 48.82 26.81 20.59
C ASP A 378 48.95 26.31 22.03
N GLN A 379 48.14 25.32 22.35
CA GLN A 379 48.19 24.64 23.63
C GLN A 379 48.45 23.16 23.35
N THR A 380 49.54 22.63 23.88
CA THR A 380 49.83 21.20 23.68
C THR A 380 50.35 20.56 24.95
N SER A 381 50.16 19.25 25.06
CA SER A 381 50.92 18.46 26.03
C SER A 381 52.34 18.17 25.56
N LYS A 382 53.26 18.12 26.51
CA LYS A 382 54.67 17.93 26.23
C LYS A 382 55.24 16.95 27.22
N ALA A 383 56.08 16.06 26.72
CA ALA A 383 56.75 15.08 27.59
C ALA A 383 57.81 15.79 28.40
N CYS A 384 57.86 15.48 29.68
CA CYS A 384 58.79 16.21 30.50
C CYS A 384 59.59 15.36 31.50
N CYS A 385 59.80 14.09 31.16
CA CYS A 385 60.74 13.23 31.90
C CYS A 385 61.86 12.74 30.98
N THR A 386 62.75 13.65 30.58
CA THR A 386 63.74 13.39 29.53
C THR A 386 63.06 13.18 28.17
N GLY B 5 -2.87 52.03 -20.08
CA GLY B 5 -2.40 51.01 -19.11
C GLY B 5 -0.94 50.65 -19.31
N GLN B 6 -0.08 51.24 -18.50
CA GLN B 6 1.35 51.28 -18.80
C GLN B 6 2.27 50.92 -17.60
N ASN B 7 3.49 50.51 -17.94
CA ASN B 7 4.46 50.00 -16.97
C ASN B 7 4.65 50.87 -15.72
N PRO B 8 4.19 50.38 -14.57
CA PRO B 8 4.30 51.13 -13.31
C PRO B 8 5.75 51.16 -12.80
N TRP B 9 6.59 50.32 -13.35
CA TRP B 9 8.02 50.36 -13.00
C TRP B 9 8.78 51.47 -13.74
N ALA B 10 8.29 51.85 -14.92
CA ALA B 10 8.76 53.06 -15.67
C ALA B 10 7.94 54.31 -15.30
N THR B 11 6.69 54.07 -14.95
CA THR B 11 5.66 55.10 -14.78
C THR B 11 5.81 55.94 -13.51
N THR B 12 6.10 55.28 -12.40
CA THR B 12 5.93 55.88 -11.08
C THR B 12 7.28 55.79 -10.38
N THR B 13 7.78 56.92 -9.87
CA THR B 13 9.20 56.96 -9.46
C THR B 13 9.59 56.01 -8.29
N ALA B 14 8.69 55.84 -7.34
CA ALA B 14 8.89 54.87 -6.24
C ALA B 14 9.22 53.47 -6.73
N PHE B 15 8.61 53.07 -7.83
CA PHE B 15 8.92 51.77 -8.41
C PHE B 15 10.09 51.81 -9.38
N ALA B 16 10.09 52.80 -10.30
CA ALA B 16 11.25 53.02 -11.18
C ALA B 16 12.61 53.08 -10.42
N ASP B 17 12.60 53.65 -9.23
CA ASP B 17 13.79 53.70 -8.38
C ASP B 17 14.29 52.33 -7.94
N PHE B 18 13.35 51.42 -7.69
CA PHE B 18 13.70 50.01 -7.50
C PHE B 18 14.23 49.35 -8.77
N MET B 19 13.52 49.56 -9.89
CA MET B 19 13.83 48.94 -11.18
C MET B 19 15.22 49.32 -11.64
N LYS B 20 15.54 50.58 -11.39
CA LYS B 20 16.81 51.20 -11.80
C LYS B 20 17.97 50.34 -11.36
N ARG B 21 17.89 49.77 -10.17
CA ARG B 21 19.05 49.06 -9.62
C ARG B 21 19.48 47.94 -10.51
N PHE B 22 18.53 47.41 -11.28
CA PHE B 22 18.79 46.24 -12.08
C PHE B 22 19.33 46.61 -13.47
N ASN B 23 19.45 47.90 -13.71
CA ASN B 23 20.05 48.35 -14.95
C ASN B 23 21.53 48.36 -14.81
N ILE B 24 22.11 47.18 -14.98
CA ILE B 24 23.50 46.92 -14.62
C ILE B 24 24.55 47.68 -15.43
N PRO B 25 24.37 47.74 -16.76
CA PRO B 25 25.30 48.53 -17.56
C PRO B 25 25.34 49.96 -17.09
N GLN B 26 24.22 50.49 -16.65
CA GLN B 26 24.21 51.87 -16.22
C GLN B 26 24.75 52.05 -14.81
N VAL B 27 24.18 51.33 -13.83
CA VAL B 27 24.62 51.49 -12.47
C VAL B 27 25.99 50.86 -12.15
N HIS B 28 26.33 49.73 -12.73
CA HIS B 28 27.68 49.16 -12.49
C HIS B 28 28.73 49.62 -13.52
N GLY B 29 28.42 49.46 -14.81
CA GLY B 29 29.20 50.07 -15.87
C GLY B 29 30.53 49.39 -16.23
N SER B 30 30.72 48.17 -15.74
CA SER B 30 32.00 47.45 -15.96
C SER B 30 31.79 45.92 -15.87
N GLY B 31 32.84 45.13 -16.09
CA GLY B 31 32.69 43.67 -16.01
C GLY B 31 32.18 43.18 -14.64
N ILE B 32 31.56 42.01 -14.60
CA ILE B 32 31.20 41.41 -13.33
C ILE B 32 32.11 40.23 -12.99
N PHE B 33 32.16 39.23 -13.87
CA PHE B 33 33.03 38.07 -13.63
C PHE B 33 34.47 38.54 -13.45
N VAL B 34 34.96 39.32 -14.41
CA VAL B 34 36.26 39.96 -14.30
C VAL B 34 36.07 41.38 -14.63
N ASP B 35 36.40 42.25 -13.66
CA ASP B 35 36.16 43.70 -13.76
C ASP B 35 37.52 44.38 -13.94
N LEU B 36 37.78 44.78 -15.15
CA LEU B 36 39.00 45.51 -15.48
C LEU B 36 38.60 46.60 -16.48
N GLY B 37 37.56 47.33 -16.11
CA GLY B 37 36.90 48.26 -16.99
C GLY B 37 37.58 49.61 -17.13
N ARG B 38 38.68 49.83 -16.39
CA ARG B 38 39.49 51.07 -16.52
C ARG B 38 40.91 50.77 -16.94
N ASP B 39 41.58 51.77 -17.51
CA ASP B 39 43.01 51.70 -17.72
C ASP B 39 43.66 52.92 -17.08
N THR B 40 44.70 52.70 -16.28
CA THR B 40 45.41 53.78 -15.64
C THR B 40 46.92 53.52 -15.61
N GLU B 41 47.71 54.51 -16.00
CA GLU B 41 49.16 54.36 -16.15
C GLU B 41 49.55 53.12 -17.02
N GLY B 42 48.71 52.76 -17.99
CA GLY B 42 48.93 51.53 -18.78
C GLY B 42 48.55 50.19 -18.11
N TYR B 43 47.86 50.25 -16.97
CA TYR B 43 47.42 49.01 -16.33
C TYR B 43 45.90 48.95 -16.32
N ARG B 44 45.36 47.76 -16.46
CA ARG B 44 43.93 47.61 -16.29
C ARG B 44 43.55 47.78 -14.83
N GLU B 45 42.37 48.35 -14.61
CA GLU B 45 42.02 48.75 -13.27
C GLU B 45 40.58 48.39 -13.02
N VAL B 46 40.27 47.86 -11.83
CA VAL B 46 38.92 47.41 -11.48
C VAL B 46 38.03 48.64 -11.33
N GLY B 47 36.89 48.64 -12.01
CA GLY B 47 36.20 49.90 -12.33
C GLY B 47 34.74 50.04 -11.90
N GLY B 48 34.06 48.92 -11.66
CA GLY B 48 32.59 48.95 -11.51
C GLY B 48 32.11 49.63 -10.24
N LYS B 49 30.93 50.21 -10.28
CA LYS B 49 30.42 50.99 -9.15
C LYS B 49 29.69 50.16 -8.10
N CYS B 50 29.25 48.92 -8.46
CA CYS B 50 28.52 48.03 -7.53
C CYS B 50 29.36 46.96 -6.90
N PRO B 51 29.12 46.69 -5.60
CA PRO B 51 29.80 45.65 -4.88
C PRO B 51 29.40 44.29 -5.41
N VAL B 52 30.28 43.30 -5.36
CA VAL B 52 29.97 41.98 -5.90
C VAL B 52 29.90 40.92 -4.86
N PHE B 53 28.68 40.54 -4.48
CA PHE B 53 28.44 39.79 -3.27
C PHE B 53 28.77 38.31 -3.54
N GLY B 54 29.67 37.73 -2.77
CA GLY B 54 29.98 36.34 -2.92
C GLY B 54 31.15 36.08 -3.84
N LYS B 55 31.76 37.14 -4.38
CA LYS B 55 32.85 36.94 -5.31
C LYS B 55 34.08 36.58 -4.54
N ALA B 56 34.63 35.41 -4.83
CA ALA B 56 35.96 35.08 -4.38
C ALA B 56 36.85 34.82 -5.58
N ILE B 57 38.15 34.78 -5.34
CA ILE B 57 39.05 34.28 -6.32
C ILE B 57 39.54 32.92 -5.79
N GLN B 58 39.31 31.87 -6.59
CA GLN B 58 39.75 30.51 -6.31
C GLN B 58 41.16 30.34 -6.83
N MET B 59 42.06 29.89 -5.99
CA MET B 59 43.41 29.63 -6.41
C MET B 59 43.66 28.15 -6.54
N HIS B 60 44.76 27.77 -7.23
CA HIS B 60 45.05 26.36 -7.46
C HIS B 60 46.53 26.11 -7.19
N GLN B 61 47.01 26.62 -6.06
CA GLN B 61 48.32 26.27 -5.57
C GLN B 61 48.32 24.82 -5.05
N PRO B 62 49.49 24.17 -4.97
CA PRO B 62 49.59 22.80 -4.43
C PRO B 62 48.94 22.64 -3.04
N ALA B 63 48.29 21.49 -2.81
CA ALA B 63 47.54 21.24 -1.55
C ALA B 63 48.25 21.65 -0.23
N GLU B 64 49.56 21.65 -0.21
CA GLU B 64 50.29 22.06 0.98
C GLU B 64 50.36 23.58 1.18
N TYR B 65 50.12 24.35 0.11
CA TYR B 65 50.04 25.80 0.24
C TYR B 65 48.77 26.20 0.97
N SER B 66 48.81 27.34 1.65
CA SER B 66 47.59 27.96 2.18
C SER B 66 46.46 28.15 1.13
N ASN B 67 46.84 28.44 -0.10
CA ASN B 67 45.85 28.56 -1.19
C ASN B 67 44.64 29.47 -0.88
N ASN B 68 44.91 30.64 -0.29
CA ASN B 68 43.84 31.55 0.12
C ASN B 68 44.14 32.96 -0.38
N PHE B 69 43.25 33.54 -1.19
CA PHE B 69 43.63 34.77 -1.92
C PHE B 69 43.63 36.02 -1.06
N LEU B 70 43.14 35.88 0.16
CA LEU B 70 43.18 36.95 1.14
C LEU B 70 44.46 37.03 1.90
N ASP B 71 45.32 36.03 1.72
CA ASP B 71 46.63 36.02 2.33
C ASP B 71 47.48 37.18 1.76
N ASP B 72 48.57 37.55 2.45
CA ASP B 72 49.47 38.59 1.92
C ASP B 72 50.00 38.19 0.54
N ALA B 73 50.03 39.15 -0.37
CA ALA B 73 50.85 39.04 -1.56
C ALA B 73 52.30 39.06 -1.16
N PRO B 74 53.18 38.38 -1.93
CA PRO B 74 54.62 38.37 -1.59
C PRO B 74 55.24 39.75 -1.71
N THR B 75 56.26 40.06 -0.90
CA THR B 75 56.99 41.31 -1.07
C THR B 75 58.33 41.18 -1.76
N SER B 76 58.73 39.95 -2.05
CA SER B 76 59.93 39.70 -2.81
C SER B 76 59.79 38.31 -3.40
N ASN B 77 60.66 37.98 -4.37
CA ASN B 77 60.71 36.64 -4.91
C ASN B 77 61.59 35.71 -4.10
N ASP B 78 61.16 34.46 -4.04
CA ASP B 78 62.02 33.32 -3.73
C ASP B 78 61.94 32.34 -4.92
N ALA B 79 62.96 32.36 -5.77
CA ALA B 79 62.98 31.51 -6.95
C ALA B 79 63.08 30.04 -6.56
N SER B 80 63.49 29.79 -5.33
CA SER B 80 63.44 28.44 -4.75
C SER B 80 62.02 27.83 -4.71
N LYS B 81 60.99 28.66 -4.86
CA LYS B 81 59.60 28.24 -4.60
C LYS B 81 58.65 28.50 -5.77
N LYS B 82 58.03 27.43 -6.27
CA LYS B 82 57.16 27.51 -7.43
C LYS B 82 55.98 26.59 -7.19
N PRO B 83 54.77 27.14 -7.19
CA PRO B 83 54.59 28.58 -7.37
C PRO B 83 54.96 29.36 -6.10
N LEU B 84 55.05 30.69 -6.22
CA LEU B 84 55.46 31.50 -5.09
C LEU B 84 54.28 31.65 -4.09
N PRO B 85 54.51 31.30 -2.81
CA PRO B 85 53.44 31.36 -1.81
C PRO B 85 52.89 32.76 -1.68
N GLY B 86 51.59 32.87 -1.47
CA GLY B 86 50.97 34.14 -1.09
C GLY B 86 49.55 34.19 -1.55
N GLY B 87 48.90 35.31 -1.30
CA GLY B 87 47.59 35.55 -1.89
C GLY B 87 47.57 36.88 -2.59
N PHE B 88 46.47 37.63 -2.46
CA PHE B 88 46.28 38.85 -3.24
C PHE B 88 46.34 40.07 -2.34
N ASN B 89 46.40 39.85 -1.03
CA ASN B 89 46.22 40.97 -0.06
C ASN B 89 47.44 41.86 -0.04
N ASN B 90 47.19 43.15 0.01
CA ASN B 90 48.25 44.13 0.10
C ASN B 90 49.10 44.00 1.38
N PRO B 91 50.40 43.80 1.23
CA PRO B 91 51.25 43.47 2.37
C PRO B 91 52.08 44.65 2.96
N GLN B 92 51.88 45.86 2.47
CA GLN B 92 52.62 47.04 2.96
C GLN B 92 52.32 47.37 4.39
N VAL B 93 53.25 48.03 5.03
CA VAL B 93 53.10 48.54 6.37
C VAL B 93 53.23 50.06 6.29
N TYR B 94 52.54 50.77 7.16
CA TYR B 94 52.81 52.18 7.35
C TYR B 94 54.25 52.41 7.81
N THR B 95 54.62 53.68 7.82
CA THR B 95 55.91 54.10 8.35
C THR B 95 56.07 53.74 9.83
N SER B 96 54.97 53.49 10.50
CA SER B 96 55.03 53.02 11.86
C SER B 96 55.20 51.51 11.93
N GLY B 97 55.14 50.83 10.79
CA GLY B 97 55.19 49.36 10.80
C GLY B 97 53.86 48.66 10.98
N GLN B 98 52.80 49.44 11.14
CA GLN B 98 51.43 48.91 11.15
C GLN B 98 51.05 48.37 9.75
N LYS B 99 50.48 47.17 9.70
CA LYS B 99 50.08 46.57 8.42
C LYS B 99 48.92 47.36 7.86
N PHE B 100 48.91 47.62 6.54
CA PHE B 100 47.75 48.27 5.85
C PHE B 100 46.51 47.38 5.98
N SER B 101 46.71 46.07 5.84
CA SER B 101 45.59 45.23 5.41
C SER B 101 45.86 43.78 5.78
N PRO B 102 44.81 43.06 6.23
CA PRO B 102 43.41 43.51 6.40
C PRO B 102 43.29 44.42 7.64
N ILE B 103 42.15 45.06 7.82
CA ILE B 103 41.98 45.96 8.98
C ILE B 103 40.57 45.70 9.52
N ASP B 104 40.42 45.48 10.83
CA ASP B 104 39.08 45.32 11.42
C ASP B 104 38.19 46.47 11.04
N ASP B 105 36.92 46.20 10.87
CA ASP B 105 36.02 47.23 10.50
C ASP B 105 35.92 48.23 11.63
N SER B 106 35.95 47.75 12.84
CA SER B 106 35.76 48.63 13.99
C SER B 106 36.89 49.66 14.13
N LEU B 107 38.12 49.26 13.74
CA LEU B 107 39.24 50.19 13.59
C LEU B 107 39.00 51.23 12.49
N LEU B 108 38.61 50.77 11.31
CA LEU B 108 38.26 51.69 10.25
C LEU B 108 37.22 52.72 10.70
N GLN B 109 36.23 52.29 11.46
CA GLN B 109 35.28 53.24 12.03
C GLN B 109 35.99 54.35 12.82
N GLU B 110 37.00 53.98 13.58
CA GLU B 110 37.82 54.95 14.30
C GLU B 110 38.59 55.82 13.34
N ARG B 111 39.19 55.18 12.36
CA ARG B 111 40.20 55.82 11.58
C ARG B 111 39.56 56.80 10.61
N LEU B 112 38.29 56.56 10.31
CA LEU B 112 37.57 57.37 9.33
C LEU B 112 36.82 58.49 10.01
N GLY B 113 36.67 58.39 11.32
CA GLY B 113 36.01 59.43 12.07
C GLY B 113 34.52 59.56 11.86
N THR B 114 33.99 60.69 12.29
CA THR B 114 32.64 60.79 12.73
C THR B 114 31.67 60.94 11.55
N ALA B 115 32.16 61.51 10.46
CA ALA B 115 31.31 61.69 9.29
C ALA B 115 31.66 60.63 8.28
N GLY B 116 32.48 59.67 8.69
CA GLY B 116 32.81 58.55 7.87
C GLY B 116 31.60 57.77 7.39
N PRO B 117 31.80 56.97 6.33
CA PRO B 117 30.79 56.12 5.72
C PRO B 117 30.03 55.32 6.74
N LYS B 118 28.80 55.11 6.41
CA LYS B 118 27.93 54.47 7.33
C LYS B 118 27.77 52.98 7.00
N THR B 119 28.39 52.48 5.93
CA THR B 119 28.31 51.02 5.71
C THR B 119 29.69 50.42 5.69
N ALA B 120 29.78 49.17 6.10
CA ALA B 120 31.02 48.46 6.11
C ALA B 120 31.63 48.34 4.72
N ILE B 121 30.76 48.12 3.71
CA ILE B 121 31.23 48.14 2.32
C ILE B 121 31.78 49.52 1.93
N GLY B 122 31.05 50.57 2.33
CA GLY B 122 31.47 51.95 2.07
C GLY B 122 32.79 52.29 2.76
N ARG B 123 32.92 51.95 4.03
CA ARG B 123 34.21 52.06 4.72
C ARG B 123 35.34 51.36 4.00
N CYS B 124 35.13 50.09 3.66
CA CYS B 124 36.17 49.33 3.00
C CYS B 124 36.54 49.90 1.65
N ALA B 125 35.55 50.20 0.84
CA ALA B 125 35.82 50.87 -0.43
C ALA B 125 36.60 52.18 -0.25
N LEU B 126 36.16 53.02 0.70
CA LEU B 126 36.84 54.29 0.97
C LEU B 126 38.29 54.07 1.35
N TYR B 127 38.52 53.19 2.30
CA TYR B 127 39.88 52.73 2.62
C TYR B 127 40.70 52.26 1.42
N ALA B 128 40.10 51.51 0.53
CA ALA B 128 40.84 51.14 -0.67
C ALA B 128 41.05 52.42 -1.53
N TYR B 129 39.99 53.18 -1.77
CA TYR B 129 40.10 54.43 -2.56
C TYR B 129 41.20 55.37 -2.00
N SER B 130 41.28 55.51 -0.68
CA SER B 130 42.28 56.41 -0.10
C SER B 130 43.67 55.82 0.01
N THR B 131 43.86 54.57 -0.44
CA THR B 131 45.19 53.99 -0.34
C THR B 131 46.04 54.45 -1.52
N ILE B 132 47.31 54.73 -1.26
CA ILE B 132 48.20 55.15 -2.29
C ILE B 132 49.01 53.96 -2.83
N ALA B 133 48.64 53.56 -4.04
CA ALA B 133 49.21 52.38 -4.65
C ALA B 133 50.69 52.60 -4.93
N VAL B 134 51.51 51.61 -4.60
CA VAL B 134 52.90 51.62 -5.04
C VAL B 134 53.02 50.66 -6.22
N ASN B 135 53.57 51.12 -7.32
CA ASN B 135 53.82 50.24 -8.45
C ASN B 135 54.73 49.09 -8.06
N PRO B 136 54.22 47.86 -8.14
CA PRO B 136 54.93 46.74 -7.60
C PRO B 136 56.17 46.30 -8.42
N SER B 137 56.41 46.94 -9.57
CA SER B 137 57.69 46.75 -10.30
C SER B 137 58.70 47.82 -9.92
N THR B 138 58.28 49.08 -10.03
CA THR B 138 59.21 50.19 -9.95
C THR B 138 59.34 50.67 -8.53
N ASN B 139 58.40 50.27 -7.67
CA ASN B 139 58.36 50.79 -6.28
C ASN B 139 58.00 52.29 -6.18
N TYR B 140 57.54 52.88 -7.28
CA TYR B 140 57.18 54.31 -7.30
C TYR B 140 55.71 54.42 -6.97
N THR B 141 55.30 55.50 -6.31
CA THR B 141 53.88 55.71 -6.04
C THR B 141 53.12 55.85 -7.33
N SER B 142 51.84 55.51 -7.30
CA SER B 142 51.05 55.44 -8.50
C SER B 142 49.65 55.94 -8.19
N THR B 143 48.88 56.31 -9.21
CA THR B 143 47.50 56.80 -9.03
C THR B 143 46.52 55.62 -9.04
N TYR B 144 47.06 54.46 -9.36
CA TYR B 144 46.29 53.24 -9.54
C TYR B 144 45.41 53.00 -8.32
N LYS B 145 44.19 52.47 -8.52
CA LYS B 145 43.30 52.19 -7.41
C LYS B 145 43.08 50.69 -7.20
N TYR B 146 43.56 50.18 -6.06
CA TYR B 146 43.36 48.79 -5.63
C TYR B 146 41.87 48.52 -5.41
N PRO B 147 41.44 47.25 -5.64
CA PRO B 147 40.11 46.81 -5.25
C PRO B 147 40.12 46.31 -3.81
N PHE B 148 38.95 45.93 -3.27
CA PHE B 148 38.86 45.58 -1.86
C PHE B 148 37.99 44.36 -1.70
N VAL B 149 38.20 43.61 -0.62
CA VAL B 149 37.23 42.62 -0.26
C VAL B 149 36.83 42.87 1.16
N TYR B 150 35.54 42.86 1.40
CA TYR B 150 35.05 42.90 2.75
C TYR B 150 34.49 41.52 3.13
N ASP B 151 34.93 40.99 4.27
CA ASP B 151 34.38 39.77 4.86
C ASP B 151 33.44 40.11 6.03
N ALA B 152 32.14 39.95 5.80
CA ALA B 152 31.13 40.30 6.78
C ALA B 152 31.06 39.37 8.01
N VAL B 153 31.77 38.24 7.95
CA VAL B 153 31.82 37.28 9.06
C VAL B 153 32.92 37.69 10.04
N SER B 154 34.11 37.88 9.52
CA SER B 154 35.20 38.37 10.35
C SER B 154 35.09 39.85 10.67
N ARG B 155 34.25 40.57 9.90
CA ARG B 155 34.16 42.00 9.93
C ARG B 155 35.52 42.65 9.68
N LYS B 156 36.18 42.22 8.62
CA LYS B 156 37.53 42.67 8.28
C LYS B 156 37.47 43.12 6.82
N CYS B 157 38.33 44.07 6.46
CA CYS B 157 38.33 44.71 5.16
C CYS B 157 39.74 44.52 4.57
N TYR B 158 39.78 44.08 3.32
CA TYR B 158 41.05 43.72 2.64
C TYR B 158 41.13 44.60 1.42
N VAL B 159 42.27 45.28 1.31
CA VAL B 159 42.63 46.03 0.12
C VAL B 159 43.62 45.14 -0.59
N LEU B 160 43.33 44.79 -1.84
CA LEU B 160 44.13 43.79 -2.58
C LEU B 160 45.18 44.46 -3.48
N SER B 161 46.44 44.13 -3.28
CA SER B 161 47.39 44.70 -4.17
C SER B 161 47.52 43.94 -5.50
N VAL B 162 46.79 42.82 -5.64
CA VAL B 162 46.68 42.08 -6.90
C VAL B 162 45.28 42.24 -7.53
N SER B 163 45.20 42.95 -8.65
CA SER B 163 43.92 43.31 -9.28
C SER B 163 43.52 42.31 -10.36
N ALA B 164 44.44 41.41 -10.69
CA ALA B 164 44.18 40.28 -11.58
C ALA B 164 43.17 39.35 -10.94
N GLN B 165 42.27 38.83 -11.77
CA GLN B 165 41.14 38.06 -11.30
C GLN B 165 41.01 36.71 -12.02
N LEU B 166 41.78 36.52 -13.09
CA LEU B 166 41.67 35.32 -13.91
C LEU B 166 43.00 35.08 -14.58
N LEU B 167 43.67 34.00 -14.19
CA LEU B 167 44.86 33.51 -14.87
C LEU B 167 44.67 32.02 -15.22
N LYS B 168 44.76 31.68 -16.50
CA LYS B 168 44.70 30.26 -16.93
C LYS B 168 45.62 29.94 -18.07
N GLY B 169 45.97 28.65 -18.17
CA GLY B 169 46.68 28.13 -19.33
C GLY B 169 48.08 27.68 -18.96
N GLU B 170 48.49 26.51 -19.46
CA GLU B 170 49.65 25.79 -18.90
C GLU B 170 50.93 26.48 -19.34
N LYS B 171 50.78 27.41 -20.27
CA LYS B 171 51.83 28.31 -20.58
C LYS B 171 52.11 29.30 -19.46
N TYR B 172 51.08 29.71 -18.71
CA TYR B 172 51.21 30.86 -17.79
C TYR B 172 51.14 30.52 -16.31
N CYS B 173 50.50 29.42 -15.97
CA CYS B 173 50.25 29.14 -14.57
C CYS B 173 50.01 27.67 -14.35
N SER B 174 50.05 27.28 -13.09
CA SER B 174 50.00 25.88 -12.69
C SER B 174 48.73 25.57 -11.88
N VAL B 175 48.08 24.47 -12.26
CA VAL B 175 46.95 23.94 -11.52
C VAL B 175 47.47 22.81 -10.63
N ASN B 176 47.51 23.04 -9.33
CA ASN B 176 47.95 22.02 -8.38
C ASN B 176 49.35 21.51 -8.69
N GLY B 177 50.23 22.41 -9.09
CA GLY B 177 51.63 22.09 -9.17
C GLY B 177 52.06 21.60 -10.55
N THR B 178 51.13 21.65 -11.52
CA THR B 178 51.34 21.15 -12.88
C THR B 178 50.93 22.21 -13.91
N PRO B 179 51.81 22.50 -14.88
CA PRO B 179 53.19 22.01 -14.94
C PRO B 179 54.03 22.68 -13.89
N SER B 180 55.07 22.00 -13.45
CA SER B 180 55.92 22.48 -12.37
C SER B 180 56.87 23.57 -12.88
N GLY B 181 57.42 24.34 -11.96
CA GLY B 181 58.31 25.42 -12.32
C GLY B 181 57.67 26.79 -12.50
N LEU B 182 56.33 26.86 -12.54
CA LEU B 182 55.69 28.14 -12.87
C LEU B 182 55.55 28.99 -11.63
N THR B 183 55.66 30.30 -11.79
CA THR B 183 55.75 31.20 -10.66
C THR B 183 54.36 31.44 -10.06
N TRP B 184 53.35 31.48 -10.93
CA TRP B 184 52.01 31.72 -10.49
C TRP B 184 51.19 30.47 -10.67
N ALA B 185 50.38 30.14 -9.65
CA ALA B 185 49.26 29.23 -9.81
C ALA B 185 48.16 29.95 -10.52
N CYS B 186 47.31 29.21 -11.22
CA CYS B 186 46.15 29.79 -11.84
C CYS B 186 45.10 30.15 -10.81
N PHE B 187 44.13 30.92 -11.26
CA PHE B 187 43.07 31.31 -10.40
C PHE B 187 41.94 31.92 -11.21
N GLU B 188 40.76 31.88 -10.66
CA GLU B 188 39.64 32.43 -11.38
C GLU B 188 38.55 32.78 -10.37
N PRO B 189 37.66 33.70 -10.75
CA PRO B 189 36.58 34.18 -9.94
C PRO B 189 35.51 33.14 -9.83
N VAL B 190 34.87 33.08 -8.67
CA VAL B 190 33.78 32.14 -8.44
C VAL B 190 32.86 32.79 -7.40
N LYS B 191 31.59 32.48 -7.45
CA LYS B 191 30.65 32.98 -6.44
C LYS B 191 30.54 31.90 -5.37
N GLU B 192 30.97 32.20 -4.14
CA GLU B 192 30.90 31.18 -3.06
C GLU B 192 29.87 31.51 -1.95
N LYS B 193 29.35 30.46 -1.32
CA LYS B 193 28.41 30.61 -0.24
C LYS B 193 28.86 29.69 0.89
N SER B 194 29.71 30.21 1.75
CA SER B 194 30.27 29.42 2.86
C SER B 194 29.77 30.00 4.17
N SER B 195 29.61 29.16 5.19
CA SER B 195 29.25 29.71 6.48
C SER B 195 30.46 30.41 7.13
N ALA B 196 31.65 30.13 6.62
CA ALA B 196 32.87 30.54 7.24
C ALA B 196 33.27 32.00 6.95
N ARG B 197 32.97 32.52 5.74
CA ARG B 197 33.24 33.95 5.40
C ARG B 197 32.14 34.51 4.49
N ALA B 198 31.89 35.82 4.48
CA ALA B 198 30.87 36.34 3.55
C ALA B 198 31.47 37.52 2.81
N LEU B 199 31.98 37.23 1.61
CA LEU B 199 32.87 38.14 0.91
C LEU B 199 32.07 39.10 0.03
N VAL B 200 32.60 40.31 -0.19
CA VAL B 200 32.07 41.28 -1.16
C VAL B 200 33.26 41.86 -1.84
N TYR B 201 33.36 41.68 -3.16
CA TYR B 201 34.52 42.10 -3.88
C TYR B 201 34.11 43.37 -4.59
N GLY B 202 34.99 44.37 -4.70
CA GLY B 202 34.55 45.59 -5.43
C GLY B 202 35.75 46.44 -5.79
N SER B 203 35.52 47.39 -6.67
CA SER B 203 36.58 48.33 -7.03
C SER B 203 36.54 49.45 -6.01
N ALA B 204 37.67 50.15 -5.88
CA ALA B 204 37.76 51.34 -5.10
C ALA B 204 36.68 52.36 -5.48
N PHE B 205 36.27 52.36 -6.75
CA PHE B 205 35.29 53.35 -7.21
C PHE B 205 33.89 53.17 -6.64
N VAL B 206 33.66 52.13 -5.84
CA VAL B 206 32.43 52.06 -5.02
C VAL B 206 32.43 53.27 -4.08
N ALA B 207 33.63 53.80 -3.79
CA ALA B 207 33.79 54.80 -2.77
C ALA B 207 33.62 56.18 -3.29
N GLU B 208 33.65 56.37 -4.62
CA GLU B 208 33.56 57.73 -5.15
C GLU B 208 32.18 58.32 -4.97
N GLY B 209 32.10 59.63 -4.79
CA GLY B 209 30.87 60.22 -4.31
C GLY B 209 30.53 59.65 -2.96
N ASN B 210 29.28 59.25 -2.77
CA ASN B 210 28.89 58.65 -1.53
C ASN B 210 29.26 57.14 -1.44
N PRO B 211 30.14 56.78 -0.50
CA PRO B 211 30.66 55.40 -0.40
C PRO B 211 29.54 54.45 -0.02
N ASP B 212 28.47 54.99 0.52
CA ASP B 212 27.34 54.19 1.03
C ASP B 212 26.17 54.05 0.03
N ALA B 213 26.28 54.71 -1.11
CA ALA B 213 25.14 54.80 -2.05
C ALA B 213 24.75 53.40 -2.57
N TRP B 214 25.74 52.52 -2.69
CA TRP B 214 25.48 51.15 -3.22
C TRP B 214 24.24 50.56 -2.57
N GLN B 215 23.96 50.96 -1.35
CA GLN B 215 22.92 50.29 -0.62
C GLN B 215 21.57 50.63 -1.24
N SER B 216 21.47 51.80 -1.90
CA SER B 216 20.24 52.15 -2.63
C SER B 216 20.33 52.02 -4.15
N ALA B 217 21.54 52.05 -4.70
CA ALA B 217 21.71 52.21 -6.16
C ALA B 217 21.81 50.81 -6.81
N CYS B 218 22.26 49.82 -6.04
CA CYS B 218 22.76 48.55 -6.67
C CYS B 218 21.80 47.36 -6.51
N PRO B 219 21.93 46.32 -7.38
CA PRO B 219 21.09 45.11 -7.17
C PRO B 219 21.72 44.14 -6.20
N ASN B 220 21.67 44.47 -4.92
CA ASN B 220 22.50 43.76 -3.96
C ASN B 220 21.95 42.39 -3.58
N ASP B 221 20.64 42.20 -3.71
CA ASP B 221 19.98 40.98 -3.30
C ASP B 221 19.08 40.37 -4.42
N ALA B 222 18.91 39.07 -4.36
CA ALA B 222 17.85 38.40 -5.12
C ALA B 222 16.53 39.00 -4.74
N VAL B 223 15.64 39.09 -5.73
CA VAL B 223 14.27 39.41 -5.45
C VAL B 223 13.40 38.18 -5.41
N LYS B 224 12.76 37.93 -4.26
CA LYS B 224 11.97 36.71 -4.09
C LYS B 224 10.52 36.89 -4.54
N ASP B 225 9.91 35.81 -5.05
CA ASP B 225 8.48 35.84 -5.42
C ASP B 225 8.24 36.75 -6.61
N ALA B 226 9.24 36.89 -7.48
CA ALA B 226 9.11 37.78 -8.69
C ALA B 226 10.10 37.40 -9.78
N LEU B 227 9.77 37.70 -11.02
CA LEU B 227 10.68 37.45 -12.14
C LEU B 227 10.95 38.76 -12.90
N PHE B 228 12.14 38.89 -13.47
CA PHE B 228 12.44 39.98 -14.35
C PHE B 228 11.59 39.86 -15.60
N GLY B 229 11.13 41.00 -16.12
CA GLY B 229 10.33 41.01 -17.34
C GLY B 229 10.59 42.16 -18.30
N LYS B 230 10.08 42.03 -19.52
CA LYS B 230 9.93 43.19 -20.39
C LYS B 230 8.46 43.56 -20.46
N TRP B 231 8.12 44.80 -20.11
CA TRP B 231 6.76 45.28 -20.31
C TRP B 231 6.30 45.28 -21.79
N GLU B 232 5.16 44.64 -22.05
CA GLU B 232 4.48 44.68 -23.36
C GLU B 232 3.05 44.21 -23.26
N ASP B 233 2.14 44.95 -23.91
CA ASP B 233 0.74 44.56 -23.99
C ASP B 233 0.10 44.70 -22.63
N GLY B 234 0.40 45.82 -21.96
CA GLY B 234 -0.21 46.13 -20.67
C GLY B 234 0.17 45.23 -19.49
N GLN B 235 1.18 44.37 -19.67
CA GLN B 235 1.65 43.43 -18.61
C GLN B 235 3.17 43.25 -18.59
N CYS B 236 3.71 42.91 -17.42
CA CYS B 236 5.09 42.41 -17.38
C CYS B 236 5.17 41.01 -17.96
N VAL B 237 6.02 40.78 -18.94
CA VAL B 237 6.23 39.44 -19.50
C VAL B 237 7.60 38.90 -19.11
N PRO B 238 7.62 37.86 -18.28
CA PRO B 238 8.88 37.33 -17.79
C PRO B 238 9.78 36.87 -18.90
N PHE B 239 11.09 36.96 -18.69
CA PHE B 239 12.01 36.28 -19.55
C PHE B 239 11.95 34.80 -19.26
N ASP B 240 11.98 33.98 -20.32
CA ASP B 240 11.97 32.51 -20.17
C ASP B 240 12.81 31.81 -21.22
N THR B 241 12.56 30.51 -21.40
CA THR B 241 13.28 29.73 -22.43
C THR B 241 13.32 30.43 -23.81
N LYS B 242 12.25 31.15 -24.15
CA LYS B 242 12.14 31.79 -25.46
C LYS B 242 13.14 32.93 -25.62
N THR B 243 13.25 33.73 -24.57
CA THR B 243 13.92 35.03 -24.65
C THR B 243 15.29 34.99 -24.00
N SER B 244 15.77 33.79 -23.68
CA SER B 244 16.96 33.67 -22.89
C SER B 244 18.12 33.11 -23.65
N VAL B 245 19.31 33.41 -23.17
CA VAL B 245 20.53 32.93 -23.76
C VAL B 245 20.85 31.49 -23.33
N GLN B 246 20.46 31.11 -22.13
CA GLN B 246 20.38 29.71 -21.78
C GLN B 246 19.28 29.51 -20.77
N SER B 247 18.84 28.29 -20.62
CA SER B 247 17.75 28.02 -19.70
C SER B 247 17.67 26.56 -19.35
N ASP B 248 18.78 26.01 -18.86
CA ASP B 248 18.77 24.65 -18.34
C ASP B 248 18.11 24.58 -16.98
N GLN B 249 17.67 23.38 -16.63
CA GLN B 249 17.21 23.09 -15.30
C GLN B 249 18.31 23.36 -14.26
N ALA B 250 17.91 23.83 -13.08
CA ALA B 250 18.82 23.89 -11.94
C ALA B 250 18.30 23.07 -10.78
N THR B 251 19.20 22.41 -10.05
CA THR B 251 18.78 21.59 -8.89
C THR B 251 18.07 22.46 -7.85
N ASN B 252 18.60 23.67 -7.65
CA ASN B 252 18.17 24.57 -6.59
C ASN B 252 18.63 25.99 -6.87
N LYS B 253 17.96 26.92 -6.20
CA LYS B 253 18.28 28.36 -6.16
C LYS B 253 19.76 28.69 -6.21
N GLU B 254 20.53 28.11 -5.30
CA GLU B 254 21.89 28.52 -5.12
C GLU B 254 22.73 28.14 -6.34
N GLU B 255 22.38 27.03 -6.99
CA GLU B 255 23.00 26.63 -8.23
C GLU B 255 22.72 27.63 -9.37
N CYS B 256 21.50 28.16 -9.45
CA CYS B 256 21.22 29.17 -10.45
C CYS B 256 21.98 30.47 -10.17
N TRP B 257 22.05 30.85 -8.90
CA TRP B 257 22.72 32.09 -8.50
C TRP B 257 24.19 32.05 -8.78
N LYS B 258 24.82 30.93 -8.49
CA LYS B 258 26.20 30.76 -8.90
C LYS B 258 26.37 30.76 -10.41
N ARG B 259 25.39 30.18 -11.11
CA ARG B 259 25.44 29.97 -12.56
C ARG B 259 25.42 31.24 -13.45
N VAL B 260 24.54 32.22 -13.18
CA VAL B 260 24.64 33.53 -13.85
C VAL B 260 25.97 34.17 -13.66
N PHE B 261 26.53 34.10 -12.48
CA PHE B 261 27.79 34.77 -12.30
C PHE B 261 28.83 34.17 -13.26
N ALA B 262 28.83 32.84 -13.38
CA ALA B 262 29.96 32.17 -14.02
C ALA B 262 29.70 31.86 -15.51
N ASN B 263 28.55 32.29 -16.03
CA ASN B 263 28.08 31.83 -17.34
C ASN B 263 28.87 32.52 -18.44
N PRO B 264 29.16 31.80 -19.55
CA PRO B 264 30.05 32.30 -20.61
C PRO B 264 29.72 33.68 -21.14
N LEU B 265 28.45 34.05 -21.18
CA LEU B 265 28.06 35.38 -21.68
C LEU B 265 27.91 36.53 -20.64
N VAL B 266 28.37 36.30 -19.40
CA VAL B 266 28.25 37.32 -18.35
C VAL B 266 29.18 38.49 -18.67
N ALA B 267 28.74 39.72 -18.41
CA ALA B 267 29.65 40.85 -18.52
C ALA B 267 30.97 40.55 -17.89
N SER B 268 32.03 40.68 -18.66
CA SER B 268 33.33 40.35 -18.21
C SER B 268 34.33 41.09 -19.08
N ASP B 269 35.42 41.52 -18.46
CA ASP B 269 36.48 42.22 -19.16
C ASP B 269 37.71 41.35 -19.40
N ALA B 270 37.54 40.04 -19.23
CA ALA B 270 38.65 39.13 -19.52
C ALA B 270 38.90 39.05 -21.04
N PRO B 271 40.18 39.07 -21.46
CA PRO B 271 40.54 38.95 -22.88
C PRO B 271 40.14 37.62 -23.50
N THR B 272 40.16 37.56 -24.84
CA THR B 272 40.01 36.29 -25.57
C THR B 272 41.29 35.90 -26.33
N THR B 273 42.34 35.51 -25.59
CA THR B 273 43.63 35.17 -26.20
C THR B 273 44.53 34.41 -25.23
N ALA B 277 51.61 36.20 -23.94
CA ALA B 277 52.64 35.36 -24.55
C ALA B 277 53.94 35.40 -23.72
N ALA B 278 54.30 36.60 -23.26
CA ALA B 278 55.40 36.76 -22.31
C ALA B 278 55.00 36.14 -20.98
N GLN B 279 55.96 35.60 -20.25
CA GLN B 279 55.67 34.86 -19.03
C GLN B 279 55.74 35.74 -17.77
N LYS B 280 54.74 35.62 -16.89
CA LYS B 280 54.50 36.59 -15.81
C LYS B 280 55.55 36.51 -14.69
N ASN B 281 56.09 37.66 -14.29
CA ASN B 281 56.96 37.72 -13.12
C ASN B 281 56.18 37.68 -11.83
N TRP B 282 56.90 37.57 -10.71
CA TRP B 282 56.29 37.29 -9.42
C TRP B 282 55.55 38.53 -8.97
N ASN B 283 56.01 39.68 -9.45
CA ASN B 283 55.36 40.94 -9.15
C ASN B 283 54.47 41.53 -10.22
N ASP B 284 53.95 40.71 -11.12
CA ASP B 284 52.99 41.25 -12.09
C ASP B 284 51.58 41.24 -11.47
N PHE B 285 51.38 42.16 -10.50
CA PHE B 285 50.16 42.23 -9.70
C PHE B 285 48.98 42.83 -10.48
N TRP B 286 49.29 43.74 -11.41
CA TRP B 286 48.26 44.40 -12.23
C TRP B 286 48.33 43.99 -13.72
N PRO B 287 47.18 43.68 -14.33
CA PRO B 287 47.20 43.32 -15.74
C PRO B 287 47.62 44.53 -16.58
N VAL B 288 48.36 44.32 -17.66
CA VAL B 288 48.75 45.43 -18.48
C VAL B 288 47.71 45.68 -19.52
N HIS B 289 47.39 46.94 -19.70
CA HIS B 289 46.26 47.33 -20.57
C HIS B 289 46.71 47.32 -22.02
N GLU B 290 45.92 46.72 -22.89
CA GLU B 290 46.20 46.75 -24.35
C GLU B 290 45.03 47.36 -25.13
N GLN B 291 45.32 47.85 -26.33
CA GLN B 291 44.29 48.41 -27.21
C GLN B 291 43.29 47.32 -27.59
N SER B 292 43.71 46.07 -27.38
CA SER B 292 42.82 44.93 -27.56
C SER B 292 42.00 44.57 -26.29
N SER B 293 42.32 45.20 -25.14
CA SER B 293 41.64 44.83 -23.88
C SER B 293 40.18 45.19 -23.98
N PRO B 294 39.31 44.18 -23.77
CA PRO B 294 37.89 44.36 -23.89
C PRO B 294 37.30 44.97 -22.64
N LYS B 295 36.29 45.80 -22.83
CA LYS B 295 35.58 46.39 -21.74
C LYS B 295 34.13 46.19 -21.96
N SER B 296 33.55 45.22 -21.25
CA SER B 296 32.15 44.93 -21.40
C SER B 296 31.28 46.16 -21.17
N GLY B 297 31.73 47.12 -20.36
CA GLY B 297 30.80 48.19 -19.88
C GLY B 297 29.63 47.66 -19.03
N GLY B 298 29.72 46.43 -18.54
CA GLY B 298 28.57 45.88 -17.80
C GLY B 298 27.45 45.31 -18.67
N PHE B 299 27.58 45.36 -20.00
CA PHE B 299 26.67 44.64 -20.91
C PHE B 299 27.03 43.17 -20.92
N GLY B 300 26.02 42.32 -20.90
CA GLY B 300 26.30 40.88 -20.90
C GLY B 300 25.11 40.19 -20.30
N ALA B 301 25.19 38.86 -20.18
CA ALA B 301 24.06 38.04 -19.72
C ALA B 301 24.13 37.99 -18.19
N ASN B 302 23.48 38.98 -17.57
CA ASN B 302 23.74 39.33 -16.21
C ASN B 302 22.65 38.93 -15.24
N TRP B 303 21.53 38.46 -15.78
CA TRP B 303 20.33 38.29 -14.98
C TRP B 303 19.82 36.85 -15.16
N ALA B 304 19.28 36.28 -14.10
CA ALA B 304 18.70 34.95 -14.17
C ALA B 304 17.34 34.92 -13.50
N ASN B 305 16.35 34.30 -14.13
CA ASN B 305 15.05 34.08 -13.51
C ASN B 305 15.02 32.64 -13.12
N PHE B 306 14.83 32.38 -11.83
CA PHE B 306 14.66 31.01 -11.33
C PHE B 306 13.20 30.76 -11.01
N TYR B 307 12.64 29.75 -11.66
CA TYR B 307 11.23 29.49 -11.55
C TYR B 307 10.91 28.04 -11.92
N LEU B 308 9.73 27.60 -11.48
CA LEU B 308 9.22 26.28 -11.78
C LEU B 308 8.48 26.33 -13.13
N GLU B 309 8.96 25.56 -14.10
CA GLU B 309 8.32 25.52 -15.44
C GLU B 309 7.11 24.60 -15.43
N LYS B 310 5.94 25.20 -15.67
CA LYS B 310 4.65 24.56 -15.37
C LYS B 310 4.51 23.23 -16.12
N GLU B 311 4.95 23.27 -17.38
CA GLU B 311 4.96 22.13 -18.26
C GLU B 311 5.94 21.04 -17.79
N SER B 312 7.24 21.32 -17.94
CA SER B 312 8.27 20.34 -17.62
C SER B 312 8.21 19.81 -16.18
N GLY B 313 7.58 20.58 -15.27
CA GLY B 313 7.64 20.28 -13.84
C GLY B 313 9.03 20.47 -13.23
N GLU B 314 9.95 21.04 -14.01
CA GLU B 314 11.31 21.31 -13.53
C GLU B 314 11.52 22.77 -13.11
N THR B 315 12.47 23.01 -12.22
CA THR B 315 12.90 24.37 -11.94
C THR B 315 13.97 24.77 -12.91
N ILE B 316 13.73 25.81 -13.69
CA ILE B 316 14.77 26.27 -14.57
C ILE B 316 15.43 27.60 -14.19
N CYS B 317 16.71 27.70 -14.57
CA CYS B 317 17.49 28.90 -14.46
C CYS B 317 17.59 29.61 -15.83
N ALA B 318 16.73 30.60 -16.08
CA ALA B 318 16.76 31.40 -17.33
C ALA B 318 17.75 32.59 -17.28
N ILE B 319 18.87 32.47 -17.96
CA ILE B 319 19.85 33.52 -18.00
C ILE B 319 19.65 34.40 -19.26
N PHE B 320 19.52 35.69 -19.06
CA PHE B 320 19.27 36.57 -20.21
C PHE B 320 20.14 37.80 -20.22
N ASP B 321 20.00 38.61 -21.27
CA ASP B 321 20.97 39.63 -21.56
C ASP B 321 20.36 40.96 -21.95
N GLN B 322 19.12 41.17 -21.52
CA GLN B 322 18.44 42.42 -21.74
C GLN B 322 18.18 43.11 -20.43
N VAL B 323 18.34 44.42 -20.44
CA VAL B 323 17.97 45.16 -19.29
C VAL B 323 16.48 44.93 -19.07
N PRO B 324 16.09 44.36 -17.90
CA PRO B 324 14.68 44.16 -17.55
C PRO B 324 14.06 45.45 -17.08
N ASP B 325 12.81 45.70 -17.45
CA ASP B 325 12.19 46.96 -17.09
C ASP B 325 10.92 46.74 -16.32
N CYS B 326 10.62 45.51 -15.99
CA CYS B 326 9.55 45.33 -14.98
C CYS B 326 9.81 44.10 -14.13
N PHE B 327 8.94 43.89 -13.12
CA PHE B 327 8.85 42.62 -12.37
C PHE B 327 7.52 41.94 -12.50
N ALA B 328 7.54 40.62 -12.68
CA ALA B 328 6.30 39.87 -12.61
C ALA B 328 6.26 39.16 -11.28
N PRO B 329 5.41 39.63 -10.34
CA PRO B 329 5.19 38.91 -9.07
C PRO B 329 4.69 37.46 -9.26
N ILE B 330 5.58 36.48 -9.09
CA ILE B 330 5.26 35.06 -9.24
C ILE B 330 5.71 34.32 -7.96
N THR B 331 4.76 33.77 -7.20
CA THR B 331 5.17 33.16 -5.96
C THR B 331 6.01 31.89 -6.10
N GLY B 332 7.06 31.78 -5.33
CA GLY B 332 7.95 30.65 -5.56
C GLY B 332 9.15 30.98 -6.40
N ALA B 333 9.11 32.10 -7.13
CA ALA B 333 10.16 32.40 -8.11
C ALA B 333 11.21 33.29 -7.46
N VAL B 334 12.38 33.38 -8.08
CA VAL B 334 13.42 34.27 -7.55
C VAL B 334 14.17 34.88 -8.73
N ALA B 335 14.64 36.11 -8.56
CA ALA B 335 15.35 36.78 -9.64
C ALA B 335 16.69 37.24 -9.12
N TYR B 336 17.72 36.75 -9.80
CA TYR B 336 19.12 36.89 -9.41
C TYR B 336 19.85 37.80 -10.39
N THR B 337 21.04 38.29 -10.01
CA THR B 337 21.98 38.89 -10.93
C THR B 337 23.35 38.39 -10.57
N ALA B 338 24.25 38.49 -11.52
CA ALA B 338 25.65 38.17 -11.24
C ALA B 338 26.25 39.06 -10.15
N LEU B 339 25.64 40.22 -9.91
CA LEU B 339 26.24 41.15 -8.94
C LEU B 339 25.83 40.85 -7.51
N GLY B 340 24.55 40.47 -7.33
CA GLY B 340 23.94 40.43 -6.04
C GLY B 340 24.23 39.17 -5.29
N SER B 341 23.72 39.11 -4.08
CA SER B 341 23.93 37.97 -3.18
C SER B 341 22.76 37.04 -3.37
N SER B 342 22.74 35.89 -2.67
CA SER B 342 21.57 34.97 -2.75
C SER B 342 20.53 35.29 -1.74
N THR B 343 20.86 36.19 -0.82
CA THR B 343 19.85 36.66 0.12
C THR B 343 18.73 37.34 -0.64
N GLU B 344 17.52 37.24 -0.11
CA GLU B 344 16.32 37.60 -0.83
C GLU B 344 15.53 38.75 -0.17
N VAL B 345 15.14 39.73 -0.98
CA VAL B 345 14.36 40.86 -0.51
C VAL B 345 13.07 40.88 -1.32
N ASN B 346 12.05 41.47 -0.73
CA ASN B 346 10.79 41.55 -1.39
C ASN B 346 10.81 42.68 -2.42
N LEU B 347 9.79 42.70 -3.26
CA LEU B 347 9.55 43.82 -4.16
C LEU B 347 9.14 44.98 -3.24
N PRO B 348 9.29 46.22 -3.70
CA PRO B 348 8.65 47.29 -2.97
C PRO B 348 7.17 47.03 -2.76
N GLN B 349 6.64 47.63 -1.71
CA GLN B 349 5.23 47.64 -1.41
C GLN B 349 4.52 48.73 -2.19
N CYS B 350 3.22 48.56 -2.37
CA CYS B 350 2.44 49.48 -3.20
C CYS B 350 1.27 49.93 -2.38
N ASP B 351 0.63 51.00 -2.77
CA ASP B 351 -0.43 51.54 -1.93
C ASP B 351 -1.78 51.20 -2.49
N SER B 352 -2.39 50.14 -1.93
CA SER B 352 -3.73 49.70 -2.31
C SER B 352 -4.70 50.85 -2.49
N ALA B 353 -4.67 51.79 -1.54
CA ALA B 353 -5.64 52.88 -1.54
C ALA B 353 -5.61 53.78 -2.77
N SER B 354 -4.47 53.84 -3.47
CA SER B 354 -4.32 54.77 -4.60
C SER B 354 -3.91 54.12 -5.92
N PHE B 355 -3.32 52.95 -5.85
CA PHE B 355 -2.78 52.27 -7.03
C PHE B 355 -3.90 52.00 -8.06
N ILE B 356 -3.68 52.44 -9.29
CA ILE B 356 -4.62 52.18 -10.36
C ILE B 356 -4.37 50.83 -11.01
N PRO B 357 -5.32 49.90 -10.89
CA PRO B 357 -5.22 48.60 -11.55
C PRO B 357 -4.96 48.78 -13.02
N ILE B 358 -4.13 47.91 -13.58
CA ILE B 358 -3.74 48.03 -14.97
C ILE B 358 -4.18 46.76 -15.67
N GLU B 359 -4.88 46.92 -16.79
CA GLU B 359 -5.52 45.77 -17.48
C GLU B 359 -4.94 45.54 -18.84
N GLY B 360 -4.61 44.30 -19.14
CA GLY B 360 -4.11 43.96 -20.47
C GLY B 360 -5.25 43.90 -21.46
N PRO B 361 -4.93 43.64 -22.73
CA PRO B 361 -5.92 43.31 -23.76
C PRO B 361 -6.61 41.97 -23.47
N CYS B 362 -7.82 41.80 -24.00
CA CYS B 362 -8.58 40.58 -23.84
C CYS B 362 -8.28 39.62 -25.00
N ASN B 363 -7.44 38.62 -24.72
CA ASN B 363 -7.06 37.62 -25.70
C ASN B 363 -7.62 36.26 -25.35
N ASN B 364 -8.30 35.63 -26.30
CA ASN B 364 -9.03 34.38 -26.02
C ASN B 364 -9.74 34.39 -24.65
N CYS B 365 -10.29 35.54 -24.27
CA CYS B 365 -11.17 35.63 -23.09
C CYS B 365 -10.42 35.69 -21.75
N VAL B 366 -9.12 35.95 -21.86
CA VAL B 366 -8.27 36.05 -20.70
C VAL B 366 -7.38 37.30 -20.76
N GLN B 367 -7.35 38.04 -19.66
CA GLN B 367 -6.59 39.26 -19.60
C GLN B 367 -5.76 39.35 -18.32
N VAL B 368 -4.49 39.72 -18.48
CA VAL B 368 -3.61 39.90 -17.37
C VAL B 368 -3.83 41.23 -16.65
N VAL B 369 -4.18 41.15 -15.37
CA VAL B 369 -4.40 42.34 -14.55
C VAL B 369 -3.26 42.48 -13.52
N THR B 370 -2.82 43.71 -13.29
CA THR B 370 -1.69 44.02 -12.40
C THR B 370 -2.23 45.01 -11.39
N GLU B 371 -2.18 44.65 -10.11
CA GLU B 371 -2.94 45.38 -9.08
C GLU B 371 -2.22 45.32 -7.76
N CYS B 372 -2.77 46.01 -6.77
CA CYS B 372 -2.17 46.12 -5.45
C CYS B 372 -3.10 45.47 -4.40
N VAL B 373 -2.88 44.20 -4.07
CA VAL B 373 -3.72 43.54 -3.07
C VAL B 373 -3.00 43.33 -1.72
N GLY B 374 -3.63 43.75 -0.63
CA GLY B 374 -2.88 44.18 0.53
C GLY B 374 -2.02 45.28 -0.03
N ASN B 375 -0.82 45.46 0.50
CA ASN B 375 0.06 46.43 -0.12
C ASN B 375 1.17 45.79 -0.92
N GLN B 376 0.80 44.89 -1.80
CA GLN B 376 1.75 44.04 -2.51
C GLN B 376 1.36 43.91 -3.95
N PHE B 377 2.36 43.81 -4.82
CA PHE B 377 2.11 43.73 -6.24
C PHE B 377 1.48 42.41 -6.55
N ASP B 378 0.44 42.42 -7.36
CA ASP B 378 -0.22 41.21 -7.74
C ASP B 378 -0.55 41.23 -9.24
N GLN B 379 -0.21 40.14 -9.92
CA GLN B 379 -0.50 40.03 -11.33
C GLN B 379 -1.15 38.68 -11.59
N THR B 380 -2.45 38.71 -11.92
CA THR B 380 -3.25 37.49 -12.18
C THR B 380 -3.96 37.55 -13.55
N SER B 381 -4.38 36.39 -14.06
CA SER B 381 -5.33 36.32 -15.18
C SER B 381 -6.76 36.45 -14.71
N LYS B 382 -7.53 37.31 -15.39
CA LYS B 382 -8.91 37.49 -15.09
C LYS B 382 -9.71 37.20 -16.36
N ALA B 383 -10.74 36.37 -16.21
CA ALA B 383 -11.64 36.05 -17.32
C ALA B 383 -12.32 37.30 -17.83
N CYS B 384 -12.40 37.45 -19.15
CA CYS B 384 -12.92 38.71 -19.69
C CYS B 384 -14.02 38.58 -20.73
N CYS B 385 -14.52 37.36 -20.90
CA CYS B 385 -15.73 37.11 -21.68
C CYS B 385 -16.86 36.72 -20.72
N THR B 386 -17.04 37.53 -19.69
CA THR B 386 -17.94 37.19 -18.59
C THR B 386 -17.49 35.94 -17.85
N GLY C 5 -24.29 16.90 32.29
CA GLY C 5 -24.13 16.90 30.80
C GLY C 5 -23.74 15.51 30.33
N GLN C 6 -24.55 14.93 29.44
CA GLN C 6 -24.53 13.48 29.32
C GLN C 6 -24.17 12.87 27.97
N ASN C 7 -23.76 11.61 28.02
CA ASN C 7 -23.02 11.03 26.93
C ASN C 7 -23.87 10.86 25.66
N PRO C 8 -23.54 11.61 24.57
CA PRO C 8 -24.29 11.55 23.32
C PRO C 8 -24.22 10.14 22.73
N TRP C 9 -23.16 9.43 23.04
CA TRP C 9 -23.08 8.05 22.58
C TRP C 9 -24.06 7.11 23.27
N ALA C 10 -24.84 7.66 24.21
CA ALA C 10 -25.77 6.83 24.94
C ALA C 10 -27.12 7.40 24.80
N THR C 11 -27.20 8.72 24.69
CA THR C 11 -28.49 9.41 24.72
C THR C 11 -29.18 9.53 23.37
N THR C 12 -28.41 9.42 22.29
CA THR C 12 -28.91 9.75 20.96
C THR C 12 -28.76 8.54 20.05
N THR C 13 -29.87 8.07 19.51
CA THR C 13 -29.89 6.75 18.92
C THR C 13 -28.88 6.57 17.77
N ALA C 14 -28.77 7.58 16.91
CA ALA C 14 -27.79 7.47 15.80
C ALA C 14 -26.37 7.22 16.30
N PHE C 15 -26.03 7.69 17.49
CA PHE C 15 -24.65 7.44 18.03
C PHE C 15 -24.54 6.16 18.81
N ALA C 16 -25.56 5.89 19.62
CA ALA C 16 -25.65 4.61 20.32
C ALA C 16 -25.59 3.47 19.31
N ASP C 17 -26.27 3.61 18.21
CA ASP C 17 -26.27 2.52 17.21
C ASP C 17 -24.88 2.25 16.70
N PHE C 18 -24.10 3.31 16.56
CA PHE C 18 -22.71 3.18 16.25
C PHE C 18 -21.90 2.63 17.44
N MET C 19 -22.09 3.19 18.64
CA MET C 19 -21.31 2.74 19.85
C MET C 19 -21.54 1.25 20.14
N LYS C 20 -22.77 0.77 19.91
CA LYS C 20 -23.10 -0.62 20.22
C LYS C 20 -22.16 -1.61 19.56
N ARG C 21 -21.66 -1.30 18.36
CA ARG C 21 -20.84 -2.29 17.64
C ARG C 21 -19.54 -2.62 18.31
N PHE C 22 -19.08 -1.77 19.22
CA PHE C 22 -17.77 -1.99 19.79
C PHE C 22 -17.85 -2.67 21.14
N ASN C 23 -19.04 -3.20 21.40
CA ASN C 23 -19.29 -4.02 22.58
C ASN C 23 -19.12 -5.49 22.25
N ILE C 24 -17.87 -5.85 22.09
CA ILE C 24 -17.47 -7.13 21.49
C ILE C 24 -18.01 -8.37 22.13
N PRO C 25 -17.97 -8.48 23.48
CA PRO C 25 -18.60 -9.66 24.11
C PRO C 25 -20.10 -9.79 23.77
N GLN C 26 -20.80 -8.67 23.72
CA GLN C 26 -22.23 -8.69 23.35
C GLN C 26 -22.45 -9.00 21.87
N VAL C 27 -21.72 -8.35 20.96
CA VAL C 27 -22.01 -8.54 19.53
C VAL C 27 -21.38 -9.78 18.93
N HIS C 28 -20.20 -10.11 19.38
CA HIS C 28 -19.46 -11.22 18.87
C HIS C 28 -19.61 -12.43 19.78
N GLY C 29 -19.28 -12.25 21.06
CA GLY C 29 -19.61 -13.29 22.10
C GLY C 29 -18.77 -14.55 22.00
N SER C 30 -17.54 -14.45 21.55
CA SER C 30 -16.72 -15.63 21.56
C SER C 30 -15.29 -15.24 21.29
N GLY C 31 -14.38 -16.20 21.33
CA GLY C 31 -12.99 -15.94 20.98
C GLY C 31 -12.78 -15.16 19.66
N ILE C 32 -11.65 -14.49 19.58
CA ILE C 32 -11.29 -13.78 18.42
C ILE C 32 -10.02 -14.36 17.82
N PHE C 33 -8.96 -14.38 18.61
CA PHE C 33 -7.69 -15.02 18.20
C PHE C 33 -7.91 -16.51 17.92
N VAL C 34 -8.49 -17.19 18.89
CA VAL C 34 -8.97 -18.53 18.67
C VAL C 34 -10.40 -18.58 19.09
N ASP C 35 -11.28 -18.94 18.16
CA ASP C 35 -12.72 -18.91 18.38
C ASP C 35 -13.16 -20.32 18.38
N LEU C 36 -13.57 -20.78 19.55
CA LEU C 36 -14.00 -22.14 19.67
C LEU C 36 -15.11 -22.19 20.71
N GLY C 37 -16.07 -21.30 20.53
CA GLY C 37 -17.00 -20.91 21.56
C GLY C 37 -18.22 -21.80 21.62
N ARG C 38 -18.36 -22.69 20.64
CA ARG C 38 -19.41 -23.67 20.63
C ARG C 38 -18.86 -25.07 20.60
N ASP C 39 -19.75 -26.02 20.88
CA ASP C 39 -19.37 -27.40 20.96
C ASP C 39 -20.56 -28.18 20.45
N THR C 40 -20.28 -29.29 19.80
CA THR C 40 -21.32 -30.17 19.26
C THR C 40 -20.65 -31.50 18.96
N GLU C 41 -21.31 -32.57 19.39
CA GLU C 41 -20.84 -33.93 19.21
C GLU C 41 -19.51 -34.20 19.85
N GLY C 42 -19.24 -33.50 20.95
CA GLY C 42 -17.92 -33.60 21.60
C GLY C 42 -16.76 -32.92 20.83
N TYR C 43 -17.07 -32.04 19.88
CA TYR C 43 -16.01 -31.21 19.28
C TYR C 43 -16.26 -29.72 19.43
N ARG C 44 -15.17 -28.98 19.64
CA ARG C 44 -15.20 -27.54 19.61
C ARG C 44 -15.45 -26.97 18.20
N GLU C 45 -16.22 -25.89 18.17
CA GLU C 45 -16.83 -25.37 16.96
C GLU C 45 -16.60 -23.88 16.96
N VAL C 46 -16.32 -23.29 15.81
CA VAL C 46 -16.13 -21.83 15.76
C VAL C 46 -17.49 -21.16 15.89
N GLY C 47 -17.62 -20.12 16.71
CA GLY C 47 -18.97 -19.68 17.15
C GLY C 47 -19.32 -18.20 17.12
N GLY C 48 -18.35 -17.33 17.00
CA GLY C 48 -18.62 -15.93 17.23
C GLY C 48 -19.44 -15.35 16.08
N LYS C 49 -20.12 -14.23 16.32
CA LYS C 49 -21.08 -13.67 15.37
C LYS C 49 -20.48 -12.64 14.39
N CYS C 50 -19.26 -12.17 14.66
CA CYS C 50 -18.62 -11.11 13.86
C CYS C 50 -17.51 -11.69 13.00
N PRO C 51 -17.43 -11.25 11.75
CA PRO C 51 -16.35 -11.65 10.85
C PRO C 51 -15.06 -11.08 11.35
N VAL C 52 -13.98 -11.84 11.11
CA VAL C 52 -12.71 -11.43 11.61
C VAL C 52 -11.85 -11.00 10.42
N PHE C 53 -11.81 -9.70 10.21
CA PHE C 53 -11.17 -9.10 9.06
C PHE C 53 -9.66 -9.22 9.14
N GLY C 54 -9.06 -9.89 8.15
CA GLY C 54 -7.58 -9.94 8.06
C GLY C 54 -6.99 -11.11 8.86
N LYS C 55 -7.84 -11.99 9.39
CA LYS C 55 -7.31 -13.16 10.09
C LYS C 55 -6.95 -14.29 9.12
N ALA C 56 -5.69 -14.68 9.13
CA ALA C 56 -5.27 -15.87 8.47
C ALA C 56 -4.75 -16.80 9.52
N ILE C 57 -4.43 -18.02 9.09
CA ILE C 57 -3.70 -18.95 9.90
C ILE C 57 -2.32 -19.10 9.27
N GLN C 58 -1.28 -18.70 10.02
CA GLN C 58 0.13 -18.85 9.67
C GLN C 58 0.61 -20.26 9.90
N MET C 59 1.15 -20.88 8.86
CA MET C 59 1.60 -22.26 8.95
C MET C 59 3.12 -22.33 8.96
N HIS C 60 3.66 -23.49 9.31
CA HIS C 60 5.11 -23.64 9.40
C HIS C 60 5.58 -24.96 8.81
N GLN C 61 5.07 -25.34 7.63
CA GLN C 61 5.57 -26.53 6.97
C GLN C 61 6.99 -26.30 6.45
N PRO C 62 7.75 -27.38 6.15
CA PRO C 62 9.11 -27.07 5.64
C PRO C 62 9.04 -26.18 4.38
N ALA C 63 10.14 -25.52 4.03
CA ALA C 63 10.14 -24.45 3.01
C ALA C 63 9.72 -24.92 1.62
N GLU C 64 9.85 -26.21 1.37
CA GLU C 64 9.48 -26.71 0.05
C GLU C 64 7.98 -26.99 -0.09
N TYR C 65 7.27 -27.13 1.03
CA TYR C 65 5.80 -27.24 1.01
C TYR C 65 5.14 -25.95 0.52
N SER C 66 3.90 -26.09 0.09
CA SER C 66 3.05 -24.96 -0.23
C SER C 66 2.79 -24.00 0.96
N ASN C 67 2.49 -24.53 2.14
CA ASN C 67 2.40 -23.69 3.34
C ASN C 67 1.31 -22.61 3.30
N ASN C 68 0.19 -22.94 2.71
CA ASN C 68 -0.87 -21.99 2.52
C ASN C 68 -2.14 -22.63 3.06
N PHE C 69 -2.80 -21.99 4.01
CA PHE C 69 -3.88 -22.67 4.76
C PHE C 69 -5.19 -22.74 4.00
N LEU C 70 -5.28 -22.00 2.90
CA LEU C 70 -6.36 -22.16 1.94
C LEU C 70 -6.18 -23.35 0.97
N ASP C 71 -5.08 -24.10 1.09
CA ASP C 71 -4.99 -25.39 0.35
C ASP C 71 -6.01 -26.40 0.84
N ASP C 72 -6.41 -27.35 -0.03
CA ASP C 72 -7.17 -28.50 0.37
C ASP C 72 -6.55 -29.18 1.59
N ALA C 73 -7.42 -29.66 2.49
CA ALA C 73 -6.99 -30.48 3.60
C ALA C 73 -6.79 -31.86 3.01
N PRO C 74 -5.92 -32.69 3.63
CA PRO C 74 -5.65 -34.05 3.12
C PRO C 74 -6.92 -34.91 3.14
N THR C 75 -7.01 -35.91 2.25
CA THR C 75 -8.20 -36.81 2.21
C THR C 75 -7.85 -38.25 2.59
N SER C 76 -6.56 -38.55 2.62
CA SER C 76 -6.04 -39.79 3.19
C SER C 76 -4.73 -39.42 3.86
N ASN C 77 -4.18 -40.33 4.65
CA ASN C 77 -2.82 -40.14 5.12
C ASN C 77 -1.81 -40.56 4.08
N ASP C 78 -0.59 -40.04 4.23
CA ASP C 78 0.58 -40.68 3.67
C ASP C 78 1.69 -40.67 4.71
N ALA C 79 1.88 -41.82 5.35
CA ALA C 79 2.80 -41.95 6.48
C ALA C 79 4.26 -41.74 6.04
N SER C 80 4.49 -41.72 4.73
CA SER C 80 5.81 -41.42 4.19
C SER C 80 6.17 -39.92 4.20
N LYS C 81 5.17 -39.04 4.33
CA LYS C 81 5.42 -37.58 4.44
C LYS C 81 5.12 -37.05 5.82
N LYS C 82 6.06 -36.29 6.37
CA LYS C 82 5.91 -35.68 7.67
C LYS C 82 6.59 -34.32 7.60
N PRO C 83 5.83 -33.26 7.86
CA PRO C 83 4.38 -33.25 8.08
C PRO C 83 3.59 -33.57 6.81
N LEU C 84 2.34 -33.97 6.97
CA LEU C 84 1.51 -34.29 5.82
C LEU C 84 1.04 -33.00 5.09
N PRO C 85 1.29 -32.89 3.77
CA PRO C 85 0.94 -31.62 3.12
C PRO C 85 -0.57 -31.37 3.12
N GLY C 86 -0.94 -30.09 3.07
CA GLY C 86 -2.30 -29.69 2.82
C GLY C 86 -2.52 -28.38 3.53
N GLY C 87 -3.76 -27.92 3.55
CA GLY C 87 -4.14 -26.78 4.36
C GLY C 87 -5.43 -27.11 5.04
N PHE C 88 -6.29 -26.10 5.21
CA PHE C 88 -7.51 -26.27 6.00
C PHE C 88 -8.77 -26.41 5.14
N ASN C 89 -8.64 -26.08 3.85
CA ASN C 89 -9.80 -26.05 2.94
C ASN C 89 -10.53 -27.38 2.83
N ASN C 90 -11.84 -27.33 2.85
CA ASN C 90 -12.63 -28.56 2.65
C ASN C 90 -12.44 -29.11 1.24
N PRO C 91 -12.05 -30.38 1.12
CA PRO C 91 -11.60 -30.88 -0.18
C PRO C 91 -12.64 -31.78 -0.90
N GLN C 92 -13.86 -31.88 -0.39
CA GLN C 92 -14.88 -32.65 -1.09
C GLN C 92 -15.27 -32.04 -2.44
N VAL C 93 -15.90 -32.88 -3.26
CA VAL C 93 -16.36 -32.50 -4.60
C VAL C 93 -17.84 -32.93 -4.65
N TYR C 94 -18.71 -32.07 -5.18
CA TYR C 94 -20.09 -32.49 -5.48
C TYR C 94 -20.05 -33.63 -6.50
N THR C 95 -21.13 -34.41 -6.55
CA THR C 95 -21.19 -35.63 -7.36
C THR C 95 -21.06 -35.36 -8.88
N SER C 96 -21.47 -34.17 -9.31
CA SER C 96 -20.93 -33.60 -10.55
C SER C 96 -19.46 -33.26 -10.35
N GLY C 97 -18.84 -32.65 -11.35
CA GLY C 97 -17.41 -32.33 -11.25
C GLY C 97 -17.00 -31.45 -10.08
N GLN C 98 -17.93 -30.61 -9.59
CA GLN C 98 -17.60 -29.31 -8.96
C GLN C 98 -16.98 -29.50 -7.55
N LYS C 99 -15.97 -28.70 -7.22
CA LYS C 99 -15.42 -28.69 -5.86
C LYS C 99 -16.39 -27.99 -4.89
N PHE C 100 -16.49 -28.49 -3.65
CA PHE C 100 -17.21 -27.78 -2.56
C PHE C 100 -16.65 -26.38 -2.39
N SER C 101 -15.32 -26.31 -2.34
CA SER C 101 -14.61 -25.13 -1.91
C SER C 101 -13.22 -25.05 -2.55
N PRO C 102 -12.76 -23.84 -2.86
CA PRO C 102 -13.53 -22.59 -2.81
C PRO C 102 -14.52 -22.52 -3.93
N ILE C 103 -15.44 -21.57 -3.85
CA ILE C 103 -16.41 -21.38 -4.90
C ILE C 103 -16.48 -19.87 -5.22
N ASP C 104 -16.66 -19.53 -6.48
CA ASP C 104 -16.71 -18.12 -6.88
C ASP C 104 -17.94 -17.51 -6.29
N ASP C 105 -17.80 -16.34 -5.71
CA ASP C 105 -18.92 -15.68 -5.11
C ASP C 105 -20.05 -15.34 -6.11
N SER C 106 -19.71 -15.24 -7.39
CA SER C 106 -20.75 -15.09 -8.46
C SER C 106 -21.62 -16.31 -8.50
N LEU C 107 -20.99 -17.47 -8.41
CA LEU C 107 -21.74 -18.74 -8.45
C LEU C 107 -22.55 -18.93 -7.16
N LEU C 108 -22.02 -18.50 -6.00
CA LEU C 108 -22.83 -18.50 -4.75
C LEU C 108 -24.06 -17.62 -4.93
N GLN C 109 -23.90 -16.47 -5.52
CA GLN C 109 -25.11 -15.65 -5.72
C GLN C 109 -26.20 -16.44 -6.47
N GLU C 110 -25.78 -17.17 -7.50
CA GLU C 110 -26.70 -17.97 -8.28
C GLU C 110 -27.33 -19.04 -7.44
N ARG C 111 -26.47 -19.79 -6.74
CA ARG C 111 -26.89 -20.95 -6.02
C ARG C 111 -27.87 -20.62 -4.88
N LEU C 112 -27.70 -19.47 -4.23
CA LEU C 112 -28.45 -19.16 -3.00
C LEU C 112 -29.75 -18.48 -3.30
N GLY C 113 -29.95 -18.17 -4.57
CA GLY C 113 -31.25 -17.82 -4.98
C GLY C 113 -31.58 -16.37 -4.81
N THR C 114 -32.80 -16.07 -5.17
CA THR C 114 -33.26 -14.71 -5.37
C THR C 114 -33.33 -13.95 -4.04
N ALA C 115 -33.50 -14.69 -2.95
CA ALA C 115 -33.71 -14.07 -1.66
C ALA C 115 -32.46 -14.22 -0.81
N GLY C 116 -31.47 -14.93 -1.33
CA GLY C 116 -30.24 -15.15 -0.61
C GLY C 116 -29.47 -13.87 -0.19
N PRO C 117 -28.49 -14.06 0.66
CA PRO C 117 -27.77 -12.98 1.30
C PRO C 117 -27.20 -11.96 0.36
N LYS C 118 -27.12 -10.77 0.88
CA LYS C 118 -26.83 -9.66 0.08
C LYS C 118 -25.33 -9.28 0.16
N THR C 119 -24.63 -9.83 1.16
CA THR C 119 -23.25 -9.49 1.32
C THR C 119 -22.52 -10.75 1.02
N ALA C 120 -21.28 -10.60 0.58
CA ALA C 120 -20.45 -11.70 0.24
C ALA C 120 -20.08 -12.48 1.50
N ILE C 121 -19.74 -11.77 2.58
CA ILE C 121 -19.45 -12.45 3.90
C ILE C 121 -20.66 -13.33 4.36
N GLY C 122 -21.87 -12.83 4.14
CA GLY C 122 -23.14 -13.54 4.54
C GLY C 122 -23.38 -14.74 3.64
N ARG C 123 -23.11 -14.59 2.34
CA ARG C 123 -23.25 -15.71 1.44
C ARG C 123 -22.29 -16.81 1.88
N CYS C 124 -21.08 -16.43 2.18
CA CYS C 124 -20.05 -17.40 2.46
C CYS C 124 -20.29 -18.07 3.80
N ALA C 125 -20.73 -17.30 4.79
CA ALA C 125 -21.09 -17.88 6.09
C ALA C 125 -22.29 -18.81 5.89
N LEU C 126 -23.20 -18.44 4.99
CA LEU C 126 -24.41 -19.25 4.73
C LEU C 126 -24.04 -20.50 3.97
N TYR C 127 -23.05 -20.39 3.10
CA TYR C 127 -22.54 -21.56 2.38
C TYR C 127 -21.90 -22.56 3.38
N ALA C 128 -21.16 -22.04 4.35
CA ALA C 128 -20.50 -22.86 5.37
C ALA C 128 -21.55 -23.53 6.22
N TYR C 129 -22.48 -22.70 6.69
CA TYR C 129 -23.59 -23.10 7.50
C TYR C 129 -24.35 -24.23 6.90
N SER C 130 -24.55 -24.19 5.57
CA SER C 130 -25.46 -25.12 4.87
C SER C 130 -24.73 -26.36 4.44
N THR C 131 -23.41 -26.36 4.63
CA THR C 131 -22.62 -27.48 4.17
C THR C 131 -22.75 -28.58 5.19
N ILE C 132 -23.00 -29.80 4.71
CA ILE C 132 -23.15 -30.93 5.61
C ILE C 132 -21.78 -31.51 5.99
N ALA C 133 -21.45 -31.43 7.28
CA ALA C 133 -20.13 -31.87 7.74
C ALA C 133 -20.05 -33.34 7.69
N VAL C 134 -18.86 -33.83 7.48
CA VAL C 134 -18.56 -35.23 7.62
C VAL C 134 -17.46 -35.36 8.66
N ASN C 135 -17.77 -35.98 9.79
CA ASN C 135 -16.72 -36.32 10.76
C ASN C 135 -15.59 -37.11 10.09
N PRO C 136 -14.40 -36.49 10.01
CA PRO C 136 -13.22 -37.07 9.33
C PRO C 136 -12.58 -38.24 10.09
N SER C 137 -13.20 -38.65 11.21
CA SER C 137 -12.88 -39.94 11.85
C SER C 137 -13.91 -40.96 11.46
N THR C 138 -15.09 -40.83 12.02
CA THR C 138 -16.12 -41.79 11.80
C THR C 138 -16.49 -41.93 10.34
N ASN C 139 -16.42 -40.82 9.61
CA ASN C 139 -16.86 -40.79 8.22
C ASN C 139 -18.37 -40.61 8.15
N TYR C 140 -18.96 -40.40 9.32
CA TYR C 140 -20.37 -40.17 9.45
C TYR C 140 -20.76 -38.72 9.30
N THR C 141 -21.96 -38.47 8.82
CA THR C 141 -22.42 -37.11 8.62
C THR C 141 -22.80 -36.56 9.99
N SER C 142 -22.70 -35.24 10.14
CA SER C 142 -22.57 -34.64 11.45
C SER C 142 -23.29 -33.32 11.43
N THR C 143 -23.66 -32.81 12.58
CA THR C 143 -24.26 -31.50 12.67
C THR C 143 -23.19 -30.42 12.90
N TYR C 144 -21.91 -30.79 12.77
CA TYR C 144 -20.81 -29.84 12.90
C TYR C 144 -20.92 -28.74 11.85
N LYS C 145 -20.80 -27.48 12.29
CA LYS C 145 -20.69 -26.36 11.37
C LYS C 145 -19.27 -25.85 11.14
N TYR C 146 -18.74 -26.14 9.96
CA TYR C 146 -17.46 -25.54 9.50
C TYR C 146 -17.41 -24.01 9.56
N PRO C 147 -16.22 -23.43 9.87
CA PRO C 147 -16.06 -21.97 9.64
C PRO C 147 -15.79 -21.66 8.16
N PHE C 148 -15.77 -20.36 7.83
CA PHE C 148 -15.42 -19.94 6.47
C PHE C 148 -14.20 -18.99 6.41
N VAL C 149 -13.57 -18.88 5.23
CA VAL C 149 -12.78 -17.68 4.84
C VAL C 149 -13.26 -17.07 3.50
N TYR C 150 -13.52 -15.76 3.51
CA TYR C 150 -13.85 -15.08 2.26
C TYR C 150 -12.64 -14.31 1.77
N ASP C 151 -12.28 -14.45 0.49
CA ASP C 151 -11.17 -13.65 -0.05
C ASP C 151 -11.76 -12.56 -0.94
N ALA C 152 -11.77 -11.32 -0.50
CA ALA C 152 -12.49 -10.26 -1.30
C ALA C 152 -11.66 -9.82 -2.52
N VAL C 153 -10.41 -10.27 -2.63
CA VAL C 153 -9.65 -9.94 -3.81
C VAL C 153 -10.02 -10.87 -4.94
N SER C 154 -9.98 -12.14 -4.64
CA SER C 154 -10.30 -13.15 -5.60
C SER C 154 -11.84 -13.35 -5.65
N ARG C 155 -12.56 -12.72 -4.68
CA ARG C 155 -14.01 -12.94 -4.52
C ARG C 155 -14.38 -14.44 -4.56
N LYS C 156 -13.73 -15.19 -3.68
CA LYS C 156 -13.88 -16.65 -3.55
C LYS C 156 -14.24 -16.93 -2.09
N CYS C 157 -15.23 -17.79 -1.90
CA CYS C 157 -15.61 -18.22 -0.58
C CYS C 157 -14.94 -19.60 -0.32
N TYR C 158 -14.24 -19.71 0.80
CA TYR C 158 -13.66 -20.98 1.24
C TYR C 158 -14.43 -21.44 2.49
N VAL C 159 -14.82 -22.71 2.48
CA VAL C 159 -15.31 -23.40 3.66
C VAL C 159 -14.20 -24.30 4.14
N LEU C 160 -13.84 -24.19 5.42
CA LEU C 160 -12.70 -24.89 6.00
C LEU C 160 -13.15 -26.17 6.70
N SER C 161 -12.59 -27.30 6.30
CA SER C 161 -12.85 -28.49 7.07
C SER C 161 -11.92 -28.69 8.26
N VAL C 162 -10.88 -27.84 8.39
CA VAL C 162 -10.08 -27.75 9.62
C VAL C 162 -10.44 -26.47 10.42
N SER C 163 -10.90 -26.65 11.66
CA SER C 163 -11.38 -25.53 12.50
C SER C 163 -10.39 -25.23 13.59
N ALA C 164 -9.43 -26.12 13.76
CA ALA C 164 -8.30 -25.82 14.62
C ALA C 164 -7.62 -24.55 14.17
N GLN C 165 -7.05 -23.81 15.10
CA GLN C 165 -6.53 -22.49 14.84
C GLN C 165 -5.15 -22.27 15.45
N LEU C 166 -4.82 -23.05 16.49
CA LEU C 166 -3.54 -22.88 17.17
C LEU C 166 -2.98 -24.27 17.54
N LEU C 167 -1.83 -24.59 16.99
CA LEU C 167 -1.06 -25.78 17.34
C LEU C 167 0.39 -25.36 17.51
N LYS C 168 1.02 -25.89 18.53
CA LYS C 168 2.15 -25.25 19.18
C LYS C 168 2.83 -26.33 20.04
N GLY C 169 4.16 -26.38 20.06
CA GLY C 169 4.88 -27.28 21.00
C GLY C 169 5.62 -28.43 20.34
N GLU C 170 6.93 -28.49 20.58
CA GLU C 170 7.82 -29.57 20.12
C GLU C 170 7.21 -30.97 20.18
N LYS C 171 6.51 -31.24 21.27
CA LYS C 171 5.85 -32.53 21.45
C LYS C 171 4.85 -32.80 20.33
N TYR C 172 4.23 -31.72 19.80
CA TYR C 172 2.96 -31.84 19.04
C TYR C 172 3.00 -31.53 17.53
N CYS C 173 3.96 -30.72 17.09
CA CYS C 173 3.99 -30.27 15.69
C CYS C 173 5.38 -29.75 15.47
N SER C 174 5.75 -29.59 14.20
CA SER C 174 7.06 -29.07 13.83
C SER C 174 7.01 -27.64 13.33
N VAL C 175 8.12 -26.94 13.52
CA VAL C 175 8.31 -25.64 12.94
C VAL C 175 9.38 -25.71 11.86
N ASN C 176 8.96 -25.55 10.61
CA ASN C 176 9.87 -25.61 9.47
C ASN C 176 10.69 -26.91 9.51
N GLY C 177 10.01 -28.03 9.71
CA GLY C 177 10.65 -29.34 9.60
C GLY C 177 11.33 -29.88 10.86
N THR C 178 11.14 -29.19 11.99
CA THR C 178 11.85 -29.51 13.24
C THR C 178 10.91 -29.44 14.47
N PRO C 179 10.89 -30.50 15.30
CA PRO C 179 11.53 -31.81 15.17
C PRO C 179 10.96 -32.56 13.97
N SER C 180 11.77 -33.42 13.37
CA SER C 180 11.34 -34.12 12.17
C SER C 180 10.40 -35.23 12.59
N GLY C 181 9.66 -35.77 11.63
CA GLY C 181 8.84 -36.98 11.87
C GLY C 181 7.44 -36.73 12.35
N LEU C 182 7.08 -35.47 12.63
CA LEU C 182 5.76 -35.18 13.16
C LEU C 182 4.72 -35.03 12.05
N THR C 183 3.48 -35.42 12.34
CA THR C 183 2.42 -35.38 11.37
C THR C 183 1.93 -33.99 10.97
N TRP C 184 1.79 -33.10 11.95
CA TRP C 184 1.41 -31.70 11.69
C TRP C 184 2.56 -30.71 11.84
N ALA C 185 2.63 -29.74 10.93
CA ALA C 185 3.37 -28.52 11.21
C ALA C 185 2.54 -27.64 12.13
N CYS C 186 3.21 -26.84 12.95
CA CYS C 186 2.54 -25.90 13.86
C CYS C 186 1.88 -24.78 13.02
N PHE C 187 0.98 -24.03 13.65
CA PHE C 187 0.24 -22.98 13.00
C PHE C 187 -0.44 -22.13 14.06
N GLU C 188 -0.72 -20.89 13.73
CA GLU C 188 -1.39 -20.03 14.69
C GLU C 188 -1.98 -18.82 13.97
N PRO C 189 -2.99 -18.18 14.58
CA PRO C 189 -3.58 -17.03 13.93
C PRO C 189 -2.67 -15.85 13.85
N VAL C 190 -2.93 -15.00 12.87
CA VAL C 190 -2.18 -13.77 12.72
C VAL C 190 -2.99 -12.80 11.85
N LYS C 191 -2.82 -11.51 12.09
CA LYS C 191 -3.51 -10.53 11.23
C LYS C 191 -2.61 -10.22 10.04
N GLU C 192 -3.15 -10.39 8.84
CA GLU C 192 -2.36 -10.19 7.67
C GLU C 192 -2.89 -9.04 6.78
N LYS C 193 -2.00 -8.20 6.31
CA LYS C 193 -2.41 -7.15 5.38
C LYS C 193 -1.60 -7.24 4.10
N SER C 194 -2.24 -7.68 3.02
CA SER C 194 -1.54 -7.92 1.76
C SER C 194 -2.35 -7.40 0.58
N SER C 195 -1.67 -7.00 -0.48
CA SER C 195 -2.40 -6.55 -1.63
C SER C 195 -2.87 -7.75 -2.46
N ALA C 196 -2.29 -8.93 -2.20
CA ALA C 196 -2.58 -10.13 -2.98
C ALA C 196 -3.88 -10.85 -2.62
N ARG C 197 -4.38 -10.63 -1.39
CA ARG C 197 -5.65 -11.25 -0.91
C ARG C 197 -6.22 -10.48 0.27
N ALA C 198 -7.54 -10.47 0.44
CA ALA C 198 -8.10 -9.74 1.59
C ALA C 198 -9.06 -10.66 2.29
N LEU C 199 -8.58 -11.26 3.37
CA LEU C 199 -9.22 -12.40 3.96
C LEU C 199 -10.13 -11.97 5.08
N VAL C 200 -11.28 -12.65 5.21
CA VAL C 200 -12.16 -12.49 6.38
C VAL C 200 -12.47 -13.90 6.95
N TYR C 201 -12.08 -14.14 8.19
CA TYR C 201 -12.32 -15.43 8.87
C TYR C 201 -13.61 -15.34 9.68
N GLY C 202 -14.37 -16.40 9.71
CA GLY C 202 -15.55 -16.34 10.51
C GLY C 202 -16.20 -17.65 10.79
N SER C 203 -17.19 -17.59 11.63
CA SER C 203 -17.98 -18.77 11.89
C SER C 203 -19.18 -18.85 11.03
N ALA C 204 -19.67 -20.09 10.92
CA ALA C 204 -20.89 -20.41 10.22
C ALA C 204 -22.06 -19.60 10.72
N PHE C 205 -22.00 -19.26 11.99
CA PHE C 205 -23.15 -18.64 12.65
C PHE C 205 -23.37 -17.17 12.35
N VAL C 206 -22.35 -16.53 11.79
CA VAL C 206 -22.60 -15.30 11.03
C VAL C 206 -23.87 -15.48 10.18
N ALA C 207 -24.14 -16.70 9.76
CA ALA C 207 -25.17 -16.90 8.81
C ALA C 207 -26.50 -17.02 9.46
N GLU C 208 -26.53 -17.17 10.79
CA GLU C 208 -27.82 -17.24 11.48
C GLU C 208 -28.57 -15.90 11.64
N GLY C 209 -29.89 -15.99 11.80
CA GLY C 209 -30.82 -14.90 11.48
C GLY C 209 -30.56 -14.21 10.16
N ASN C 210 -30.31 -12.93 10.23
CA ASN C 210 -29.88 -12.23 9.03
C ASN C 210 -28.36 -12.40 8.80
N PRO C 211 -27.97 -13.09 7.71
CA PRO C 211 -26.57 -13.34 7.41
C PRO C 211 -25.84 -12.03 7.08
N ASP C 212 -26.60 -11.01 6.75
CA ASP C 212 -26.07 -9.72 6.46
C ASP C 212 -25.94 -8.75 7.67
N ALA C 213 -26.41 -9.17 8.86
CA ALA C 213 -26.55 -8.21 9.99
C ALA C 213 -25.20 -7.61 10.35
N TRP C 214 -24.14 -8.39 10.12
CA TRP C 214 -22.75 -8.02 10.48
C TRP C 214 -22.34 -6.67 9.97
N GLN C 215 -22.78 -6.31 8.77
CA GLN C 215 -22.42 -5.02 8.23
C GLN C 215 -22.87 -3.87 9.13
N SER C 216 -24.03 -4.04 9.77
CA SER C 216 -24.59 -3.02 10.67
C SER C 216 -24.17 -3.19 12.14
N ALA C 217 -23.89 -4.43 12.55
CA ALA C 217 -23.86 -4.82 13.95
C ALA C 217 -22.43 -4.87 14.52
N CYS C 218 -21.47 -5.12 13.66
CA CYS C 218 -20.15 -5.52 14.09
C CYS C 218 -19.15 -4.39 13.90
N PRO C 219 -18.06 -4.43 14.66
CA PRO C 219 -17.09 -3.34 14.64
C PRO C 219 -16.11 -3.58 13.50
N ASN C 220 -16.55 -3.42 12.25
CA ASN C 220 -15.85 -4.04 11.10
C ASN C 220 -14.60 -3.26 10.70
N ASP C 221 -14.61 -1.98 11.02
CA ASP C 221 -13.54 -1.09 10.60
C ASP C 221 -12.96 -0.34 11.78
N ALA C 222 -11.66 -0.05 11.68
CA ALA C 222 -11.01 0.97 12.45
C ALA C 222 -11.79 2.25 12.36
N VAL C 223 -11.69 3.11 13.38
CA VAL C 223 -12.30 4.41 13.34
C VAL C 223 -11.22 5.52 13.24
N LYS C 224 -11.19 6.27 12.14
CA LYS C 224 -10.18 7.30 12.03
C LYS C 224 -10.52 8.50 12.85
N ASP C 225 -9.48 9.16 13.35
CA ASP C 225 -9.64 10.46 14.03
C ASP C 225 -10.48 10.35 15.28
N ALA C 226 -10.34 9.22 15.95
CA ALA C 226 -11.10 9.00 17.18
C ALA C 226 -10.42 7.98 18.08
N LEU C 227 -10.63 8.17 19.39
CA LEU C 227 -10.24 7.17 20.34
C LEU C 227 -11.44 6.66 21.11
N PHE C 228 -11.41 5.36 21.42
CA PHE C 228 -12.34 4.75 22.37
C PHE C 228 -12.11 5.41 23.70
N GLY C 229 -13.16 5.50 24.49
CA GLY C 229 -13.09 6.11 25.80
C GLY C 229 -14.20 5.66 26.73
N LYS C 230 -14.18 6.23 27.92
CA LYS C 230 -15.23 6.06 28.90
C LYS C 230 -15.65 7.45 29.30
N TRP C 231 -16.95 7.66 29.35
CA TRP C 231 -17.51 8.95 29.58
C TRP C 231 -17.49 9.24 31.07
N GLU C 232 -17.07 10.45 31.44
CA GLU C 232 -16.66 10.77 32.80
C GLU C 232 -16.66 12.26 32.93
N ASP C 233 -17.42 12.80 33.88
CA ASP C 233 -17.39 14.25 34.11
C ASP C 233 -17.65 15.04 32.83
N GLY C 234 -18.76 14.77 32.14
CA GLY C 234 -19.21 15.65 31.04
C GLY C 234 -18.30 15.65 29.80
N GLN C 235 -17.48 14.61 29.67
CA GLN C 235 -16.66 14.44 28.47
C GLN C 235 -16.27 12.98 28.27
N CYS C 236 -15.81 12.68 27.06
CA CYS C 236 -15.21 11.40 26.79
C CYS C 236 -13.71 11.35 27.17
N VAL C 237 -13.37 10.48 28.09
CA VAL C 237 -12.01 10.26 28.46
C VAL C 237 -11.45 9.03 27.77
N PRO C 238 -10.40 9.20 26.94
CA PRO C 238 -9.79 8.09 26.23
C PRO C 238 -9.07 7.13 27.16
N PHE C 239 -9.16 5.86 26.85
CA PHE C 239 -8.21 4.91 27.36
C PHE C 239 -6.77 5.26 26.91
N ASP C 240 -5.86 5.22 27.85
CA ASP C 240 -4.48 5.65 27.60
C ASP C 240 -3.57 4.79 28.49
N THR C 241 -2.33 5.21 28.68
CA THR C 241 -1.37 4.37 29.40
C THR C 241 -1.87 4.03 30.81
N LYS C 242 -2.47 5.02 31.45
CA LYS C 242 -3.11 4.79 32.74
C LYS C 242 -4.03 3.57 32.68
N THR C 243 -4.91 3.53 31.68
CA THR C 243 -6.10 2.70 31.77
C THR C 243 -6.01 1.38 31.05
N SER C 244 -4.80 0.99 30.66
CA SER C 244 -4.65 -0.07 29.64
C SER C 244 -3.83 -1.23 30.17
N VAL C 245 -3.88 -2.37 29.49
CA VAL C 245 -3.13 -3.56 29.95
C VAL C 245 -1.72 -3.59 29.37
N GLN C 246 -1.53 -2.86 28.29
CA GLN C 246 -0.21 -2.67 27.70
C GLN C 246 -0.32 -1.50 26.79
N SER C 247 0.75 -0.72 26.73
CA SER C 247 0.69 0.53 26.03
C SER C 247 2.06 0.94 25.48
N ASP C 248 2.68 0.05 24.73
CA ASP C 248 3.97 0.37 24.11
C ASP C 248 3.89 1.22 22.85
N GLN C 249 5.03 1.82 22.53
CA GLN C 249 5.23 2.47 21.28
C GLN C 249 4.98 1.52 20.13
N ALA C 250 4.31 2.02 19.10
CA ALA C 250 4.21 1.29 17.84
C ALA C 250 4.75 2.15 16.72
N THR C 251 5.49 1.54 15.82
CA THR C 251 6.01 2.24 14.65
C THR C 251 4.92 2.97 13.85
N ASN C 252 3.80 2.31 13.63
CA ASN C 252 2.73 2.89 12.84
C ASN C 252 1.39 2.23 13.12
N LYS C 253 0.35 2.81 12.52
CA LYS C 253 -1.05 2.39 12.65
C LYS C 253 -1.14 0.91 12.64
N GLU C 254 -0.61 0.34 11.56
CA GLU C 254 -0.86 -1.03 11.19
C GLU C 254 -0.23 -2.02 12.19
N GLU C 255 0.98 -1.73 12.60
CA GLU C 255 1.62 -2.53 13.67
C GLU C 255 0.71 -2.67 14.92
N CYS C 256 -0.02 -1.63 15.28
CA CYS C 256 -0.94 -1.67 16.42
C CYS C 256 -2.17 -2.54 16.12
N TRP C 257 -2.72 -2.37 14.90
CA TRP C 257 -3.87 -3.18 14.44
C TRP C 257 -3.47 -4.65 14.47
N LYS C 258 -2.26 -4.95 14.04
CA LYS C 258 -1.83 -6.35 14.15
C LYS C 258 -1.71 -6.75 15.58
N ARG C 259 -1.23 -5.83 16.39
CA ARG C 259 -0.82 -6.14 17.74
C ARG C 259 -1.97 -6.48 18.64
N VAL C 260 -3.06 -5.73 18.52
CA VAL C 260 -4.22 -5.99 19.35
C VAL C 260 -4.78 -7.39 19.11
N PHE C 261 -4.76 -7.85 17.87
CA PHE C 261 -5.26 -9.18 17.59
C PHE C 261 -4.43 -10.27 18.29
N ALA C 262 -3.14 -10.03 18.40
CA ALA C 262 -2.18 -11.02 18.82
C ALA C 262 -1.92 -11.02 20.33
N ASN C 263 -2.21 -9.89 20.98
CA ASN C 263 -1.81 -9.68 22.34
C ASN C 263 -2.27 -10.79 23.33
N PRO C 264 -1.45 -11.08 24.33
CA PRO C 264 -1.64 -12.28 25.19
C PRO C 264 -3.01 -12.35 25.85
N LEU C 265 -3.61 -11.19 26.17
CA LEU C 265 -4.91 -11.13 26.78
C LEU C 265 -6.15 -10.93 25.83
N VAL C 266 -5.98 -11.08 24.51
CA VAL C 266 -7.12 -10.92 23.61
C VAL C 266 -8.16 -12.01 23.91
N ALA C 267 -9.44 -11.74 23.68
CA ALA C 267 -10.44 -12.78 23.86
C ALA C 267 -10.02 -13.99 23.04
N SER C 268 -9.66 -15.08 23.72
CA SER C 268 -9.29 -16.28 23.01
C SER C 268 -9.83 -17.49 23.71
N ASP C 269 -10.03 -18.57 22.94
CA ASP C 269 -10.64 -19.77 23.48
C ASP C 269 -9.65 -20.94 23.48
N ALA C 270 -8.37 -20.65 23.30
CA ALA C 270 -7.31 -21.67 23.29
C ALA C 270 -7.07 -22.24 24.69
N PRO C 271 -6.72 -23.53 24.78
CA PRO C 271 -6.49 -24.16 26.09
C PRO C 271 -5.29 -23.54 26.81
N THR C 272 -5.43 -23.27 28.10
CA THR C 272 -4.38 -22.62 28.90
C THR C 272 -3.30 -23.62 29.26
N THR C 273 -3.48 -24.86 28.81
CA THR C 273 -2.55 -25.94 29.09
C THR C 273 -2.48 -26.94 27.93
N ALA C 277 -0.66 -35.34 27.10
CA ALA C 277 -1.41 -35.55 25.85
C ALA C 277 -0.57 -36.26 24.78
N ALA C 278 -1.22 -37.09 23.97
CA ALA C 278 -0.57 -37.72 22.81
C ALA C 278 -0.83 -36.89 21.55
N GLN C 279 -0.06 -37.12 20.49
CA GLN C 279 -0.04 -36.19 19.37
C GLN C 279 -1.15 -36.45 18.37
N LYS C 280 -1.53 -35.38 17.66
CA LYS C 280 -2.69 -35.43 16.78
C LYS C 280 -2.47 -36.39 15.61
N ASN C 281 -3.53 -37.11 15.23
CA ASN C 281 -3.53 -37.88 13.99
C ASN C 281 -3.80 -37.00 12.79
N TRP C 282 -3.46 -37.50 11.61
CA TRP C 282 -3.55 -36.71 10.40
C TRP C 282 -4.96 -36.13 10.21
N ASN C 283 -5.99 -36.90 10.56
CA ASN C 283 -7.35 -36.43 10.37
C ASN C 283 -8.03 -35.85 11.62
N ASP C 284 -7.25 -35.33 12.57
CA ASP C 284 -7.84 -34.58 13.70
C ASP C 284 -8.13 -33.13 13.30
N PHE C 285 -9.21 -32.90 12.54
CA PHE C 285 -9.50 -31.57 11.97
C PHE C 285 -10.16 -30.62 12.98
N TRP C 286 -10.93 -31.19 13.91
CA TRP C 286 -11.69 -30.38 14.86
C TRP C 286 -11.19 -30.64 16.29
N PRO C 287 -11.09 -29.58 17.09
CA PRO C 287 -10.65 -29.74 18.47
C PRO C 287 -11.70 -30.43 19.33
N VAL C 288 -11.22 -31.35 20.15
CA VAL C 288 -12.03 -32.13 21.07
C VAL C 288 -12.51 -31.23 22.18
N HIS C 289 -13.77 -31.37 22.57
CA HIS C 289 -14.33 -30.56 23.62
C HIS C 289 -14.19 -31.26 24.97
N GLU C 290 -13.42 -30.65 25.86
CA GLU C 290 -13.32 -31.11 27.24
C GLU C 290 -14.05 -30.14 28.17
N GLN C 291 -14.27 -30.56 29.42
CA GLN C 291 -14.95 -29.72 30.42
C GLN C 291 -14.08 -28.54 30.86
N SER C 292 -12.78 -28.69 30.67
CA SER C 292 -11.83 -27.61 30.99
C SER C 292 -11.63 -26.62 29.82
N SER C 293 -12.37 -26.81 28.72
CA SER C 293 -12.20 -25.96 27.53
C SER C 293 -12.66 -24.52 27.80
N PRO C 294 -11.73 -23.59 27.71
CA PRO C 294 -11.97 -22.17 28.03
C PRO C 294 -12.87 -21.50 27.00
N LYS C 295 -13.90 -20.80 27.50
CA LYS C 295 -14.67 -19.93 26.62
C LYS C 295 -14.60 -18.51 27.09
N SER C 296 -13.85 -17.69 26.34
CA SER C 296 -13.73 -16.25 26.57
C SER C 296 -15.06 -15.57 26.63
N GLY C 297 -16.03 -16.05 25.86
CA GLY C 297 -17.28 -15.30 25.65
C GLY C 297 -17.05 -13.96 24.95
N GLY C 298 -15.83 -13.72 24.50
CA GLY C 298 -15.53 -12.45 23.84
C GLY C 298 -15.00 -11.39 24.77
N PHE C 299 -14.77 -11.77 26.03
CA PHE C 299 -14.17 -10.85 27.00
C PHE C 299 -12.67 -10.92 26.85
N GLY C 300 -11.98 -9.79 26.97
CA GLY C 300 -10.51 -9.81 26.84
C GLY C 300 -10.08 -8.43 26.39
N ALA C 301 -8.77 -8.22 26.27
CA ALA C 301 -8.22 -6.96 25.74
C ALA C 301 -8.36 -6.90 24.22
N ASN C 302 -9.49 -6.33 23.76
CA ASN C 302 -9.95 -6.47 22.40
C ASN C 302 -9.86 -5.15 21.65
N TRP C 303 -9.51 -4.08 22.37
CA TRP C 303 -9.53 -2.74 21.84
C TRP C 303 -8.16 -2.07 21.97
N ALA C 304 -7.80 -1.25 20.99
CA ALA C 304 -6.54 -0.53 21.00
C ALA C 304 -6.74 0.91 20.53
N ASN C 305 -6.09 1.82 21.23
CA ASN C 305 -6.11 3.21 20.85
C ASN C 305 -4.76 3.59 20.31
N PHE C 306 -4.74 4.05 19.07
CA PHE C 306 -3.50 4.44 18.46
C PHE C 306 -3.38 5.95 18.38
N TYR C 307 -2.32 6.46 18.96
CA TYR C 307 -2.19 7.89 19.12
C TYR C 307 -0.77 8.38 19.46
N LEU C 308 -0.57 9.67 19.23
CA LEU C 308 0.67 10.35 19.54
C LEU C 308 0.56 10.97 20.93
N GLU C 309 1.30 10.45 21.90
CA GLU C 309 1.40 11.08 23.23
C GLU C 309 2.20 12.37 23.21
N LYS C 310 1.67 13.42 23.84
CA LYS C 310 2.32 14.73 23.81
C LYS C 310 3.72 14.66 24.41
N GLU C 311 3.81 14.04 25.58
CA GLU C 311 5.05 13.97 26.31
C GLU C 311 6.08 13.07 25.62
N SER C 312 5.63 11.90 25.18
CA SER C 312 6.52 10.94 24.52
C SER C 312 7.14 11.51 23.25
N GLY C 313 6.33 12.21 22.44
CA GLY C 313 6.56 12.31 20.99
C GLY C 313 6.45 10.97 20.24
N GLU C 314 6.11 9.91 20.96
CA GLU C 314 5.98 8.58 20.42
C GLU C 314 4.53 8.34 19.99
N THR C 315 4.33 7.50 18.99
CA THR C 315 3.03 6.90 18.79
C THR C 315 2.84 5.64 19.64
N ILE C 316 1.69 5.55 20.27
CA ILE C 316 1.45 4.60 21.32
C ILE C 316 0.29 3.71 20.85
N CYS C 317 0.46 2.42 21.04
CA CYS C 317 -0.64 1.46 20.93
C CYS C 317 -1.18 1.07 22.32
N ALA C 318 -2.32 1.65 22.71
CA ALA C 318 -2.92 1.36 24.03
C ALA C 318 -4.03 0.33 23.98
N ILE C 319 -3.68 -0.86 24.42
CA ILE C 319 -4.55 -1.97 24.38
C ILE C 319 -5.28 -2.10 25.71
N PHE C 320 -6.59 -2.28 25.64
CA PHE C 320 -7.36 -2.26 26.88
C PHE C 320 -8.48 -3.24 26.80
N ASP C 321 -9.11 -3.47 27.96
CA ASP C 321 -9.94 -4.62 28.14
C ASP C 321 -11.31 -4.30 28.69
N GLN C 322 -11.70 -3.03 28.63
CA GLN C 322 -13.08 -2.62 28.93
C GLN C 322 -13.89 -2.21 27.68
N VAL C 323 -15.19 -2.55 27.69
CA VAL C 323 -16.11 -2.02 26.76
C VAL C 323 -16.12 -0.48 26.81
N PRO C 324 -15.80 0.18 25.69
CA PRO C 324 -15.84 1.65 25.60
C PRO C 324 -17.29 2.11 25.44
N ASP C 325 -17.59 3.33 25.83
CA ASP C 325 -18.96 3.73 25.78
C ASP C 325 -19.14 5.06 25.13
N CYS C 326 -18.03 5.61 24.62
CA CYS C 326 -18.03 6.86 23.83
C CYS C 326 -16.82 6.94 22.90
N PHE C 327 -16.77 7.94 22.05
CA PHE C 327 -15.55 8.27 21.31
C PHE C 327 -15.08 9.63 21.62
N ALA C 328 -13.77 9.83 21.52
CA ALA C 328 -13.17 11.15 21.58
C ALA C 328 -12.64 11.51 20.19
N PRO C 329 -13.22 12.56 19.53
CA PRO C 329 -12.69 12.95 18.22
C PRO C 329 -11.38 13.64 18.42
N ILE C 330 -10.32 12.94 18.03
CA ILE C 330 -8.96 13.42 18.13
C ILE C 330 -8.36 13.24 16.74
N THR C 331 -7.87 14.31 16.15
CA THR C 331 -7.40 14.20 14.79
C THR C 331 -6.07 13.47 14.62
N GLY C 332 -6.04 12.54 13.69
CA GLY C 332 -4.89 11.66 13.54
C GLY C 332 -4.80 10.49 14.49
N ALA C 333 -5.76 10.31 15.40
CA ALA C 333 -5.82 9.05 16.15
C ALA C 333 -6.59 8.01 15.38
N VAL C 334 -6.37 6.73 15.71
CA VAL C 334 -7.20 5.70 15.14
C VAL C 334 -7.61 4.74 16.26
N ALA C 335 -8.83 4.20 16.18
CA ALA C 335 -9.34 3.21 17.17
C ALA C 335 -9.57 1.85 16.53
N TYR C 336 -8.80 0.85 16.94
CA TYR C 336 -8.82 -0.52 16.38
C TYR C 336 -9.53 -1.57 17.27
N THR C 337 -9.86 -2.73 16.71
CA THR C 337 -10.19 -3.85 17.53
C THR C 337 -9.55 -5.06 16.93
N ALA C 338 -9.46 -6.12 17.72
CA ALA C 338 -9.01 -7.40 17.25
C ALA C 338 -9.91 -7.93 16.14
N LEU C 339 -11.21 -7.61 16.18
CA LEU C 339 -12.13 -8.10 15.11
C LEU C 339 -11.95 -7.37 13.79
N GLY C 340 -11.92 -6.04 13.86
CA GLY C 340 -12.09 -5.22 12.67
C GLY C 340 -10.91 -5.19 11.70
N SER C 341 -11.11 -4.53 10.55
CA SER C 341 -10.06 -4.38 9.54
C SER C 341 -9.19 -3.17 9.89
N SER C 342 -8.09 -3.00 9.19
CA SER C 342 -7.39 -1.74 9.30
C SER C 342 -7.92 -0.66 8.36
N THR C 343 -8.95 -0.96 7.58
CA THR C 343 -9.67 0.08 6.79
C THR C 343 -10.41 1.02 7.76
N GLU C 344 -10.51 2.30 7.42
CA GLU C 344 -10.97 3.32 8.35
C GLU C 344 -12.24 4.00 7.95
N VAL C 345 -13.20 4.00 8.87
CA VAL C 345 -14.42 4.76 8.66
C VAL C 345 -14.37 5.96 9.58
N ASN C 346 -15.19 6.96 9.27
CA ASN C 346 -15.41 8.09 10.15
C ASN C 346 -16.45 7.79 11.20
N LEU C 347 -16.45 8.59 12.26
CA LEU C 347 -17.53 8.62 13.20
C LEU C 347 -18.77 9.01 12.44
N PRO C 348 -19.92 8.56 12.92
CA PRO C 348 -21.17 9.06 12.37
C PRO C 348 -21.19 10.59 12.41
N GLN C 349 -21.81 11.21 11.42
CA GLN C 349 -21.98 12.61 11.40
C GLN C 349 -22.99 13.10 12.40
N CYS C 350 -22.88 14.36 12.79
CA CYS C 350 -23.87 14.98 13.65
C CYS C 350 -24.49 16.18 12.97
N ASP C 351 -25.57 16.69 13.53
CA ASP C 351 -26.25 17.81 12.94
C ASP C 351 -25.86 19.10 13.65
N SER C 352 -24.93 19.84 13.04
CA SER C 352 -24.42 21.06 13.65
C SER C 352 -25.58 21.94 14.07
N ALA C 353 -26.62 21.97 13.26
CA ALA C 353 -27.73 22.89 13.48
C ALA C 353 -28.47 22.64 14.79
N SER C 354 -28.60 21.38 15.19
CA SER C 354 -29.46 21.05 16.33
C SER C 354 -28.74 20.37 17.52
N PHE C 355 -27.45 20.12 17.40
CA PHE C 355 -26.69 19.37 18.42
C PHE C 355 -26.40 20.28 19.63
N ILE C 356 -26.79 19.85 20.83
CA ILE C 356 -26.59 20.66 22.04
C ILE C 356 -25.19 20.45 22.65
N PRO C 357 -24.38 21.53 22.69
CA PRO C 357 -23.01 21.44 23.13
C PRO C 357 -22.96 20.98 24.58
N ILE C 358 -22.08 20.02 24.85
CA ILE C 358 -21.89 19.46 26.19
C ILE C 358 -20.62 20.02 26.78
N GLU C 359 -20.71 20.58 28.00
CA GLU C 359 -19.55 21.21 28.65
C GLU C 359 -19.09 20.47 29.91
N GLY C 360 -17.80 20.12 29.96
CA GLY C 360 -17.21 19.47 31.15
C GLY C 360 -17.22 20.44 32.33
N PRO C 361 -16.68 20.03 33.48
CA PRO C 361 -16.53 21.03 34.55
C PRO C 361 -15.33 21.97 34.32
N CYS C 362 -15.36 23.13 34.95
CA CYS C 362 -14.26 24.08 34.86
C CYS C 362 -13.21 23.73 35.93
N ASN C 363 -12.12 23.11 35.49
CA ASN C 363 -11.01 22.75 36.38
C ASN C 363 -9.77 23.55 36.02
N ASN C 364 -9.37 24.44 36.93
CA ASN C 364 -8.20 25.28 36.71
C ASN C 364 -8.34 26.12 35.44
N CYS C 365 -9.57 26.55 35.21
CA CYS C 365 -9.88 27.57 34.21
C CYS C 365 -9.96 27.05 32.79
N VAL C 366 -9.88 25.73 32.67
CA VAL C 366 -10.07 25.01 31.39
C VAL C 366 -11.18 23.93 31.49
N GLN C 367 -12.20 24.06 30.64
CA GLN C 367 -13.16 22.95 30.48
C GLN C 367 -13.12 22.29 29.11
N VAL C 368 -13.29 20.97 29.10
CA VAL C 368 -13.54 20.23 27.88
C VAL C 368 -14.96 20.45 27.38
N VAL C 369 -15.11 20.72 26.08
CA VAL C 369 -16.38 20.97 25.44
C VAL C 369 -16.59 19.98 24.28
N THR C 370 -17.80 19.40 24.17
CA THR C 370 -18.12 18.48 23.06
C THR C 370 -19.22 19.09 22.22
N GLU C 371 -18.95 19.27 20.92
CA GLU C 371 -19.85 20.04 20.05
C GLU C 371 -19.92 19.38 18.70
N CYS C 372 -20.86 19.86 17.90
CA CYS C 372 -20.89 19.57 16.47
C CYS C 372 -20.47 20.77 15.61
N VAL C 373 -19.30 20.72 15.01
CA VAL C 373 -18.86 21.78 14.07
C VAL C 373 -18.52 21.22 12.69
N GLY C 374 -19.11 21.82 11.64
CA GLY C 374 -19.07 21.24 10.30
C GLY C 374 -19.71 19.85 10.23
N ASN C 375 -20.74 19.62 11.05
CA ASN C 375 -21.44 18.34 11.06
C ASN C 375 -20.54 17.17 11.43
N GLN C 376 -19.46 17.44 12.17
CA GLN C 376 -18.71 16.35 12.84
C GLN C 376 -18.59 16.58 14.33
N PHE C 377 -18.32 15.52 15.07
CA PHE C 377 -18.02 15.66 16.48
C PHE C 377 -16.74 16.44 16.65
N ASP C 378 -16.69 17.26 17.69
CA ASP C 378 -15.51 18.04 18.01
C ASP C 378 -15.36 18.09 19.54
N GLN C 379 -14.13 17.94 20.04
CA GLN C 379 -13.88 17.94 21.48
C GLN C 379 -12.63 18.78 21.76
N THR C 380 -12.82 19.96 22.34
CA THR C 380 -11.68 20.85 22.58
C THR C 380 -11.77 21.40 23.96
N SER C 381 -10.66 21.96 24.43
CA SER C 381 -10.61 22.71 25.65
C SER C 381 -11.00 24.17 25.42
N LYS C 382 -11.43 24.82 26.48
CA LYS C 382 -12.02 26.12 26.38
C LYS C 382 -11.75 26.85 27.69
N ALA C 383 -11.28 28.08 27.60
CA ALA C 383 -10.99 28.89 28.79
C ALA C 383 -12.29 29.27 29.45
N CYS C 384 -12.34 29.18 30.77
CA CYS C 384 -13.60 29.40 31.50
C CYS C 384 -13.49 30.34 32.70
N CYS C 385 -12.31 30.94 32.89
CA CYS C 385 -12.15 32.06 33.82
C CYS C 385 -12.03 33.41 33.10
N THR C 386 -13.00 33.74 32.28
CA THR C 386 -13.03 35.03 31.59
C THR C 386 -14.45 35.63 31.59
N GLY D 5 -3.51 -27.13 -33.73
CA GLY D 5 -3.58 -26.72 -32.29
C GLY D 5 -4.38 -25.43 -32.08
N GLN D 6 -5.51 -25.55 -31.38
CA GLN D 6 -6.50 -24.47 -31.34
C GLN D 6 -6.52 -23.68 -30.02
N ASN D 7 -6.67 -22.37 -30.14
CA ASN D 7 -6.79 -21.45 -28.99
C ASN D 7 -7.76 -21.95 -27.93
N PRO D 8 -7.24 -22.34 -26.76
CA PRO D 8 -8.16 -22.86 -25.74
C PRO D 8 -9.05 -21.73 -25.17
N TRP D 9 -8.58 -20.50 -25.24
CA TRP D 9 -9.42 -19.37 -24.88
C TRP D 9 -10.62 -19.18 -25.82
N ALA D 10 -10.73 -20.00 -26.85
CA ALA D 10 -11.97 -20.01 -27.65
C ALA D 10 -12.63 -21.35 -27.79
N THR D 11 -11.85 -22.43 -27.73
CA THR D 11 -12.43 -23.75 -27.87
C THR D 11 -13.06 -24.28 -26.62
N THR D 12 -12.62 -23.80 -25.46
CA THR D 12 -13.13 -24.32 -24.19
C THR D 12 -13.88 -23.28 -23.37
N THR D 13 -15.11 -23.57 -22.99
CA THR D 13 -16.03 -22.57 -22.40
C THR D 13 -15.54 -21.96 -21.11
N ALA D 14 -14.90 -22.77 -20.27
CA ALA D 14 -14.35 -22.21 -19.04
C ALA D 14 -13.36 -21.12 -19.35
N PHE D 15 -12.56 -21.30 -20.39
CA PHE D 15 -11.51 -20.29 -20.68
C PHE D 15 -12.11 -19.15 -21.50
N ALA D 16 -13.10 -19.50 -22.32
CA ALA D 16 -13.80 -18.46 -23.15
C ALA D 16 -14.68 -17.49 -22.36
N ASP D 17 -15.44 -18.01 -21.41
CA ASP D 17 -16.19 -17.15 -20.49
C ASP D 17 -15.23 -16.16 -19.84
N PHE D 18 -14.09 -16.63 -19.42
CA PHE D 18 -13.14 -15.69 -18.85
C PHE D 18 -12.65 -14.66 -19.89
N MET D 19 -12.28 -15.15 -21.07
CA MET D 19 -11.66 -14.32 -22.12
C MET D 19 -12.65 -13.28 -22.65
N LYS D 20 -13.93 -13.60 -22.59
CA LYS D 20 -15.00 -12.69 -23.04
C LYS D 20 -15.10 -11.41 -22.24
N ARG D 21 -14.66 -11.43 -20.97
CA ARG D 21 -14.76 -10.23 -20.12
C ARG D 21 -13.92 -9.10 -20.69
N PHE D 22 -12.93 -9.44 -21.51
CA PHE D 22 -11.95 -8.44 -21.94
C PHE D 22 -12.29 -7.91 -23.36
N ASN D 23 -13.48 -8.27 -23.83
CA ASN D 23 -14.01 -7.68 -25.08
C ASN D 23 -14.72 -6.38 -24.78
N ILE D 24 -13.97 -5.38 -24.40
CA ILE D 24 -14.55 -4.17 -23.87
C ILE D 24 -15.59 -3.48 -24.75
N PRO D 25 -15.42 -3.49 -26.07
CA PRO D 25 -16.46 -2.79 -26.87
C PRO D 25 -17.81 -3.52 -26.84
N GLN D 26 -17.75 -4.82 -26.59
CA GLN D 26 -18.94 -5.65 -26.46
C GLN D 26 -19.54 -5.50 -25.09
N VAL D 27 -18.75 -5.75 -24.05
CA VAL D 27 -19.34 -5.81 -22.71
C VAL D 27 -19.63 -4.42 -22.11
N HIS D 28 -18.78 -3.44 -22.38
CA HIS D 28 -18.94 -2.10 -21.82
C HIS D 28 -19.74 -1.25 -22.80
N GLY D 29 -19.22 -1.09 -24.04
CA GLY D 29 -19.99 -0.41 -25.14
C GLY D 29 -20.02 1.11 -25.06
N SER D 30 -19.09 1.71 -24.33
CA SER D 30 -19.15 3.16 -24.16
C SER D 30 -17.81 3.72 -23.80
N GLY D 31 -17.70 5.03 -23.67
CA GLY D 31 -16.38 5.54 -23.31
C GLY D 31 -15.97 5.04 -21.94
N ILE D 32 -14.69 5.14 -21.63
CA ILE D 32 -14.16 4.76 -20.30
C ILE D 32 -13.66 6.01 -19.57
N PHE D 33 -12.71 6.71 -20.17
CA PHE D 33 -12.18 7.92 -19.59
C PHE D 33 -13.27 8.96 -19.36
N VAL D 34 -13.98 9.28 -20.42
CA VAL D 34 -15.22 10.01 -20.30
C VAL D 34 -16.26 9.15 -20.97
N ASP D 35 -17.34 8.89 -20.26
CA ASP D 35 -18.41 7.99 -20.74
C ASP D 35 -19.65 8.79 -20.84
N LEU D 36 -20.09 9.03 -22.07
CA LEU D 36 -21.32 9.74 -22.30
C LEU D 36 -22.01 9.08 -23.50
N GLY D 37 -22.02 7.75 -23.49
CA GLY D 37 -22.41 6.95 -24.65
C GLY D 37 -23.91 6.91 -24.88
N ARG D 38 -24.66 7.64 -24.08
CA ARG D 38 -26.12 7.62 -24.22
C ARG D 38 -26.63 9.03 -24.16
N ASP D 39 -27.94 9.18 -24.20
CA ASP D 39 -28.50 10.51 -24.27
C ASP D 39 -30.01 10.47 -24.22
N THR D 40 -30.59 11.50 -23.59
CA THR D 40 -32.04 11.66 -23.54
C THR D 40 -32.40 13.10 -23.29
N GLU D 41 -33.56 13.51 -23.79
CA GLU D 41 -34.05 14.88 -23.63
C GLU D 41 -33.04 15.93 -23.97
N GLY D 42 -32.10 15.61 -24.85
CA GLY D 42 -31.11 16.61 -25.27
C GLY D 42 -29.85 16.60 -24.44
N TYR D 43 -29.75 15.64 -23.52
CA TYR D 43 -28.59 15.59 -22.68
C TYR D 43 -27.82 14.30 -22.85
N ARG D 44 -26.50 14.41 -22.83
CA ARG D 44 -25.66 13.22 -22.86
C ARG D 44 -25.67 12.52 -21.50
N GLU D 45 -25.63 11.20 -21.52
CA GLU D 45 -25.88 10.37 -20.35
C GLU D 45 -24.70 9.42 -20.19
N VAL D 46 -24.23 9.19 -18.95
CA VAL D 46 -23.22 8.13 -18.72
C VAL D 46 -23.86 6.77 -19.08
N GLY D 47 -23.16 5.92 -19.83
CA GLY D 47 -23.84 4.83 -20.51
C GLY D 47 -23.25 3.44 -20.47
N GLY D 48 -21.98 3.30 -20.13
CA GLY D 48 -21.35 1.96 -20.20
C GLY D 48 -21.94 0.92 -19.25
N LYS D 49 -21.56 -0.34 -19.44
CA LYS D 49 -22.18 -1.41 -18.69
C LYS D 49 -21.27 -1.98 -17.64
N CYS D 50 -20.01 -1.58 -17.69
CA CYS D 50 -19.05 -2.02 -16.70
C CYS D 50 -18.75 -0.89 -15.72
N PRO D 51 -18.60 -1.26 -14.44
CA PRO D 51 -18.20 -0.28 -13.42
C PRO D 51 -16.75 0.02 -13.59
N VAL D 52 -16.33 1.24 -13.31
CA VAL D 52 -14.96 1.64 -13.62
C VAL D 52 -14.17 1.84 -12.32
N PHE D 53 -13.33 0.89 -12.01
CA PHE D 53 -12.78 0.79 -10.68
C PHE D 53 -11.65 1.79 -10.52
N GLY D 54 -11.77 2.66 -9.51
CA GLY D 54 -10.72 3.59 -9.17
C GLY D 54 -10.86 4.92 -9.89
N LYS D 55 -11.93 5.09 -10.68
CA LYS D 55 -12.14 6.36 -11.38
C LYS D 55 -12.58 7.41 -10.38
N ALA D 56 -11.78 8.46 -10.26
CA ALA D 56 -12.27 9.70 -9.59
C ALA D 56 -12.30 10.89 -10.54
N ILE D 57 -13.11 11.90 -10.20
CA ILE D 57 -13.00 13.15 -10.92
C ILE D 57 -12.06 14.05 -10.12
N GLN D 58 -10.88 14.26 -10.67
CA GLN D 58 -9.89 15.23 -10.13
C GLN D 58 -10.31 16.68 -10.34
N MET D 59 -10.58 17.43 -9.27
CA MET D 59 -11.02 18.83 -9.43
C MET D 59 -9.86 19.82 -9.20
N HIS D 60 -10.04 21.09 -9.59
CA HIS D 60 -8.95 22.07 -9.45
C HIS D 60 -9.46 23.40 -8.91
N GLN D 61 -10.34 23.36 -7.91
CA GLN D 61 -10.75 24.57 -7.20
C GLN D 61 -9.57 25.14 -6.43
N PRO D 62 -9.63 26.42 -6.07
CA PRO D 62 -8.54 26.95 -5.24
C PRO D 62 -8.32 26.14 -3.94
N ALA D 63 -7.17 26.30 -3.31
CA ALA D 63 -6.72 25.43 -2.22
C ALA D 63 -7.58 25.53 -0.97
N GLU D 64 -8.12 26.72 -0.71
CA GLU D 64 -9.02 26.91 0.41
C GLU D 64 -10.32 26.09 0.23
N TYR D 65 -10.66 25.81 -1.02
CA TYR D 65 -11.88 25.05 -1.32
C TYR D 65 -11.73 23.61 -0.91
N SER D 66 -12.87 22.95 -0.72
CA SER D 66 -12.88 21.57 -0.32
C SER D 66 -12.35 20.66 -1.46
N ASN D 67 -12.70 20.96 -2.70
CA ASN D 67 -12.06 20.28 -3.84
C ASN D 67 -12.22 18.76 -3.82
N ASN D 68 -13.42 18.30 -3.55
CA ASN D 68 -13.69 16.87 -3.47
C ASN D 68 -14.98 16.60 -4.22
N PHE D 69 -14.92 15.77 -5.27
CA PHE D 69 -16.02 15.72 -6.21
C PHE D 69 -17.24 14.98 -5.63
N LEU D 70 -17.05 14.32 -4.48
CA LEU D 70 -18.12 13.64 -3.73
C LEU D 70 -18.87 14.57 -2.83
N ASP D 71 -18.41 15.79 -2.74
CA ASP D 71 -19.19 16.84 -2.07
C ASP D 71 -20.48 17.14 -2.83
N ASP D 72 -21.48 17.64 -2.09
CA ASP D 72 -22.72 18.14 -2.63
C ASP D 72 -22.50 19.10 -3.79
N ALA D 73 -23.30 18.97 -4.84
CA ALA D 73 -23.41 20.01 -5.85
C ALA D 73 -24.26 21.14 -5.36
N PRO D 74 -23.95 22.37 -5.81
CA PRO D 74 -24.71 23.57 -5.41
C PRO D 74 -26.16 23.42 -5.78
N THR D 75 -27.07 23.84 -4.88
CA THR D 75 -28.53 23.90 -5.16
C THR D 75 -28.98 25.29 -5.60
N SER D 76 -28.09 26.28 -5.41
CA SER D 76 -28.27 27.62 -6.00
C SER D 76 -26.93 28.24 -6.37
N ASN D 77 -26.98 29.30 -7.17
CA ASN D 77 -25.81 30.11 -7.39
C ASN D 77 -25.50 31.01 -6.21
N ASP D 78 -24.23 31.35 -6.07
CA ASP D 78 -23.84 32.56 -5.39
C ASP D 78 -22.86 33.29 -6.30
N ALA D 79 -23.36 34.29 -7.02
CA ALA D 79 -22.56 34.96 -8.05
C ALA D 79 -21.31 35.62 -7.44
N SER D 80 -21.36 35.88 -6.15
CA SER D 80 -20.21 36.45 -5.43
C SER D 80 -19.08 35.42 -5.24
N LYS D 81 -19.35 34.15 -5.54
CA LYS D 81 -18.32 33.11 -5.36
C LYS D 81 -17.88 32.43 -6.65
N LYS D 82 -16.59 32.53 -6.93
CA LYS D 82 -16.04 32.06 -8.19
C LYS D 82 -14.72 31.41 -7.92
N PRO D 83 -14.58 30.12 -8.25
CA PRO D 83 -15.65 29.32 -8.77
C PRO D 83 -16.62 28.96 -7.66
N LEU D 84 -17.79 28.46 -8.05
CA LEU D 84 -18.81 28.10 -7.08
C LEU D 84 -18.39 26.82 -6.34
N PRO D 85 -18.43 26.86 -5.01
CA PRO D 85 -17.98 25.74 -4.19
C PRO D 85 -18.93 24.55 -4.32
N GLY D 86 -18.40 23.35 -4.18
CA GLY D 86 -19.21 22.14 -4.26
C GLY D 86 -18.55 21.00 -5.02
N GLY D 87 -19.22 19.84 -5.00
CA GLY D 87 -18.80 18.72 -5.80
C GLY D 87 -19.90 18.27 -6.76
N PHE D 88 -19.82 17.00 -7.14
CA PHE D 88 -20.72 16.40 -8.12
C PHE D 88 -21.92 15.66 -7.51
N ASN D 89 -21.89 15.45 -6.21
CA ASN D 89 -22.92 14.64 -5.51
C ASN D 89 -24.32 15.22 -5.56
N ASN D 90 -25.31 14.37 -5.77
CA ASN D 90 -26.71 14.83 -5.67
C ASN D 90 -27.04 15.43 -4.29
N PRO D 91 -27.67 16.61 -4.27
CA PRO D 91 -27.85 17.29 -2.96
C PRO D 91 -29.28 17.29 -2.44
N GLN D 92 -30.20 16.61 -3.12
CA GLN D 92 -31.57 16.51 -2.65
C GLN D 92 -31.75 15.78 -1.31
N VAL D 93 -32.89 16.03 -0.69
CA VAL D 93 -33.20 15.52 0.62
C VAL D 93 -34.60 14.97 0.49
N TYR D 94 -34.82 13.77 1.00
CA TYR D 94 -36.19 13.21 1.05
C TYR D 94 -37.05 14.07 1.98
N THR D 95 -38.37 13.94 1.84
CA THR D 95 -39.30 14.72 2.65
C THR D 95 -39.11 14.51 4.16
N SER D 96 -38.70 13.31 4.53
CA SER D 96 -38.34 13.00 5.92
C SER D 96 -36.97 13.55 6.33
N GLY D 97 -36.26 14.16 5.40
CA GLY D 97 -35.03 14.86 5.75
C GLY D 97 -33.75 14.03 5.62
N GLN D 98 -33.87 12.77 5.24
CA GLN D 98 -32.69 11.99 4.89
C GLN D 98 -32.14 12.51 3.57
N LYS D 99 -30.83 12.62 3.49
CA LYS D 99 -30.22 12.98 2.23
C LYS D 99 -30.40 11.87 1.20
N PHE D 100 -30.63 12.24 -0.05
CA PHE D 100 -30.58 11.26 -1.16
C PHE D 100 -29.27 10.52 -1.13
N SER D 101 -28.16 11.26 -0.98
CA SER D 101 -26.85 10.71 -1.30
C SER D 101 -25.78 11.46 -0.49
N PRO D 102 -24.76 10.74 0.02
CA PRO D 102 -24.50 9.30 -0.04
C PRO D 102 -25.48 8.56 0.86
N ILE D 103 -25.60 7.25 0.66
CA ILE D 103 -26.44 6.44 1.54
C ILE D 103 -25.70 5.18 1.86
N ASP D 104 -25.60 4.84 3.16
CA ASP D 104 -24.89 3.64 3.59
C ASP D 104 -25.47 2.46 2.87
N ASP D 105 -24.61 1.49 2.55
CA ASP D 105 -25.04 0.36 1.71
C ASP D 105 -26.01 -0.56 2.49
N SER D 106 -25.74 -0.73 3.78
CA SER D 106 -26.67 -1.33 4.75
C SER D 106 -28.10 -0.88 4.55
N LEU D 107 -28.27 0.45 4.58
CA LEU D 107 -29.56 1.07 4.46
C LEU D 107 -30.15 0.78 3.08
N LEU D 108 -29.29 0.77 2.04
CA LEU D 108 -29.76 0.40 0.66
C LEU D 108 -30.24 -0.99 0.64
N GLN D 109 -29.49 -1.88 1.30
CA GLN D 109 -29.92 -3.25 1.36
C GLN D 109 -31.35 -3.36 1.85
N GLU D 110 -31.71 -2.57 2.87
CA GLU D 110 -33.05 -2.63 3.44
C GLU D 110 -34.01 -2.00 2.47
N ARG D 111 -33.57 -0.93 1.85
CA ARG D 111 -34.45 -0.18 0.97
C ARG D 111 -34.85 -0.97 -0.28
N LEU D 112 -33.92 -1.75 -0.82
CA LEU D 112 -34.13 -2.39 -2.13
C LEU D 112 -34.87 -3.69 -2.03
N GLY D 113 -35.06 -4.18 -0.80
CA GLY D 113 -35.91 -5.32 -0.59
C GLY D 113 -35.23 -6.66 -0.71
N THR D 114 -36.04 -7.69 -0.65
CA THR D 114 -35.58 -9.05 -0.29
C THR D 114 -34.99 -9.69 -1.54
N ALA D 115 -35.49 -9.23 -2.68
CA ALA D 115 -35.07 -9.73 -4.01
C ALA D 115 -34.03 -8.75 -4.63
N GLY D 116 -33.68 -7.69 -3.91
CA GLY D 116 -32.79 -6.65 -4.44
C GLY D 116 -31.39 -7.13 -4.77
N PRO D 117 -30.56 -6.26 -5.34
CA PRO D 117 -29.27 -6.66 -5.84
C PRO D 117 -28.32 -7.23 -4.80
N LYS D 118 -27.54 -8.24 -5.21
CA LYS D 118 -26.67 -8.96 -4.33
C LYS D 118 -25.29 -8.29 -4.17
N THR D 119 -24.96 -7.36 -5.06
CA THR D 119 -23.67 -6.65 -4.97
C THR D 119 -23.86 -5.20 -4.58
N ALA D 120 -22.90 -4.64 -3.89
CA ALA D 120 -22.93 -3.20 -3.55
C ALA D 120 -22.92 -2.26 -4.79
N ILE D 121 -22.10 -2.60 -5.77
CA ILE D 121 -22.15 -1.94 -7.12
C ILE D 121 -23.56 -2.04 -7.73
N GLY D 122 -24.14 -3.26 -7.65
CA GLY D 122 -25.45 -3.49 -8.26
C GLY D 122 -26.44 -2.64 -7.55
N ARG D 123 -26.29 -2.57 -6.23
CA ARG D 123 -27.25 -1.80 -5.46
C ARG D 123 -27.16 -0.36 -5.82
N CYS D 124 -25.93 0.15 -5.77
CA CYS D 124 -25.71 1.54 -5.99
C CYS D 124 -26.18 1.93 -7.39
N ALA D 125 -25.90 1.08 -8.38
CA ALA D 125 -26.35 1.40 -9.77
C ALA D 125 -27.84 1.41 -9.80
N LEU D 126 -28.46 0.44 -9.10
CA LEU D 126 -29.93 0.37 -9.14
C LEU D 126 -30.53 1.61 -8.52
N TYR D 127 -29.94 2.06 -7.40
CA TYR D 127 -30.42 3.26 -6.69
C TYR D 127 -30.34 4.51 -7.60
N ALA D 128 -29.22 4.64 -8.33
CA ALA D 128 -29.07 5.71 -9.34
C ALA D 128 -30.15 5.57 -10.40
N TYR D 129 -30.29 4.37 -10.94
CA TYR D 129 -31.29 4.09 -11.94
C TYR D 129 -32.70 4.46 -11.49
N SER D 130 -32.98 4.28 -10.21
CA SER D 130 -34.32 4.53 -9.68
C SER D 130 -34.51 5.98 -9.21
N THR D 131 -33.45 6.74 -9.14
CA THR D 131 -33.62 8.12 -8.68
C THR D 131 -34.28 8.96 -9.79
N ILE D 132 -35.33 9.69 -9.44
CA ILE D 132 -36.04 10.52 -10.43
C ILE D 132 -35.27 11.79 -10.56
N ALA D 133 -34.74 12.03 -11.77
CA ALA D 133 -33.89 13.21 -12.01
C ALA D 133 -34.74 14.45 -12.16
N VAL D 134 -34.19 15.58 -11.74
CA VAL D 134 -34.85 16.85 -11.85
C VAL D 134 -33.91 17.75 -12.65
N ASN D 135 -34.32 18.12 -13.86
CA ASN D 135 -33.53 19.02 -14.68
C ASN D 135 -33.12 20.23 -13.87
N PRO D 136 -31.80 20.48 -13.78
CA PRO D 136 -31.34 21.56 -12.92
C PRO D 136 -31.56 22.98 -13.48
N SER D 137 -31.89 23.11 -14.77
CA SER D 137 -32.32 24.44 -15.29
C SER D 137 -33.83 24.59 -15.23
N THR D 138 -34.52 23.98 -16.19
CA THR D 138 -35.97 23.80 -16.10
C THR D 138 -36.23 22.86 -14.94
N ASN D 139 -37.02 23.29 -13.96
CA ASN D 139 -37.10 22.52 -12.73
C ASN D 139 -37.94 21.24 -12.83
N TYR D 140 -38.07 20.71 -14.04
CA TYR D 140 -38.97 19.60 -14.32
C TYR D 140 -38.32 18.25 -14.11
N THR D 141 -39.12 17.29 -13.69
CA THR D 141 -38.68 15.93 -13.58
C THR D 141 -38.32 15.42 -14.99
N SER D 142 -37.44 14.45 -15.03
CA SER D 142 -36.84 14.03 -16.28
C SER D 142 -36.68 12.54 -16.25
N THR D 143 -36.45 11.95 -17.42
CA THR D 143 -36.14 10.53 -17.51
C THR D 143 -34.59 10.32 -17.53
N TYR D 144 -33.85 11.39 -17.25
CA TYR D 144 -32.41 11.34 -17.28
C TYR D 144 -31.91 10.45 -16.14
N LYS D 145 -30.89 9.65 -16.43
CA LYS D 145 -30.27 8.72 -15.46
C LYS D 145 -28.92 9.24 -15.00
N TYR D 146 -28.85 9.66 -13.74
CA TYR D 146 -27.59 9.94 -13.04
C TYR D 146 -26.66 8.73 -13.00
N PRO D 147 -25.34 8.97 -12.98
CA PRO D 147 -24.36 7.95 -12.67
C PRO D 147 -24.12 7.81 -11.17
N PHE D 148 -23.23 6.90 -10.80
CA PHE D 148 -23.06 6.56 -9.37
C PHE D 148 -21.61 6.39 -9.06
N VAL D 149 -21.27 6.61 -7.80
CA VAL D 149 -19.99 6.20 -7.27
C VAL D 149 -20.18 5.49 -5.96
N TYR D 150 -19.56 4.33 -5.86
CA TYR D 150 -19.64 3.54 -4.70
C TYR D 150 -18.25 3.56 -4.07
N ASP D 151 -18.20 3.82 -2.75
CA ASP D 151 -16.96 3.75 -1.98
C ASP D 151 -16.92 2.47 -1.15
N ALA D 152 -16.05 1.55 -1.48
CA ALA D 152 -16.03 0.24 -0.83
C ALA D 152 -15.44 0.29 0.57
N VAL D 153 -14.76 1.38 0.90
CA VAL D 153 -14.20 1.55 2.24
C VAL D 153 -15.26 2.06 3.21
N SER D 154 -15.96 3.15 2.87
CA SER D 154 -16.97 3.61 3.80
C SER D 154 -18.27 2.85 3.67
N ARG D 155 -18.35 1.94 2.68
CA ARG D 155 -19.62 1.32 2.21
C ARG D 155 -20.80 2.28 1.97
N LYS D 156 -20.50 3.36 1.29
CA LYS D 156 -21.52 4.29 0.90
C LYS D 156 -21.68 4.30 -0.60
N CYS D 157 -22.91 4.55 -1.04
CA CYS D 157 -23.26 4.70 -2.43
C CYS D 157 -23.55 6.16 -2.68
N TYR D 158 -22.92 6.76 -3.71
CA TYR D 158 -23.19 8.14 -4.10
C TYR D 158 -23.94 8.16 -5.43
N VAL D 159 -24.91 9.06 -5.56
CA VAL D 159 -25.58 9.26 -6.84
C VAL D 159 -25.20 10.65 -7.26
N LEU D 160 -24.57 10.82 -8.42
CA LEU D 160 -24.05 12.14 -8.83
C LEU D 160 -25.06 12.93 -9.64
N SER D 161 -25.42 14.10 -9.18
CA SER D 161 -26.32 14.88 -10.01
C SER D 161 -25.59 15.62 -11.14
N VAL D 162 -24.24 15.62 -11.08
CA VAL D 162 -23.40 16.17 -12.19
C VAL D 162 -22.75 15.03 -13.00
N SER D 163 -23.16 14.87 -14.28
CA SER D 163 -22.61 13.79 -15.13
C SER D 163 -21.38 14.17 -15.94
N ALA D 164 -21.08 15.48 -16.03
CA ALA D 164 -19.87 15.92 -16.70
C ALA D 164 -18.73 15.21 -16.08
N GLN D 165 -17.72 14.91 -16.90
CA GLN D 165 -16.51 14.30 -16.42
C GLN D 165 -15.21 15.00 -16.78
N LEU D 166 -15.27 15.90 -17.78
CA LEU D 166 -14.04 16.56 -18.24
C LEU D 166 -14.32 17.98 -18.65
N LEU D 167 -13.73 18.93 -17.92
CA LEU D 167 -13.84 20.33 -18.27
C LEU D 167 -12.47 20.97 -18.26
N LYS D 168 -12.15 21.69 -19.32
CA LYS D 168 -10.83 22.29 -19.43
C LYS D 168 -10.79 23.47 -20.40
N GLY D 169 -9.72 24.26 -20.29
CA GLY D 169 -9.55 25.44 -21.15
C GLY D 169 -9.86 26.74 -20.43
N GLU D 170 -8.87 27.67 -20.45
CA GLU D 170 -8.98 28.97 -19.76
C GLU D 170 -10.22 29.76 -20.21
N LYS D 171 -10.69 29.48 -21.42
CA LYS D 171 -11.95 30.05 -21.86
C LYS D 171 -13.13 29.61 -20.99
N TYR D 172 -13.05 28.42 -20.38
CA TYR D 172 -14.24 27.77 -19.74
C TYR D 172 -14.20 27.57 -18.23
N CYS D 173 -13.01 27.36 -17.69
CA CYS D 173 -12.88 26.96 -16.30
C CYS D 173 -11.52 27.34 -15.76
N SER D 174 -11.46 27.56 -14.45
CA SER D 174 -10.22 27.90 -13.81
C SER D 174 -9.52 26.67 -13.25
N VAL D 175 -8.19 26.77 -13.23
CA VAL D 175 -7.34 25.86 -12.50
C VAL D 175 -6.74 26.62 -11.33
N ASN D 176 -6.81 26.04 -10.14
CA ASN D 176 -6.32 26.72 -8.95
C ASN D 176 -6.54 28.25 -8.99
N GLY D 177 -7.74 28.66 -9.43
CA GLY D 177 -8.17 30.06 -9.34
C GLY D 177 -7.70 30.96 -10.49
N THR D 178 -7.02 30.37 -11.48
CA THR D 178 -6.53 31.14 -12.59
C THR D 178 -7.07 30.52 -13.89
N PRO D 179 -7.82 31.30 -14.71
CA PRO D 179 -8.26 32.70 -14.59
C PRO D 179 -9.27 32.90 -13.48
N SER D 180 -9.22 34.05 -12.82
CA SER D 180 -10.21 34.37 -11.80
C SER D 180 -11.59 34.68 -12.43
N GLY D 181 -12.63 34.57 -11.63
CA GLY D 181 -13.93 34.99 -12.09
C GLY D 181 -14.73 33.94 -12.85
N LEU D 182 -14.14 32.77 -13.09
CA LEU D 182 -14.88 31.72 -13.78
C LEU D 182 -15.84 30.95 -12.84
N THR D 183 -17.08 30.77 -13.26
CA THR D 183 -18.04 29.99 -12.47
C THR D 183 -17.55 28.59 -12.06
N TRP D 184 -16.93 27.87 -12.99
CA TRP D 184 -16.48 26.47 -12.74
C TRP D 184 -14.98 26.33 -12.67
N ALA D 185 -14.50 25.60 -11.66
CA ALA D 185 -13.16 25.09 -11.69
C ALA D 185 -13.09 23.94 -12.65
N CYS D 186 -11.92 23.70 -13.24
CA CYS D 186 -11.73 22.63 -14.22
C CYS D 186 -11.65 21.26 -13.46
N PHE D 187 -11.80 20.17 -14.20
CA PHE D 187 -11.71 18.86 -13.64
C PHE D 187 -11.55 17.80 -14.73
N GLU D 188 -11.03 16.66 -14.35
CA GLU D 188 -10.83 15.59 -15.31
C GLU D 188 -10.75 14.27 -14.58
N PRO D 189 -11.03 13.18 -15.28
CA PRO D 189 -10.99 11.83 -14.74
C PRO D 189 -9.58 11.32 -14.49
N VAL D 190 -9.43 10.44 -13.49
CA VAL D 190 -8.13 9.93 -13.09
C VAL D 190 -8.35 8.66 -12.27
N LYS D 191 -7.52 7.63 -12.49
CA LYS D 191 -7.46 6.44 -11.60
C LYS D 191 -6.74 6.81 -10.33
N GLU D 192 -7.38 6.55 -9.19
CA GLU D 192 -6.69 6.72 -7.91
C GLU D 192 -6.65 5.44 -7.06
N LYS D 193 -5.59 5.32 -6.29
CA LYS D 193 -5.46 4.23 -5.38
C LYS D 193 -5.01 4.75 -4.02
N SER D 194 -5.91 4.67 -3.06
CA SER D 194 -5.78 5.39 -1.77
C SER D 194 -6.28 4.37 -0.74
N SER D 195 -5.65 4.25 0.42
CA SER D 195 -6.23 3.39 1.46
C SER D 195 -7.49 4.04 2.04
N ALA D 196 -7.60 5.36 1.90
CA ALA D 196 -8.71 6.12 2.48
C ALA D 196 -10.11 5.84 1.88
N ARG D 197 -10.19 5.60 0.58
CA ARG D 197 -11.43 5.25 -0.09
C ARG D 197 -11.09 4.38 -1.26
N ALA D 198 -12.06 3.57 -1.70
CA ALA D 198 -11.85 2.72 -2.88
C ALA D 198 -13.03 2.94 -3.85
N LEU D 199 -12.94 3.98 -4.69
CA LEU D 199 -14.05 4.36 -5.59
C LEU D 199 -14.29 3.43 -6.77
N VAL D 200 -15.56 3.23 -7.06
CA VAL D 200 -16.05 2.66 -8.34
C VAL D 200 -17.01 3.66 -9.01
N TYR D 201 -16.69 4.12 -10.24
CA TYR D 201 -17.61 5.03 -11.01
C TYR D 201 -18.39 4.21 -12.08
N GLY D 202 -19.66 4.50 -12.24
CA GLY D 202 -20.48 3.67 -13.15
C GLY D 202 -21.71 4.39 -13.59
N SER D 203 -22.25 3.95 -14.70
CA SER D 203 -23.48 4.49 -15.14
C SER D 203 -24.65 3.74 -14.48
N ALA D 204 -25.82 4.38 -14.43
CA ALA D 204 -27.04 3.79 -13.86
C ALA D 204 -27.44 2.52 -14.62
N PHE D 205 -26.88 2.36 -15.83
CA PHE D 205 -27.30 1.28 -16.71
C PHE D 205 -26.53 -0.01 -16.42
N VAL D 206 -25.56 0.06 -15.52
CA VAL D 206 -25.11 -1.13 -14.77
C VAL D 206 -26.28 -1.89 -14.14
N ALA D 207 -27.36 -1.16 -13.84
CA ALA D 207 -28.51 -1.78 -13.13
C ALA D 207 -29.47 -2.50 -14.06
N GLU D 208 -29.44 -2.12 -15.33
CA GLU D 208 -30.24 -2.78 -16.37
C GLU D 208 -30.04 -4.29 -16.35
N GLY D 209 -31.13 -5.02 -16.54
CA GLY D 209 -31.07 -6.48 -16.51
C GLY D 209 -30.81 -6.94 -15.09
N ASN D 210 -29.92 -7.93 -14.95
CA ASN D 210 -29.29 -8.25 -13.69
C ASN D 210 -28.26 -7.21 -13.27
N PRO D 211 -28.57 -6.41 -12.22
CA PRO D 211 -27.66 -5.38 -11.77
C PRO D 211 -26.33 -5.96 -11.29
N ASP D 212 -26.28 -7.26 -11.08
CA ASP D 212 -25.08 -7.92 -10.56
C ASP D 212 -24.16 -8.56 -11.62
N ALA D 213 -24.65 -8.61 -12.85
CA ALA D 213 -23.93 -9.24 -13.97
C ALA D 213 -22.45 -8.76 -14.15
N TRP D 214 -22.15 -7.54 -13.82
CA TRP D 214 -20.75 -7.05 -13.97
C TRP D 214 -19.79 -8.01 -13.32
N GLN D 215 -20.18 -8.59 -12.18
CA GLN D 215 -19.22 -9.38 -11.46
C GLN D 215 -18.69 -10.58 -12.28
N SER D 216 -19.50 -11.12 -13.18
CA SER D 216 -18.92 -12.13 -14.07
C SER D 216 -18.79 -11.73 -15.54
N ALA D 217 -19.25 -10.54 -15.89
CA ALA D 217 -19.26 -10.14 -17.30
C ALA D 217 -18.05 -9.26 -17.66
N CYS D 218 -17.50 -8.56 -16.70
CA CYS D 218 -16.67 -7.38 -16.93
C CYS D 218 -15.26 -7.63 -16.51
N PRO D 219 -14.30 -6.89 -17.12
CA PRO D 219 -12.90 -7.10 -16.75
C PRO D 219 -12.53 -6.32 -15.51
N ASN D 220 -13.06 -6.74 -14.37
CA ASN D 220 -12.96 -5.94 -13.13
C ASN D 220 -11.58 -5.90 -12.50
N ASP D 221 -10.78 -6.93 -12.72
CA ASP D 221 -9.48 -6.97 -12.07
C ASP D 221 -8.33 -7.11 -13.05
N ALA D 222 -7.15 -6.60 -12.68
CA ALA D 222 -5.92 -6.96 -13.39
C ALA D 222 -5.80 -8.47 -13.33
N VAL D 223 -4.98 -9.01 -14.23
CA VAL D 223 -4.70 -10.43 -14.23
C VAL D 223 -3.21 -10.62 -14.02
N LYS D 224 -2.84 -11.27 -12.93
CA LYS D 224 -1.43 -11.45 -12.66
C LYS D 224 -0.86 -12.62 -13.43
N ASP D 225 0.42 -12.50 -13.77
CA ASP D 225 1.21 -13.61 -14.28
C ASP D 225 0.70 -14.03 -15.65
N ALA D 226 0.28 -13.07 -16.45
CA ALA D 226 -0.19 -13.35 -17.75
C ALA D 226 -0.20 -12.10 -18.59
N LEU D 227 -0.29 -12.29 -19.90
CA LEU D 227 -0.35 -11.17 -20.81
C LEU D 227 -1.46 -11.37 -21.76
N PHE D 228 -2.09 -10.27 -22.17
CA PHE D 228 -3.11 -10.34 -23.22
C PHE D 228 -2.37 -10.64 -24.48
N GLY D 229 -2.97 -11.38 -25.37
CA GLY D 229 -2.38 -11.53 -26.66
C GLY D 229 -3.36 -11.92 -27.73
N LYS D 230 -2.79 -12.36 -28.84
CA LYS D 230 -3.57 -12.79 -29.97
C LYS D 230 -3.05 -14.16 -30.37
N TRP D 231 -3.95 -15.04 -30.75
CA TRP D 231 -3.59 -16.40 -31.11
C TRP D 231 -3.05 -16.50 -32.52
N GLU D 232 -1.83 -17.04 -32.68
CA GLU D 232 -1.22 -17.16 -33.99
C GLU D 232 -0.31 -18.37 -34.02
N ASP D 233 -0.48 -19.21 -35.02
CA ASP D 233 0.42 -20.32 -35.23
C ASP D 233 0.51 -21.15 -33.97
N GLY D 234 -0.64 -21.51 -33.40
CA GLY D 234 -0.72 -22.54 -32.40
C GLY D 234 -0.17 -22.07 -31.06
N GLN D 235 -0.34 -20.76 -30.80
CA GLN D 235 0.34 -20.14 -29.70
C GLN D 235 -0.33 -18.79 -29.36
N CYS D 236 -0.25 -18.38 -28.11
CA CYS D 236 -0.65 -17.01 -27.76
C CYS D 236 0.55 -16.08 -27.81
N VAL D 237 0.46 -15.06 -28.65
CA VAL D 237 1.55 -14.14 -28.78
C VAL D 237 1.15 -12.82 -28.12
N PRO D 238 1.90 -12.41 -27.08
CA PRO D 238 1.47 -11.22 -26.33
C PRO D 238 1.55 -10.00 -27.21
N PHE D 239 0.68 -9.05 -26.96
CA PHE D 239 0.90 -7.70 -27.39
C PHE D 239 2.17 -7.10 -26.75
N ASP D 240 3.01 -6.51 -27.60
CA ASP D 240 4.26 -5.91 -27.14
C ASP D 240 4.61 -4.68 -27.99
N THR D 241 5.84 -4.21 -27.85
CA THR D 241 6.27 -2.95 -28.48
C THR D 241 5.88 -2.86 -29.96
N LYS D 242 6.05 -3.96 -30.69
CA LYS D 242 5.63 -3.99 -32.10
C LYS D 242 4.15 -3.72 -32.33
N THR D 243 3.30 -4.25 -31.45
CA THR D 243 1.88 -4.34 -31.77
C THR D 243 1.03 -3.43 -30.93
N SER D 244 1.62 -2.37 -30.41
CA SER D 244 0.99 -1.55 -29.37
C SER D 244 1.06 -0.12 -29.77
N VAL D 245 0.07 0.68 -29.35
CA VAL D 245 0.05 2.11 -29.68
C VAL D 245 1.07 2.92 -28.90
N GLN D 246 1.52 2.40 -27.76
CA GLN D 246 2.60 3.05 -27.00
C GLN D 246 3.20 2.09 -26.00
N SER D 247 4.46 2.27 -25.69
CA SER D 247 5.13 1.27 -24.92
C SER D 247 6.37 1.81 -24.28
N ASP D 248 6.18 2.82 -23.46
CA ASP D 248 7.26 3.33 -22.65
C ASP D 248 7.47 2.52 -21.39
N GLN D 249 8.63 2.73 -20.78
CA GLN D 249 9.00 2.15 -19.53
C GLN D 249 8.04 2.60 -18.44
N ALA D 250 7.74 1.72 -17.50
CA ALA D 250 6.96 2.15 -16.35
C ALA D 250 7.70 1.81 -15.06
N THR D 251 7.71 2.75 -14.14
CA THR D 251 8.42 2.53 -12.88
C THR D 251 7.89 1.29 -12.18
N ASN D 252 6.57 1.12 -12.13
CA ASN D 252 5.96 -0.06 -11.51
C ASN D 252 4.57 -0.40 -12.04
N LYS D 253 4.09 -1.59 -11.72
CA LYS D 253 2.80 -2.09 -12.24
C LYS D 253 1.72 -1.02 -12.11
N GLU D 254 1.63 -0.41 -10.93
CA GLU D 254 0.60 0.52 -10.61
C GLU D 254 0.54 1.68 -11.60
N GLU D 255 1.72 2.16 -12.00
CA GLU D 255 1.88 3.32 -12.87
C GLU D 255 1.31 3.03 -14.28
N CYS D 256 1.52 1.80 -14.75
CA CYS D 256 0.91 1.28 -15.97
C CYS D 256 -0.60 1.24 -15.87
N TRP D 257 -1.09 0.73 -14.74
CA TRP D 257 -2.52 0.68 -14.46
C TRP D 257 -3.13 2.08 -14.59
N LYS D 258 -2.47 3.10 -14.04
CA LYS D 258 -3.04 4.43 -14.13
C LYS D 258 -2.99 4.97 -15.56
N ARG D 259 -1.98 4.52 -16.30
CA ARG D 259 -1.56 5.13 -17.54
C ARG D 259 -2.45 4.68 -18.67
N VAL D 260 -2.81 3.42 -18.63
CA VAL D 260 -3.81 2.91 -19.52
C VAL D 260 -5.13 3.63 -19.46
N PHE D 261 -5.55 4.05 -18.26
CA PHE D 261 -6.83 4.73 -18.17
C PHE D 261 -6.72 6.11 -18.80
N ALA D 262 -5.58 6.75 -18.58
CA ALA D 262 -5.36 8.14 -18.97
C ALA D 262 -4.87 8.32 -20.42
N ASN D 263 -4.39 7.26 -21.07
CA ASN D 263 -3.78 7.39 -22.40
C ASN D 263 -4.68 8.05 -23.46
N PRO D 264 -4.11 8.96 -24.26
CA PRO D 264 -4.95 9.78 -25.11
C PRO D 264 -5.74 8.97 -26.18
N LEU D 265 -5.55 7.66 -26.25
CA LEU D 265 -6.25 6.84 -27.26
C LEU D 265 -7.33 5.93 -26.61
N VAL D 266 -7.50 6.07 -25.30
CA VAL D 266 -8.44 5.25 -24.57
C VAL D 266 -9.86 5.58 -25.06
N ALA D 267 -10.76 4.62 -24.99
CA ALA D 267 -12.14 4.89 -25.29
C ALA D 267 -12.61 6.07 -24.51
N SER D 268 -13.15 7.06 -25.21
CA SER D 268 -13.61 8.22 -24.58
C SER D 268 -14.67 8.90 -25.45
N ASP D 269 -15.60 9.58 -24.79
CA ASP D 269 -16.70 10.22 -25.44
C ASP D 269 -16.67 11.72 -25.34
N ALA D 270 -15.55 12.27 -24.87
CA ALA D 270 -15.45 13.72 -24.80
C ALA D 270 -15.30 14.27 -26.23
N PRO D 271 -15.85 15.45 -26.48
CA PRO D 271 -15.74 16.02 -27.82
C PRO D 271 -14.30 16.45 -28.14
N THR D 272 -13.91 16.23 -29.39
CA THR D 272 -12.52 16.38 -29.80
C THR D 272 -12.23 17.84 -30.05
N THR D 273 -13.28 18.66 -30.05
CA THR D 273 -13.18 20.01 -30.51
C THR D 273 -14.26 20.89 -29.88
N TYR D 274 -14.52 22.03 -30.50
CA TYR D 274 -15.61 22.92 -30.03
C TYR D 274 -15.92 23.98 -31.06
N ALA D 277 -17.78 28.07 -27.53
CA ALA D 277 -18.70 29.21 -27.47
C ALA D 277 -18.82 29.79 -26.04
N ALA D 278 -20.04 29.79 -25.49
CA ALA D 278 -20.32 30.49 -24.24
C ALA D 278 -19.80 29.74 -23.00
N GLN D 279 -19.69 30.46 -21.88
CA GLN D 279 -19.29 29.83 -20.61
C GLN D 279 -20.46 29.05 -20.03
N LYS D 280 -20.15 27.95 -19.33
CA LYS D 280 -21.18 27.14 -18.65
C LYS D 280 -21.85 27.95 -17.53
N ASN D 281 -23.16 27.76 -17.35
CA ASN D 281 -23.83 28.22 -16.13
C ASN D 281 -23.51 27.38 -14.91
N TRP D 282 -23.79 27.92 -13.74
CA TRP D 282 -23.53 27.26 -12.50
C TRP D 282 -24.29 25.94 -12.44
N ASN D 283 -25.47 25.89 -13.06
CA ASN D 283 -26.32 24.70 -12.99
C ASN D 283 -26.34 23.89 -14.28
N ASP D 284 -25.31 24.04 -15.11
CA ASP D 284 -25.11 23.14 -16.27
C ASP D 284 -24.45 21.82 -15.82
N PHE D 285 -25.22 20.93 -15.20
CA PHE D 285 -24.67 19.68 -14.66
C PHE D 285 -24.48 18.59 -15.74
N TRP D 286 -25.24 18.71 -16.85
CA TRP D 286 -25.30 17.63 -17.85
C TRP D 286 -24.82 18.18 -19.19
N PRO D 287 -23.87 17.48 -19.82
CA PRO D 287 -23.37 17.91 -21.15
C PRO D 287 -24.50 17.80 -22.22
N VAL D 288 -24.68 18.84 -23.05
CA VAL D 288 -25.77 18.79 -24.07
C VAL D 288 -25.42 17.95 -25.27
N HIS D 289 -26.35 17.10 -25.67
CA HIS D 289 -26.21 16.25 -26.84
C HIS D 289 -26.24 17.08 -28.14
N GLU D 290 -25.07 17.23 -28.75
CA GLU D 290 -24.99 17.71 -30.13
C GLU D 290 -24.83 16.55 -31.11
N GLN D 291 -25.29 16.77 -32.34
CA GLN D 291 -25.21 15.74 -33.37
C GLN D 291 -23.78 15.36 -33.74
N SER D 292 -22.83 16.28 -33.50
CA SER D 292 -21.41 15.96 -33.60
C SER D 292 -20.82 15.15 -32.41
N SER D 293 -21.64 14.88 -31.38
CA SER D 293 -21.12 14.30 -30.12
C SER D 293 -20.64 12.89 -30.35
N PRO D 294 -19.33 12.68 -30.15
CA PRO D 294 -18.69 11.41 -30.45
C PRO D 294 -19.15 10.28 -29.53
N LYS D 295 -19.20 9.08 -30.05
CA LYS D 295 -19.45 7.93 -29.25
C LYS D 295 -18.43 6.91 -29.60
N SER D 296 -17.49 6.71 -28.69
CA SER D 296 -16.52 5.70 -28.90
C SER D 296 -17.23 4.32 -29.08
N GLY D 297 -18.41 4.14 -28.49
CA GLY D 297 -18.88 2.74 -28.23
C GLY D 297 -17.80 1.87 -27.52
N GLY D 298 -16.85 2.51 -26.83
CA GLY D 298 -15.83 1.72 -26.12
C GLY D 298 -14.74 1.09 -26.96
N PHE D 299 -14.65 1.45 -28.24
CA PHE D 299 -13.45 1.07 -29.05
C PHE D 299 -12.30 2.02 -28.64
N GLY D 300 -11.08 1.52 -28.58
CA GLY D 300 -9.94 2.41 -28.21
C GLY D 300 -8.80 1.65 -27.58
N ALA D 301 -7.74 2.35 -27.18
CA ALA D 301 -6.57 1.69 -26.58
C ALA D 301 -6.84 1.47 -25.10
N ASN D 302 -7.46 0.34 -24.78
CA ASN D 302 -8.12 0.12 -23.52
C ASN D 302 -7.38 -0.89 -22.66
N TRP D 303 -6.45 -1.64 -23.29
CA TRP D 303 -5.70 -2.72 -22.65
C TRP D 303 -4.22 -2.36 -22.52
N ALA D 304 -3.56 -2.93 -21.49
CA ALA D 304 -2.15 -2.71 -21.22
C ALA D 304 -1.49 -3.98 -20.69
N ASN D 305 -0.30 -4.26 -21.21
CA ASN D 305 0.52 -5.37 -20.76
C ASN D 305 1.73 -4.82 -20.03
N PHE D 306 1.97 -5.37 -18.84
CA PHE D 306 3.10 -4.96 -18.06
C PHE D 306 4.00 -6.18 -17.87
N TYR D 307 5.18 -6.14 -18.48
CA TYR D 307 6.13 -7.19 -18.35
C TYR D 307 7.52 -6.59 -18.28
N LEU D 308 8.48 -7.40 -17.87
CA LEU D 308 9.90 -7.11 -17.97
C LEU D 308 10.41 -7.46 -19.35
N GLU D 309 11.01 -6.48 -20.02
CA GLU D 309 11.58 -6.68 -21.36
C GLU D 309 12.86 -7.46 -21.29
N LYS D 310 12.90 -8.58 -22.01
CA LYS D 310 14.09 -9.42 -22.03
C LYS D 310 15.28 -8.60 -22.48
N GLU D 311 15.09 -7.83 -23.55
CA GLU D 311 16.20 -7.13 -24.19
C GLU D 311 16.80 -6.05 -23.30
N SER D 312 15.94 -5.28 -22.63
CA SER D 312 16.36 -4.04 -21.96
C SER D 312 16.63 -4.14 -20.43
N GLY D 313 16.05 -5.16 -19.79
CA GLY D 313 15.99 -5.20 -18.34
C GLY D 313 15.08 -4.13 -17.77
N GLU D 314 14.19 -3.60 -18.60
CA GLU D 314 13.20 -2.62 -18.13
C GLU D 314 11.80 -3.23 -18.00
N THR D 315 10.97 -2.65 -17.13
CA THR D 315 9.54 -2.99 -17.10
C THR D 315 8.80 -2.06 -18.04
N ILE D 316 7.96 -2.64 -18.89
CA ILE D 316 7.37 -1.91 -20.01
C ILE D 316 5.85 -1.85 -19.79
N CYS D 317 5.23 -0.73 -20.14
CA CYS D 317 3.81 -0.67 -20.21
C CYS D 317 3.34 -0.59 -21.65
N ALA D 318 2.94 -1.73 -22.20
CA ALA D 318 2.49 -1.78 -23.58
C ALA D 318 1.00 -1.68 -23.64
N ILE D 319 0.55 -0.54 -24.09
CA ILE D 319 -0.85 -0.26 -24.21
C ILE D 319 -1.27 -0.50 -25.66
N PHE D 320 -2.29 -1.32 -25.88
CA PHE D 320 -2.76 -1.56 -27.26
C PHE D 320 -4.28 -1.35 -27.41
N ASP D 321 -4.78 -1.56 -28.62
CA ASP D 321 -6.14 -1.19 -28.95
C ASP D 321 -6.85 -2.25 -29.75
N GLN D 322 -6.37 -3.49 -29.70
CA GLN D 322 -7.11 -4.63 -30.26
C GLN D 322 -7.75 -5.42 -29.12
N VAL D 323 -8.94 -6.00 -29.35
CA VAL D 323 -9.51 -6.95 -28.43
C VAL D 323 -8.57 -8.15 -28.35
N PRO D 324 -8.06 -8.47 -27.15
CA PRO D 324 -7.28 -9.71 -27.02
C PRO D 324 -8.19 -10.92 -27.15
N ASP D 325 -7.72 -11.99 -27.78
CA ASP D 325 -8.48 -13.22 -27.79
C ASP D 325 -7.78 -14.39 -27.05
N CYS D 326 -6.65 -14.11 -26.38
CA CYS D 326 -5.98 -15.14 -25.54
C CYS D 326 -5.15 -14.51 -24.41
N PHE D 327 -4.63 -15.36 -23.52
CA PHE D 327 -3.62 -14.97 -22.51
C PHE D 327 -2.39 -15.84 -22.59
N ALA D 328 -1.23 -15.21 -22.45
CA ALA D 328 0.04 -15.93 -22.33
C ALA D 328 0.46 -15.90 -20.82
N PRO D 329 0.68 -17.06 -20.22
CA PRO D 329 1.03 -17.09 -18.79
C PRO D 329 2.51 -16.82 -18.67
N ILE D 330 2.83 -15.62 -18.21
CA ILE D 330 4.21 -15.17 -17.98
C ILE D 330 4.32 -14.82 -16.51
N THR D 331 5.18 -15.50 -15.79
CA THR D 331 5.32 -15.23 -14.36
C THR D 331 5.87 -13.81 -14.20
N GLY D 332 5.21 -13.00 -13.37
CA GLY D 332 5.67 -11.63 -13.13
C GLY D 332 4.96 -10.53 -13.90
N ALA D 333 4.43 -10.84 -15.08
CA ALA D 333 3.59 -9.88 -15.83
C ALA D 333 2.21 -9.62 -15.24
N VAL D 334 1.56 -8.56 -15.75
CA VAL D 334 0.24 -8.20 -15.31
C VAL D 334 -0.55 -7.62 -16.47
N ALA D 335 -1.80 -8.02 -16.61
CA ALA D 335 -2.60 -7.50 -17.69
C ALA D 335 -3.72 -6.61 -17.20
N TYR D 336 -3.65 -5.32 -17.55
CA TYR D 336 -4.54 -4.30 -17.02
C TYR D 336 -5.50 -3.85 -18.09
N THR D 337 -6.62 -3.26 -17.69
CA THR D 337 -7.45 -2.55 -18.65
C THR D 337 -7.78 -1.25 -17.99
N ALA D 338 -8.42 -0.37 -18.75
CA ALA D 338 -8.81 0.95 -18.28
C ALA D 338 -10.03 0.91 -17.38
N LEU D 339 -10.83 -0.14 -17.49
CA LEU D 339 -12.03 -0.36 -16.62
C LEU D 339 -11.62 -0.91 -15.24
N GLY D 340 -10.68 -1.82 -15.25
CA GLY D 340 -10.50 -2.69 -14.12
C GLY D 340 -9.79 -2.05 -12.96
N SER D 341 -9.73 -2.82 -11.88
CA SER D 341 -8.98 -2.46 -10.70
C SER D 341 -7.51 -2.77 -10.87
N SER D 342 -6.69 -2.27 -9.95
CA SER D 342 -5.33 -2.83 -9.81
C SER D 342 -5.22 -4.09 -9.01
N THR D 343 -6.30 -4.53 -8.37
CA THR D 343 -6.22 -5.78 -7.64
C THR D 343 -6.14 -6.87 -8.69
N GLU D 344 -5.49 -7.96 -8.34
CA GLU D 344 -5.09 -8.97 -9.29
C GLU D 344 -5.77 -10.31 -9.06
N VAL D 345 -6.25 -10.93 -10.15
CA VAL D 345 -6.75 -12.27 -10.09
C VAL D 345 -5.94 -13.23 -10.91
N ASN D 346 -6.11 -14.51 -10.62
CA ASN D 346 -5.52 -15.52 -11.45
C ASN D 346 -6.27 -15.85 -12.74
N LEU D 347 -5.55 -16.38 -13.70
CA LEU D 347 -6.14 -17.08 -14.82
C LEU D 347 -6.98 -18.22 -14.28
N PRO D 348 -8.10 -18.52 -14.93
CA PRO D 348 -8.86 -19.70 -14.48
C PRO D 348 -7.93 -20.89 -14.40
N GLN D 349 -8.18 -21.77 -13.45
CA GLN D 349 -7.49 -23.03 -13.50
C GLN D 349 -7.83 -23.88 -14.71
N CYS D 350 -7.25 -25.05 -14.69
CA CYS D 350 -6.83 -25.72 -15.87
C CYS D 350 -6.69 -27.14 -15.30
N ASP D 351 -7.21 -28.15 -15.98
CA ASP D 351 -7.15 -29.51 -15.44
C ASP D 351 -5.99 -30.35 -16.02
N SER D 352 -4.96 -30.61 -15.22
CA SER D 352 -3.74 -31.28 -15.71
C SER D 352 -4.03 -32.70 -16.16
N ALA D 353 -5.05 -33.30 -15.56
CA ALA D 353 -5.43 -34.67 -15.90
C ALA D 353 -5.90 -34.80 -17.36
N SER D 354 -6.54 -33.76 -17.89
CA SER D 354 -7.27 -33.91 -19.15
C SER D 354 -6.88 -32.90 -20.25
N PHE D 355 -6.17 -31.84 -19.86
CA PHE D 355 -5.82 -30.77 -20.80
C PHE D 355 -4.86 -31.30 -21.87
N ILE D 356 -5.28 -31.29 -23.12
CA ILE D 356 -4.39 -31.72 -24.22
C ILE D 356 -3.42 -30.63 -24.65
N PRO D 357 -2.12 -30.94 -24.66
CA PRO D 357 -1.13 -29.91 -24.96
C PRO D 357 -1.16 -29.40 -26.38
N ILE D 358 -0.97 -28.10 -26.52
CA ILE D 358 -0.97 -27.48 -27.83
C ILE D 358 0.44 -27.13 -28.25
N GLU D 359 0.89 -27.74 -29.35
CA GLU D 359 2.24 -27.59 -29.79
C GLU D 359 2.28 -26.68 -30.99
N GLY D 360 3.18 -25.70 -30.94
CA GLY D 360 3.39 -24.81 -32.06
C GLY D 360 4.20 -25.47 -33.16
N PRO D 361 4.22 -24.84 -34.33
CA PRO D 361 5.12 -25.24 -35.40
C PRO D 361 6.57 -25.17 -34.94
N CYS D 362 7.40 -26.09 -35.44
CA CYS D 362 8.83 -26.10 -35.12
C CYS D 362 9.59 -25.12 -36.00
N ASN D 363 9.92 -23.95 -35.45
CA ASN D 363 10.76 -22.95 -36.11
C ASN D 363 12.18 -23.00 -35.56
N ASN D 364 13.16 -23.04 -36.48
CA ASN D 364 14.56 -23.09 -36.09
C ASN D 364 14.80 -23.91 -34.82
N CYS D 365 14.11 -25.04 -34.73
CA CYS D 365 14.35 -26.04 -33.69
C CYS D 365 13.76 -25.70 -32.33
N VAL D 366 12.94 -24.65 -32.28
CA VAL D 366 12.19 -24.33 -31.08
C VAL D 366 10.69 -24.32 -31.36
N GLN D 367 9.93 -25.02 -30.54
CA GLN D 367 8.48 -24.91 -30.56
C GLN D 367 7.87 -24.46 -29.24
N VAL D 368 6.94 -23.52 -29.34
CA VAL D 368 6.19 -23.05 -28.20
C VAL D 368 5.06 -24.01 -27.85
N VAL D 369 5.03 -24.44 -26.59
CA VAL D 369 4.06 -25.46 -26.14
C VAL D 369 3.13 -24.89 -25.05
N THR D 370 1.83 -25.13 -25.20
CA THR D 370 0.84 -24.70 -24.21
C THR D 370 0.24 -25.89 -23.49
N GLU D 371 0.38 -25.90 -22.17
CA GLU D 371 -0.14 -27.01 -21.38
C GLU D 371 -0.57 -26.61 -19.98
N CYS D 372 -1.05 -27.62 -19.25
CA CYS D 372 -1.44 -27.50 -17.86
C CYS D 372 -0.42 -28.16 -16.99
N VAL D 373 0.20 -27.40 -16.12
CA VAL D 373 1.14 -27.95 -15.16
C VAL D 373 0.68 -27.51 -13.79
N GLY D 374 0.48 -28.46 -12.89
CA GLY D 374 -0.06 -28.14 -11.56
C GLY D 374 -1.39 -27.43 -11.62
N ASN D 375 -2.19 -27.73 -12.64
CA ASN D 375 -3.50 -27.07 -12.88
C ASN D 375 -3.43 -25.56 -13.15
N GLN D 376 -2.33 -25.11 -13.77
CA GLN D 376 -2.17 -23.72 -14.15
C GLN D 376 -1.65 -23.71 -15.56
N PHE D 377 -2.22 -22.86 -16.41
CA PHE D 377 -1.71 -22.71 -17.75
C PHE D 377 -0.23 -22.50 -17.71
N ASP D 378 0.46 -23.00 -18.74
CA ASP D 378 1.90 -22.91 -18.88
C ASP D 378 2.29 -22.79 -20.35
N GLN D 379 3.14 -21.84 -20.65
CA GLN D 379 3.56 -21.61 -22.00
C GLN D 379 5.08 -21.61 -22.00
N THR D 380 5.67 -22.59 -22.67
CA THR D 380 7.14 -22.64 -22.72
C THR D 380 7.69 -22.93 -24.10
N SER D 381 9.00 -22.96 -24.18
CA SER D 381 9.69 -23.24 -25.40
C SER D 381 10.36 -24.59 -25.33
N LYS D 382 10.30 -25.32 -26.43
CA LYS D 382 10.67 -26.69 -26.43
C LYS D 382 11.58 -26.97 -27.61
N ALA D 383 12.64 -27.73 -27.37
CA ALA D 383 13.54 -28.14 -28.43
C ALA D 383 12.86 -29.21 -29.29
N CYS D 384 12.84 -29.00 -30.59
CA CYS D 384 12.14 -29.92 -31.48
C CYS D 384 13.00 -30.49 -32.62
N CYS D 385 14.32 -30.41 -32.45
CA CYS D 385 15.25 -31.04 -33.39
C CYS D 385 16.08 -32.15 -32.73
N THR D 386 15.69 -32.59 -31.53
CA THR D 386 16.41 -33.68 -30.85
C THR D 386 16.69 -34.87 -31.77
N GLY E 5 25.75 -42.32 22.70
CA GLY E 5 26.60 -42.21 21.49
C GLY E 5 27.74 -41.21 21.68
N GLN E 6 28.83 -41.43 20.97
CA GLN E 6 30.04 -40.67 21.24
C GLN E 6 30.52 -39.73 20.12
N ASN E 7 31.13 -38.65 20.58
CA ASN E 7 31.61 -37.58 19.73
C ASN E 7 32.36 -38.09 18.55
N PRO E 8 31.82 -37.87 17.33
CA PRO E 8 32.57 -38.28 16.15
C PRO E 8 33.85 -37.39 15.96
N TRP E 9 33.90 -36.23 16.58
CA TRP E 9 35.09 -35.34 16.45
C TRP E 9 36.27 -35.76 17.37
N ALA E 10 36.04 -36.77 18.19
CA ALA E 10 37.11 -37.37 19.05
C ALA E 10 37.26 -38.82 18.68
N THR E 11 36.10 -39.44 18.46
CA THR E 11 35.97 -40.86 18.11
C THR E 11 36.67 -41.23 16.84
N THR E 12 36.45 -40.44 15.80
CA THR E 12 36.93 -40.79 14.45
C THR E 12 38.11 -39.89 14.10
N THR E 13 39.12 -40.47 13.48
CA THR E 13 40.39 -39.77 13.24
C THR E 13 40.25 -38.63 12.24
N ALA E 14 39.52 -38.87 11.16
CA ALA E 14 39.38 -37.88 10.08
C ALA E 14 38.78 -36.52 10.54
N PHE E 15 37.90 -36.58 11.53
CA PHE E 15 37.29 -35.40 12.11
C PHE E 15 38.04 -34.87 13.34
N ALA E 16 38.69 -35.74 14.10
CA ALA E 16 39.45 -35.27 15.26
C ALA E 16 40.73 -34.54 14.81
N ASP E 17 41.25 -34.93 13.67
CA ASP E 17 42.33 -34.18 13.04
C ASP E 17 41.90 -32.74 12.69
N PHE E 18 40.67 -32.57 12.21
CA PHE E 18 40.11 -31.22 11.98
C PHE E 18 39.83 -30.50 13.30
N MET E 19 39.23 -31.18 14.25
CA MET E 19 38.88 -30.55 15.56
C MET E 19 40.13 -30.01 16.23
N LYS E 20 41.22 -30.75 16.05
CA LYS E 20 42.44 -30.55 16.79
C LYS E 20 43.06 -29.20 16.45
N ARG E 21 42.70 -28.65 15.30
CA ARG E 21 43.27 -27.36 14.88
C ARG E 21 42.82 -26.25 15.83
N PHE E 22 41.67 -26.45 16.45
CA PHE E 22 41.04 -25.35 17.19
C PHE E 22 41.37 -25.46 18.67
N ASN E 23 42.15 -26.48 19.03
CA ASN E 23 42.82 -26.52 20.38
C ASN E 23 44.02 -25.56 20.50
N ILE E 24 43.70 -24.28 20.67
CA ILE E 24 44.69 -23.22 20.54
C ILE E 24 45.84 -23.25 21.57
N PRO E 25 45.53 -23.52 22.85
CA PRO E 25 46.63 -23.57 23.80
C PRO E 25 47.67 -24.66 23.40
N GLN E 26 47.20 -25.75 22.82
CA GLN E 26 48.09 -26.82 22.45
C GLN E 26 48.81 -26.54 21.14
N VAL E 27 48.06 -26.10 20.13
CA VAL E 27 48.65 -26.00 18.81
C VAL E 27 49.41 -24.71 18.60
N HIS E 28 48.94 -23.63 19.22
CA HIS E 28 49.64 -22.36 19.13
C HIS E 28 50.51 -22.21 20.37
N GLY E 29 49.91 -22.36 21.54
CA GLY E 29 50.70 -22.38 22.77
C GLY E 29 51.27 -21.03 23.21
N SER E 30 50.78 -19.92 22.68
CA SER E 30 51.27 -18.61 23.14
C SER E 30 50.19 -17.53 22.96
N GLY E 31 50.50 -16.27 23.23
CA GLY E 31 49.45 -15.26 23.14
C GLY E 31 49.11 -14.97 21.66
N ILE E 32 47.94 -14.41 21.43
CA ILE E 32 47.48 -14.16 20.08
C ILE E 32 47.50 -12.69 19.74
N PHE E 33 46.78 -11.90 20.54
CA PHE E 33 46.79 -10.45 20.43
C PHE E 33 48.20 -9.87 20.57
N VAL E 34 48.81 -10.03 21.75
CA VAL E 34 50.24 -9.82 21.95
C VAL E 34 50.89 -11.16 22.27
N ASP E 35 51.82 -11.59 21.38
CA ASP E 35 52.56 -12.85 21.56
C ASP E 35 53.97 -12.58 21.99
N LEU E 36 54.28 -13.00 23.20
CA LEU E 36 55.60 -12.82 23.76
C LEU E 36 55.82 -14.00 24.69
N GLY E 37 55.60 -15.18 24.15
CA GLY E 37 55.49 -16.38 24.94
C GLY E 37 56.80 -16.90 25.48
N ARG E 38 57.91 -16.39 24.99
CA ARG E 38 59.23 -16.93 25.29
C ARG E 38 60.09 -15.82 25.74
N ASP E 39 61.08 -16.14 26.57
CA ASP E 39 62.15 -15.21 26.87
C ASP E 39 63.48 -15.80 26.40
N THR E 40 64.31 -14.96 25.79
CA THR E 40 65.63 -15.36 25.41
C THR E 40 66.63 -14.26 25.75
N GLU E 41 67.76 -14.64 26.33
CA GLU E 41 68.77 -13.66 26.76
C GLU E 41 68.18 -12.46 27.51
N GLY E 42 67.16 -12.70 28.33
CA GLY E 42 66.53 -11.60 29.11
C GLY E 42 65.51 -10.74 28.31
N TYR E 43 65.22 -11.14 27.08
CA TYR E 43 64.22 -10.43 26.24
C TYR E 43 62.98 -11.27 26.00
N ARG E 44 61.83 -10.60 25.82
CA ARG E 44 60.60 -11.33 25.48
C ARG E 44 60.63 -11.59 23.98
N GLU E 45 60.15 -12.77 23.59
CA GLU E 45 60.39 -13.28 22.23
C GLU E 45 59.06 -13.85 21.76
N VAL E 46 58.71 -13.58 20.50
CA VAL E 46 57.46 -14.07 19.92
C VAL E 46 57.57 -15.57 19.74
N GLY E 47 56.54 -16.31 20.15
CA GLY E 47 56.69 -17.75 20.37
C GLY E 47 55.62 -18.71 19.85
N GLY E 48 54.50 -18.20 19.35
CA GLY E 48 53.40 -19.13 18.98
C GLY E 48 53.61 -19.73 17.62
N LYS E 49 52.97 -20.87 17.39
CA LYS E 49 53.36 -21.74 16.30
C LYS E 49 52.42 -21.56 15.17
N CYS E 50 51.31 -20.86 15.43
CA CYS E 50 50.35 -20.63 14.38
C CYS E 50 50.47 -19.25 13.81
N PRO E 51 50.31 -19.12 12.48
CA PRO E 51 50.26 -17.78 11.86
C PRO E 51 48.97 -17.04 12.24
N VAL E 52 49.09 -15.73 12.45
CA VAL E 52 47.95 -14.92 12.79
C VAL E 52 47.42 -14.09 11.63
N PHE E 53 46.37 -14.58 11.00
CA PHE E 53 45.89 -14.03 9.72
C PHE E 53 45.18 -12.70 9.93
N GLY E 54 45.74 -11.62 9.39
CA GLY E 54 45.00 -10.36 9.27
C GLY E 54 45.42 -9.41 10.41
N LYS E 55 46.41 -9.85 11.21
CA LYS E 55 46.97 -9.03 12.23
C LYS E 55 48.01 -8.04 11.70
N ALA E 56 47.89 -6.81 12.15
CA ALA E 56 48.80 -5.73 11.80
C ALA E 56 49.02 -4.96 13.07
N ILE E 57 50.08 -4.18 13.09
CA ILE E 57 50.33 -3.29 14.17
C ILE E 57 49.94 -1.88 13.69
N GLN E 58 49.01 -1.22 14.41
CA GLN E 58 48.46 0.10 14.06
C GLN E 58 49.25 1.14 14.81
N MET E 59 49.92 2.03 14.12
CA MET E 59 50.76 2.99 14.81
C MET E 59 50.03 4.34 14.86
N HIS E 60 50.57 5.28 15.60
CA HIS E 60 49.89 6.54 15.80
C HIS E 60 50.92 7.62 15.74
N GLN E 61 51.80 7.53 14.74
CA GLN E 61 52.67 8.66 14.44
C GLN E 61 51.81 9.81 13.88
N PRO E 62 52.38 11.03 13.87
CA PRO E 62 51.66 12.23 13.40
C PRO E 62 51.25 12.15 11.95
N ALA E 63 50.33 13.03 11.55
CA ALA E 63 49.66 12.91 10.28
C ALA E 63 50.65 12.77 9.14
N GLU E 64 51.69 13.60 9.17
CA GLU E 64 52.61 13.69 8.06
C GLU E 64 53.55 12.47 7.96
N TYR E 65 53.55 11.61 8.98
CA TYR E 65 54.50 10.50 9.00
C TYR E 65 53.99 9.40 8.09
N SER E 66 54.89 8.51 7.68
CA SER E 66 54.49 7.34 6.93
C SER E 66 53.53 6.40 7.72
N ASN E 67 53.77 6.23 9.01
CA ASN E 67 52.81 5.54 9.90
C ASN E 67 52.47 4.11 9.45
N ASN E 68 53.45 3.42 8.88
CA ASN E 68 53.26 2.04 8.39
C ASN E 68 54.27 1.14 9.06
N PHE E 69 53.80 0.17 9.85
CA PHE E 69 54.76 -0.65 10.62
C PHE E 69 55.64 -1.57 9.73
N LEU E 70 55.28 -1.71 8.45
CA LEU E 70 56.15 -2.45 7.53
C LEU E 70 57.30 -1.62 7.00
N ASP E 71 57.40 -0.36 7.42
CA ASP E 71 58.56 0.45 7.09
C ASP E 71 59.76 -0.07 7.85
N ASP E 72 60.94 0.13 7.25
CA ASP E 72 62.20 -0.05 7.92
C ASP E 72 62.23 0.56 9.34
N ALA E 73 62.75 -0.21 10.32
CA ALA E 73 63.05 0.37 11.63
C ALA E 73 64.24 1.30 11.47
N PRO E 74 64.42 2.26 12.38
CA PRO E 74 65.57 3.19 12.31
C PRO E 74 66.89 2.48 12.48
N THR E 75 67.93 2.98 11.82
CA THR E 75 69.28 2.44 12.02
C THR E 75 70.11 3.21 13.04
N SER E 76 69.71 4.46 13.32
CA SER E 76 70.34 5.25 14.35
C SER E 76 69.34 6.26 14.86
N ASN E 77 69.72 6.99 15.90
CA ASN E 77 68.85 8.05 16.42
C ASN E 77 68.98 9.37 15.68
N ASP E 78 67.87 10.10 15.65
CA ASP E 78 67.90 11.53 15.40
C ASP E 78 67.15 12.22 16.52
N ALA E 79 67.90 12.78 17.47
CA ALA E 79 67.30 13.28 18.70
C ALA E 79 66.40 14.49 18.41
N SER E 80 66.57 15.06 17.21
CA SER E 80 65.74 16.16 16.73
C SER E 80 64.36 15.77 16.17
N LYS E 81 64.10 14.47 16.00
CA LYS E 81 62.79 14.02 15.52
C LYS E 81 62.06 13.23 16.59
N LYS E 82 60.84 13.66 16.92
CA LYS E 82 60.05 12.95 17.89
C LYS E 82 58.67 12.91 17.34
N PRO E 83 58.07 11.71 17.22
CA PRO E 83 58.71 10.38 17.36
C PRO E 83 59.70 10.12 16.24
N LEU E 84 60.59 9.17 16.43
CA LEU E 84 61.62 8.88 15.42
C LEU E 84 60.95 8.12 14.28
N PRO E 85 61.22 8.53 13.03
CA PRO E 85 60.37 7.91 12.03
C PRO E 85 60.82 6.49 11.79
N GLY E 86 59.88 5.64 11.40
CA GLY E 86 60.18 4.29 11.00
C GLY E 86 59.01 3.39 11.19
N GLY E 87 59.25 2.11 10.94
CA GLY E 87 58.33 1.04 11.34
C GLY E 87 59.10 -0.05 12.07
N PHE E 88 58.66 -1.30 11.88
CA PHE E 88 59.16 -2.44 12.64
C PHE E 88 60.06 -3.34 11.78
N ASN E 89 60.10 -3.08 10.47
CA ASN E 89 60.89 -3.90 9.53
C ASN E 89 62.37 -3.91 9.76
N ASN E 90 62.94 -5.08 9.70
CA ASN E 90 64.40 -5.19 9.88
C ASN E 90 65.15 -4.51 8.71
N PRO E 91 65.99 -3.49 9.02
CA PRO E 91 66.65 -2.67 8.02
C PRO E 91 68.09 -3.07 7.69
N GLN E 92 68.57 -4.17 8.27
CA GLN E 92 69.92 -4.66 8.00
C GLN E 92 70.15 -5.02 6.54
N VAL E 93 71.41 -4.93 6.13
CA VAL E 93 71.81 -5.36 4.83
C VAL E 93 72.82 -6.49 4.99
N TYR E 94 72.92 -7.33 3.98
CA TYR E 94 74.04 -8.27 3.91
C TYR E 94 75.39 -7.58 3.62
N THR E 95 76.51 -8.28 3.85
CA THR E 95 77.84 -7.79 3.46
C THR E 95 77.89 -7.27 2.04
N SER E 96 76.97 -7.70 1.19
CA SER E 96 76.93 -7.21 -0.17
C SER E 96 76.14 -5.92 -0.36
N GLY E 97 75.62 -5.37 0.73
CA GLY E 97 74.67 -4.26 0.65
C GLY E 97 73.23 -4.64 0.30
N GLN E 98 72.99 -5.92 0.09
CA GLN E 98 71.61 -6.40 -0.22
C GLN E 98 70.69 -6.29 1.00
N LYS E 99 69.52 -5.69 0.86
CA LYS E 99 68.59 -5.59 2.02
C LYS E 99 68.16 -6.98 2.53
N PHE E 100 68.08 -7.17 3.85
CA PHE E 100 67.45 -8.36 4.43
C PHE E 100 65.99 -8.44 4.05
N SER E 101 65.29 -7.30 4.07
CA SER E 101 63.85 -7.32 4.27
C SER E 101 63.20 -6.03 3.83
N PRO E 102 62.06 -6.13 3.13
CA PRO E 102 61.34 -7.33 2.74
C PRO E 102 62.08 -8.07 1.61
N ILE E 103 61.61 -9.26 1.25
CA ILE E 103 62.13 -9.97 0.10
C ILE E 103 60.93 -10.51 -0.62
N ASP E 104 60.87 -10.29 -1.94
CA ASP E 104 59.95 -11.04 -2.81
C ASP E 104 59.98 -12.56 -2.51
N ASP E 105 58.80 -13.15 -2.42
CA ASP E 105 58.63 -14.52 -2.17
C ASP E 105 59.23 -15.43 -3.28
N SER E 106 59.26 -14.91 -4.51
CA SER E 106 59.77 -15.67 -5.62
C SER E 106 61.30 -15.70 -5.48
N LEU E 107 61.85 -14.67 -4.85
CA LEU E 107 63.27 -14.60 -4.57
C LEU E 107 63.66 -15.52 -3.39
N LEU E 108 62.75 -15.69 -2.44
CA LEU E 108 62.95 -16.61 -1.33
C LEU E 108 62.91 -18.06 -1.85
N GLN E 109 62.08 -18.29 -2.86
CA GLN E 109 61.95 -19.61 -3.45
C GLN E 109 63.29 -20.05 -4.08
N GLU E 110 63.99 -19.10 -4.70
CA GLU E 110 65.29 -19.33 -5.31
C GLU E 110 66.31 -19.70 -4.29
N ARG E 111 66.39 -18.88 -3.24
CA ARG E 111 67.40 -19.03 -2.24
C ARG E 111 67.24 -20.20 -1.28
N LEU E 112 66.01 -20.64 -1.03
CA LEU E 112 65.80 -21.73 -0.08
C LEU E 112 66.07 -23.04 -0.73
N GLY E 113 66.11 -23.03 -2.06
CA GLY E 113 66.42 -24.21 -2.77
C GLY E 113 65.22 -25.08 -3.03
N THR E 114 65.52 -26.27 -3.55
CA THR E 114 64.60 -27.05 -4.31
C THR E 114 63.72 -27.76 -3.30
N ALA E 115 64.32 -28.00 -2.16
CA ALA E 115 63.71 -28.67 -1.04
C ALA E 115 63.22 -27.69 0.02
N GLY E 116 63.20 -26.39 -0.28
CA GLY E 116 62.67 -25.41 0.66
C GLY E 116 61.16 -25.53 0.81
N PRO E 117 60.60 -24.85 1.81
CA PRO E 117 59.20 -24.97 2.16
C PRO E 117 58.30 -24.68 0.96
N LYS E 118 57.12 -25.27 0.98
CA LYS E 118 56.19 -25.20 -0.11
C LYS E 118 55.09 -24.15 0.12
N THR E 119 54.99 -23.57 1.31
CA THR E 119 54.07 -22.44 1.47
C THR E 119 54.80 -21.13 1.59
N ALA E 120 54.19 -20.06 1.08
CA ALA E 120 54.74 -18.71 1.27
C ALA E 120 54.87 -18.43 2.77
N ILE E 121 53.93 -18.91 3.58
CA ILE E 121 54.09 -18.67 5.02
C ILE E 121 55.28 -19.39 5.65
N GLY E 122 55.55 -20.60 5.18
CA GLY E 122 56.65 -21.39 5.73
C GLY E 122 57.97 -20.83 5.20
N ARG E 123 57.98 -20.34 3.96
CA ARG E 123 59.22 -19.73 3.46
C ARG E 123 59.57 -18.52 4.27
N CYS E 124 58.57 -17.67 4.53
CA CYS E 124 58.81 -16.41 5.27
C CYS E 124 59.20 -16.65 6.73
N ALA E 125 58.62 -17.69 7.33
CA ALA E 125 58.90 -18.04 8.73
C ALA E 125 60.27 -18.63 8.84
N LEU E 126 60.63 -19.48 7.88
CA LEU E 126 62.02 -20.04 7.83
C LEU E 126 63.07 -18.92 7.66
N TYR E 127 62.84 -18.01 6.71
CA TYR E 127 63.74 -16.90 6.51
C TYR E 127 63.92 -16.10 7.81
N ALA E 128 62.85 -15.88 8.56
CA ALA E 128 62.99 -15.25 9.87
C ALA E 128 63.78 -16.15 10.83
N TYR E 129 63.33 -17.39 10.95
CA TYR E 129 63.99 -18.40 11.76
C TYR E 129 65.48 -18.44 11.56
N SER E 130 65.92 -18.41 10.31
CA SER E 130 67.35 -18.51 9.97
C SER E 130 68.10 -17.21 10.05
N THR E 131 67.40 -16.14 10.36
CA THR E 131 68.14 -14.86 10.41
C THR E 131 68.80 -14.76 11.79
N ILE E 132 70.08 -14.37 11.78
CA ILE E 132 70.85 -14.20 12.99
C ILE E 132 70.62 -12.79 13.51
N ALA E 133 69.92 -12.70 14.63
CA ALA E 133 69.56 -11.41 15.19
C ALA E 133 70.81 -10.62 15.64
N VAL E 134 70.66 -9.31 15.65
CA VAL E 134 71.67 -8.47 16.26
C VAL E 134 71.02 -7.65 17.36
N ASN E 135 71.36 -7.99 18.60
CA ASN E 135 70.98 -7.14 19.72
C ASN E 135 71.12 -5.68 19.39
N PRO E 136 70.00 -4.97 19.34
CA PRO E 136 70.02 -3.63 18.77
C PRO E 136 70.68 -2.55 19.64
N SER E 137 70.87 -2.86 20.93
CA SER E 137 71.54 -1.95 21.88
C SER E 137 73.03 -2.12 21.85
N THR E 138 73.48 -3.37 21.89
CA THR E 138 74.89 -3.68 22.04
C THR E 138 75.58 -3.96 20.72
N ASN E 139 74.82 -4.18 19.65
CA ASN E 139 75.42 -4.55 18.36
C ASN E 139 75.98 -5.96 18.29
N TYR E 140 75.71 -6.79 19.29
CA TYR E 140 76.24 -8.20 19.31
C TYR E 140 75.28 -9.18 18.69
N THR E 141 75.81 -10.24 18.05
CA THR E 141 74.91 -11.23 17.50
C THR E 141 74.19 -11.91 18.64
N SER E 142 73.15 -12.65 18.32
CA SER E 142 72.24 -13.05 19.38
C SER E 142 71.48 -14.21 18.88
N THR E 143 71.00 -15.04 19.80
CA THR E 143 70.16 -16.20 19.42
C THR E 143 68.66 -15.81 19.36
N TYR E 144 68.34 -14.58 19.71
CA TYR E 144 66.98 -14.05 19.59
C TYR E 144 66.39 -14.24 18.19
N LYS E 145 65.11 -14.63 18.14
CA LYS E 145 64.44 -14.90 16.90
C LYS E 145 63.36 -13.87 16.52
N TYR E 146 63.56 -13.21 15.39
CA TYR E 146 62.61 -12.18 14.89
C TYR E 146 61.28 -12.79 14.44
N PRO E 147 60.16 -12.09 14.70
CA PRO E 147 58.91 -12.52 14.09
C PRO E 147 58.83 -12.07 12.63
N PHE E 148 57.85 -12.54 11.89
CA PHE E 148 57.72 -12.20 10.47
C PHE E 148 56.33 -11.68 10.14
N VAL E 149 56.19 -11.07 8.97
CA VAL E 149 54.88 -10.77 8.41
C VAL E 149 54.92 -11.11 6.93
N TYR E 150 53.95 -11.88 6.46
CA TYR E 150 53.81 -12.14 5.04
C TYR E 150 52.66 -11.35 4.47
N ASP E 151 52.80 -10.84 3.25
CA ASP E 151 51.70 -10.03 2.65
C ASP E 151 51.34 -10.73 1.33
N ALA E 152 50.25 -11.48 1.37
CA ALA E 152 49.89 -12.35 0.26
C ALA E 152 49.48 -11.53 -0.97
N VAL E 153 49.34 -10.21 -0.83
CA VAL E 153 48.95 -9.39 -2.02
C VAL E 153 50.16 -8.95 -2.80
N SER E 154 51.10 -8.34 -2.11
CA SER E 154 52.37 -7.99 -2.69
C SER E 154 53.33 -9.21 -2.83
N ARG E 155 52.98 -10.32 -2.20
CA ARG E 155 53.88 -11.49 -2.13
C ARG E 155 55.28 -11.13 -1.63
N LYS E 156 55.33 -10.39 -0.51
CA LYS E 156 56.60 -10.04 0.09
C LYS E 156 56.66 -10.57 1.51
N CYS E 157 57.84 -10.95 1.95
CA CYS E 157 58.02 -11.53 3.30
C CYS E 157 58.72 -10.46 4.06
N TYR E 158 58.20 -10.08 5.23
CA TYR E 158 58.94 -9.15 6.12
C TYR E 158 59.52 -9.86 7.35
N VAL E 159 60.77 -9.54 7.70
CA VAL E 159 61.29 -9.89 8.98
C VAL E 159 61.35 -8.65 9.86
N LEU E 160 60.69 -8.69 11.01
CA LEU E 160 60.57 -7.49 11.84
C LEU E 160 61.68 -7.49 12.87
N SER E 161 62.43 -6.39 12.91
CA SER E 161 63.45 -6.21 13.92
C SER E 161 62.78 -5.90 15.25
N VAL E 162 61.67 -5.16 15.20
CA VAL E 162 60.93 -4.74 16.42
C VAL E 162 59.86 -5.79 16.74
N SER E 163 59.98 -6.47 17.89
CA SER E 163 59.07 -7.55 18.25
C SER E 163 57.96 -7.03 19.19
N ALA E 164 58.14 -5.84 19.72
CA ALA E 164 57.13 -5.21 20.57
C ALA E 164 55.88 -5.13 19.76
N GLN E 165 54.73 -5.25 20.41
CA GLN E 165 53.48 -5.29 19.73
C GLN E 165 52.44 -4.30 20.31
N LEU E 166 52.56 -3.97 21.59
CA LEU E 166 51.57 -3.09 22.25
C LEU E 166 52.30 -2.06 23.09
N LEU E 167 52.12 -0.80 22.75
CA LEU E 167 52.68 0.31 23.53
C LEU E 167 51.64 1.40 23.70
N LYS E 168 51.41 1.80 24.96
CA LYS E 168 50.37 2.75 25.29
C LYS E 168 50.73 3.50 26.57
N GLY E 169 50.08 4.64 26.80
CA GLY E 169 50.36 5.48 27.97
C GLY E 169 51.16 6.72 27.63
N GLU E 170 50.62 7.89 27.99
CA GLU E 170 51.28 9.18 27.76
C GLU E 170 52.64 9.31 28.44
N LYS E 171 52.90 8.47 29.42
CA LYS E 171 54.25 8.45 29.99
C LYS E 171 55.28 7.81 29.04
N TYR E 172 54.81 7.01 28.09
CA TYR E 172 55.70 6.18 27.30
C TYR E 172 55.71 6.45 25.82
N CYS E 173 54.57 6.85 25.26
CA CYS E 173 54.49 7.08 23.81
C CYS E 173 53.50 8.21 23.48
N SER E 174 53.45 8.62 22.23
CA SER E 174 52.58 9.66 21.81
C SER E 174 51.56 9.17 20.80
N VAL E 175 50.34 9.70 20.91
CA VAL E 175 49.30 9.51 19.90
C VAL E 175 49.12 10.77 19.08
N ASN E 176 49.36 10.64 17.79
CA ASN E 176 49.34 11.76 16.91
C ASN E 176 50.10 12.98 17.45
N GLY E 177 51.19 12.76 18.18
CA GLY E 177 52.10 13.85 18.52
C GLY E 177 51.87 14.43 19.90
N THR E 178 50.85 13.89 20.60
CA THR E 178 50.58 14.22 21.99
C THR E 178 50.82 13.01 22.88
N PRO E 179 51.65 13.15 23.91
CA PRO E 179 52.47 14.32 24.23
C PRO E 179 53.58 14.50 23.24
N SER E 180 54.01 15.73 23.05
CA SER E 180 55.13 15.99 22.18
C SER E 180 56.43 15.55 22.86
N GLY E 181 57.45 15.25 22.06
CA GLY E 181 58.78 15.00 22.59
C GLY E 181 59.15 13.53 22.85
N LEU E 182 58.22 12.61 22.68
CA LEU E 182 58.52 11.21 22.93
C LEU E 182 59.10 10.53 21.69
N THR E 183 60.08 9.66 21.92
CA THR E 183 60.79 8.97 20.85
C THR E 183 59.86 8.02 20.11
N TRP E 184 58.97 7.37 20.86
CA TRP E 184 58.04 6.40 20.29
C TRP E 184 56.63 6.92 20.16
N ALA E 185 56.01 6.58 19.02
CA ALA E 185 54.58 6.62 18.91
C ALA E 185 53.93 5.35 19.49
N CYS E 186 52.74 5.50 20.06
CA CYS E 186 51.96 4.37 20.52
C CYS E 186 51.60 3.43 19.41
N PHE E 187 51.32 2.18 19.76
CA PHE E 187 50.84 1.24 18.77
C PHE E 187 50.19 0.05 19.43
N GLU E 188 49.34 -0.62 18.68
CA GLU E 188 48.70 -1.77 19.17
C GLU E 188 48.31 -2.68 18.04
N PRO E 189 48.09 -3.95 18.36
CA PRO E 189 47.59 -4.93 17.42
C PRO E 189 46.16 -4.67 16.99
N VAL E 190 45.88 -4.93 15.71
CA VAL E 190 44.54 -4.88 15.15
C VAL E 190 44.36 -5.90 14.02
N LYS E 191 43.14 -6.44 13.87
CA LYS E 191 42.82 -7.35 12.74
C LYS E 191 42.27 -6.49 11.60
N GLU E 192 42.83 -6.66 10.40
CA GLU E 192 42.45 -5.85 9.25
C GLU E 192 42.11 -6.68 8.03
N LYS E 193 41.09 -6.22 7.30
CA LYS E 193 40.74 -6.82 6.06
C LYS E 193 40.75 -5.71 5.05
N SER E 194 41.87 -5.55 4.37
CA SER E 194 42.04 -4.49 3.38
C SER E 194 42.10 -5.16 2.03
N SER E 195 41.51 -4.55 1.02
CA SER E 195 41.69 -5.09 -0.30
C SER E 195 43.16 -4.84 -0.73
N ALA E 196 43.82 -3.90 -0.06
CA ALA E 196 45.18 -3.54 -0.39
C ALA E 196 46.33 -4.45 0.04
N ARG E 197 46.28 -4.97 1.25
CA ARG E 197 47.29 -5.96 1.68
C ARG E 197 46.65 -7.09 2.40
N ALA E 198 47.29 -8.27 2.44
CA ALA E 198 46.66 -9.40 3.15
C ALA E 198 47.66 -10.05 4.09
N LEU E 199 47.69 -9.60 5.34
CA LEU E 199 48.85 -9.80 6.17
C LEU E 199 48.64 -11.01 6.99
N VAL E 200 49.76 -11.61 7.36
CA VAL E 200 49.82 -12.74 8.27
C VAL E 200 50.99 -12.47 9.18
N TYR E 201 50.75 -12.45 10.50
CA TYR E 201 51.84 -12.17 11.46
C TYR E 201 52.20 -13.48 12.15
N GLY E 202 53.45 -13.68 12.52
CA GLY E 202 53.77 -14.94 13.18
C GLY E 202 55.14 -14.96 13.78
N SER E 203 55.42 -15.96 14.59
CA SER E 203 56.76 -15.96 15.16
C SER E 203 57.64 -16.82 14.27
N ALA E 204 58.91 -16.72 14.50
CA ALA E 204 59.89 -17.50 13.78
C ALA E 204 59.59 -18.97 13.96
N PHE E 205 59.06 -19.33 15.13
CA PHE E 205 58.91 -20.74 15.47
C PHE E 205 57.80 -21.46 14.70
N VAL E 206 57.11 -20.74 13.83
CA VAL E 206 56.25 -21.38 12.82
C VAL E 206 57.13 -22.24 11.88
N ALA E 207 58.39 -21.89 11.77
CA ALA E 207 59.32 -22.56 10.88
C ALA E 207 60.11 -23.70 11.55
N GLU E 208 59.91 -23.96 12.85
CA GLU E 208 60.65 -25.07 13.45
C GLU E 208 59.93 -26.38 13.16
N GLY E 209 60.68 -27.40 12.81
CA GLY E 209 60.06 -28.56 12.22
C GLY E 209 59.68 -28.30 10.79
N ASN E 210 58.54 -28.83 10.37
CA ASN E 210 58.09 -28.62 9.03
C ASN E 210 57.51 -27.18 8.92
N PRO E 211 58.17 -26.30 8.18
CA PRO E 211 57.68 -24.88 8.17
C PRO E 211 56.27 -24.74 7.62
N ASP E 212 55.79 -25.79 6.97
CA ASP E 212 54.53 -25.78 6.25
C ASP E 212 53.42 -26.44 7.05
N ALA E 213 53.70 -26.79 8.31
CA ALA E 213 52.75 -27.64 9.04
C ALA E 213 51.47 -26.88 9.41
N TRP E 214 51.61 -25.56 9.51
CA TRP E 214 50.50 -24.66 9.80
C TRP E 214 49.29 -24.88 8.91
N GLN E 215 49.49 -25.38 7.69
CA GLN E 215 48.38 -25.49 6.76
C GLN E 215 47.48 -26.64 7.14
N SER E 216 47.95 -27.55 7.97
CA SER E 216 47.02 -28.54 8.44
C SER E 216 46.95 -28.68 9.93
N ALA E 217 47.80 -27.98 10.63
CA ALA E 217 47.76 -28.04 12.09
C ALA E 217 46.85 -26.95 12.72
N CYS E 218 46.67 -25.84 12.03
CA CYS E 218 46.33 -24.57 12.70
C CYS E 218 44.97 -24.11 12.26
N PRO E 219 44.29 -23.30 13.07
CA PRO E 219 42.95 -22.93 12.72
C PRO E 219 42.97 -21.70 11.84
N ASN E 220 43.24 -21.87 10.55
CA ASN E 220 43.66 -20.74 9.70
C ASN E 220 42.48 -19.99 9.14
N ASP E 221 41.34 -20.68 9.11
CA ASP E 221 40.15 -20.18 8.41
C ASP E 221 38.91 -20.21 9.30
N ALA E 222 37.95 -19.33 9.04
CA ALA E 222 36.67 -19.41 9.71
C ALA E 222 36.06 -20.67 9.22
N VAL E 223 35.04 -21.18 9.92
CA VAL E 223 34.29 -22.35 9.45
C VAL E 223 32.86 -21.98 9.21
N LYS E 224 32.42 -22.13 7.96
CA LYS E 224 31.07 -21.73 7.57
C LYS E 224 30.06 -22.85 7.84
N ASP E 225 28.86 -22.46 8.24
CA ASP E 225 27.76 -23.41 8.49
C ASP E 225 28.00 -24.33 9.65
N ALA E 226 28.68 -23.82 10.68
CA ALA E 226 28.87 -24.61 11.87
C ALA E 226 29.19 -23.71 13.02
N LEU E 227 28.99 -24.22 14.24
CA LEU E 227 29.38 -23.46 15.41
C LEU E 227 30.29 -24.32 16.27
N PHE E 228 31.15 -23.71 17.07
CA PHE E 228 31.95 -24.45 18.03
C PHE E 228 31.08 -24.97 19.17
N GLY E 229 31.33 -26.19 19.64
CA GLY E 229 30.72 -26.61 20.89
C GLY E 229 31.39 -27.69 21.73
N LYS E 230 30.64 -28.14 22.73
CA LYS E 230 31.11 -29.13 23.70
C LYS E 230 30.14 -30.30 23.66
N TRP E 231 30.68 -31.50 23.58
CA TRP E 231 29.86 -32.67 23.39
C TRP E 231 29.18 -33.03 24.69
N GLU E 232 27.86 -33.26 24.64
CA GLU E 232 27.03 -33.58 25.81
C GLU E 232 25.86 -34.46 25.38
N ASP E 233 25.69 -35.59 26.07
CA ASP E 233 24.58 -36.48 25.79
C ASP E 233 24.46 -36.65 24.27
N GLY E 234 25.41 -37.37 23.68
CA GLY E 234 25.36 -37.69 22.25
C GLY E 234 24.93 -36.56 21.29
N GLN E 235 25.36 -35.32 21.57
CA GLN E 235 24.94 -34.15 20.81
C GLN E 235 25.96 -33.01 20.99
N CYS E 236 26.28 -32.27 19.94
CA CYS E 236 27.17 -31.10 20.12
C CYS E 236 26.34 -29.93 20.58
N VAL E 237 26.80 -29.23 21.62
CA VAL E 237 26.04 -28.13 22.19
C VAL E 237 26.82 -26.84 21.97
N PRO E 238 26.36 -26.00 21.02
CA PRO E 238 27.04 -24.75 20.70
C PRO E 238 27.17 -23.91 21.92
N PHE E 239 28.34 -23.33 22.13
CA PHE E 239 28.48 -22.17 23.00
C PHE E 239 27.54 -21.06 22.54
N ASP E 240 26.94 -20.37 23.50
CA ASP E 240 25.90 -19.36 23.26
C ASP E 240 25.86 -18.35 24.39
N THR E 241 24.82 -17.53 24.45
CA THR E 241 24.81 -16.46 25.47
C THR E 241 25.10 -17.02 26.87
N LYS E 242 24.71 -18.26 27.12
CA LYS E 242 24.84 -18.87 28.45
C LYS E 242 26.31 -19.12 28.82
N THR E 243 27.09 -19.55 27.83
CA THR E 243 28.33 -20.27 28.08
C THR E 243 29.55 -19.42 27.73
N SER E 244 29.30 -18.16 27.42
CA SER E 244 30.29 -17.32 26.79
C SER E 244 30.61 -16.15 27.64
N VAL E 245 31.78 -15.56 27.41
CA VAL E 245 32.33 -14.56 28.28
C VAL E 245 31.82 -13.20 27.89
N GLN E 246 31.16 -13.14 26.73
CA GLN E 246 30.48 -11.94 26.25
C GLN E 246 29.75 -12.34 24.97
N SER E 247 28.58 -11.77 24.74
CA SER E 247 27.80 -12.16 23.58
C SER E 247 26.82 -11.09 23.10
N ASP E 248 27.39 -9.99 22.60
CA ASP E 248 26.61 -8.93 22.00
C ASP E 248 26.33 -9.16 20.53
N GLN E 249 25.31 -8.46 20.04
CA GLN E 249 24.96 -8.51 18.64
C GLN E 249 26.10 -7.92 17.82
N ALA E 250 26.25 -8.38 16.59
CA ALA E 250 27.18 -7.74 15.65
C ALA E 250 26.49 -7.53 14.32
N THR E 251 26.69 -6.35 13.75
CA THR E 251 26.04 -5.97 12.47
C THR E 251 26.27 -7.08 11.48
N ASN E 252 27.54 -7.43 11.31
CA ASN E 252 28.01 -8.32 10.26
C ASN E 252 29.15 -9.22 10.76
N LYS E 253 29.40 -10.31 10.04
CA LYS E 253 30.37 -11.27 10.52
C LYS E 253 31.80 -10.72 10.59
N GLU E 254 32.17 -9.87 9.66
CA GLU E 254 33.49 -9.26 9.74
C GLU E 254 33.70 -8.56 11.10
N GLU E 255 32.61 -8.08 11.67
CA GLU E 255 32.68 -7.33 12.93
C GLU E 255 33.01 -8.27 14.12
N CYS E 256 32.46 -9.48 14.07
CA CYS E 256 32.71 -10.50 15.07
C CYS E 256 34.14 -10.99 14.96
N TRP E 257 34.57 -11.29 13.73
CA TRP E 257 35.90 -11.78 13.46
C TRP E 257 36.94 -10.80 13.98
N LYS E 258 36.69 -9.50 13.81
CA LYS E 258 37.63 -8.52 14.37
C LYS E 258 37.45 -8.39 15.89
N ARG E 259 36.27 -8.74 16.39
CA ARG E 259 35.95 -8.56 17.81
C ARG E 259 36.62 -9.63 18.71
N VAL E 260 36.70 -10.86 18.22
CA VAL E 260 37.29 -11.94 18.99
C VAL E 260 38.77 -11.69 19.20
N PHE E 261 39.42 -11.17 18.17
CA PHE E 261 40.85 -10.93 18.25
C PHE E 261 41.16 -9.85 19.26
N ALA E 262 40.31 -8.82 19.33
CA ALA E 262 40.59 -7.64 20.15
C ALA E 262 40.02 -7.73 21.57
N ASN E 263 39.11 -8.66 21.80
CA ASN E 263 38.40 -8.71 23.06
C ASN E 263 39.33 -8.92 24.29
N PRO E 264 39.02 -8.28 25.41
CA PRO E 264 40.00 -8.01 26.47
C PRO E 264 40.40 -9.27 27.24
N LEU E 265 39.71 -10.40 27.03
CA LEU E 265 40.10 -11.70 27.60
C LEU E 265 40.80 -12.61 26.55
N VAL E 266 41.08 -12.07 25.36
CA VAL E 266 41.76 -12.86 24.34
C VAL E 266 43.09 -13.32 24.93
N ALA E 267 43.63 -14.44 24.47
CA ALA E 267 45.00 -14.81 24.86
C ALA E 267 45.99 -13.71 24.52
N SER E 268 46.85 -13.38 25.47
CA SER E 268 47.66 -12.21 25.34
C SER E 268 48.73 -12.22 26.41
N ASP E 269 49.94 -11.87 26.01
CA ASP E 269 51.06 -11.89 26.89
C ASP E 269 51.50 -10.46 27.27
N ALA E 270 50.65 -9.48 26.99
CA ALA E 270 50.93 -8.10 27.44
C ALA E 270 50.78 -7.97 28.94
N PRO E 271 51.66 -7.20 29.54
CA PRO E 271 51.64 -6.88 30.97
C PRO E 271 50.39 -6.10 31.37
N THR E 272 49.79 -6.49 32.49
CA THR E 272 48.60 -5.85 33.03
C THR E 272 48.94 -4.45 33.40
N THR E 273 50.13 -4.32 33.94
CA THR E 273 50.69 -3.04 34.21
C THR E 273 52.15 -3.22 33.99
N TYR E 274 52.81 -2.21 33.46
CA TYR E 274 54.15 -1.93 33.85
C TYR E 274 53.88 -0.64 34.54
N PRO E 275 53.93 -0.67 35.86
CA PRO E 275 53.62 0.52 36.65
C PRO E 275 54.65 1.62 36.61
N GLU E 276 55.92 1.27 36.75
CA GLU E 276 56.96 2.28 36.66
C GLU E 276 58.04 1.78 35.74
N ALA E 277 58.30 2.56 34.72
CA ALA E 277 59.32 2.19 33.77
C ALA E 277 60.12 3.43 33.40
N ALA E 278 61.33 3.21 32.97
CA ALA E 278 62.17 4.33 32.50
C ALA E 278 61.64 4.67 31.10
N GLN E 279 61.95 5.87 30.60
CA GLN E 279 61.60 6.21 29.23
C GLN E 279 62.28 5.27 28.24
N LYS E 280 61.68 5.11 27.06
CA LYS E 280 62.13 4.14 26.09
C LYS E 280 63.19 4.75 25.17
N ASN E 281 64.33 4.08 25.02
CA ASN E 281 65.30 4.48 24.00
C ASN E 281 64.83 4.10 22.59
N TRP E 282 65.37 4.80 21.60
CA TRP E 282 64.95 4.59 20.23
C TRP E 282 65.17 3.14 19.78
N ASN E 283 66.15 2.44 20.40
CA ASN E 283 66.52 1.10 20.00
C ASN E 283 66.10 0.01 20.99
N ASP E 284 65.12 0.30 21.83
CA ASP E 284 64.48 -0.78 22.55
C ASP E 284 63.47 -1.48 21.68
N PHE E 285 63.95 -2.34 20.79
CA PHE E 285 63.08 -3.01 19.83
C PHE E 285 62.43 -4.23 20.45
N TRP E 286 63.11 -4.80 21.46
CA TRP E 286 62.65 -6.00 22.12
C TRP E 286 62.26 -5.67 23.53
N PRO E 287 61.07 -6.09 23.95
CA PRO E 287 60.62 -5.88 25.32
C PRO E 287 61.47 -6.73 26.27
N VAL E 288 61.83 -6.14 27.40
CA VAL E 288 62.66 -6.80 28.40
C VAL E 288 61.84 -7.85 29.15
N HIS E 289 62.45 -8.99 29.44
CA HIS E 289 61.76 -10.00 30.24
C HIS E 289 61.91 -9.76 31.74
N GLU E 290 60.79 -9.73 32.44
CA GLU E 290 60.76 -9.62 33.89
C GLU E 290 60.00 -10.78 34.49
N GLN E 291 60.22 -11.00 35.78
CA GLN E 291 59.63 -12.12 36.53
C GLN E 291 58.11 -12.06 36.50
N SER E 292 57.60 -10.85 36.48
CA SER E 292 56.19 -10.64 36.43
C SER E 292 55.60 -10.75 34.98
N SER E 293 56.48 -10.78 33.95
CA SER E 293 56.02 -10.83 32.52
C SER E 293 55.13 -12.04 32.37
N PRO E 294 53.91 -11.81 31.88
CA PRO E 294 52.88 -12.87 31.88
C PRO E 294 52.96 -13.69 30.64
N LYS E 295 52.58 -14.95 30.76
CA LYS E 295 52.44 -15.78 29.63
C LYS E 295 51.12 -16.48 29.66
N SER E 296 50.34 -16.32 28.59
CA SER E 296 49.03 -16.95 28.50
C SER E 296 49.15 -18.42 28.17
N GLY E 297 50.20 -18.77 27.44
CA GLY E 297 50.30 -20.09 26.80
C GLY E 297 49.15 -20.38 25.84
N GLY E 298 48.45 -19.35 25.37
CA GLY E 298 47.35 -19.56 24.43
C GLY E 298 45.98 -19.74 25.07
N PHE E 299 45.92 -19.72 26.41
CA PHE E 299 44.63 -19.85 27.13
C PHE E 299 43.99 -18.50 27.13
N GLY E 300 42.69 -18.43 26.91
CA GLY E 300 42.02 -17.15 26.87
C GLY E 300 40.77 -17.28 26.04
N ALA E 301 40.09 -16.14 25.82
CA ALA E 301 38.81 -16.18 25.17
C ALA E 301 39.09 -16.05 23.68
N ASN E 302 39.33 -17.19 23.04
CA ASN E 302 40.01 -17.21 21.73
C ASN E 302 39.08 -17.50 20.59
N TRP E 303 37.87 -17.91 20.90
CA TRP E 303 36.95 -18.43 19.88
C TRP E 303 35.67 -17.60 19.91
N ALA E 304 34.95 -17.56 18.77
CA ALA E 304 33.69 -16.81 18.66
C ALA E 304 32.68 -17.54 17.75
N ASN E 305 31.46 -17.71 18.24
CA ASN E 305 30.37 -18.20 17.39
C ASN E 305 29.52 -17.02 16.95
N PHE E 306 29.32 -16.92 15.64
CA PHE E 306 28.43 -15.94 15.05
C PHE E 306 27.20 -16.66 14.50
N TYR E 307 26.03 -16.33 15.04
CA TYR E 307 24.81 -16.99 14.64
C TYR E 307 23.60 -16.06 14.78
N LEU E 308 22.56 -16.40 14.05
CA LEU E 308 21.29 -15.71 14.14
C LEU E 308 20.54 -16.28 15.34
N GLU E 309 20.46 -15.50 16.41
CA GLU E 309 19.77 -15.97 17.61
C GLU E 309 18.27 -15.95 17.37
N LYS E 310 17.72 -17.11 17.04
CA LYS E 310 16.34 -17.18 16.57
C LYS E 310 15.39 -16.88 17.72
N GLU E 311 15.97 -16.61 18.89
CA GLU E 311 15.25 -16.03 20.01
C GLU E 311 14.78 -14.59 19.74
N SER E 312 15.43 -13.91 18.80
CA SER E 312 15.38 -12.44 18.76
C SER E 312 15.42 -11.78 17.38
N GLY E 313 15.93 -12.48 16.38
CA GLY E 313 16.17 -11.86 15.06
C GLY E 313 17.38 -10.94 15.02
N GLU E 314 18.22 -11.00 16.05
CA GLU E 314 19.53 -10.34 16.01
C GLU E 314 20.68 -11.35 15.81
N THR E 315 21.75 -10.91 15.17
CA THR E 315 22.92 -11.77 15.00
C THR E 315 23.90 -11.54 16.13
N ILE E 316 24.44 -12.65 16.65
CA ILE E 316 25.23 -12.63 17.85
C ILE E 316 26.71 -12.99 17.63
N CYS E 317 27.60 -12.27 18.29
CA CYS E 317 29.00 -12.71 18.43
C CYS E 317 29.25 -13.28 19.84
N ALA E 318 29.16 -14.61 19.98
CA ALA E 318 29.41 -15.25 21.27
C ALA E 318 30.88 -15.66 21.42
N ILE E 319 31.61 -14.97 22.27
CA ILE E 319 33.02 -15.22 22.45
C ILE E 319 33.24 -15.97 23.75
N PHE E 320 33.97 -17.08 23.68
CA PHE E 320 34.09 -17.97 24.78
C PHE E 320 35.52 -18.48 24.94
N ASP E 321 35.78 -19.14 26.07
CA ASP E 321 37.13 -19.35 26.49
C ASP E 321 37.44 -20.79 26.87
N GLN E 322 36.70 -21.73 26.31
CA GLN E 322 36.99 -23.14 26.48
C GLN E 322 37.25 -23.77 25.14
N VAL E 323 38.03 -24.84 25.15
CA VAL E 323 38.48 -25.45 23.96
C VAL E 323 37.35 -26.30 23.46
N PRO E 324 36.84 -26.00 22.27
CA PRO E 324 35.75 -26.78 21.65
C PRO E 324 36.21 -28.19 21.33
N ASP E 325 35.32 -29.17 21.50
CA ASP E 325 35.60 -30.53 21.11
C ASP E 325 34.60 -31.07 20.08
N CYS E 326 33.67 -30.22 19.61
CA CYS E 326 32.81 -30.64 18.49
C CYS E 326 32.30 -29.43 17.66
N PHE E 327 31.92 -29.69 16.41
CA PHE E 327 31.12 -28.70 15.64
C PHE E 327 29.67 -29.11 15.56
N ALA E 328 28.78 -28.14 15.72
CA ALA E 328 27.36 -28.31 15.34
C ALA E 328 27.06 -27.66 13.98
N PRO E 329 26.63 -28.47 12.99
CA PRO E 329 26.31 -27.82 11.70
C PRO E 329 25.01 -27.03 11.76
N ILE E 330 25.11 -25.71 11.61
CA ILE E 330 23.97 -24.84 11.64
C ILE E 330 24.09 -23.90 10.44
N THR E 331 23.27 -24.12 9.41
CA THR E 331 23.48 -23.36 8.20
C THR E 331 23.31 -21.84 8.44
N GLY E 332 24.23 -21.04 7.92
CA GLY E 332 24.16 -19.61 8.19
C GLY E 332 25.04 -19.11 9.28
N ALA E 333 25.55 -20.01 10.13
CA ALA E 333 26.48 -19.65 11.18
C ALA E 333 27.96 -19.74 10.76
N VAL E 334 28.82 -19.09 11.52
CA VAL E 334 30.23 -19.10 11.20
C VAL E 334 31.02 -19.19 12.50
N ALA E 335 31.98 -20.12 12.54
CA ALA E 335 32.90 -20.24 13.68
C ALA E 335 34.23 -19.54 13.44
N TYR E 336 34.62 -18.63 14.36
CA TYR E 336 35.83 -17.79 14.22
C TYR E 336 36.76 -18.00 15.42
N THR E 337 38.06 -17.72 15.23
CA THR E 337 38.97 -17.66 16.32
C THR E 337 39.77 -16.44 16.07
N ALA E 338 40.58 -16.08 17.05
CA ALA E 338 41.38 -14.88 16.94
C ALA E 338 42.66 -15.10 16.14
N LEU E 339 43.00 -16.35 15.89
CA LEU E 339 44.19 -16.62 15.11
C LEU E 339 43.78 -16.56 13.64
N GLY E 340 42.60 -17.06 13.33
CA GLY E 340 42.27 -17.38 11.95
C GLY E 340 41.88 -16.19 11.10
N SER E 341 41.66 -16.49 9.82
CA SER E 341 41.19 -15.49 8.85
C SER E 341 39.63 -15.50 8.75
N SER E 342 39.05 -14.51 8.09
CA SER E 342 37.61 -14.49 7.91
C SER E 342 37.16 -15.19 6.62
N THR E 343 38.12 -15.66 5.80
CA THR E 343 37.78 -16.60 4.76
C THR E 343 37.27 -17.87 5.38
N GLU E 344 36.36 -18.54 4.69
CA GLU E 344 35.56 -19.56 5.30
C GLU E 344 35.78 -20.89 4.60
N VAL E 345 36.10 -21.93 5.37
CA VAL E 345 36.11 -23.30 4.86
C VAL E 345 34.90 -24.11 5.37
N ASN E 346 34.61 -25.24 4.72
CA ASN E 346 33.57 -26.13 5.19
C ASN E 346 34.06 -27.08 6.26
N LEU E 347 33.10 -27.72 6.92
CA LEU E 347 33.40 -28.86 7.74
C LEU E 347 33.96 -29.91 6.80
N PRO E 348 34.80 -30.78 7.33
CA PRO E 348 35.25 -31.95 6.59
C PRO E 348 34.06 -32.79 6.20
N GLN E 349 34.15 -33.42 5.04
CA GLN E 349 33.10 -34.24 4.53
C GLN E 349 33.00 -35.48 5.35
N CYS E 350 31.84 -36.14 5.27
CA CYS E 350 31.65 -37.45 5.88
C CYS E 350 31.12 -38.42 4.84
N ASP E 351 31.26 -39.70 5.09
CA ASP E 351 30.84 -40.68 4.10
C ASP E 351 29.47 -41.24 4.45
N SER E 352 28.45 -40.80 3.71
CA SER E 352 27.06 -41.12 4.01
C SER E 352 26.84 -42.64 4.03
N ALA E 353 27.54 -43.34 3.14
CA ALA E 353 27.41 -44.79 3.00
C ALA E 353 27.90 -45.64 4.20
N SER E 354 28.66 -45.05 5.11
CA SER E 354 29.31 -45.85 6.15
C SER E 354 29.31 -45.19 7.52
N PHE E 355 28.71 -44.02 7.62
CA PHE E 355 28.73 -43.21 8.84
C PHE E 355 27.60 -43.66 9.77
N ILE E 356 27.95 -43.92 11.03
CA ILE E 356 27.00 -44.43 11.99
C ILE E 356 26.26 -43.28 12.65
N PRO E 357 24.95 -43.17 12.40
CA PRO E 357 24.17 -42.14 13.07
C PRO E 357 24.31 -42.20 14.59
N ILE E 358 24.35 -41.03 15.21
CA ILE E 358 24.44 -40.90 16.66
C ILE E 358 23.17 -40.24 17.14
N GLU E 359 22.56 -40.81 18.16
CA GLU E 359 21.28 -40.33 18.70
C GLU E 359 21.39 -39.97 20.17
N GLY E 360 20.93 -38.80 20.54
CA GLY E 360 20.96 -38.39 21.93
C GLY E 360 19.83 -39.03 22.70
N PRO E 361 19.68 -38.65 23.96
CA PRO E 361 18.54 -39.09 24.75
C PRO E 361 17.21 -38.51 24.23
N CYS E 362 16.14 -39.32 24.29
CA CYS E 362 14.77 -38.84 24.18
C CYS E 362 14.40 -38.01 25.42
N ASN E 363 14.28 -36.69 25.25
CA ASN E 363 14.30 -35.80 26.40
C ASN E 363 12.96 -35.18 26.72
N ASN E 364 12.22 -34.75 25.70
CA ASN E 364 10.79 -34.50 25.86
C ASN E 364 10.04 -34.89 24.60
N CYS E 365 10.29 -36.11 24.14
CA CYS E 365 9.72 -36.58 22.88
C CYS E 365 10.53 -36.06 21.70
N VAL E 366 11.59 -35.33 22.04
CA VAL E 366 12.54 -34.77 21.08
C VAL E 366 13.93 -35.27 21.41
N GLN E 367 14.55 -35.96 20.44
CA GLN E 367 15.94 -36.35 20.53
C GLN E 367 16.78 -35.75 19.42
N VAL E 368 18.04 -35.49 19.73
CA VAL E 368 18.94 -34.95 18.72
C VAL E 368 19.72 -36.02 18.01
N VAL E 369 19.72 -35.95 16.68
CA VAL E 369 20.41 -36.93 15.86
C VAL E 369 21.54 -36.26 15.07
N THR E 370 22.65 -36.98 14.90
CA THR E 370 23.84 -36.45 14.22
C THR E 370 24.24 -37.44 13.18
N GLU E 371 24.07 -37.07 11.92
CA GLU E 371 24.13 -38.03 10.86
C GLU E 371 24.86 -37.40 9.69
N CYS E 372 24.94 -38.14 8.61
CA CYS E 372 25.66 -37.70 7.45
C CYS E 372 24.74 -37.73 6.26
N VAL E 373 24.22 -36.56 5.88
CA VAL E 373 23.29 -36.47 4.75
C VAL E 373 23.99 -35.85 3.53
N GLY E 374 24.06 -36.62 2.47
CA GLY E 374 24.70 -36.13 1.25
C GLY E 374 26.17 -35.83 1.42
N ASN E 375 26.83 -36.61 2.27
CA ASN E 375 28.25 -36.38 2.57
C ASN E 375 28.56 -35.13 3.36
N GLN E 376 27.56 -34.66 4.10
CA GLN E 376 27.75 -33.53 4.99
C GLN E 376 27.19 -33.82 6.35
N PHE E 377 27.88 -33.35 7.38
CA PHE E 377 27.39 -33.48 8.73
C PHE E 377 25.99 -32.90 8.88
N ASP E 378 25.19 -33.52 9.75
CA ASP E 378 23.83 -33.02 10.00
C ASP E 378 23.37 -33.28 11.43
N GLN E 379 22.82 -32.25 12.05
CA GLN E 379 22.36 -32.33 13.38
C GLN E 379 20.93 -31.77 13.43
N THR E 380 19.96 -32.67 13.65
CA THR E 380 18.53 -32.33 13.64
C THR E 380 17.83 -32.91 14.86
N SER E 381 16.77 -32.22 15.28
CA SER E 381 15.84 -32.78 16.22
C SER E 381 14.87 -33.74 15.53
N LYS E 382 14.41 -34.71 16.27
CA LYS E 382 13.63 -35.82 15.74
C LYS E 382 12.59 -36.18 16.79
N ALA E 383 11.32 -36.29 16.39
CA ALA E 383 10.25 -36.65 17.37
C ALA E 383 10.45 -38.07 17.75
N CYS E 384 10.40 -38.36 19.06
CA CYS E 384 10.79 -39.67 19.56
C CYS E 384 9.79 -40.34 20.51
N CYS E 385 8.59 -39.76 20.60
CA CYS E 385 7.44 -40.45 21.17
C CYS E 385 6.49 -40.90 20.06
N THR E 386 7.00 -41.72 19.15
CA THR E 386 6.29 -42.06 17.91
C THR E 386 6.21 -40.88 16.95
N GLY F 5 -16.63 -24.53 44.76
CA GLY F 5 -16.99 -23.32 45.56
C GLY F 5 -17.65 -22.25 44.69
N GLN F 6 -17.79 -22.55 43.41
CA GLN F 6 -18.14 -21.52 42.43
C GLN F 6 -19.53 -21.66 41.75
N ASN F 7 -20.12 -20.52 41.44
CA ASN F 7 -21.44 -20.46 40.84
C ASN F 7 -21.65 -21.38 39.65
N PRO F 8 -22.67 -22.25 39.73
CA PRO F 8 -22.74 -23.22 38.67
C PRO F 8 -23.52 -22.69 37.46
N TRP F 9 -24.17 -21.55 37.63
CA TRP F 9 -24.84 -20.87 36.51
C TRP F 9 -23.89 -20.08 35.61
N ALA F 10 -22.66 -19.88 36.07
CA ALA F 10 -21.66 -19.22 35.26
C ALA F 10 -20.74 -20.28 34.68
N THR F 11 -20.97 -21.53 35.04
CA THR F 11 -19.96 -22.56 34.87
C THR F 11 -20.20 -23.41 33.63
N THR F 12 -21.36 -24.03 33.56
CA THR F 12 -21.75 -24.88 32.46
C THR F 12 -22.47 -24.09 31.35
N THR F 13 -22.39 -24.56 30.14
CA THR F 13 -22.97 -23.80 29.00
C THR F 13 -24.48 -23.65 29.02
N ALA F 14 -25.20 -24.74 29.27
CA ALA F 14 -26.64 -24.71 29.28
C ALA F 14 -27.19 -23.85 30.43
N PHE F 15 -26.50 -23.87 31.56
CA PHE F 15 -26.90 -23.06 32.73
C PHE F 15 -26.68 -21.58 32.47
N ALA F 16 -25.51 -21.23 31.94
CA ALA F 16 -25.17 -19.83 31.71
C ALA F 16 -26.04 -19.22 30.63
N ASP F 17 -26.36 -20.03 29.62
CA ASP F 17 -27.34 -19.63 28.64
C ASP F 17 -28.67 -19.40 29.30
N PHE F 18 -28.97 -20.19 30.33
CA PHE F 18 -30.30 -20.04 30.91
C PHE F 18 -30.31 -18.74 31.72
N MET F 19 -29.26 -18.56 32.51
CA MET F 19 -29.12 -17.41 33.37
C MET F 19 -29.03 -16.08 32.61
N LYS F 20 -28.33 -16.09 31.49
CA LYS F 20 -28.16 -14.89 30.66
C LYS F 20 -29.49 -14.24 30.27
N ARG F 21 -30.54 -15.04 30.11
CA ARG F 21 -31.85 -14.54 29.63
C ARG F 21 -32.40 -13.54 30.62
N PHE F 22 -32.01 -13.65 31.87
CA PHE F 22 -32.61 -12.80 32.89
C PHE F 22 -31.85 -11.52 33.14
N ASN F 23 -30.76 -11.33 32.42
CA ASN F 23 -30.03 -10.04 32.47
C ASN F 23 -30.71 -9.01 31.60
N ILE F 24 -31.94 -8.67 31.98
CA ILE F 24 -32.74 -7.72 31.27
C ILE F 24 -32.04 -6.50 30.69
N PRO F 25 -31.17 -5.83 31.47
CA PRO F 25 -30.72 -4.58 30.90
C PRO F 25 -29.86 -4.81 29.66
N GLN F 26 -29.07 -5.88 29.70
CA GLN F 26 -28.29 -6.34 28.60
C GLN F 26 -29.13 -6.82 27.38
N VAL F 27 -30.16 -7.64 27.63
CA VAL F 27 -30.76 -8.43 26.56
C VAL F 27 -31.95 -7.73 25.91
N HIS F 28 -32.59 -6.78 26.64
CA HIS F 28 -33.75 -6.08 26.16
C HIS F 28 -33.37 -4.65 25.92
N GLY F 29 -32.64 -4.07 26.88
CA GLY F 29 -31.87 -2.84 26.64
C GLY F 29 -32.77 -1.58 26.58
N SER F 30 -34.03 -1.72 27.00
CA SER F 30 -34.95 -0.62 26.82
C SER F 30 -36.03 -0.65 27.86
N GLY F 31 -36.98 0.26 27.78
CA GLY F 31 -38.08 0.21 28.74
C GLY F 31 -38.96 -1.02 28.55
N ILE F 32 -39.66 -1.37 29.62
CA ILE F 32 -40.57 -2.49 29.59
C ILE F 32 -42.04 -2.05 29.68
N PHE F 33 -42.40 -1.43 30.79
CA PHE F 33 -43.76 -0.88 30.95
C PHE F 33 -44.09 0.05 29.77
N VAL F 34 -43.23 1.04 29.59
CA VAL F 34 -43.29 1.89 28.43
C VAL F 34 -41.95 1.90 27.74
N ASP F 35 -41.92 1.43 26.49
CA ASP F 35 -40.69 1.27 25.73
C ASP F 35 -40.57 2.40 24.70
N LEU F 36 -39.57 3.26 24.89
CA LEU F 36 -39.39 4.36 24.00
C LEU F 36 -37.92 4.74 23.98
N GLY F 37 -37.06 3.75 23.79
CA GLY F 37 -35.66 3.94 24.02
C GLY F 37 -34.88 4.37 22.81
N ARG F 38 -35.60 4.76 21.75
CA ARG F 38 -34.97 5.21 20.49
C ARG F 38 -35.53 6.58 20.09
N ASP F 39 -34.69 7.42 19.52
CA ASP F 39 -35.22 8.58 18.85
C ASP F 39 -34.90 8.47 17.34
N THR F 40 -35.91 8.65 16.50
CA THR F 40 -35.74 8.63 15.05
C THR F 40 -36.52 9.82 14.48
N GLU F 41 -35.87 10.62 13.65
CA GLU F 41 -36.50 11.83 13.08
C GLU F 41 -37.15 12.75 14.13
N GLY F 42 -36.51 12.87 15.29
CA GLY F 42 -37.08 13.59 16.44
C GLY F 42 -38.40 13.02 17.00
N TYR F 43 -38.68 11.73 16.75
CA TYR F 43 -39.79 11.04 17.49
C TYR F 43 -39.26 9.95 18.43
N ARG F 44 -40.02 9.64 19.47
CA ARG F 44 -39.67 8.53 20.36
C ARG F 44 -40.10 7.25 19.71
N GLU F 45 -39.25 6.23 19.76
CA GLU F 45 -39.48 5.01 18.92
C GLU F 45 -39.22 3.81 19.79
N VAL F 46 -40.16 2.86 19.78
CA VAL F 46 -40.04 1.64 20.53
C VAL F 46 -38.78 0.88 20.12
N GLY F 47 -37.99 0.46 21.11
CA GLY F 47 -36.66 -0.01 20.82
C GLY F 47 -36.17 -1.30 21.42
N GLY F 48 -36.95 -1.96 22.27
CA GLY F 48 -36.43 -3.10 23.04
C GLY F 48 -36.28 -4.38 22.22
N LYS F 49 -35.33 -5.20 22.62
CA LYS F 49 -35.05 -6.41 21.87
C LYS F 49 -35.83 -7.65 22.30
N CYS F 50 -36.53 -7.60 23.42
CA CYS F 50 -37.23 -8.80 23.80
C CYS F 50 -38.65 -8.59 23.60
N PRO F 51 -39.37 -9.63 23.26
CA PRO F 51 -40.82 -9.47 23.23
C PRO F 51 -41.38 -9.41 24.66
N VAL F 52 -42.53 -8.76 24.80
CA VAL F 52 -43.17 -8.55 26.09
C VAL F 52 -44.51 -9.32 26.13
N PHE F 53 -44.52 -10.45 26.81
CA PHE F 53 -45.73 -11.31 26.76
C PHE F 53 -46.80 -10.76 27.68
N GLY F 54 -48.01 -10.65 27.16
CA GLY F 54 -49.16 -10.34 28.01
C GLY F 54 -49.45 -8.85 28.00
N LYS F 55 -48.53 -8.05 27.47
CA LYS F 55 -48.71 -6.64 27.49
C LYS F 55 -49.78 -6.13 26.48
N ALA F 56 -50.71 -5.35 26.99
CA ALA F 56 -51.81 -4.80 26.20
C ALA F 56 -51.85 -3.32 26.58
N ILE F 57 -52.50 -2.49 25.79
CA ILE F 57 -52.83 -1.11 26.23
C ILE F 57 -54.28 -1.06 26.73
N GLN F 58 -54.46 -0.79 28.02
CA GLN F 58 -55.78 -0.48 28.59
C GLN F 58 -56.21 0.90 28.13
N MET F 59 -57.32 1.01 27.41
CA MET F 59 -57.88 2.32 27.08
C MET F 59 -59.07 2.71 27.99
N HIS F 60 -59.53 3.96 27.87
CA HIS F 60 -60.60 4.46 28.74
C HIS F 60 -61.53 5.38 28.02
N GLN F 61 -61.85 5.01 26.79
CA GLN F 61 -62.96 5.62 26.08
C GLN F 61 -64.28 5.28 26.80
N PRO F 62 -65.30 6.10 26.60
CA PRO F 62 -66.62 5.85 27.16
C PRO F 62 -67.17 4.51 26.76
N ALA F 63 -68.08 3.99 27.57
CA ALA F 63 -68.43 2.59 27.50
C ALA F 63 -69.09 2.24 26.16
N GLU F 64 -69.69 3.21 25.51
CA GLU F 64 -70.33 2.95 24.22
C GLU F 64 -69.31 2.74 23.08
N TYR F 65 -68.04 3.07 23.35
CA TYR F 65 -66.93 2.82 22.41
C TYR F 65 -66.42 1.40 22.46
N SER F 66 -65.75 1.00 21.37
CA SER F 66 -65.08 -0.28 21.27
C SER F 66 -64.05 -0.49 22.38
N ASN F 67 -63.16 0.48 22.57
CA ASN F 67 -62.22 0.47 23.66
C ASN F 67 -61.15 -0.63 23.52
N ASN F 68 -60.85 -0.94 22.26
CA ASN F 68 -59.93 -2.03 21.94
C ASN F 68 -58.74 -1.47 21.20
N PHE F 69 -57.57 -1.55 21.81
CA PHE F 69 -56.41 -0.88 21.23
C PHE F 69 -55.89 -1.54 19.92
N LEU F 70 -56.40 -2.74 19.60
CA LEU F 70 -56.09 -3.44 18.33
C LEU F 70 -57.05 -3.03 17.20
N ASP F 71 -57.94 -2.09 17.51
CA ASP F 71 -58.72 -1.41 16.47
C ASP F 71 -57.89 -0.48 15.64
N ASP F 72 -58.35 -0.23 14.42
CA ASP F 72 -57.70 0.71 13.52
C ASP F 72 -57.58 2.04 14.17
N ALA F 73 -56.41 2.66 14.04
CA ALA F 73 -56.31 4.08 14.31
C ALA F 73 -57.22 4.82 13.30
N PRO F 74 -57.65 6.03 13.66
CA PRO F 74 -58.41 6.91 12.74
C PRO F 74 -57.58 7.29 11.51
N THR F 75 -58.22 7.36 10.33
CA THR F 75 -57.56 7.92 9.13
C THR F 75 -57.83 9.41 8.94
N SER F 76 -58.79 9.94 9.69
CA SER F 76 -59.03 11.39 9.72
C SER F 76 -59.74 11.77 11.02
N ASN F 77 -59.75 13.07 11.32
CA ASN F 77 -60.48 13.57 12.48
C ASN F 77 -61.98 13.62 12.27
N ASP F 78 -62.73 13.42 13.35
CA ASP F 78 -64.09 13.94 13.44
C ASP F 78 -64.24 14.88 14.62
N ALA F 79 -64.19 16.18 14.33
CA ALA F 79 -64.23 17.21 15.36
C ALA F 79 -65.48 17.11 16.23
N SER F 80 -66.50 16.41 15.73
CA SER F 80 -67.76 16.28 16.44
C SER F 80 -67.76 15.12 17.45
N LYS F 81 -66.76 14.23 17.36
CA LYS F 81 -66.61 13.12 18.31
C LYS F 81 -65.45 13.33 19.28
N LYS F 82 -65.76 13.31 20.56
CA LYS F 82 -64.75 13.44 21.57
C LYS F 82 -64.99 12.47 22.67
N PRO F 83 -64.08 11.49 22.84
CA PRO F 83 -62.85 11.28 22.05
C PRO F 83 -63.04 10.61 20.66
N LEU F 84 -62.06 10.78 19.79
CA LEU F 84 -62.12 10.22 18.46
C LEU F 84 -62.10 8.70 18.60
N PRO F 85 -63.07 8.02 17.99
CA PRO F 85 -63.00 6.58 18.13
C PRO F 85 -61.87 6.01 17.31
N GLY F 86 -61.21 5.01 17.88
CA GLY F 86 -60.41 4.08 17.10
C GLY F 86 -59.48 3.38 18.06
N GLY F 87 -58.50 2.65 17.51
CA GLY F 87 -57.45 2.00 18.32
C GLY F 87 -56.05 2.38 17.84
N PHE F 88 -55.09 1.48 18.01
CA PHE F 88 -53.70 1.79 17.73
C PHE F 88 -53.24 1.15 16.42
N ASN F 89 -54.08 0.28 15.85
CA ASN F 89 -53.68 -0.48 14.69
C ASN F 89 -53.49 0.36 13.42
N ASN F 90 -52.41 0.08 12.70
CA ASN F 90 -52.15 0.71 11.43
C ASN F 90 -53.26 0.40 10.46
N PRO F 91 -53.92 1.45 9.99
CA PRO F 91 -55.10 1.32 9.16
C PRO F 91 -54.84 1.33 7.63
N GLN F 92 -53.61 1.57 7.20
CA GLN F 92 -53.33 1.63 5.76
C GLN F 92 -53.82 0.39 5.01
N VAL F 93 -54.18 0.60 3.74
CA VAL F 93 -54.33 -0.50 2.79
C VAL F 93 -53.20 -0.47 1.78
N TYR F 94 -52.92 -1.63 1.20
CA TYR F 94 -52.03 -1.71 0.06
C TYR F 94 -52.76 -1.17 -1.16
N THR F 95 -52.04 -1.01 -2.26
CA THR F 95 -52.67 -0.58 -3.51
C THR F 95 -53.62 -1.65 -4.07
N SER F 96 -53.34 -2.93 -3.76
CA SER F 96 -54.39 -3.94 -3.86
C SER F 96 -55.45 -3.68 -2.80
N GLY F 97 -56.38 -4.61 -2.63
CA GLY F 97 -57.41 -4.45 -1.62
C GLY F 97 -56.85 -4.39 -0.21
N GLN F 98 -55.77 -5.16 0.00
CA GLN F 98 -55.41 -5.67 1.33
C GLN F 98 -55.07 -4.60 2.39
N LYS F 99 -55.51 -4.84 3.61
CA LYS F 99 -55.10 -4.04 4.77
C LYS F 99 -53.64 -4.33 5.16
N PHE F 100 -52.95 -3.33 5.68
CA PHE F 100 -51.62 -3.55 6.21
C PHE F 100 -51.73 -4.48 7.40
N SER F 101 -52.74 -4.26 8.20
CA SER F 101 -52.81 -4.86 9.51
C SER F 101 -54.25 -4.99 10.01
N PRO F 102 -54.57 -6.12 10.64
CA PRO F 102 -53.64 -7.19 10.91
C PRO F 102 -53.50 -8.15 9.74
N ILE F 103 -52.61 -9.08 9.88
CA ILE F 103 -52.33 -9.97 8.78
C ILE F 103 -52.10 -11.34 9.37
N ASP F 104 -52.64 -12.36 8.72
CA ASP F 104 -52.53 -13.71 9.21
C ASP F 104 -51.09 -14.22 9.20
N ASP F 105 -50.69 -14.88 10.27
CA ASP F 105 -49.34 -15.42 10.33
C ASP F 105 -49.07 -16.40 9.15
N SER F 106 -50.07 -17.21 8.83
CA SER F 106 -50.07 -18.04 7.65
C SER F 106 -49.59 -17.30 6.42
N LEU F 107 -50.12 -16.10 6.20
CA LEU F 107 -49.80 -15.27 5.04
C LEU F 107 -48.35 -14.79 5.09
N LEU F 108 -47.94 -14.25 6.25
CA LEU F 108 -46.53 -13.87 6.42
C LEU F 108 -45.60 -15.05 6.15
N GLN F 109 -45.99 -16.27 6.52
CA GLN F 109 -45.07 -17.39 6.25
C GLN F 109 -44.82 -17.50 4.76
N GLU F 110 -45.87 -17.19 4.01
CA GLU F 110 -45.89 -17.46 2.61
C GLU F 110 -45.34 -16.24 1.87
N ARG F 111 -45.58 -15.08 2.46
CA ARG F 111 -45.13 -13.85 1.87
C ARG F 111 -43.66 -13.67 2.12
N LEU F 112 -43.13 -14.33 3.14
CA LEU F 112 -41.92 -13.82 3.80
C LEU F 112 -40.75 -14.71 3.46
N GLY F 113 -41.06 -15.78 2.73
CA GLY F 113 -40.08 -16.52 2.00
C GLY F 113 -39.54 -17.76 2.68
N THR F 114 -38.97 -18.62 1.85
CA THR F 114 -38.32 -19.85 2.25
C THR F 114 -37.36 -19.70 3.41
N ALA F 115 -36.63 -18.59 3.43
CA ALA F 115 -35.59 -18.37 4.42
C ALA F 115 -36.10 -17.41 5.54
N GLY F 116 -37.41 -17.34 5.69
CA GLY F 116 -38.02 -16.35 6.60
C GLY F 116 -37.78 -16.73 8.05
N PRO F 117 -38.24 -15.89 8.99
CA PRO F 117 -38.05 -16.27 10.39
C PRO F 117 -38.84 -17.52 10.75
N LYS F 118 -38.28 -18.38 11.58
CA LYS F 118 -38.93 -19.62 11.94
C LYS F 118 -39.92 -19.47 13.11
N THR F 119 -39.99 -18.29 13.72
CA THR F 119 -41.03 -18.08 14.76
C THR F 119 -42.07 -17.06 14.35
N ALA F 120 -43.28 -17.21 14.91
CA ALA F 120 -44.33 -16.28 14.67
C ALA F 120 -44.01 -14.86 15.16
N ILE F 121 -43.38 -14.75 16.32
CA ILE F 121 -43.00 -13.44 16.87
C ILE F 121 -41.94 -12.81 15.95
N GLY F 122 -40.99 -13.64 15.53
CA GLY F 122 -39.98 -13.23 14.56
C GLY F 122 -40.55 -12.69 13.26
N ARG F 123 -41.64 -13.30 12.80
CA ARG F 123 -42.27 -12.91 11.53
C ARG F 123 -43.03 -11.62 11.71
N CYS F 124 -43.79 -11.56 12.80
CA CYS F 124 -44.51 -10.32 13.09
C CYS F 124 -43.54 -9.13 13.21
N ALA F 125 -42.45 -9.32 13.93
CA ALA F 125 -41.41 -8.25 14.10
C ALA F 125 -40.79 -7.81 12.80
N LEU F 126 -40.43 -8.77 11.96
CA LEU F 126 -39.81 -8.48 10.66
C LEU F 126 -40.79 -7.73 9.80
N TYR F 127 -42.06 -8.10 9.89
CA TYR F 127 -43.10 -7.46 9.11
C TYR F 127 -43.32 -6.06 9.63
N ALA F 128 -43.31 -5.90 10.96
CA ALA F 128 -43.40 -4.55 11.51
C ALA F 128 -42.19 -3.74 11.02
N TYR F 129 -41.03 -4.40 10.96
CA TYR F 129 -39.75 -3.72 10.67
C TYR F 129 -39.71 -3.34 9.21
N SER F 130 -40.40 -4.10 8.38
CA SER F 130 -40.35 -3.92 6.94
C SER F 130 -41.41 -2.94 6.49
N THR F 131 -42.28 -2.55 7.40
CA THR F 131 -43.34 -1.67 7.02
C THR F 131 -42.83 -0.26 6.97
N ILE F 132 -43.10 0.39 5.85
CA ILE F 132 -42.70 1.76 5.65
C ILE F 132 -43.74 2.62 6.33
N ALA F 133 -43.27 3.37 7.32
CA ALA F 133 -44.11 4.24 8.09
C ALA F 133 -44.42 5.49 7.30
N VAL F 134 -45.51 6.12 7.65
CA VAL F 134 -45.88 7.38 7.11
C VAL F 134 -46.13 8.33 8.28
N ASN F 135 -45.29 9.36 8.39
CA ASN F 135 -45.50 10.35 9.42
C ASN F 135 -46.93 10.90 9.36
N PRO F 136 -47.65 10.80 10.46
CA PRO F 136 -49.11 11.02 10.54
C PRO F 136 -49.50 12.50 10.53
N SER F 137 -48.56 13.40 10.83
CA SER F 137 -48.77 14.83 10.63
C SER F 137 -48.56 15.24 9.19
N THR F 138 -47.37 14.95 8.67
CA THR F 138 -46.99 15.38 7.33
C THR F 138 -47.69 14.58 6.23
N ASN F 139 -47.89 13.31 6.47
CA ASN F 139 -48.31 12.41 5.44
C ASN F 139 -47.18 11.88 4.58
N TYR F 140 -45.95 12.30 4.84
CA TYR F 140 -44.77 11.84 4.08
C TYR F 140 -44.18 10.59 4.70
N THR F 141 -43.58 9.74 3.87
CA THR F 141 -43.01 8.49 4.39
C THR F 141 -41.82 8.77 5.33
N SER F 142 -41.40 7.78 6.11
CA SER F 142 -40.53 8.02 7.25
C SER F 142 -39.69 6.79 7.50
N THR F 143 -38.52 6.96 8.15
CA THR F 143 -37.70 5.78 8.50
C THR F 143 -38.12 5.17 9.82
N TYR F 144 -39.05 5.87 10.49
CA TYR F 144 -39.65 5.42 11.76
C TYR F 144 -40.14 4.00 11.68
N LYS F 145 -39.96 3.25 12.75
CA LYS F 145 -40.42 1.89 12.76
C LYS F 145 -41.51 1.61 13.78
N TYR F 146 -42.63 1.11 13.29
CA TYR F 146 -43.82 0.86 14.08
C TYR F 146 -43.54 -0.34 14.97
N PRO F 147 -44.20 -0.40 16.15
CA PRO F 147 -44.06 -1.62 16.90
C PRO F 147 -45.17 -2.61 16.49
N PHE F 148 -45.15 -3.78 17.09
CA PHE F 148 -46.06 -4.84 16.70
C PHE F 148 -46.80 -5.40 17.93
N VAL F 149 -47.92 -6.05 17.70
CA VAL F 149 -48.48 -7.02 18.71
C VAL F 149 -48.79 -8.31 17.96
N TYR F 150 -48.35 -9.43 18.48
CA TYR F 150 -48.77 -10.70 17.91
C TYR F 150 -49.85 -11.29 18.83
N ASP F 151 -50.89 -11.88 18.24
CA ASP F 151 -51.96 -12.56 19.00
C ASP F 151 -51.87 -14.06 18.75
N ALA F 152 -51.35 -14.80 19.73
CA ALA F 152 -51.05 -16.23 19.56
C ALA F 152 -52.32 -17.09 19.42
N VAL F 153 -53.48 -16.51 19.73
CA VAL F 153 -54.74 -17.29 19.65
C VAL F 153 -55.31 -17.20 18.24
N SER F 154 -55.52 -15.99 17.75
CA SER F 154 -55.96 -15.78 16.38
C SER F 154 -54.76 -15.91 15.38
N ARG F 155 -53.54 -15.99 15.91
CA ARG F 155 -52.34 -16.18 15.06
C ARG F 155 -52.26 -15.05 14.05
N LYS F 156 -52.56 -13.83 14.51
CA LYS F 156 -52.53 -12.68 13.66
C LYS F 156 -51.45 -11.75 14.16
N CYS F 157 -50.97 -10.86 13.29
CA CYS F 157 -49.85 -9.98 13.56
C CYS F 157 -50.36 -8.56 13.33
N TYR F 158 -50.30 -7.74 14.37
CA TYR F 158 -50.74 -6.34 14.25
C TYR F 158 -49.50 -5.45 14.20
N VAL F 159 -49.48 -4.50 13.27
CA VAL F 159 -48.48 -3.46 13.30
C VAL F 159 -49.18 -2.18 13.67
N LEU F 160 -48.72 -1.53 14.73
CA LEU F 160 -49.46 -0.43 15.29
C LEU F 160 -48.86 0.86 14.78
N SER F 161 -49.70 1.75 14.26
CA SER F 161 -49.20 3.03 13.86
C SER F 161 -49.19 4.03 15.01
N VAL F 162 -49.84 3.68 16.12
CA VAL F 162 -49.70 4.47 17.34
C VAL F 162 -48.72 3.79 18.26
N SER F 163 -47.66 4.51 18.62
CA SER F 163 -46.57 3.91 19.37
C SER F 163 -46.63 4.42 20.80
N ALA F 164 -47.40 5.50 21.03
CA ALA F 164 -47.61 6.01 22.40
C ALA F 164 -48.15 4.85 23.19
N GLN F 165 -47.83 4.82 24.48
CA GLN F 165 -48.17 3.69 25.32
C GLN F 165 -48.76 4.16 26.66
N LEU F 166 -48.37 5.34 27.12
CA LEU F 166 -48.98 5.86 28.35
C LEU F 166 -49.46 7.27 28.13
N LEU F 167 -50.76 7.49 28.20
CA LEU F 167 -51.29 8.86 28.30
C LEU F 167 -52.13 9.02 29.55
N LYS F 168 -51.96 10.16 30.21
CA LYS F 168 -52.47 10.33 31.58
C LYS F 168 -52.79 11.80 31.89
N GLY F 169 -53.84 12.05 32.68
CA GLY F 169 -54.04 13.35 33.37
C GLY F 169 -55.13 14.23 32.77
N GLU F 170 -55.90 14.89 33.61
CA GLU F 170 -57.12 15.54 33.13
C GLU F 170 -56.87 16.70 32.13
N LYS F 171 -55.65 17.23 32.11
CA LYS F 171 -55.29 18.24 31.13
C LYS F 171 -55.26 17.66 29.70
N TYR F 172 -54.93 16.37 29.60
CA TYR F 172 -54.51 15.76 28.33
C TYR F 172 -55.50 14.71 27.79
N CYS F 173 -56.23 14.06 28.66
CA CYS F 173 -57.12 13.02 28.16
C CYS F 173 -58.26 12.77 29.09
N SER F 174 -59.27 12.10 28.58
CA SER F 174 -60.46 11.83 29.36
C SER F 174 -60.48 10.38 29.84
N VAL F 175 -60.94 10.17 31.07
CA VAL F 175 -61.23 8.85 31.54
C VAL F 175 -62.74 8.60 31.50
N ASN F 176 -63.15 7.68 30.63
CA ASN F 176 -64.54 7.27 30.55
C ASN F 176 -65.38 8.51 30.32
N GLY F 177 -64.88 9.40 29.47
CA GLY F 177 -65.66 10.54 29.05
C GLY F 177 -65.61 11.75 29.96
N THR F 178 -64.85 11.66 31.06
CA THR F 178 -64.59 12.80 31.95
C THR F 178 -63.10 13.09 31.95
N PRO F 179 -62.70 14.36 31.79
CA PRO F 179 -63.52 15.51 31.39
C PRO F 179 -64.06 15.34 29.97
N SER F 180 -65.19 15.96 29.69
CA SER F 180 -65.77 15.95 28.36
C SER F 180 -64.93 16.77 27.36
N GLY F 181 -65.01 16.43 26.08
CA GLY F 181 -64.50 17.30 25.02
C GLY F 181 -63.04 17.15 24.62
N LEU F 182 -62.31 16.27 25.30
CA LEU F 182 -60.93 15.96 24.92
C LEU F 182 -60.92 15.00 23.77
N THR F 183 -59.95 15.17 22.87
CA THR F 183 -59.79 14.35 21.66
C THR F 183 -59.40 12.93 21.99
N TRP F 184 -58.56 12.78 22.99
CA TRP F 184 -57.96 11.48 23.32
C TRP F 184 -58.48 10.97 24.63
N ALA F 185 -58.86 9.70 24.66
CA ALA F 185 -59.08 9.02 25.93
C ALA F 185 -57.74 8.58 26.50
N CYS F 186 -57.65 8.47 27.83
CA CYS F 186 -56.42 8.06 28.49
C CYS F 186 -56.10 6.62 28.23
N PHE F 187 -54.84 6.25 28.41
CA PHE F 187 -54.45 4.85 28.21
C PHE F 187 -53.13 4.52 28.87
N GLU F 188 -52.98 3.28 29.31
CA GLU F 188 -51.77 2.85 29.92
C GLU F 188 -51.56 1.35 29.70
N PRO F 189 -50.31 0.89 29.84
CA PRO F 189 -50.00 -0.53 29.70
C PRO F 189 -50.53 -1.38 30.85
N VAL F 190 -50.92 -2.60 30.54
CA VAL F 190 -51.25 -3.55 31.57
C VAL F 190 -50.88 -4.96 31.08
N LYS F 191 -50.52 -5.83 32.02
CA LYS F 191 -50.34 -7.23 31.72
C LYS F 191 -51.74 -7.87 31.79
N GLU F 192 -52.15 -8.55 30.73
CA GLU F 192 -53.41 -9.25 30.70
C GLU F 192 -53.25 -10.75 30.47
N LYS F 193 -54.11 -11.53 31.11
CA LYS F 193 -54.26 -12.91 30.81
C LYS F 193 -55.73 -13.20 30.53
N SER F 194 -56.01 -13.39 29.26
CA SER F 194 -57.37 -13.63 28.76
C SER F 194 -57.30 -14.94 27.99
N SER F 195 -58.37 -15.73 28.02
CA SER F 195 -58.37 -16.95 27.24
C SER F 195 -58.75 -16.65 25.77
N ALA F 196 -59.35 -15.47 25.56
CA ALA F 196 -59.70 -15.03 24.22
C ALA F 196 -58.50 -14.59 23.34
N ARG F 197 -57.47 -13.98 23.94
CA ARG F 197 -56.27 -13.60 23.15
C ARG F 197 -54.99 -13.77 23.91
N ALA F 198 -53.91 -14.01 23.19
CA ALA F 198 -52.64 -14.17 23.88
C ALA F 198 -51.61 -13.25 23.24
N LEU F 199 -51.42 -12.08 23.82
CA LEU F 199 -50.73 -11.02 23.15
C LEU F 199 -49.26 -10.97 23.48
N VAL F 200 -48.48 -10.44 22.55
CA VAL F 200 -47.06 -10.24 22.79
C VAL F 200 -46.79 -8.94 22.11
N TYR F 201 -46.37 -7.96 22.90
CA TYR F 201 -46.04 -6.64 22.39
C TYR F 201 -44.52 -6.57 22.19
N GLY F 202 -44.08 -5.89 21.14
CA GLY F 202 -42.62 -5.70 20.95
C GLY F 202 -42.23 -4.61 19.98
N SER F 203 -40.94 -4.23 19.96
CA SER F 203 -40.49 -3.22 18.97
C SER F 203 -40.13 -3.94 17.69
N ALA F 204 -40.25 -3.24 16.57
CA ALA F 204 -39.68 -3.69 15.27
C ALA F 204 -38.31 -4.31 15.44
N PHE F 205 -37.57 -3.87 16.45
CA PHE F 205 -36.14 -4.15 16.50
C PHE F 205 -35.86 -5.48 17.12
N VAL F 206 -36.90 -6.13 17.66
CA VAL F 206 -36.86 -7.62 17.86
C VAL F 206 -36.42 -8.33 16.58
N ALA F 207 -36.75 -7.74 15.43
CA ALA F 207 -36.48 -8.34 14.13
C ALA F 207 -34.98 -8.22 13.75
N GLU F 208 -34.27 -7.30 14.38
CA GLU F 208 -32.94 -6.96 13.88
C GLU F 208 -31.90 -7.94 14.35
N GLY F 209 -30.90 -8.19 13.50
CA GLY F 209 -29.95 -9.28 13.73
C GLY F 209 -30.53 -10.63 13.40
N ASN F 210 -31.31 -11.20 14.34
CA ASN F 210 -32.01 -12.47 14.16
C ASN F 210 -33.40 -12.37 14.79
N PRO F 211 -34.45 -12.27 13.95
CA PRO F 211 -35.85 -12.14 14.41
C PRO F 211 -36.28 -13.29 15.33
N ASP F 212 -35.55 -14.39 15.28
CA ASP F 212 -35.90 -15.58 16.04
C ASP F 212 -35.13 -15.70 17.36
N ALA F 213 -34.20 -14.78 17.62
CA ALA F 213 -33.28 -14.84 18.74
C ALA F 213 -33.98 -14.87 20.13
N TRP F 214 -35.12 -14.22 20.24
CA TRP F 214 -35.87 -14.09 21.51
C TRP F 214 -36.07 -15.42 22.16
N GLN F 215 -36.32 -16.44 21.33
CA GLN F 215 -36.74 -17.69 21.87
C GLN F 215 -35.62 -18.23 22.76
N SER F 216 -34.35 -17.90 22.45
CA SER F 216 -33.20 -18.40 23.28
C SER F 216 -32.53 -17.36 24.14
N ALA F 217 -32.84 -16.10 23.92
CA ALA F 217 -32.06 -15.01 24.49
C ALA F 217 -32.87 -14.32 25.58
N CYS F 218 -34.19 -14.43 25.51
CA CYS F 218 -35.08 -13.56 26.31
C CYS F 218 -35.80 -14.32 27.40
N PRO F 219 -36.19 -13.60 28.46
CA PRO F 219 -36.72 -14.35 29.59
C PRO F 219 -38.22 -14.55 29.42
N ASN F 220 -38.61 -15.31 28.40
CA ASN F 220 -40.02 -15.38 27.96
C ASN F 220 -40.98 -15.98 28.97
N ASP F 221 -40.43 -16.74 29.90
CA ASP F 221 -41.28 -17.56 30.77
C ASP F 221 -40.91 -17.45 32.22
N ALA F 222 -41.94 -17.45 33.07
CA ALA F 222 -41.76 -17.66 34.52
C ALA F 222 -40.94 -18.91 34.71
N VAL F 223 -40.13 -18.94 35.76
CA VAL F 223 -39.46 -20.18 36.09
C VAL F 223 -40.12 -20.81 37.29
N LYS F 224 -40.55 -22.07 37.13
CA LYS F 224 -41.21 -22.78 38.22
C LYS F 224 -40.26 -23.45 39.21
N ASP F 225 -40.65 -23.39 40.48
CA ASP F 225 -39.94 -24.04 41.59
C ASP F 225 -38.54 -23.52 41.76
N ALA F 226 -38.41 -22.21 41.69
CA ALA F 226 -37.13 -21.55 41.76
C ALA F 226 -37.36 -20.12 42.11
N LEU F 227 -36.37 -19.53 42.75
CA LEU F 227 -36.32 -18.10 42.94
C LEU F 227 -35.02 -17.54 42.39
N PHE F 228 -35.08 -16.30 41.96
CA PHE F 228 -33.90 -15.51 41.64
C PHE F 228 -33.00 -15.32 42.84
N GLY F 229 -31.68 -15.27 42.58
CA GLY F 229 -30.70 -15.21 43.65
C GLY F 229 -29.42 -14.48 43.27
N LYS F 230 -28.67 -14.06 44.28
CA LYS F 230 -27.28 -13.67 44.12
C LYS F 230 -26.39 -14.70 44.84
N TRP F 231 -25.31 -15.08 44.20
CA TRP F 231 -24.53 -16.21 44.63
C TRP F 231 -23.39 -15.78 45.59
N GLU F 232 -23.44 -16.26 46.82
CA GLU F 232 -22.50 -15.81 47.88
C GLU F 232 -22.22 -16.94 48.82
N ASP F 233 -20.95 -17.19 49.12
CA ASP F 233 -20.59 -18.19 50.13
C ASP F 233 -21.12 -19.54 49.70
N GLY F 234 -20.78 -19.96 48.49
CA GLY F 234 -21.02 -21.33 48.07
C GLY F 234 -22.49 -21.72 48.06
N GLN F 235 -23.36 -20.73 47.87
CA GLN F 235 -24.79 -20.98 47.69
C GLN F 235 -25.48 -19.81 46.95
N CYS F 236 -26.70 -20.05 46.49
CA CYS F 236 -27.53 -19.00 45.91
C CYS F 236 -28.44 -18.41 47.01
N VAL F 237 -28.25 -17.16 47.37
CA VAL F 237 -29.18 -16.55 48.29
C VAL F 237 -30.26 -15.73 47.60
N PRO F 238 -31.52 -16.19 47.71
CA PRO F 238 -32.68 -15.57 47.09
C PRO F 238 -32.86 -14.09 47.43
N PHE F 239 -33.31 -13.30 46.47
CA PHE F 239 -33.86 -11.99 46.79
C PHE F 239 -35.13 -12.15 47.62
N ASP F 240 -35.22 -11.41 48.70
CA ASP F 240 -36.38 -11.50 49.59
C ASP F 240 -36.65 -10.14 50.21
N THR F 241 -37.26 -10.16 51.38
CA THR F 241 -37.74 -8.93 51.99
C THR F 241 -36.60 -7.93 52.18
N LYS F 242 -35.46 -8.41 52.64
CA LYS F 242 -34.33 -7.53 52.93
C LYS F 242 -33.75 -6.88 51.67
N THR F 243 -33.82 -7.59 50.56
CA THR F 243 -33.04 -7.24 49.38
C THR F 243 -33.94 -6.66 48.30
N SER F 244 -35.14 -6.25 48.67
CA SER F 244 -36.14 -5.92 47.70
C SER F 244 -36.63 -4.51 47.78
N VAL F 245 -37.21 -4.07 46.70
CA VAL F 245 -37.72 -2.74 46.62
C VAL F 245 -39.17 -2.69 47.11
N GLN F 246 -39.84 -3.84 47.08
CA GLN F 246 -41.13 -3.99 47.77
C GLN F 246 -41.36 -5.46 47.86
N SER F 247 -42.15 -5.85 48.86
CA SER F 247 -42.39 -7.25 49.14
C SER F 247 -43.67 -7.44 49.93
N ASP F 248 -44.77 -6.95 49.35
CA ASP F 248 -46.08 -7.14 49.93
C ASP F 248 -46.66 -8.50 49.54
N GLN F 249 -47.70 -8.93 50.25
CA GLN F 249 -48.29 -10.21 49.99
C GLN F 249 -49.06 -10.18 48.66
N ALA F 250 -49.18 -11.33 48.00
CA ALA F 250 -50.07 -11.48 46.87
C ALA F 250 -51.03 -12.64 47.08
N THR F 251 -52.29 -12.48 46.66
CA THR F 251 -53.25 -13.58 46.82
C THR F 251 -52.77 -14.78 46.03
N ASN F 252 -52.26 -14.52 44.84
CA ASN F 252 -51.70 -15.60 44.06
C ASN F 252 -50.57 -15.19 43.14
N LYS F 253 -49.96 -16.20 42.51
CA LYS F 253 -48.97 -16.08 41.47
C LYS F 253 -49.31 -15.00 40.49
N GLU F 254 -50.45 -15.18 39.84
CA GLU F 254 -50.81 -14.34 38.72
C GLU F 254 -50.79 -12.87 39.12
N GLU F 255 -51.20 -12.58 40.37
CA GLU F 255 -51.26 -11.20 40.87
C GLU F 255 -49.85 -10.60 40.95
N CYS F 256 -48.89 -11.43 41.34
CA CYS F 256 -47.48 -11.07 41.38
C CYS F 256 -46.94 -10.77 39.97
N TRP F 257 -47.19 -11.67 39.03
CA TRP F 257 -46.75 -11.47 37.65
C TRP F 257 -47.29 -10.17 37.06
N LYS F 258 -48.55 -9.90 37.31
CA LYS F 258 -49.12 -8.62 36.89
C LYS F 258 -48.41 -7.48 37.59
N ARG F 259 -48.05 -7.70 38.86
CA ARG F 259 -47.66 -6.62 39.68
C ARG F 259 -46.26 -6.10 39.31
N VAL F 260 -45.33 -7.01 39.06
CA VAL F 260 -43.98 -6.65 38.67
C VAL F 260 -43.96 -5.80 37.37
N PHE F 261 -44.83 -6.10 36.43
CA PHE F 261 -44.91 -5.29 35.23
C PHE F 261 -45.33 -3.84 35.53
N ALA F 262 -46.32 -3.70 36.41
CA ALA F 262 -46.96 -2.40 36.64
C ALA F 262 -46.24 -1.57 37.74
N ASN F 263 -45.24 -2.15 38.40
CA ASN F 263 -44.73 -1.55 39.62
C ASN F 263 -43.97 -0.25 39.26
N PRO F 264 -44.01 0.78 40.14
CA PRO F 264 -43.56 2.16 39.82
C PRO F 264 -42.06 2.29 39.53
N LEU F 265 -41.31 1.27 39.92
CA LEU F 265 -39.88 1.30 39.73
C LEU F 265 -39.41 0.42 38.55
N VAL F 266 -40.37 -0.21 37.84
CA VAL F 266 -40.04 -1.01 36.63
C VAL F 266 -39.31 -0.17 35.55
N ALA F 267 -38.45 -0.82 34.75
CA ALA F 267 -37.84 -0.09 33.62
C ALA F 267 -38.94 0.48 32.73
N SER F 268 -38.95 1.80 32.61
CA SER F 268 -39.95 2.52 31.87
C SER F 268 -39.27 3.76 31.32
N ASP F 269 -39.67 4.17 30.12
CA ASP F 269 -39.09 5.33 29.46
C ASP F 269 -40.10 6.49 29.41
N ALA F 270 -41.18 6.36 30.15
CA ALA F 270 -42.17 7.43 30.20
C ALA F 270 -41.61 8.63 30.98
N PRO F 271 -42.08 9.85 30.64
CA PRO F 271 -41.42 10.99 31.28
C PRO F 271 -41.87 11.14 32.73
N THR F 272 -41.21 12.00 33.49
CA THR F 272 -41.50 12.12 34.91
C THR F 272 -42.38 13.33 35.25
N THR F 273 -42.42 14.30 34.34
CA THR F 273 -43.36 15.42 34.42
C THR F 273 -44.14 15.56 33.10
N GLN F 279 -51.63 20.74 23.71
CA GLN F 279 -52.26 19.45 23.93
C GLN F 279 -52.29 18.63 22.65
N LYS F 280 -52.78 17.40 22.76
CA LYS F 280 -52.56 16.39 21.73
C LYS F 280 -53.60 16.51 20.60
N ASN F 281 -53.14 16.60 19.35
CA ASN F 281 -54.03 16.50 18.19
C ASN F 281 -54.36 15.07 17.87
N TRP F 282 -55.39 14.89 17.04
CA TRP F 282 -55.91 13.56 16.77
C TRP F 282 -54.89 12.63 16.15
N ASN F 283 -53.91 13.20 15.46
CA ASN F 283 -52.94 12.40 14.73
C ASN F 283 -51.54 12.43 15.28
N ASP F 284 -51.40 12.81 16.55
CA ASP F 284 -50.13 12.67 17.24
C ASP F 284 -49.97 11.25 17.74
N PHE F 285 -49.69 10.35 16.81
CA PHE F 285 -49.56 8.93 17.10
C PHE F 285 -48.23 8.58 17.76
N TRP F 286 -47.22 9.43 17.53
CA TRP F 286 -45.87 9.14 17.96
C TRP F 286 -45.43 10.20 18.93
N PRO F 287 -44.82 9.78 20.05
CA PRO F 287 -44.37 10.81 21.00
C PRO F 287 -43.17 11.55 20.42
N VAL F 288 -43.08 12.81 20.78
CA VAL F 288 -42.03 13.70 20.31
C VAL F 288 -40.85 13.50 21.19
N HIS F 289 -39.67 13.33 20.62
CA HIS F 289 -38.48 13.13 21.43
C HIS F 289 -37.97 14.47 21.94
N GLU F 290 -37.69 14.54 23.24
CA GLU F 290 -37.13 15.72 23.81
C GLU F 290 -35.83 15.41 24.50
N GLN F 291 -35.01 16.44 24.68
CA GLN F 291 -33.95 16.42 25.68
C GLN F 291 -34.66 16.24 26.99
N SER F 292 -34.22 15.28 27.78
CA SER F 292 -34.98 14.94 28.99
C SER F 292 -36.03 13.82 28.85
N SER F 293 -36.26 13.31 27.63
CA SER F 293 -36.96 12.03 27.51
C SER F 293 -36.13 10.94 28.16
N PRO F 294 -36.72 10.18 29.08
CA PRO F 294 -35.84 9.21 29.73
C PRO F 294 -35.67 7.93 28.93
N LYS F 295 -34.47 7.40 28.99
CA LYS F 295 -34.21 6.11 28.42
C LYS F 295 -33.70 5.24 29.56
N SER F 296 -34.53 4.30 30.00
CA SER F 296 -34.17 3.42 31.09
C SER F 296 -32.96 2.59 30.73
N GLY F 297 -32.84 2.25 29.44
CA GLY F 297 -31.88 1.21 29.01
C GLY F 297 -32.27 -0.14 29.54
N GLY F 298 -33.45 -0.25 30.16
CA GLY F 298 -33.90 -1.54 30.74
C GLY F 298 -33.57 -1.78 32.19
N PHE F 299 -32.88 -0.81 32.82
CA PHE F 299 -32.55 -0.87 34.27
C PHE F 299 -33.78 -0.51 35.07
N GLY F 300 -34.06 -1.29 36.12
CA GLY F 300 -35.21 -0.98 36.96
C GLY F 300 -35.64 -2.20 37.73
N ALA F 301 -36.75 -2.11 38.45
CA ALA F 301 -37.16 -3.20 39.31
C ALA F 301 -37.97 -4.18 38.48
N ASN F 302 -37.25 -5.05 37.77
CA ASN F 302 -37.85 -5.86 36.73
C ASN F 302 -38.15 -7.30 37.13
N TRP F 303 -37.66 -7.75 38.28
CA TRP F 303 -37.81 -9.14 38.66
C TRP F 303 -38.65 -9.26 39.92
N ALA F 304 -39.41 -10.34 39.99
CA ALA F 304 -40.21 -10.65 41.18
C ALA F 304 -40.04 -12.10 41.61
N ASN F 305 -39.81 -12.30 42.91
CA ASN F 305 -39.78 -13.64 43.48
C ASN F 305 -41.12 -13.96 44.16
N PHE F 306 -41.74 -15.05 43.78
CA PHE F 306 -43.00 -15.42 44.43
C PHE F 306 -42.83 -16.66 45.26
N TYR F 307 -43.01 -16.53 46.57
CA TYR F 307 -42.70 -17.63 47.48
C TYR F 307 -43.54 -17.59 48.74
N LEU F 308 -43.65 -18.73 49.40
CA LEU F 308 -44.38 -18.78 50.64
C LEU F 308 -43.45 -18.35 51.75
N GLU F 309 -43.81 -17.26 52.43
CA GLU F 309 -42.92 -16.70 53.46
C GLU F 309 -42.91 -17.60 54.68
N LYS F 310 -41.72 -17.86 55.20
CA LYS F 310 -41.54 -18.78 56.31
C LYS F 310 -42.07 -18.17 57.59
N GLU F 311 -42.93 -18.91 58.29
CA GLU F 311 -43.38 -18.50 59.61
C GLU F 311 -44.09 -17.15 59.51
N SER F 312 -44.63 -16.86 58.33
CA SER F 312 -45.75 -15.95 58.20
C SER F 312 -46.91 -16.68 57.53
N GLY F 313 -46.59 -17.78 56.84
CA GLY F 313 -47.59 -18.55 56.11
C GLY F 313 -48.26 -17.72 55.02
N GLU F 314 -47.67 -16.56 54.73
CA GLU F 314 -48.13 -15.73 53.63
C GLU F 314 -47.25 -15.86 52.38
N THR F 315 -47.87 -15.77 51.21
CA THR F 315 -47.15 -15.68 49.94
C THR F 315 -46.78 -14.23 49.61
N ILE F 316 -45.52 -14.04 49.28
CA ILE F 316 -44.93 -12.72 49.15
C ILE F 316 -44.53 -12.54 47.69
N CYS F 317 -44.82 -11.36 47.12
CA CYS F 317 -44.19 -10.93 45.85
C CYS F 317 -43.04 -9.94 46.12
N ALA F 318 -41.81 -10.41 46.00
CA ALA F 318 -40.66 -9.59 46.25
C ALA F 318 -40.07 -9.13 44.93
N ILE F 319 -40.15 -7.82 44.72
CA ILE F 319 -39.77 -7.23 43.47
C ILE F 319 -38.44 -6.54 43.68
N PHE F 320 -37.42 -6.94 42.94
CA PHE F 320 -36.14 -6.30 43.13
C PHE F 320 -35.53 -5.80 41.83
N ASP F 321 -34.34 -5.22 41.93
CA ASP F 321 -33.79 -4.45 40.85
C ASP F 321 -32.34 -4.70 40.62
N GLN F 322 -31.88 -5.88 40.98
CA GLN F 322 -30.56 -6.32 40.61
C GLN F 322 -30.68 -7.44 39.63
N VAL F 323 -29.64 -7.63 38.82
CA VAL F 323 -29.61 -8.68 37.86
C VAL F 323 -29.29 -9.94 38.65
N PRO F 324 -30.17 -10.93 38.59
CA PRO F 324 -29.88 -12.13 39.35
C PRO F 324 -28.78 -12.90 38.68
N ASP F 325 -27.95 -13.56 39.46
CA ASP F 325 -26.94 -14.38 38.87
C ASP F 325 -27.00 -15.82 39.32
N CYS F 326 -28.09 -16.24 39.98
CA CYS F 326 -28.34 -17.67 40.14
C CYS F 326 -29.79 -17.97 40.47
N PHE F 327 -30.15 -19.25 40.48
CA PHE F 327 -31.50 -19.71 40.81
C PHE F 327 -31.42 -20.62 42.06
N ALA F 328 -32.22 -20.30 43.07
CA ALA F 328 -32.41 -21.25 44.21
C ALA F 328 -33.61 -22.14 43.97
N PRO F 329 -33.38 -23.45 43.73
CA PRO F 329 -34.49 -24.40 43.63
C PRO F 329 -35.31 -24.46 44.92
N ILE F 330 -36.53 -23.95 44.88
CA ILE F 330 -37.42 -24.07 46.03
C ILE F 330 -38.79 -24.51 45.57
N THR F 331 -39.25 -25.69 46.02
CA THR F 331 -40.53 -26.21 45.57
C THR F 331 -41.71 -25.26 45.87
N GLY F 332 -42.45 -24.94 44.84
CA GLY F 332 -43.59 -24.06 45.00
C GLY F 332 -43.35 -22.56 44.81
N ALA F 333 -42.11 -22.10 44.77
CA ALA F 333 -41.87 -20.69 44.41
C ALA F 333 -41.91 -20.49 42.89
N VAL F 334 -42.15 -19.24 42.46
CA VAL F 334 -42.13 -18.90 41.02
C VAL F 334 -41.33 -17.60 40.75
N ALA F 335 -40.52 -17.61 39.70
CA ALA F 335 -39.62 -16.47 39.45
C ALA F 335 -40.10 -15.73 38.20
N TYR F 336 -40.64 -14.51 38.38
CA TYR F 336 -41.25 -13.72 37.28
C TYR F 336 -40.38 -12.48 36.91
N THR F 337 -40.53 -12.00 35.67
CA THR F 337 -40.05 -10.69 35.30
C THR F 337 -41.14 -9.95 34.63
N ALA F 338 -40.88 -8.68 34.35
CA ALA F 338 -41.90 -7.86 33.67
C ALA F 338 -41.99 -8.17 32.16
N LEU F 339 -40.94 -8.76 31.60
CA LEU F 339 -41.02 -9.15 30.19
C LEU F 339 -41.79 -10.46 29.98
N GLY F 340 -41.66 -11.38 30.91
CA GLY F 340 -42.06 -12.76 30.61
C GLY F 340 -43.57 -12.95 30.70
N SER F 341 -44.01 -14.08 30.19
CA SER F 341 -45.36 -14.63 30.43
C SER F 341 -45.52 -15.20 31.86
N SER F 342 -46.74 -15.63 32.20
CA SER F 342 -46.91 -16.41 33.42
C SER F 342 -46.86 -17.91 33.18
N THR F 343 -46.72 -18.32 31.92
CA THR F 343 -46.43 -19.70 31.56
C THR F 343 -45.09 -20.05 32.15
N GLU F 344 -44.97 -21.29 32.60
CA GLU F 344 -43.85 -21.67 33.45
C GLU F 344 -42.98 -22.73 32.84
N VAL F 345 -41.67 -22.50 32.89
CA VAL F 345 -40.72 -23.49 32.46
C VAL F 345 -39.94 -23.98 33.69
N ASN F 346 -39.30 -25.17 33.60
CA ASN F 346 -38.33 -25.61 34.61
C ASN F 346 -36.92 -25.07 34.37
N LEU F 347 -36.11 -25.06 35.44
CA LEU F 347 -34.66 -24.97 35.30
C LEU F 347 -34.12 -26.01 34.36
N PRO F 348 -33.00 -25.69 33.70
CA PRO F 348 -32.32 -26.74 32.93
C PRO F 348 -31.97 -27.92 33.82
N GLN F 349 -32.04 -29.14 33.28
CA GLN F 349 -31.50 -30.30 33.98
C GLN F 349 -30.00 -30.20 34.08
N CYS F 350 -29.42 -31.01 34.95
CA CYS F 350 -27.99 -31.04 35.15
C CYS F 350 -27.45 -32.44 34.98
N ASP F 351 -26.15 -32.58 34.97
CA ASP F 351 -25.53 -33.88 34.75
C ASP F 351 -25.14 -34.55 36.06
N SER F 352 -25.96 -35.48 36.54
CA SER F 352 -25.62 -36.21 37.76
C SER F 352 -24.20 -36.72 37.65
N ALA F 353 -23.93 -37.49 36.60
CA ALA F 353 -22.63 -38.08 36.39
C ALA F 353 -21.47 -37.10 36.61
N SER F 354 -21.61 -35.85 36.17
CA SER F 354 -20.47 -34.93 36.11
C SER F 354 -20.46 -33.78 37.13
N PHE F 355 -21.59 -33.55 37.81
CA PHE F 355 -21.74 -32.41 38.73
C PHE F 355 -20.96 -32.60 40.04
N ILE F 356 -20.07 -31.64 40.33
CA ILE F 356 -19.36 -31.59 41.61
C ILE F 356 -20.21 -30.79 42.63
N PRO F 357 -20.72 -31.49 43.68
CA PRO F 357 -21.55 -30.84 44.69
C PRO F 357 -20.85 -29.63 45.30
N ILE F 358 -21.61 -28.62 45.69
CA ILE F 358 -21.02 -27.47 46.34
C ILE F 358 -21.49 -27.40 47.77
N GLU F 359 -20.57 -27.11 48.68
CA GLU F 359 -20.84 -27.07 50.08
C GLU F 359 -20.63 -25.68 50.60
N GLY F 360 -21.70 -25.02 51.02
CA GLY F 360 -21.57 -23.79 51.80
C GLY F 360 -20.71 -23.97 53.05
N PRO F 361 -20.48 -22.88 53.76
CA PRO F 361 -19.86 -22.94 55.08
C PRO F 361 -20.82 -23.58 56.12
N CYS F 362 -20.28 -24.15 57.22
CA CYS F 362 -21.12 -24.52 58.39
C CYS F 362 -21.44 -23.35 59.26
N ASN F 363 -22.73 -23.07 59.39
CA ASN F 363 -23.20 -21.95 60.20
C ASN F 363 -24.20 -22.48 61.21
N ASN F 364 -23.78 -22.53 62.48
CA ASN F 364 -24.61 -23.10 63.53
C ASN F 364 -25.16 -24.46 63.16
N CYS F 365 -24.30 -25.29 62.55
CA CYS F 365 -24.54 -26.72 62.40
C CYS F 365 -25.37 -27.06 61.18
N VAL F 366 -25.68 -26.03 60.39
CA VAL F 366 -26.32 -26.21 59.11
C VAL F 366 -25.50 -25.63 57.96
N GLN F 367 -25.54 -26.31 56.83
CA GLN F 367 -24.73 -25.93 55.72
C GLN F 367 -25.50 -26.16 54.45
N VAL F 368 -25.41 -25.22 53.52
CA VAL F 368 -26.22 -25.32 52.32
C VAL F 368 -25.46 -26.04 51.24
N VAL F 369 -26.04 -27.08 50.71
CA VAL F 369 -25.33 -27.89 49.74
C VAL F 369 -26.10 -27.81 48.43
N THR F 370 -25.38 -27.81 47.33
CA THR F 370 -25.98 -27.68 46.01
C THR F 370 -25.51 -28.86 45.22
N GLU F 371 -26.46 -29.61 44.67
CA GLU F 371 -26.12 -30.86 44.05
C GLU F 371 -27.11 -31.28 42.97
N CYS F 372 -26.79 -32.36 42.29
CA CYS F 372 -27.59 -32.79 41.16
C CYS F 372 -28.01 -34.23 41.37
N VAL F 373 -29.21 -34.41 41.90
CA VAL F 373 -29.74 -35.73 42.10
C VAL F 373 -30.72 -36.10 40.98
N GLY F 374 -30.35 -37.11 40.19
CA GLY F 374 -31.23 -37.60 39.13
C GLY F 374 -31.44 -36.54 38.06
N ASN F 375 -30.35 -35.88 37.70
CA ASN F 375 -30.39 -34.81 36.71
C ASN F 375 -31.31 -33.68 37.12
N GLN F 376 -31.45 -33.47 38.41
CA GLN F 376 -32.28 -32.39 38.94
C GLN F 376 -31.47 -31.55 39.90
N PHE F 377 -31.55 -30.23 39.70
CA PHE F 377 -30.71 -29.31 40.44
C PHE F 377 -31.30 -29.11 41.81
N ASP F 378 -30.46 -29.15 42.84
CA ASP F 378 -31.00 -28.98 44.19
C ASP F 378 -30.13 -28.23 45.20
N GLN F 379 -30.79 -27.48 46.05
CA GLN F 379 -30.11 -26.79 47.11
C GLN F 379 -30.84 -27.12 48.39
N THR F 380 -30.18 -27.85 49.31
CA THR F 380 -30.77 -28.14 50.60
C THR F 380 -29.84 -27.79 51.74
N SER F 381 -30.41 -27.59 52.93
CA SER F 381 -29.61 -27.58 54.15
C SER F 381 -29.29 -29.00 54.60
N LYS F 382 -28.05 -29.19 55.05
CA LYS F 382 -27.60 -30.45 55.63
C LYS F 382 -27.07 -30.17 57.02
N ALA F 383 -27.36 -31.08 57.95
CA ALA F 383 -26.74 -31.05 59.27
C ALA F 383 -25.24 -31.30 59.14
N CYS F 384 -24.46 -30.58 59.91
CA CYS F 384 -23.01 -30.66 59.76
C CYS F 384 -22.20 -30.61 61.07
N CYS F 385 -22.86 -30.76 62.21
CA CYS F 385 -22.14 -30.96 63.48
C CYS F 385 -22.16 -32.44 63.91
N THR F 386 -23.06 -33.21 63.31
CA THR F 386 -22.79 -34.59 62.87
C THR F 386 -24.08 -35.36 62.57
N GLY G 5 65.96 10.51 -25.37
CA GLY G 5 65.70 9.86 -24.07
C GLY G 5 65.08 8.49 -24.25
N GLN G 6 65.48 7.53 -23.39
CA GLN G 6 65.29 6.14 -23.75
C GLN G 6 64.53 5.34 -22.69
N ASN G 7 63.62 4.48 -23.12
CA ASN G 7 62.64 3.85 -22.23
C ASN G 7 63.24 3.20 -21.00
N PRO G 8 63.02 3.82 -19.83
CA PRO G 8 63.54 3.32 -18.57
C PRO G 8 63.01 1.91 -18.23
N TRP G 9 61.99 1.45 -18.92
CA TRP G 9 61.44 0.12 -18.63
C TRP G 9 62.27 -1.00 -19.25
N ALA G 10 63.33 -0.63 -19.97
CA ALA G 10 64.28 -1.58 -20.55
C ALA G 10 65.69 -1.42 -19.96
N THR G 11 65.85 -0.50 -19.01
CA THR G 11 67.17 -0.07 -18.61
C THR G 11 67.63 -0.75 -17.32
N THR G 12 66.84 -1.68 -16.83
CA THR G 12 67.12 -2.34 -15.56
C THR G 12 66.39 -3.66 -15.60
N THR G 13 67.02 -4.71 -15.08
CA THR G 13 66.46 -6.08 -15.12
C THR G 13 65.11 -6.14 -14.39
N ALA G 14 64.99 -5.38 -13.30
CA ALA G 14 63.76 -5.38 -12.52
C ALA G 14 62.66 -4.62 -13.27
N PHE G 15 63.00 -3.53 -13.97
CA PHE G 15 61.95 -2.82 -14.74
C PHE G 15 61.57 -3.65 -15.93
N ALA G 16 62.59 -4.19 -16.59
CA ALA G 16 62.34 -5.08 -17.72
C ALA G 16 61.54 -6.31 -17.36
N ASP G 17 61.82 -6.95 -16.24
CA ASP G 17 61.14 -8.20 -15.90
C ASP G 17 59.70 -7.94 -15.56
N PHE G 18 59.43 -6.79 -14.94
CA PHE G 18 58.08 -6.42 -14.63
C PHE G 18 57.33 -6.06 -15.92
N MET G 19 57.94 -5.23 -16.74
CA MET G 19 57.30 -4.88 -18.03
C MET G 19 56.99 -6.10 -18.90
N LYS G 20 57.89 -7.09 -18.90
CA LYS G 20 57.73 -8.27 -19.74
C LYS G 20 56.44 -9.06 -19.45
N ARG G 21 55.95 -8.97 -18.24
CA ARG G 21 54.80 -9.78 -17.88
C ARG G 21 53.56 -9.40 -18.66
N PHE G 22 53.55 -8.20 -19.25
CA PHE G 22 52.32 -7.67 -19.87
C PHE G 22 52.39 -7.82 -21.38
N ASN G 23 53.42 -8.57 -21.82
CA ASN G 23 53.45 -9.10 -23.16
C ASN G 23 52.69 -10.40 -23.28
N ILE G 24 51.36 -10.27 -23.25
CA ILE G 24 50.48 -11.44 -23.17
C ILE G 24 50.68 -12.45 -24.30
N PRO G 25 50.63 -12.00 -25.58
CA PRO G 25 50.78 -12.98 -26.69
C PRO G 25 52.04 -13.77 -26.56
N GLN G 26 53.06 -13.16 -25.97
CA GLN G 26 54.30 -13.84 -25.78
C GLN G 26 54.39 -14.72 -24.54
N VAL G 27 53.96 -14.22 -23.36
CA VAL G 27 54.12 -15.00 -22.12
C VAL G 27 52.96 -15.98 -21.90
N HIS G 28 51.82 -15.70 -22.50
CA HIS G 28 50.67 -16.59 -22.39
C HIS G 28 50.47 -17.46 -23.66
N GLY G 29 50.30 -16.81 -24.81
CA GLY G 29 50.40 -17.47 -26.11
C GLY G 29 49.12 -18.16 -26.56
N SER G 30 48.00 -17.84 -25.93
CA SER G 30 46.75 -18.52 -26.27
C SER G 30 45.57 -17.68 -25.90
N GLY G 31 44.36 -18.20 -26.07
CA GLY G 31 43.17 -17.43 -25.72
C GLY G 31 43.09 -17.18 -24.23
N ILE G 32 42.29 -16.19 -23.83
CA ILE G 32 42.09 -15.86 -22.40
C ILE G 32 40.66 -16.17 -21.97
N PHE G 33 39.69 -15.62 -22.72
CA PHE G 33 38.29 -15.84 -22.47
C PHE G 33 37.93 -17.30 -22.73
N VAL G 34 38.09 -17.74 -23.98
CA VAL G 34 38.15 -19.17 -24.29
C VAL G 34 39.53 -19.51 -24.76
N ASP G 35 40.18 -20.40 -24.01
CA ASP G 35 41.52 -20.81 -24.34
C ASP G 35 41.46 -22.22 -24.88
N LEU G 36 41.55 -22.36 -26.20
CA LEU G 36 41.71 -23.69 -26.79
C LEU G 36 42.81 -23.66 -27.85
N GLY G 37 44.02 -23.22 -27.44
CA GLY G 37 45.04 -22.84 -28.38
C GLY G 37 45.90 -24.00 -28.85
N ARG G 38 45.61 -25.19 -28.32
CA ARG G 38 46.30 -26.40 -28.69
C ARG G 38 45.29 -27.42 -29.22
N ASP G 39 45.78 -28.44 -29.89
CA ASP G 39 44.93 -29.58 -30.21
C ASP G 39 45.72 -30.86 -30.15
N THR G 40 45.06 -31.93 -29.74
CA THR G 40 45.70 -33.21 -29.56
C THR G 40 44.66 -34.25 -29.86
N GLU G 41 45.07 -35.29 -30.60
CA GLU G 41 44.18 -36.36 -30.96
C GLU G 41 42.91 -35.82 -31.57
N GLY G 42 43.00 -34.70 -32.27
CA GLY G 42 41.80 -34.08 -32.92
C GLY G 42 40.80 -33.44 -31.94
N TYR G 43 41.27 -33.06 -30.76
CA TYR G 43 40.46 -32.24 -29.84
C TYR G 43 41.14 -30.91 -29.54
N ARG G 44 40.36 -29.84 -29.46
CA ARG G 44 40.88 -28.57 -28.99
C ARG G 44 41.31 -28.72 -27.54
N GLU G 45 42.52 -28.27 -27.24
CA GLU G 45 43.10 -28.50 -25.91
C GLU G 45 43.42 -27.12 -25.32
N VAL G 46 43.24 -26.92 -24.01
CA VAL G 46 43.53 -25.59 -23.33
C VAL G 46 45.03 -25.48 -23.15
N GLY G 47 45.64 -24.38 -23.59
CA GLY G 47 47.11 -24.41 -23.75
C GLY G 47 47.91 -23.17 -23.37
N GLY G 48 47.23 -22.15 -22.83
CA GLY G 48 47.89 -20.92 -22.47
C GLY G 48 48.80 -21.07 -21.27
N LYS G 49 49.93 -20.37 -21.25
CA LYS G 49 50.93 -20.60 -20.19
C LYS G 49 50.66 -19.81 -18.87
N CYS G 50 49.79 -18.80 -18.91
CA CYS G 50 49.52 -18.03 -17.69
C CYS G 50 48.24 -18.49 -17.02
N PRO G 51 48.22 -18.49 -15.68
CA PRO G 51 46.95 -18.67 -14.97
C PRO G 51 46.06 -17.46 -15.11
N VAL G 52 44.78 -17.70 -15.07
CA VAL G 52 43.77 -16.69 -15.27
C VAL G 52 42.98 -16.53 -13.99
N PHE G 53 43.22 -15.42 -13.34
CA PHE G 53 42.74 -15.12 -12.01
C PHE G 53 41.30 -14.65 -12.05
N GLY G 54 40.46 -15.34 -11.33
CA GLY G 54 39.07 -15.01 -11.24
C GLY G 54 38.20 -15.60 -12.29
N LYS G 55 38.76 -16.32 -13.24
CA LYS G 55 37.99 -16.98 -14.24
C LYS G 55 37.11 -18.11 -13.72
N ALA G 56 35.83 -17.99 -13.95
CA ALA G 56 34.89 -19.05 -13.64
C ALA G 56 34.08 -19.33 -14.90
N ILE G 57 33.46 -20.49 -14.95
CA ILE G 57 32.48 -20.76 -15.98
C ILE G 57 31.09 -20.63 -15.35
N GLN G 58 30.42 -19.56 -15.72
CA GLN G 58 29.05 -19.30 -15.41
C GLN G 58 28.18 -20.27 -16.17
N MET G 59 27.34 -20.98 -15.43
CA MET G 59 26.42 -21.93 -16.01
C MET G 59 24.99 -21.47 -15.83
N HIS G 60 24.08 -22.00 -16.66
CA HIS G 60 22.67 -21.61 -16.63
C HIS G 60 21.72 -22.81 -16.58
N GLN G 61 21.99 -23.75 -15.68
CA GLN G 61 21.04 -24.81 -15.40
C GLN G 61 19.80 -24.25 -14.70
N PRO G 62 18.67 -24.99 -14.75
CA PRO G 62 17.46 -24.46 -14.14
C PRO G 62 17.66 -24.27 -12.65
N ALA G 63 16.82 -23.43 -12.05
CA ALA G 63 17.07 -22.86 -10.72
C ALA G 63 17.35 -23.90 -9.65
N GLU G 64 16.78 -25.09 -9.82
CA GLU G 64 16.85 -26.11 -8.78
C GLU G 64 18.11 -26.99 -8.90
N TYR G 65 18.85 -26.82 -10.00
CA TYR G 65 20.15 -27.46 -10.13
C TYR G 65 21.21 -26.76 -9.27
N SER G 66 22.29 -27.50 -8.98
CA SER G 66 23.44 -26.96 -8.27
C SER G 66 24.11 -25.80 -9.02
N ASN G 67 24.25 -25.94 -10.33
CA ASN G 67 24.65 -24.83 -11.17
C ASN G 67 26.05 -24.29 -10.82
N ASN G 68 26.87 -25.20 -10.31
CA ASN G 68 28.27 -24.93 -9.99
C ASN G 68 29.22 -25.72 -10.92
N PHE G 69 30.24 -25.07 -11.48
CA PHE G 69 31.02 -25.76 -12.52
C PHE G 69 32.07 -26.67 -11.92
N LEU G 70 32.36 -26.46 -10.64
CA LEU G 70 33.28 -27.32 -9.95
C LEU G 70 32.70 -28.66 -9.46
N ASP G 71 31.40 -28.90 -9.68
CA ASP G 71 30.83 -30.23 -9.36
C ASP G 71 31.34 -31.30 -10.32
N ASP G 72 31.22 -32.56 -9.92
CA ASP G 72 31.62 -33.64 -10.79
C ASP G 72 30.91 -33.55 -12.13
N ALA G 73 31.66 -33.73 -13.21
CA ALA G 73 31.04 -34.02 -14.51
C ALA G 73 30.27 -35.34 -14.41
N PRO G 74 29.20 -35.51 -15.21
CA PRO G 74 28.49 -36.78 -15.09
C PRO G 74 29.35 -37.95 -15.57
N THR G 75 29.10 -39.15 -15.01
CA THR G 75 29.81 -40.37 -15.40
C THR G 75 28.95 -41.24 -16.33
N SER G 76 27.64 -40.99 -16.35
CA SER G 76 26.74 -41.66 -17.29
C SER G 76 25.57 -40.74 -17.64
N ASN G 77 24.96 -40.97 -18.82
CA ASN G 77 23.78 -40.22 -19.23
C ASN G 77 22.53 -40.64 -18.50
N ASP G 78 21.56 -39.74 -18.47
CA ASP G 78 20.21 -40.03 -18.04
C ASP G 78 19.26 -39.28 -18.96
N ALA G 79 18.55 -40.02 -19.81
CA ALA G 79 17.71 -39.41 -20.83
C ALA G 79 16.50 -38.68 -20.21
N SER G 80 16.23 -38.96 -18.93
CA SER G 80 15.09 -38.38 -18.25
C SER G 80 15.42 -37.03 -17.58
N LYS G 81 16.71 -36.73 -17.49
CA LYS G 81 17.15 -35.43 -16.99
C LYS G 81 17.74 -34.53 -18.08
N LYS G 82 16.95 -33.56 -18.52
CA LYS G 82 17.39 -32.51 -19.44
C LYS G 82 17.28 -31.15 -18.73
N PRO G 83 18.38 -30.38 -18.63
CA PRO G 83 19.73 -30.80 -18.94
C PRO G 83 20.27 -31.74 -17.87
N LEU G 84 21.25 -32.54 -18.28
CA LEU G 84 21.89 -33.50 -17.40
C LEU G 84 22.69 -32.75 -16.34
N PRO G 85 22.50 -33.11 -15.06
CA PRO G 85 23.08 -32.42 -13.92
C PRO G 85 24.57 -32.72 -13.91
N GLY G 86 25.34 -31.79 -13.38
CA GLY G 86 26.78 -31.98 -13.28
C GLY G 86 27.52 -30.69 -13.49
N GLY G 87 28.79 -30.68 -13.12
CA GLY G 87 29.69 -29.60 -13.50
C GLY G 87 30.78 -30.20 -14.38
N PHE G 88 31.99 -29.68 -14.23
CA PHE G 88 33.10 -29.84 -15.21
C PHE G 88 34.25 -30.67 -14.60
N ASN G 89 34.18 -30.92 -13.29
CA ASN G 89 35.28 -31.47 -12.52
C ASN G 89 35.48 -32.95 -12.85
N ASN G 90 36.72 -33.39 -12.91
CA ASN G 90 36.99 -34.78 -13.25
C ASN G 90 36.47 -35.67 -12.14
N PRO G 91 35.56 -36.60 -12.48
CA PRO G 91 34.91 -37.45 -11.49
C PRO G 91 35.54 -38.82 -11.30
N GLN G 92 36.69 -39.08 -11.92
CA GLN G 92 37.38 -40.37 -11.75
C GLN G 92 37.83 -40.59 -10.32
N VAL G 93 38.00 -41.86 -9.96
CA VAL G 93 38.56 -42.25 -8.67
C VAL G 93 39.73 -43.19 -8.91
N TYR G 94 40.66 -43.23 -7.96
CA TYR G 94 41.79 -44.14 -8.02
C TYR G 94 41.34 -45.57 -7.73
N THR G 95 42.23 -46.53 -8.01
CA THR G 95 42.02 -47.91 -7.59
C THR G 95 41.84 -48.00 -6.07
N SER G 96 42.53 -47.12 -5.34
CA SER G 96 42.39 -47.05 -3.88
C SER G 96 41.00 -46.60 -3.44
N GLY G 97 40.26 -45.97 -4.35
CA GLY G 97 38.94 -45.47 -4.01
C GLY G 97 38.89 -43.97 -3.75
N GLN G 98 40.06 -43.32 -3.71
CA GLN G 98 40.14 -41.87 -3.51
C GLN G 98 39.74 -41.14 -4.80
N LYS G 99 38.98 -40.06 -4.66
CA LYS G 99 38.71 -39.16 -5.80
C LYS G 99 39.99 -38.51 -6.35
N PHE G 100 40.13 -38.46 -7.68
CA PHE G 100 41.15 -37.64 -8.36
C PHE G 100 41.08 -36.22 -7.83
N SER G 101 39.86 -35.71 -7.67
CA SER G 101 39.63 -34.26 -7.74
C SER G 101 38.28 -33.88 -7.15
N PRO G 102 38.24 -32.79 -6.38
CA PRO G 102 39.39 -31.93 -6.06
C PRO G 102 40.29 -32.68 -5.09
N ILE G 103 41.50 -32.20 -4.92
CA ILE G 103 42.38 -32.67 -3.89
C ILE G 103 42.82 -31.45 -3.04
N ASP G 104 42.83 -31.63 -1.71
CA ASP G 104 43.48 -30.67 -0.78
C ASP G 104 44.91 -30.34 -1.19
N ASP G 105 45.25 -29.07 -1.14
CA ASP G 105 46.60 -28.63 -1.53
C ASP G 105 47.71 -29.22 -0.62
N SER G 106 47.45 -29.21 0.68
CA SER G 106 48.13 -30.07 1.68
C SER G 106 48.61 -31.42 1.16
N LEU G 107 47.68 -32.18 0.62
CA LEU G 107 47.90 -33.53 0.13
C LEU G 107 48.70 -33.54 -1.16
N LEU G 108 48.41 -32.60 -2.05
CA LEU G 108 49.20 -32.43 -3.23
C LEU G 108 50.69 -32.23 -2.90
N GLN G 109 50.99 -31.36 -1.95
CA GLN G 109 52.38 -31.16 -1.50
C GLN G 109 53.05 -32.50 -1.09
N GLU G 110 52.34 -33.33 -0.33
CA GLU G 110 52.91 -34.59 0.16
C GLU G 110 53.12 -35.54 -0.99
N ARG G 111 52.14 -35.54 -1.89
CA ARG G 111 52.16 -36.33 -3.08
C ARG G 111 53.25 -35.91 -4.06
N LEU G 112 53.59 -34.63 -4.08
CA LEU G 112 54.44 -34.12 -5.13
C LEU G 112 55.86 -34.17 -4.70
N GLY G 113 56.06 -34.39 -3.42
CA GLY G 113 57.35 -34.63 -2.89
C GLY G 113 58.12 -33.42 -2.42
N THR G 114 59.20 -33.72 -1.76
CA THR G 114 60.24 -32.81 -1.36
C THR G 114 60.73 -31.81 -2.39
N ALA G 115 60.70 -32.18 -3.65
CA ALA G 115 61.21 -31.31 -4.69
C ALA G 115 60.06 -30.69 -5.46
N GLY G 116 58.83 -30.91 -5.01
CA GLY G 116 57.73 -30.47 -5.84
C GLY G 116 57.65 -28.95 -5.98
N PRO G 117 56.67 -28.48 -6.76
CA PRO G 117 56.49 -27.06 -7.00
C PRO G 117 56.19 -26.31 -5.74
N LYS G 118 56.61 -25.07 -5.71
CA LYS G 118 56.57 -24.30 -4.50
C LYS G 118 55.39 -23.39 -4.48
N THR G 119 54.66 -23.28 -5.58
CA THR G 119 53.44 -22.51 -5.58
C THR G 119 52.23 -23.43 -5.69
N ALA G 120 51.10 -23.01 -5.14
CA ALA G 120 49.87 -23.83 -5.16
C ALA G 120 49.35 -23.93 -6.58
N ILE G 121 49.43 -22.83 -7.31
CA ILE G 121 49.07 -22.86 -8.71
C ILE G 121 49.97 -23.83 -9.46
N GLY G 122 51.26 -23.80 -9.14
CA GLY G 122 52.21 -24.71 -9.77
C GLY G 122 51.96 -26.18 -9.47
N ARG G 123 51.67 -26.49 -8.22
CA ARG G 123 51.22 -27.87 -7.88
C ARG G 123 49.99 -28.34 -8.63
N CYS G 124 48.96 -27.50 -8.62
CA CYS G 124 47.68 -27.89 -9.24
C CYS G 124 47.89 -28.12 -10.78
N ALA G 125 48.59 -27.20 -11.41
CA ALA G 125 48.93 -27.32 -12.82
C ALA G 125 49.70 -28.62 -13.09
N LEU G 126 50.71 -28.90 -12.28
CA LEU G 126 51.50 -30.12 -12.42
C LEU G 126 50.64 -31.36 -12.20
N TYR G 127 49.71 -31.26 -11.27
CA TYR G 127 48.81 -32.37 -10.97
C TYR G 127 47.97 -32.68 -12.24
N ALA G 128 47.37 -31.66 -12.85
CA ALA G 128 46.61 -31.82 -14.06
C ALA G 128 47.51 -32.31 -15.16
N TYR G 129 48.61 -31.61 -15.39
CA TYR G 129 49.57 -32.03 -16.37
C TYR G 129 49.93 -33.53 -16.31
N SER G 130 50.16 -34.02 -15.09
CA SER G 130 50.56 -35.40 -14.80
C SER G 130 49.35 -36.37 -14.77
N THR G 131 48.14 -35.85 -14.84
CA THR G 131 46.97 -36.75 -14.84
C THR G 131 46.74 -37.37 -16.24
N ILE G 132 46.48 -38.65 -16.28
CA ILE G 132 46.27 -39.37 -17.54
C ILE G 132 44.81 -39.30 -18.01
N ALA G 133 44.58 -38.53 -19.05
CA ALA G 133 43.23 -38.33 -19.56
C ALA G 133 42.61 -39.63 -20.09
N VAL G 134 41.31 -39.79 -19.86
CA VAL G 134 40.57 -40.87 -20.46
C VAL G 134 39.55 -40.28 -21.45
N ASN G 135 39.60 -40.71 -22.71
CA ASN G 135 38.70 -40.16 -23.71
C ASN G 135 37.24 -40.36 -23.31
N PRO G 136 36.48 -39.26 -23.18
CA PRO G 136 35.12 -39.31 -22.62
C PRO G 136 34.17 -40.20 -23.43
N SER G 137 34.52 -40.49 -24.68
CA SER G 137 33.68 -41.30 -25.55
C SER G 137 34.09 -42.75 -25.54
N THR G 138 35.39 -42.99 -25.68
CA THR G 138 35.88 -44.32 -26.00
C THR G 138 36.38 -45.06 -24.76
N ASN G 139 36.63 -44.32 -23.68
CA ASN G 139 37.20 -44.90 -22.46
C ASN G 139 38.69 -45.21 -22.59
N TYR G 140 39.26 -44.91 -23.76
CA TYR G 140 40.68 -45.19 -24.05
C TYR G 140 41.55 -44.06 -23.55
N THR G 141 42.50 -44.39 -22.68
CA THR G 141 43.43 -43.37 -22.21
C THR G 141 43.99 -42.58 -23.38
N SER G 142 44.40 -41.36 -23.10
CA SER G 142 44.67 -40.38 -24.11
C SER G 142 45.89 -39.55 -23.71
N THR G 143 46.40 -38.72 -24.60
CA THR G 143 47.53 -37.86 -24.24
C THR G 143 47.06 -36.41 -24.02
N TYR G 144 45.75 -36.24 -24.03
CA TYR G 144 45.09 -34.97 -23.82
C TYR G 144 45.41 -34.53 -22.40
N LYS G 145 45.70 -33.23 -22.21
CA LYS G 145 45.84 -32.66 -20.86
C LYS G 145 44.62 -31.85 -20.47
N TYR G 146 44.04 -32.22 -19.33
CA TYR G 146 42.96 -31.45 -18.72
C TYR G 146 43.48 -30.13 -18.16
N PRO G 147 42.61 -29.10 -18.15
CA PRO G 147 42.89 -27.86 -17.45
C PRO G 147 42.57 -27.97 -15.99
N PHE G 148 42.88 -26.93 -15.23
CA PHE G 148 42.72 -27.01 -13.78
C PHE G 148 42.09 -25.72 -13.28
N VAL G 149 41.64 -25.75 -12.03
CA VAL G 149 41.14 -24.60 -11.32
C VAL G 149 41.61 -24.75 -9.85
N TYR G 150 42.47 -23.85 -9.42
CA TYR G 150 42.81 -23.76 -8.01
C TYR G 150 41.81 -22.81 -7.30
N ASP G 151 41.37 -23.20 -6.09
CA ASP G 151 40.59 -22.31 -5.24
C ASP G 151 41.43 -21.91 -4.00
N ALA G 152 41.76 -20.65 -3.88
CA ALA G 152 42.71 -20.24 -2.83
C ALA G 152 42.05 -20.11 -1.47
N VAL G 153 40.73 -20.09 -1.46
CA VAL G 153 40.03 -20.03 -0.22
C VAL G 153 39.97 -21.40 0.40
N SER G 154 39.51 -22.39 -0.35
CA SER G 154 39.47 -23.77 0.16
C SER G 154 40.81 -24.49 0.10
N ARG G 155 41.78 -23.86 -0.54
CA ARG G 155 43.07 -24.49 -0.76
C ARG G 155 42.94 -25.90 -1.35
N LYS G 156 42.13 -26.00 -2.40
CA LYS G 156 41.86 -27.26 -3.06
C LYS G 156 42.14 -27.07 -4.56
N CYS G 157 42.64 -28.13 -5.19
CA CYS G 157 43.00 -28.07 -6.61
C CYS G 157 42.01 -28.91 -7.39
N TYR G 158 41.47 -28.37 -8.49
CA TYR G 158 40.50 -29.10 -9.33
C TYR G 158 41.11 -29.39 -10.69
N VAL G 159 41.04 -30.64 -11.14
CA VAL G 159 41.30 -30.99 -12.53
C VAL G 159 39.96 -31.14 -13.22
N LEU G 160 39.76 -30.44 -14.31
CA LEU G 160 38.47 -30.46 -14.98
C LEU G 160 38.52 -31.50 -16.12
N SER G 161 37.52 -32.38 -16.23
CA SER G 161 37.50 -33.21 -17.41
C SER G 161 36.71 -32.58 -18.55
N VAL G 162 35.92 -31.57 -18.22
CA VAL G 162 35.32 -30.75 -19.25
C VAL G 162 36.15 -29.53 -19.60
N SER G 163 36.61 -29.44 -20.83
CA SER G 163 37.54 -28.38 -21.26
C SER G 163 36.80 -27.36 -22.12
N ALA G 164 35.52 -27.61 -22.33
CA ALA G 164 34.68 -26.65 -23.03
C ALA G 164 34.56 -25.38 -22.18
N GLN G 165 34.47 -24.22 -22.81
CA GLN G 165 34.35 -23.00 -22.06
C GLN G 165 33.18 -22.11 -22.45
N LEU G 166 32.63 -22.34 -23.63
CA LEU G 166 31.59 -21.47 -24.11
C LEU G 166 30.56 -22.24 -24.93
N LEU G 167 29.34 -22.31 -24.41
CA LEU G 167 28.25 -22.93 -25.10
C LEU G 167 27.02 -22.04 -25.09
N LYS G 168 26.54 -21.68 -26.28
CA LYS G 168 25.41 -20.78 -26.46
C LYS G 168 24.58 -21.12 -27.70
N GLY G 169 23.36 -20.59 -27.77
CA GLY G 169 22.46 -20.87 -28.89
C GLY G 169 21.32 -21.81 -28.50
N GLU G 170 20.08 -21.44 -28.86
CA GLU G 170 18.89 -22.23 -28.47
C GLU G 170 18.79 -23.52 -29.25
N LYS G 171 19.51 -23.63 -30.37
CA LYS G 171 19.67 -24.95 -31.01
C LYS G 171 20.52 -25.93 -30.21
N TYR G 172 21.33 -25.42 -29.27
CA TYR G 172 22.41 -26.23 -28.69
C TYR G 172 22.38 -26.41 -27.20
N CYS G 173 21.85 -25.42 -26.48
CA CYS G 173 21.80 -25.50 -25.00
C CYS G 173 20.66 -24.70 -24.45
N SER G 174 20.31 -24.96 -23.21
CA SER G 174 19.21 -24.27 -22.57
C SER G 174 19.72 -23.24 -21.56
N VAL G 175 19.04 -22.10 -21.49
CA VAL G 175 19.29 -21.10 -20.45
C VAL G 175 18.14 -21.09 -19.46
N ASN G 176 18.41 -21.56 -18.24
CA ASN G 176 17.40 -21.69 -17.20
C ASN G 176 16.21 -22.56 -17.64
N GLY G 177 16.50 -23.66 -18.31
CA GLY G 177 15.49 -24.66 -18.71
C GLY G 177 14.71 -24.32 -19.99
N THR G 178 15.04 -23.20 -20.62
CA THR G 178 14.47 -22.93 -21.94
C THR G 178 15.53 -22.75 -23.04
N PRO G 179 15.34 -23.41 -24.21
CA PRO G 179 14.25 -24.34 -24.51
C PRO G 179 14.35 -25.59 -23.66
N SER G 180 13.25 -26.31 -23.54
CA SER G 180 13.23 -27.49 -22.67
C SER G 180 13.74 -28.67 -23.48
N GLY G 181 14.14 -29.75 -22.82
CA GLY G 181 14.58 -30.98 -23.49
C GLY G 181 16.02 -31.09 -24.02
N LEU G 182 16.77 -29.99 -24.05
CA LEU G 182 18.18 -30.03 -24.44
C LEU G 182 19.07 -30.69 -23.36
N THR G 183 20.10 -31.42 -23.80
CA THR G 183 21.02 -32.13 -22.89
C THR G 183 21.91 -31.19 -22.06
N TRP G 184 22.38 -30.12 -22.70
CA TRP G 184 23.29 -29.19 -22.02
C TRP G 184 22.63 -27.87 -21.66
N ALA G 185 23.09 -27.28 -20.59
CA ALA G 185 22.74 -25.92 -20.32
C ALA G 185 23.85 -25.09 -20.89
N CYS G 186 23.49 -23.92 -21.39
CA CYS G 186 24.49 -22.93 -21.76
C CYS G 186 25.42 -22.58 -20.62
N PHE G 187 26.59 -22.06 -20.99
CA PHE G 187 27.60 -21.68 -20.06
C PHE G 187 28.65 -20.84 -20.77
N GLU G 188 29.26 -19.89 -20.04
CA GLU G 188 30.25 -19.01 -20.61
C GLU G 188 31.20 -18.52 -19.54
N PRO G 189 32.41 -18.16 -19.94
CA PRO G 189 33.35 -17.67 -18.95
C PRO G 189 32.97 -16.29 -18.45
N VAL G 190 33.30 -16.01 -17.20
CA VAL G 190 33.12 -14.69 -16.58
C VAL G 190 34.25 -14.51 -15.54
N LYS G 191 34.65 -13.27 -15.25
CA LYS G 191 35.47 -13.01 -14.05
C LYS G 191 34.56 -12.84 -12.84
N GLU G 192 34.80 -13.61 -11.78
CA GLU G 192 34.11 -13.40 -10.52
C GLU G 192 35.00 -12.92 -9.35
N LYS G 193 34.50 -11.98 -8.57
CA LYS G 193 35.14 -11.65 -7.30
C LYS G 193 34.14 -11.82 -6.17
N SER G 194 34.22 -12.94 -5.49
CA SER G 194 33.40 -13.18 -4.33
C SER G 194 34.24 -13.66 -3.14
N SER G 195 33.70 -13.55 -1.95
CA SER G 195 34.52 -13.86 -0.81
C SER G 195 34.53 -15.39 -0.52
N ALA G 196 33.56 -16.09 -1.08
CA ALA G 196 33.36 -17.50 -0.83
C ALA G 196 34.43 -18.38 -1.45
N ARG G 197 34.91 -18.00 -2.64
CA ARG G 197 36.02 -18.72 -3.26
C ARG G 197 36.87 -17.76 -4.08
N ALA G 198 38.11 -18.14 -4.36
CA ALA G 198 39.01 -17.33 -5.19
C ALA G 198 39.66 -18.22 -6.24
N LEU G 199 39.12 -18.20 -7.46
CA LEU G 199 39.45 -19.15 -8.50
C LEU G 199 40.57 -18.68 -9.40
N VAL G 200 41.38 -19.64 -9.85
CA VAL G 200 42.37 -19.43 -10.88
C VAL G 200 42.20 -20.59 -11.87
N TYR G 201 41.87 -20.24 -13.10
CA TYR G 201 41.70 -21.18 -14.18
C TYR G 201 43.01 -21.15 -14.98
N GLY G 202 43.39 -22.28 -15.54
CA GLY G 202 44.54 -22.30 -16.44
C GLY G 202 44.78 -23.66 -17.08
N SER G 203 45.60 -23.70 -18.11
CA SER G 203 45.90 -25.00 -18.73
C SER G 203 46.90 -25.82 -17.93
N ALA G 204 46.91 -27.11 -18.17
CA ALA G 204 47.98 -27.98 -17.64
C ALA G 204 49.40 -27.49 -17.96
N PHE G 205 49.57 -26.77 -19.07
CA PHE G 205 50.90 -26.34 -19.56
C PHE G 205 51.42 -25.13 -18.86
N VAL G 206 50.67 -24.62 -17.89
CA VAL G 206 51.24 -23.80 -16.81
C VAL G 206 52.33 -24.57 -16.10
N ALA G 207 52.22 -25.90 -16.09
CA ALA G 207 53.17 -26.73 -15.36
C ALA G 207 54.43 -27.07 -16.15
N GLU G 208 54.41 -26.81 -17.45
CA GLU G 208 55.47 -27.26 -18.35
C GLU G 208 56.75 -26.45 -18.15
N GLY G 209 57.90 -27.12 -18.00
CA GLY G 209 59.11 -26.37 -17.69
C GLY G 209 59.22 -26.20 -16.17
N ASN G 210 59.23 -24.95 -15.70
CA ASN G 210 59.08 -24.65 -14.29
C ASN G 210 57.61 -24.33 -13.97
N PRO G 211 56.95 -25.18 -13.20
CA PRO G 211 55.54 -24.98 -12.89
C PRO G 211 55.32 -23.67 -12.10
N ASP G 212 56.35 -23.19 -11.43
CA ASP G 212 56.21 -22.01 -10.61
C ASP G 212 56.47 -20.70 -11.35
N ALA G 213 56.68 -20.75 -12.67
CA ALA G 213 57.29 -19.60 -13.36
C ALA G 213 56.29 -18.46 -13.41
N TRP G 214 55.02 -18.81 -13.25
CA TRP G 214 53.94 -17.87 -13.48
C TRP G 214 54.10 -16.70 -12.52
N GLN G 215 54.62 -17.00 -11.33
CA GLN G 215 54.81 -16.02 -10.30
C GLN G 215 55.65 -14.85 -10.79
N SER G 216 56.70 -15.12 -11.59
CA SER G 216 57.62 -14.05 -12.09
C SER G 216 57.29 -13.60 -13.47
N ALA G 217 56.65 -14.46 -14.24
CA ALA G 217 56.56 -14.24 -15.66
C ALA G 217 55.24 -13.60 -16.14
N CYS G 218 54.16 -13.75 -15.36
CA CYS G 218 52.80 -13.50 -15.84
C CYS G 218 52.22 -12.25 -15.22
N PRO G 219 51.25 -11.60 -15.90
CA PRO G 219 50.59 -10.42 -15.38
C PRO G 219 49.51 -10.78 -14.36
N ASN G 220 49.92 -11.38 -13.23
CA ASN G 220 49.01 -11.90 -12.21
C ASN G 220 48.18 -10.87 -11.50
N ASP G 221 48.70 -9.64 -11.41
CA ASP G 221 48.08 -8.56 -10.61
C ASP G 221 47.72 -7.27 -11.39
N ALA G 222 46.58 -6.65 -11.08
CA ALA G 222 46.39 -5.18 -11.33
C ALA G 222 47.62 -4.36 -10.94
N VAL G 223 47.83 -3.23 -11.60
CA VAL G 223 48.90 -2.34 -11.21
C VAL G 223 48.38 -0.99 -10.73
N LYS G 224 48.54 -0.68 -9.42
CA LYS G 224 48.01 0.59 -8.91
C LYS G 224 48.85 1.80 -9.26
N ASP G 225 48.15 2.90 -9.49
CA ASP G 225 48.77 4.22 -9.57
C ASP G 225 49.63 4.30 -10.77
N ALA G 226 49.21 3.60 -11.79
CA ALA G 226 49.94 3.59 -13.03
C ALA G 226 48.99 3.27 -14.15
N LEU G 227 49.41 3.58 -15.37
CA LEU G 227 48.67 3.23 -16.57
C LEU G 227 49.62 2.59 -17.60
N PHE G 228 49.10 1.70 -18.42
CA PHE G 228 49.82 1.14 -19.60
C PHE G 228 50.01 2.17 -20.67
N GLY G 229 51.23 2.29 -21.18
CA GLY G 229 51.46 3.18 -22.28
C GLY G 229 52.43 2.68 -23.32
N LYS G 230 52.69 3.56 -24.29
CA LYS G 230 53.67 3.32 -25.31
C LYS G 230 54.74 4.45 -25.22
N TRP G 231 56.00 4.08 -25.28
CA TRP G 231 57.06 5.02 -25.12
C TRP G 231 57.23 5.85 -26.41
N GLU G 232 56.99 7.15 -26.33
CA GLU G 232 57.10 8.06 -27.50
C GLU G 232 57.64 9.43 -27.14
N ASP G 233 58.65 9.89 -27.87
CA ASP G 233 59.22 11.22 -27.62
C ASP G 233 59.60 11.35 -26.18
N GLY G 234 60.38 10.39 -25.68
CA GLY G 234 60.95 10.50 -24.36
C GLY G 234 59.93 10.58 -23.25
N GLN G 235 58.76 9.98 -23.46
CA GLN G 235 57.81 9.80 -22.38
C GLN G 235 56.95 8.59 -22.59
N CYS G 236 56.31 8.16 -21.52
CA CYS G 236 55.30 7.13 -21.62
C CYS G 236 53.98 7.78 -21.94
N VAL G 237 53.38 7.43 -23.07
CA VAL G 237 52.06 7.88 -23.35
C VAL G 237 50.93 6.91 -23.10
N PRO G 238 50.10 7.21 -22.10
CA PRO G 238 49.09 6.24 -21.71
C PRO G 238 48.18 5.99 -22.86
N PHE G 239 47.70 4.76 -22.94
CA PHE G 239 46.54 4.41 -23.73
C PHE G 239 45.27 5.05 -23.14
N ASP G 240 44.47 5.65 -24.01
CA ASP G 240 43.28 6.41 -23.60
C ASP G 240 42.22 6.32 -24.70
N THR G 241 41.22 7.19 -24.64
CA THR G 241 40.13 7.16 -25.63
C THR G 241 40.65 7.19 -27.07
N LYS G 242 41.67 8.01 -27.34
CA LYS G 242 42.20 8.10 -28.69
C LYS G 242 42.72 6.74 -29.19
N THR G 243 43.47 6.04 -28.36
CA THR G 243 44.21 4.86 -28.82
C THR G 243 43.57 3.53 -28.40
N SER G 244 42.27 3.53 -28.15
CA SER G 244 41.66 2.33 -27.62
C SER G 244 40.53 1.80 -28.46
N VAL G 245 40.23 0.54 -28.25
CA VAL G 245 39.22 -0.18 -28.96
C VAL G 245 37.83 0.05 -28.37
N GLN G 246 37.76 0.45 -27.10
CA GLN G 246 36.50 0.94 -26.49
C GLN G 246 36.85 1.68 -25.22
N SER G 247 36.07 2.70 -24.85
CA SER G 247 36.38 3.47 -23.66
C SER G 247 35.19 4.15 -22.99
N ASP G 248 34.24 3.35 -22.55
CA ASP G 248 33.12 3.86 -21.83
C ASP G 248 33.40 4.09 -20.33
N GLN G 249 32.55 4.92 -19.74
CA GLN G 249 32.55 5.17 -18.33
C GLN G 249 32.51 3.82 -17.60
N ALA G 250 33.15 3.77 -16.46
CA ALA G 250 32.96 2.64 -15.56
C ALA G 250 32.72 3.13 -14.14
N THR G 251 31.70 2.57 -13.48
CA THR G 251 31.31 3.00 -12.15
C THR G 251 32.47 2.91 -11.16
N ASN G 252 33.11 1.76 -11.15
CA ASN G 252 34.22 1.51 -10.27
C ASN G 252 35.24 0.58 -10.92
N LYS G 253 36.45 0.59 -10.39
CA LYS G 253 37.54 -0.11 -10.99
C LYS G 253 37.24 -1.61 -11.14
N GLU G 254 36.53 -2.18 -10.18
CA GLU G 254 36.11 -3.57 -10.32
C GLU G 254 35.33 -3.85 -11.61
N GLU G 255 34.34 -3.01 -11.91
CA GLU G 255 33.63 -3.12 -13.18
C GLU G 255 34.58 -3.12 -14.41
N CYS G 256 35.68 -2.39 -14.36
CA CYS G 256 36.63 -2.34 -15.48
C CYS G 256 37.34 -3.67 -15.64
N TRP G 257 37.77 -4.23 -14.51
CA TRP G 257 38.52 -5.45 -14.48
C TRP G 257 37.68 -6.59 -15.00
N LYS G 258 36.44 -6.68 -14.56
CA LYS G 258 35.50 -7.61 -15.19
C LYS G 258 35.28 -7.34 -16.68
N ARG G 259 35.14 -6.07 -17.04
CA ARG G 259 34.82 -5.72 -18.42
C ARG G 259 35.88 -6.14 -19.47
N VAL G 260 37.15 -6.01 -19.11
CA VAL G 260 38.21 -6.32 -20.07
C VAL G 260 38.27 -7.82 -20.40
N PHE G 261 37.91 -8.64 -19.44
CA PHE G 261 37.97 -10.08 -19.65
C PHE G 261 36.87 -10.51 -20.64
N ALA G 262 35.75 -9.85 -20.58
CA ALA G 262 34.59 -10.24 -21.33
C ALA G 262 34.40 -9.42 -22.63
N ASN G 263 35.32 -8.50 -22.92
CA ASN G 263 35.08 -7.68 -24.06
C ASN G 263 35.13 -8.47 -25.37
N PRO G 264 34.31 -8.08 -26.31
CA PRO G 264 34.15 -8.85 -27.52
C PRO G 264 35.45 -8.95 -28.34
N LEU G 265 36.43 -8.07 -28.10
CA LEU G 265 37.73 -8.16 -28.81
C LEU G 265 38.90 -8.83 -28.05
N VAL G 266 38.61 -9.41 -26.90
CA VAL G 266 39.65 -10.01 -26.08
C VAL G 266 40.22 -11.26 -26.76
N ALA G 267 41.46 -11.61 -26.47
CA ALA G 267 41.98 -12.87 -27.00
C ALA G 267 41.08 -14.04 -26.62
N SER G 268 40.45 -14.63 -27.64
CA SER G 268 39.58 -15.76 -27.46
C SER G 268 39.73 -16.79 -28.58
N ASP G 269 39.58 -18.06 -28.26
CA ASP G 269 39.74 -19.14 -29.25
C ASP G 269 38.43 -19.78 -29.66
N ALA G 270 37.32 -19.10 -29.33
CA ALA G 270 35.99 -19.64 -29.63
C ALA G 270 35.66 -19.33 -31.07
N PRO G 271 34.96 -20.25 -31.73
CA PRO G 271 34.67 -20.09 -33.17
C PRO G 271 33.79 -18.87 -33.46
N THR G 272 34.03 -18.22 -34.60
CA THR G 272 33.39 -16.94 -34.90
C THR G 272 32.03 -17.16 -35.48
N THR G 273 31.79 -18.38 -35.96
CA THR G 273 30.53 -18.71 -36.58
C THR G 273 30.03 -20.02 -36.02
N TYR G 274 28.71 -20.18 -35.93
CA TYR G 274 28.18 -21.53 -35.90
C TYR G 274 27.43 -21.93 -37.13
N PRO G 275 28.00 -22.94 -37.83
CA PRO G 275 27.40 -23.73 -38.88
C PRO G 275 26.35 -24.70 -38.37
N GLU G 276 25.36 -25.06 -39.19
CA GLU G 276 24.31 -25.90 -38.70
C GLU G 276 25.03 -27.14 -38.12
N ALA G 277 24.71 -27.52 -36.89
CA ALA G 277 25.41 -28.65 -36.28
C ALA G 277 24.49 -29.62 -35.54
N ALA G 278 25.03 -30.82 -35.29
CA ALA G 278 24.47 -31.74 -34.32
C ALA G 278 24.43 -31.10 -32.95
N GLN G 279 23.40 -31.40 -32.17
CA GLN G 279 23.40 -31.09 -30.73
C GLN G 279 24.44 -31.96 -30.00
N LYS G 280 25.13 -31.36 -29.04
CA LYS G 280 26.18 -32.06 -28.32
C LYS G 280 25.63 -33.26 -27.55
N ASN G 281 26.40 -34.34 -27.56
CA ASN G 281 26.10 -35.50 -26.73
C ASN G 281 26.41 -35.24 -25.28
N TRP G 282 25.79 -36.00 -24.39
CA TRP G 282 26.01 -35.82 -22.97
C TRP G 282 27.48 -35.83 -22.61
N ASN G 283 28.29 -36.52 -23.41
CA ASN G 283 29.67 -36.76 -23.06
C ASN G 283 30.68 -36.03 -23.95
N ASP G 284 30.21 -35.04 -24.69
CA ASP G 284 31.09 -34.18 -25.46
C ASP G 284 31.84 -33.20 -24.54
N PHE G 285 32.84 -33.72 -23.84
CA PHE G 285 33.58 -32.94 -22.84
C PHE G 285 34.60 -32.00 -23.45
N TRP G 286 35.14 -32.38 -24.60
CA TRP G 286 36.24 -31.68 -25.21
C TRP G 286 35.75 -31.21 -26.55
N PRO G 287 35.95 -29.94 -26.85
CA PRO G 287 35.56 -29.48 -28.18
C PRO G 287 36.40 -30.18 -29.24
N VAL G 288 35.80 -30.54 -30.38
CA VAL G 288 36.54 -31.16 -31.47
C VAL G 288 37.35 -30.12 -32.27
N HIS G 289 38.58 -30.48 -32.62
CA HIS G 289 39.37 -29.60 -33.50
C HIS G 289 38.90 -29.70 -34.95
N GLU G 290 38.75 -28.55 -35.61
CA GLU G 290 38.61 -28.51 -37.06
C GLU G 290 39.73 -27.74 -37.72
N GLN G 291 39.69 -27.68 -39.05
CA GLN G 291 40.62 -26.89 -39.82
C GLN G 291 40.44 -25.39 -39.56
N SER G 292 39.22 -24.98 -39.25
CA SER G 292 38.89 -23.57 -39.15
C SER G 292 38.97 -23.06 -37.71
N SER G 293 39.23 -23.96 -36.75
CA SER G 293 39.24 -23.59 -35.32
C SER G 293 40.20 -22.41 -35.06
N PRO G 294 39.67 -21.30 -34.53
CA PRO G 294 40.59 -20.17 -34.38
C PRO G 294 41.61 -20.31 -33.24
N LYS G 295 42.81 -19.77 -33.45
CA LYS G 295 43.76 -19.64 -32.40
C LYS G 295 44.20 -18.20 -32.31
N SER G 296 43.66 -17.49 -31.32
CA SER G 296 44.08 -16.10 -31.07
C SER G 296 45.62 -16.00 -31.00
N GLY G 297 46.27 -17.04 -30.46
CA GLY G 297 47.69 -16.91 -30.07
C GLY G 297 47.85 -15.91 -28.93
N GLY G 298 46.75 -15.55 -28.28
CA GLY G 298 46.84 -14.56 -27.19
C GLY G 298 46.81 -13.14 -27.67
N PHE G 299 46.65 -12.94 -28.96
CA PHE G 299 46.53 -11.58 -29.47
C PHE G 299 45.09 -11.12 -29.27
N GLY G 300 44.92 -9.85 -28.94
CA GLY G 300 43.58 -9.29 -28.80
C GLY G 300 43.58 -8.09 -27.86
N ALA G 301 42.38 -7.65 -27.49
CA ALA G 301 42.22 -6.48 -26.63
C ALA G 301 42.20 -6.94 -25.17
N ASN G 302 43.38 -7.00 -24.56
CA ASN G 302 43.61 -7.81 -23.35
C ASN G 302 43.92 -6.92 -22.16
N TRP G 303 44.06 -5.62 -22.41
CA TRP G 303 44.59 -4.68 -21.41
C TRP G 303 43.57 -3.56 -21.24
N ALA G 304 43.47 -3.03 -20.03
CA ALA G 304 42.56 -1.94 -19.75
C ALA G 304 43.17 -0.87 -18.82
N ASN G 305 43.04 0.38 -19.21
CA ASN G 305 43.51 1.48 -18.38
C ASN G 305 42.31 2.08 -17.69
N PHE G 306 42.34 2.10 -16.37
CA PHE G 306 41.26 2.70 -15.64
C PHE G 306 41.71 3.97 -14.95
N TYR G 307 41.05 5.07 -15.29
CA TYR G 307 41.49 6.36 -14.83
C TYR G 307 40.34 7.35 -14.78
N LEU G 308 40.50 8.41 -14.01
CA LEU G 308 39.56 9.51 -14.05
C LEU G 308 39.88 10.44 -15.23
N GLU G 309 38.93 10.61 -16.13
CA GLU G 309 39.12 11.55 -17.24
C GLU G 309 38.88 13.00 -16.81
N LYS G 310 39.85 13.89 -17.07
CA LYS G 310 39.72 15.26 -16.58
C LYS G 310 38.62 16.06 -17.30
N GLU G 311 38.44 15.78 -18.58
CA GLU G 311 37.37 16.41 -19.35
C GLU G 311 35.98 16.06 -18.80
N SER G 312 35.69 14.76 -18.71
CA SER G 312 34.35 14.29 -18.32
C SER G 312 34.05 14.49 -16.84
N GLY G 313 35.09 14.39 -16.00
CA GLY G 313 34.91 14.15 -14.58
C GLY G 313 34.54 12.71 -14.29
N GLU G 314 34.55 11.87 -15.33
CA GLU G 314 34.08 10.48 -15.22
C GLU G 314 35.26 9.50 -15.16
N THR G 315 35.04 8.31 -14.59
CA THR G 315 36.06 7.29 -14.62
C THR G 315 35.91 6.41 -15.83
N ILE G 316 36.96 6.31 -16.62
CA ILE G 316 36.92 5.60 -17.89
C ILE G 316 37.56 4.24 -17.75
N CYS G 317 37.04 3.26 -18.50
CA CYS G 317 37.75 2.02 -18.74
C CYS G 317 38.22 1.93 -20.18
N ALA G 318 39.49 2.24 -20.43
CA ALA G 318 40.05 2.20 -21.81
C ALA G 318 40.70 0.85 -22.10
N ILE G 319 40.03 0.08 -22.97
CA ILE G 319 40.48 -1.23 -23.42
C ILE G 319 41.25 -1.17 -24.73
N PHE G 320 42.46 -1.70 -24.74
CA PHE G 320 43.26 -1.55 -25.96
C PHE G 320 43.91 -2.89 -26.32
N ASP G 321 44.54 -2.95 -27.50
CA ASP G 321 44.93 -4.22 -28.08
C ASP G 321 46.38 -4.24 -28.56
N GLN G 322 47.18 -3.28 -28.09
CA GLN G 322 48.62 -3.24 -28.35
C GLN G 322 49.38 -3.63 -27.08
N VAL G 323 50.55 -4.24 -27.23
CA VAL G 323 51.35 -4.65 -26.09
C VAL G 323 52.00 -3.41 -25.53
N PRO G 324 51.80 -3.15 -24.24
CA PRO G 324 52.33 -1.92 -23.69
C PRO G 324 53.81 -2.03 -23.42
N ASP G 325 54.55 -0.93 -23.51
CA ASP G 325 55.95 -1.06 -23.25
C ASP G 325 56.44 -0.11 -22.22
N CYS G 326 55.52 0.46 -21.45
CA CYS G 326 55.92 1.33 -20.34
C CYS G 326 54.74 1.62 -19.47
N PHE G 327 55.02 2.30 -18.37
CA PHE G 327 54.01 2.66 -17.39
C PHE G 327 54.13 4.13 -17.12
N ALA G 328 52.97 4.79 -17.09
CA ALA G 328 52.91 6.18 -16.64
C ALA G 328 52.36 6.18 -15.24
N PRO G 329 53.16 6.68 -14.29
CA PRO G 329 52.67 6.66 -12.93
C PRO G 329 51.67 7.77 -12.68
N ILE G 330 50.41 7.38 -12.50
CA ILE G 330 49.36 8.31 -12.26
C ILE G 330 48.60 7.91 -10.99
N THR G 331 48.59 8.78 -9.99
CA THR G 331 47.98 8.46 -8.71
C THR G 331 46.48 8.19 -8.90
N GLY G 332 45.98 7.10 -8.32
CA GLY G 332 44.56 6.75 -8.51
C GLY G 332 44.21 6.00 -9.80
N ALA G 333 45.14 5.88 -10.75
CA ALA G 333 44.91 5.04 -11.93
C ALA G 333 45.15 3.55 -11.60
N VAL G 334 44.52 2.66 -12.34
CA VAL G 334 44.83 1.23 -12.16
C VAL G 334 44.94 0.61 -13.53
N ALA G 335 45.78 -0.41 -13.65
CA ALA G 335 46.08 -0.96 -14.98
C ALA G 335 45.84 -2.44 -14.88
N TYR G 336 44.86 -2.94 -15.67
CA TYR G 336 44.29 -4.31 -15.56
C TYR G 336 44.57 -5.08 -16.87
N THR G 337 44.68 -6.42 -16.77
CA THR G 337 44.64 -7.30 -17.94
C THR G 337 43.50 -8.29 -17.80
N ALA G 338 43.09 -8.85 -18.93
CA ALA G 338 42.14 -9.93 -18.95
C ALA G 338 42.66 -11.17 -18.20
N LEU G 339 43.97 -11.30 -18.05
CA LEU G 339 44.50 -12.52 -17.35
C LEU G 339 44.55 -12.38 -15.82
N GLY G 340 44.84 -11.17 -15.39
CA GLY G 340 45.23 -10.96 -13.98
C GLY G 340 44.06 -10.82 -13.06
N SER G 341 44.40 -10.58 -11.80
CA SER G 341 43.45 -10.49 -10.69
C SER G 341 43.17 -9.00 -10.44
N SER G 342 42.23 -8.67 -9.54
CA SER G 342 42.02 -7.26 -9.21
C SER G 342 42.88 -6.76 -8.05
N THR G 343 43.68 -7.67 -7.48
CA THR G 343 44.66 -7.35 -6.44
C THR G 343 45.80 -6.54 -7.04
N GLU G 344 46.23 -5.51 -6.30
CA GLU G 344 47.07 -4.47 -6.85
C GLU G 344 48.44 -4.51 -6.25
N VAL G 345 49.44 -4.63 -7.13
CA VAL G 345 50.81 -4.46 -6.72
C VAL G 345 51.30 -3.05 -7.14
N ASN G 346 52.41 -2.61 -6.56
CA ASN G 346 53.09 -1.41 -7.01
C ASN G 346 54.06 -1.64 -8.18
N LEU G 347 54.27 -0.59 -8.95
CA LEU G 347 55.41 -0.50 -9.83
C LEU G 347 56.66 -0.81 -9.03
N PRO G 348 57.66 -1.44 -9.65
CA PRO G 348 58.88 -1.67 -8.87
C PRO G 348 59.49 -0.34 -8.47
N GLN G 349 60.26 -0.36 -7.40
CA GLN G 349 60.99 0.80 -6.93
C GLN G 349 62.12 1.24 -7.84
N CYS G 350 62.57 2.47 -7.68
CA CYS G 350 63.77 2.88 -8.39
C CYS G 350 64.71 3.46 -7.40
N ASP G 351 65.94 3.65 -7.81
CA ASP G 351 66.95 4.15 -6.89
C ASP G 351 67.28 5.62 -7.22
N SER G 352 66.84 6.50 -6.32
CA SER G 352 66.78 7.95 -6.57
C SER G 352 68.19 8.52 -6.72
N ALA G 353 69.14 7.86 -6.10
CA ALA G 353 70.52 8.30 -6.13
C ALA G 353 71.13 8.16 -7.51
N SER G 354 70.63 7.23 -8.30
CA SER G 354 71.36 6.84 -9.52
C SER G 354 70.56 6.87 -10.80
N PHE G 355 69.26 7.07 -10.69
CA PHE G 355 68.39 7.05 -11.86
C PHE G 355 68.53 8.38 -12.61
N ILE G 356 68.60 8.32 -13.94
CA ILE G 356 68.85 9.51 -14.73
C ILE G 356 67.54 10.06 -15.27
N PRO G 357 67.15 11.26 -14.80
CA PRO G 357 65.90 11.85 -15.19
C PRO G 357 65.83 11.94 -16.71
N ILE G 358 64.69 11.59 -17.29
CA ILE G 358 64.50 11.67 -18.73
C ILE G 358 63.57 12.84 -19.03
N GLU G 359 63.88 13.61 -20.08
CA GLU G 359 63.11 14.81 -20.40
C GLU G 359 62.52 14.75 -21.80
N GLY G 360 61.20 14.78 -21.89
CA GLY G 360 60.52 14.95 -23.16
C GLY G 360 60.87 16.27 -23.83
N PRO G 361 60.37 16.48 -25.05
CA PRO G 361 60.59 17.69 -25.81
C PRO G 361 59.73 18.84 -25.27
N CYS G 362 60.16 20.08 -25.51
CA CYS G 362 59.36 21.25 -25.12
C CYS G 362 58.30 21.47 -26.21
N ASN G 363 57.03 21.20 -25.88
CA ASN G 363 55.87 21.67 -26.68
C ASN G 363 54.99 22.60 -25.88
N ASN G 364 54.62 23.73 -26.45
CA ASN G 364 53.77 24.70 -25.76
C ASN G 364 54.33 25.10 -24.39
N CYS G 365 55.65 25.20 -24.30
CA CYS G 365 56.31 25.58 -23.05
C CYS G 365 56.11 24.58 -21.91
N VAL G 366 55.66 23.38 -22.28
CA VAL G 366 55.58 22.24 -21.35
C VAL G 366 56.39 21.04 -21.84
N GLN G 367 57.08 20.35 -20.92
CA GLN G 367 57.70 19.09 -21.27
C GLN G 367 57.48 18.01 -20.21
N VAL G 368 57.43 16.77 -20.64
CA VAL G 368 57.20 15.70 -19.73
C VAL G 368 58.49 15.14 -19.18
N VAL G 369 58.61 15.08 -17.85
CA VAL G 369 59.85 14.66 -17.23
C VAL G 369 59.62 13.36 -16.44
N THR G 370 60.54 12.42 -16.52
CA THR G 370 60.41 11.12 -15.87
C THR G 370 61.53 10.95 -14.88
N GLU G 371 61.19 10.91 -13.59
CA GLU G 371 62.22 10.91 -12.54
C GLU G 371 61.96 9.79 -11.55
N CYS G 372 62.89 9.66 -10.61
CA CYS G 372 62.76 8.84 -9.44
C CYS G 372 62.78 9.68 -8.18
N VAL G 373 61.62 9.83 -7.54
CA VAL G 373 61.46 10.72 -6.36
C VAL G 373 61.10 9.90 -5.13
N GLY G 374 61.96 9.92 -4.13
CA GLY G 374 61.79 9.01 -2.99
C GLY G 374 61.71 7.52 -3.36
N ASN G 375 62.53 7.09 -4.32
CA ASN G 375 62.56 5.68 -4.78
C ASN G 375 61.28 5.22 -5.49
N GLN G 376 60.47 6.19 -5.94
CA GLN G 376 59.32 5.89 -6.74
C GLN G 376 59.36 6.59 -8.11
N PHE G 377 58.76 5.95 -9.10
CA PHE G 377 58.67 6.48 -10.45
C PHE G 377 57.71 7.63 -10.44
N ASP G 378 58.12 8.75 -11.03
CA ASP G 378 57.21 9.88 -11.20
C ASP G 378 57.26 10.34 -12.63
N GLN G 379 56.14 10.79 -13.16
CA GLN G 379 56.14 11.46 -14.45
C GLN G 379 55.28 12.70 -14.34
N THR G 380 55.87 13.89 -14.43
CA THR G 380 55.09 15.10 -14.28
C THR G 380 55.37 16.00 -15.46
N SER G 381 54.46 16.95 -15.70
CA SER G 381 54.77 18.04 -16.64
C SER G 381 55.56 19.16 -16.01
N LYS G 382 56.42 19.76 -16.81
CA LYS G 382 57.27 20.81 -16.31
C LYS G 382 57.24 21.95 -17.30
N ALA G 383 57.23 23.18 -16.78
CA ALA G 383 57.31 24.36 -17.65
C ALA G 383 58.74 24.54 -18.18
N CYS G 384 58.87 24.79 -19.48
CA CYS G 384 60.18 24.88 -20.11
C CYS G 384 60.33 26.10 -21.00
N CYS G 385 59.80 27.23 -20.56
CA CYS G 385 60.03 28.51 -21.25
C CYS G 385 60.34 29.62 -20.25
N THR G 386 61.54 29.61 -19.67
CA THR G 386 61.87 30.60 -18.65
C THR G 386 63.36 30.86 -18.57
N GLY H 5 -18.37 10.74 -48.74
CA GLY H 5 -19.34 10.63 -47.61
C GLY H 5 -19.36 9.23 -47.05
N GLN H 6 -19.64 9.10 -45.77
CA GLN H 6 -19.46 7.82 -45.13
C GLN H 6 -20.74 7.14 -44.67
N ASN H 7 -20.64 5.85 -44.44
CA ASN H 7 -21.78 5.01 -44.22
C ASN H 7 -22.67 5.56 -43.12
N PRO H 8 -23.90 5.91 -43.46
CA PRO H 8 -24.87 6.49 -42.55
C PRO H 8 -25.32 5.47 -41.51
N TRP H 9 -25.05 4.19 -41.73
CA TRP H 9 -25.44 3.17 -40.73
C TRP H 9 -24.45 3.04 -39.58
N ALA H 10 -23.32 3.74 -39.67
CA ALA H 10 -22.41 3.85 -38.53
C ALA H 10 -22.41 5.28 -37.97
N THR H 11 -23.17 6.16 -38.62
CA THR H 11 -23.08 7.58 -38.37
C THR H 11 -24.07 8.09 -37.34
N THR H 12 -25.12 7.32 -37.09
CA THR H 12 -26.25 7.77 -36.28
C THR H 12 -26.67 6.66 -35.34
N THR H 13 -27.00 7.03 -34.11
CA THR H 13 -27.24 6.05 -33.06
C THR H 13 -28.36 5.05 -33.44
N ALA H 14 -29.49 5.57 -33.91
CA ALA H 14 -30.62 4.72 -34.24
C ALA H 14 -30.31 3.77 -35.41
N PHE H 15 -29.58 4.27 -36.43
CA PHE H 15 -29.22 3.38 -37.56
C PHE H 15 -28.19 2.37 -37.08
N ALA H 16 -27.20 2.87 -36.32
CA ALA H 16 -26.12 2.03 -35.81
C ALA H 16 -26.61 0.92 -34.91
N ASP H 17 -27.61 1.21 -34.08
CA ASP H 17 -28.25 0.19 -33.24
C ASP H 17 -29.02 -0.83 -34.05
N PHE H 18 -29.70 -0.35 -35.08
CA PHE H 18 -30.38 -1.24 -35.99
C PHE H 18 -29.39 -2.18 -36.71
N MET H 19 -28.35 -1.61 -37.31
CA MET H 19 -27.38 -2.40 -38.08
C MET H 19 -26.65 -3.40 -37.17
N LYS H 20 -26.43 -3.01 -35.93
CA LYS H 20 -25.70 -3.88 -35.00
C LYS H 20 -26.42 -5.23 -34.78
N ARG H 21 -27.74 -5.25 -34.91
CA ARG H 21 -28.52 -6.48 -34.63
C ARG H 21 -28.21 -7.58 -35.63
N PHE H 22 -27.74 -7.20 -36.82
CA PHE H 22 -27.41 -8.17 -37.86
C PHE H 22 -25.95 -8.62 -37.87
N ASN H 23 -25.19 -8.14 -36.90
CA ASN H 23 -23.83 -8.66 -36.69
C ASN H 23 -23.92 -9.93 -35.87
N ILE H 24 -24.48 -10.95 -36.51
CA ILE H 24 -24.79 -12.23 -35.88
C ILE H 24 -23.68 -12.92 -35.07
N PRO H 25 -22.46 -12.99 -35.60
CA PRO H 25 -21.39 -13.65 -34.80
C PRO H 25 -21.13 -12.95 -33.46
N GLN H 26 -21.24 -11.64 -33.45
CA GLN H 26 -20.95 -10.87 -32.27
C GLN H 26 -22.11 -11.00 -31.29
N VAL H 27 -23.31 -10.87 -31.80
CA VAL H 27 -24.47 -10.73 -30.94
C VAL H 27 -25.06 -12.09 -30.57
N HIS H 28 -24.95 -13.08 -31.44
CA HIS H 28 -25.48 -14.43 -31.12
C HIS H 28 -24.32 -15.30 -30.67
N GLY H 29 -23.27 -15.32 -31.49
CA GLY H 29 -21.97 -15.87 -31.09
C GLY H 29 -22.00 -17.38 -30.94
N SER H 30 -23.06 -18.03 -31.41
CA SER H 30 -23.04 -19.50 -31.49
C SER H 30 -23.77 -20.07 -32.69
N GLY H 31 -23.82 -21.39 -32.81
CA GLY H 31 -24.48 -21.94 -33.97
C GLY H 31 -25.94 -21.49 -33.99
N ILE H 32 -26.59 -21.67 -35.13
CA ILE H 32 -28.01 -21.28 -35.28
C ILE H 32 -28.91 -22.46 -35.57
N PHE H 33 -28.53 -23.25 -36.57
CA PHE H 33 -29.32 -24.39 -36.99
C PHE H 33 -29.22 -25.42 -35.87
N VAL H 34 -27.99 -25.68 -35.45
CA VAL H 34 -27.74 -26.45 -34.22
C VAL H 34 -26.86 -25.64 -33.37
N ASP H 35 -27.37 -25.28 -32.19
CA ASP H 35 -26.64 -24.44 -31.23
C ASP H 35 -26.07 -25.36 -30.16
N LEU H 36 -24.80 -25.62 -30.23
CA LEU H 36 -24.13 -26.39 -29.18
C LEU H 36 -22.75 -25.77 -28.94
N GLY H 37 -22.78 -24.49 -28.55
CA GLY H 37 -21.60 -23.63 -28.49
C GLY H 37 -20.79 -23.68 -27.23
N ARG H 38 -21.24 -24.45 -26.25
CA ARG H 38 -20.61 -24.44 -24.92
C ARG H 38 -20.38 -25.88 -24.52
N ASP H 39 -19.32 -26.13 -23.81
CA ASP H 39 -19.14 -27.44 -23.20
C ASP H 39 -19.20 -27.24 -21.71
N THR H 40 -20.03 -28.02 -21.03
CA THR H 40 -20.08 -27.98 -19.56
C THR H 40 -20.16 -29.41 -19.01
N GLU H 41 -19.40 -29.67 -17.96
CA GLU H 41 -19.28 -31.00 -17.41
C GLU H 41 -19.14 -32.07 -18.45
N GLY H 42 -18.31 -31.85 -19.46
CA GLY H 42 -18.13 -32.86 -20.51
C GLY H 42 -19.29 -32.98 -21.50
N TYR H 43 -20.30 -32.12 -21.37
CA TYR H 43 -21.40 -32.08 -22.35
C TYR H 43 -21.47 -30.83 -23.23
N ARG H 44 -21.99 -31.03 -24.44
CA ARG H 44 -22.37 -29.92 -25.28
C ARG H 44 -23.62 -29.26 -24.72
N GLU H 45 -23.62 -27.93 -24.72
CA GLU H 45 -24.64 -27.09 -24.02
C GLU H 45 -25.02 -25.96 -24.99
N VAL H 46 -26.30 -25.80 -25.22
CA VAL H 46 -26.80 -24.74 -26.06
C VAL H 46 -26.33 -23.43 -25.46
N GLY H 47 -25.74 -22.55 -26.31
CA GLY H 47 -24.98 -21.34 -25.81
C GLY H 47 -25.31 -19.99 -26.45
N GLY H 48 -26.08 -19.98 -27.53
CA GLY H 48 -26.29 -18.75 -28.29
C GLY H 48 -27.10 -17.70 -27.57
N LYS H 49 -26.81 -16.43 -27.80
CA LYS H 49 -27.43 -15.37 -27.03
C LYS H 49 -28.73 -14.83 -27.64
N CYS H 50 -29.03 -15.19 -28.87
CA CYS H 50 -30.23 -14.64 -29.50
C CYS H 50 -31.29 -15.69 -29.58
N PRO H 51 -32.54 -15.28 -29.57
CA PRO H 51 -33.58 -16.32 -29.62
C PRO H 51 -33.91 -16.64 -31.08
N VAL H 52 -34.26 -17.89 -31.36
CA VAL H 52 -34.36 -18.30 -32.74
C VAL H 52 -35.82 -18.43 -33.09
N PHE H 53 -36.36 -17.41 -33.75
CA PHE H 53 -37.80 -17.40 -34.03
C PHE H 53 -38.22 -18.44 -35.06
N GLY H 54 -39.24 -19.22 -34.75
CA GLY H 54 -39.82 -20.12 -35.72
C GLY H 54 -39.11 -21.45 -35.77
N LYS H 55 -38.08 -21.64 -34.92
CA LYS H 55 -37.35 -22.92 -34.89
C LYS H 55 -38.05 -23.99 -34.05
N ALA H 56 -38.35 -25.11 -34.69
CA ALA H 56 -38.91 -26.28 -34.01
C ALA H 56 -37.94 -27.40 -34.31
N ILE H 57 -38.08 -28.51 -33.59
CA ILE H 57 -37.43 -29.74 -33.99
C ILE H 57 -38.43 -30.69 -34.64
N GLN H 58 -38.08 -31.12 -35.84
CA GLN H 58 -38.89 -31.99 -36.66
C GLN H 58 -38.54 -33.42 -36.29
N MET H 59 -39.54 -34.19 -35.91
CA MET H 59 -39.27 -35.56 -35.51
C MET H 59 -39.76 -36.57 -36.56
N HIS H 60 -39.29 -37.82 -36.48
CA HIS H 60 -39.69 -38.81 -37.48
C HIS H 60 -40.07 -40.13 -36.87
N GLN H 61 -40.77 -40.07 -35.76
CA GLN H 61 -41.32 -41.27 -35.16
C GLN H 61 -42.36 -41.88 -36.10
N PRO H 62 -42.74 -43.13 -35.84
CA PRO H 62 -43.70 -43.76 -36.72
C PRO H 62 -45.04 -43.06 -36.66
N ALA H 63 -45.90 -43.39 -37.62
CA ALA H 63 -47.06 -42.60 -37.94
C ALA H 63 -48.08 -42.48 -36.79
N GLU H 64 -48.10 -43.46 -35.88
CA GLU H 64 -49.07 -43.43 -34.78
C GLU H 64 -48.49 -42.80 -33.49
N TYR H 65 -47.19 -42.55 -33.47
CA TYR H 65 -46.60 -41.78 -32.40
C TYR H 65 -47.09 -40.34 -32.43
N SER H 66 -47.05 -39.70 -31.29
CA SER H 66 -47.41 -38.29 -31.18
C SER H 66 -46.50 -37.40 -32.02
N ASN H 67 -45.21 -37.70 -32.00
CA ASN H 67 -44.23 -37.06 -32.90
C ASN H 67 -44.11 -35.55 -32.70
N ASN H 68 -44.22 -35.12 -31.46
CA ASN H 68 -44.21 -33.68 -31.16
C ASN H 68 -43.17 -33.35 -30.10
N PHE H 69 -42.14 -32.62 -30.52
CA PHE H 69 -40.95 -32.43 -29.69
C PHE H 69 -41.23 -31.75 -28.37
N LEU H 70 -42.32 -31.00 -28.32
CA LEU H 70 -42.76 -30.35 -27.06
C LEU H 70 -43.34 -31.32 -26.00
N ASP H 71 -43.56 -32.59 -26.34
CA ASP H 71 -44.01 -33.58 -25.32
C ASP H 71 -42.91 -33.91 -24.31
N ASP H 72 -43.32 -34.48 -23.18
CA ASP H 72 -42.41 -34.92 -22.15
C ASP H 72 -41.37 -35.92 -22.67
N ALA H 73 -40.11 -35.64 -22.43
CA ALA H 73 -39.10 -36.67 -22.54
C ALA H 73 -39.53 -37.79 -21.66
N PRO H 74 -39.07 -39.01 -21.97
CA PRO H 74 -39.35 -40.23 -21.20
C PRO H 74 -38.58 -40.26 -19.89
N THR H 75 -39.20 -40.79 -18.84
CA THR H 75 -38.58 -40.85 -17.50
C THR H 75 -37.99 -42.23 -17.15
N SER H 76 -38.35 -43.24 -17.92
CA SER H 76 -37.71 -44.54 -17.82
C SER H 76 -37.77 -45.13 -19.20
N ASN H 77 -36.82 -45.99 -19.52
CA ASN H 77 -36.92 -46.72 -20.76
C ASN H 77 -38.12 -47.64 -20.70
N ASP H 78 -38.63 -47.98 -21.87
CA ASP H 78 -39.45 -49.16 -22.03
C ASP H 78 -38.90 -49.98 -23.21
N ALA H 79 -38.17 -51.04 -22.88
CA ALA H 79 -37.38 -51.76 -23.86
C ALA H 79 -38.24 -52.48 -24.90
N SER H 80 -39.55 -52.52 -24.66
CA SER H 80 -40.47 -53.10 -25.63
C SER H 80 -40.95 -52.08 -26.67
N LYS H 81 -40.54 -50.82 -26.50
CA LYS H 81 -40.83 -49.78 -27.50
C LYS H 81 -39.59 -49.23 -28.19
N LYS H 82 -39.55 -49.42 -29.51
CA LYS H 82 -38.54 -48.83 -30.38
C LYS H 82 -39.27 -48.19 -31.52
N PRO H 83 -39.14 -46.87 -31.67
CA PRO H 83 -38.42 -45.98 -30.75
C PRO H 83 -39.21 -45.74 -29.47
N LEU H 84 -38.52 -45.29 -28.42
CA LEU H 84 -39.19 -44.88 -27.19
C LEU H 84 -40.03 -43.63 -27.48
N PRO H 85 -41.32 -43.65 -27.10
CA PRO H 85 -42.23 -42.53 -27.25
C PRO H 85 -41.77 -41.34 -26.43
N GLY H 86 -42.20 -40.14 -26.81
CA GLY H 86 -41.89 -38.97 -26.03
C GLY H 86 -41.32 -37.83 -26.83
N GLY H 87 -41.01 -36.75 -26.14
CA GLY H 87 -40.54 -35.53 -26.78
C GLY H 87 -39.31 -35.02 -26.09
N PHE H 88 -39.06 -33.72 -26.20
CA PHE H 88 -37.85 -33.13 -25.64
C PHE H 88 -38.06 -32.45 -24.29
N ASN H 89 -39.32 -32.27 -23.91
CA ASN H 89 -39.70 -31.40 -22.79
C ASN H 89 -39.27 -31.95 -21.44
N ASN H 90 -38.84 -31.07 -20.53
CA ASN H 90 -38.48 -31.50 -19.19
C ASN H 90 -39.71 -32.02 -18.46
N PRO H 91 -39.65 -33.25 -17.94
CA PRO H 91 -40.86 -33.88 -17.39
C PRO H 91 -40.88 -33.93 -15.86
N GLN H 92 -39.83 -33.42 -15.22
CA GLN H 92 -39.75 -33.42 -13.74
C GLN H 92 -40.94 -32.73 -13.12
N VAL H 93 -41.29 -33.12 -11.89
CA VAL H 93 -42.33 -32.41 -11.11
C VAL H 93 -41.69 -31.75 -9.89
N TYR H 94 -42.20 -30.59 -9.49
CA TYR H 94 -41.85 -30.03 -8.18
C TYR H 94 -42.38 -30.93 -7.06
N THR H 95 -41.84 -30.77 -5.86
CA THR H 95 -42.34 -31.48 -4.67
C THR H 95 -43.86 -31.26 -4.46
N SER H 96 -44.33 -30.05 -4.77
CA SER H 96 -45.76 -29.73 -4.79
C SER H 96 -46.58 -30.45 -5.87
N GLY H 97 -45.95 -31.30 -6.66
CA GLY H 97 -46.65 -31.99 -7.75
C GLY H 97 -46.94 -31.12 -8.99
N GLN H 98 -46.70 -29.82 -8.89
CA GLN H 98 -46.66 -28.97 -10.09
C GLN H 98 -45.48 -29.38 -11.02
N LYS H 99 -45.76 -29.42 -12.32
CA LYS H 99 -44.79 -29.74 -13.35
C LYS H 99 -43.72 -28.62 -13.53
N PHE H 100 -42.48 -28.99 -13.83
CA PHE H 100 -41.49 -27.94 -14.30
C PHE H 100 -42.00 -27.30 -15.59
N SER H 101 -42.35 -28.11 -16.58
CA SER H 101 -42.55 -27.62 -17.95
C SER H 101 -43.68 -28.35 -18.64
N PRO H 102 -44.49 -27.64 -19.43
CA PRO H 102 -44.41 -26.18 -19.62
C PRO H 102 -45.06 -25.49 -18.45
N ILE H 103 -44.80 -24.19 -18.32
CA ILE H 103 -45.45 -23.35 -17.33
C ILE H 103 -45.99 -22.12 -18.07
N ASP H 104 -47.18 -21.67 -17.68
CA ASP H 104 -47.76 -20.42 -18.18
C ASP H 104 -46.86 -19.22 -17.93
N ASP H 105 -46.81 -18.32 -18.92
CA ASP H 105 -46.06 -17.06 -18.81
C ASP H 105 -46.61 -16.14 -17.70
N SER H 106 -47.93 -16.23 -17.43
CA SER H 106 -48.50 -15.37 -16.42
C SER H 106 -48.12 -15.86 -15.00
N LEU H 107 -47.86 -17.16 -14.86
CA LEU H 107 -47.29 -17.70 -13.62
C LEU H 107 -45.80 -17.36 -13.45
N LEU H 108 -45.04 -17.42 -14.54
CA LEU H 108 -43.68 -16.94 -14.52
C LEU H 108 -43.65 -15.48 -14.10
N GLN H 109 -44.64 -14.71 -14.54
CA GLN H 109 -44.68 -13.30 -14.20
C GLN H 109 -44.82 -13.14 -12.69
N GLU H 110 -45.73 -13.90 -12.08
CA GLU H 110 -45.95 -13.88 -10.64
C GLU H 110 -44.73 -14.41 -9.93
N ARG H 111 -44.24 -15.54 -10.41
CA ARG H 111 -43.16 -16.27 -9.75
C ARG H 111 -41.84 -15.53 -9.79
N LEU H 112 -41.68 -14.60 -10.73
CA LEU H 112 -40.36 -14.11 -11.06
C LEU H 112 -40.02 -12.88 -10.29
N GLY H 113 -41.06 -12.20 -9.83
CA GLY H 113 -40.89 -11.04 -8.99
C GLY H 113 -41.40 -9.75 -9.64
N THR H 114 -41.44 -8.73 -8.82
CA THR H 114 -41.77 -7.39 -9.20
C THR H 114 -40.72 -6.84 -10.16
N ALA H 115 -39.49 -7.35 -10.00
CA ALA H 115 -38.39 -6.87 -10.81
C ALA H 115 -37.91 -7.92 -11.84
N GLY H 116 -38.72 -8.91 -12.13
CA GLY H 116 -38.30 -9.93 -13.10
C GLY H 116 -38.42 -9.42 -14.52
N PRO H 117 -38.07 -10.28 -15.48
CA PRO H 117 -37.96 -9.85 -16.86
C PRO H 117 -39.25 -9.32 -17.41
N LYS H 118 -39.14 -8.28 -18.21
CA LYS H 118 -40.29 -7.63 -18.80
C LYS H 118 -40.70 -8.20 -20.14
N THR H 119 -39.96 -9.18 -20.66
CA THR H 119 -40.45 -9.85 -21.89
C THR H 119 -40.67 -11.30 -21.63
N ALA H 120 -41.57 -11.90 -22.39
CA ALA H 120 -41.93 -13.30 -22.22
C ALA H 120 -40.76 -14.22 -22.60
N ILE H 121 -40.02 -13.83 -23.62
CA ILE H 121 -38.81 -14.60 -23.95
C ILE H 121 -37.79 -14.60 -22.80
N GLY H 122 -37.61 -13.40 -22.23
CA GLY H 122 -36.68 -13.17 -21.14
C GLY H 122 -37.07 -13.98 -19.89
N ARG H 123 -38.35 -13.92 -19.55
CA ARG H 123 -38.93 -14.72 -18.48
C ARG H 123 -38.61 -16.18 -18.65
N CYS H 124 -38.90 -16.69 -19.84
CA CYS H 124 -38.75 -18.11 -20.14
C CYS H 124 -37.30 -18.52 -20.13
N ALA H 125 -36.47 -17.73 -20.78
CA ALA H 125 -35.03 -17.96 -20.71
C ALA H 125 -34.55 -17.97 -19.30
N LEU H 126 -34.95 -16.96 -18.50
CA LEU H 126 -34.56 -16.88 -17.08
C LEU H 126 -35.07 -18.09 -16.29
N TYR H 127 -36.26 -18.56 -16.61
CA TYR H 127 -36.76 -19.81 -16.00
C TYR H 127 -35.89 -21.05 -16.33
N ALA H 128 -35.55 -21.24 -17.59
CA ALA H 128 -34.66 -22.35 -17.98
C ALA H 128 -33.34 -22.18 -17.25
N TYR H 129 -32.85 -20.96 -17.20
CA TYR H 129 -31.55 -20.70 -16.65
C TYR H 129 -31.55 -20.97 -15.14
N SER H 130 -32.70 -20.79 -14.48
CA SER H 130 -32.82 -21.09 -13.04
C SER H 130 -33.13 -22.54 -12.75
N THR H 131 -33.61 -23.28 -13.72
CA THR H 131 -33.88 -24.69 -13.47
C THR H 131 -32.58 -25.39 -13.14
N ILE H 132 -32.55 -26.15 -12.04
CA ILE H 132 -31.43 -27.03 -11.70
C ILE H 132 -31.48 -28.32 -12.52
N ALA H 133 -30.46 -28.55 -13.34
CA ALA H 133 -30.51 -29.70 -14.24
C ALA H 133 -30.17 -30.99 -13.50
N VAL H 134 -30.58 -32.12 -14.05
CA VAL H 134 -30.24 -33.41 -13.50
C VAL H 134 -29.57 -34.24 -14.58
N ASN H 135 -28.38 -34.77 -14.32
CA ASN H 135 -27.75 -35.61 -15.31
C ASN H 135 -28.58 -36.89 -15.53
N PRO H 136 -29.08 -37.09 -16.77
CA PRO H 136 -30.05 -38.17 -17.02
C PRO H 136 -29.44 -39.57 -17.03
N SER H 137 -28.11 -39.68 -17.00
CA SER H 137 -27.49 -40.97 -16.70
C SER H 137 -27.37 -41.22 -15.21
N THR H 138 -26.80 -40.25 -14.50
CA THR H 138 -26.39 -40.45 -13.13
C THR H 138 -27.51 -40.14 -12.17
N ASN H 139 -28.37 -39.21 -12.53
CA ASN H 139 -29.40 -38.81 -11.60
C ASN H 139 -28.93 -37.75 -10.62
N TYR H 140 -27.65 -37.40 -10.71
CA TYR H 140 -27.09 -36.32 -9.91
C TYR H 140 -27.40 -34.97 -10.54
N THR H 141 -27.55 -33.95 -9.70
CA THR H 141 -27.77 -32.62 -10.22
C THR H 141 -26.49 -32.05 -10.81
N SER H 142 -26.62 -30.93 -11.53
CA SER H 142 -25.60 -30.58 -12.51
C SER H 142 -25.68 -29.09 -12.76
N THR H 143 -24.57 -28.51 -13.21
CA THR H 143 -24.55 -27.08 -13.53
C THR H 143 -25.00 -26.84 -14.98
N TYR H 144 -25.12 -27.90 -15.76
CA TYR H 144 -25.69 -27.86 -17.13
C TYR H 144 -26.96 -27.03 -17.21
N LYS H 145 -27.11 -26.20 -18.25
CA LYS H 145 -28.39 -25.47 -18.42
C LYS H 145 -29.13 -25.91 -19.66
N TYR H 146 -30.40 -26.29 -19.46
CA TYR H 146 -31.34 -26.57 -20.56
C TYR H 146 -31.68 -25.35 -21.43
N PRO H 147 -32.00 -25.57 -22.72
CA PRO H 147 -32.59 -24.53 -23.55
C PRO H 147 -34.09 -24.45 -23.33
N PHE H 148 -34.72 -23.45 -23.94
CA PHE H 148 -36.15 -23.26 -23.82
C PHE H 148 -36.79 -23.09 -25.17
N VAL H 149 -38.11 -23.29 -25.21
CA VAL H 149 -38.92 -22.90 -26.35
C VAL H 149 -40.09 -22.14 -25.72
N TYR H 150 -40.32 -20.93 -26.22
CA TYR H 150 -41.51 -20.17 -25.92
C TYR H 150 -42.47 -20.25 -27.08
N ASP H 151 -43.74 -20.39 -26.76
CA ASP H 151 -44.80 -20.47 -27.69
C ASP H 151 -45.72 -19.28 -27.50
N ALA H 152 -45.61 -18.29 -28.38
CA ALA H 152 -46.38 -17.08 -28.27
C ALA H 152 -47.90 -17.26 -28.39
N VAL H 153 -48.37 -18.32 -29.05
CA VAL H 153 -49.81 -18.54 -29.22
C VAL H 153 -50.44 -19.00 -27.91
N SER H 154 -49.84 -20.02 -27.32
CA SER H 154 -50.38 -20.53 -26.06
C SER H 154 -49.90 -19.74 -24.86
N ARG H 155 -48.88 -18.89 -25.06
CA ARG H 155 -48.22 -18.14 -23.95
C ARG H 155 -47.63 -19.08 -22.86
N LYS H 156 -47.05 -20.19 -23.30
CA LYS H 156 -46.38 -21.06 -22.39
C LYS H 156 -44.89 -21.11 -22.68
N CYS H 157 -44.14 -21.34 -21.63
CA CYS H 157 -42.72 -21.51 -21.70
C CYS H 157 -42.36 -22.99 -21.48
N TYR H 158 -41.55 -23.58 -22.38
CA TYR H 158 -41.04 -24.94 -22.24
C TYR H 158 -39.55 -24.95 -21.93
N VAL H 159 -39.16 -25.78 -20.96
CA VAL H 159 -37.75 -26.03 -20.70
C VAL H 159 -37.38 -27.40 -21.27
N LEU H 160 -36.41 -27.47 -22.15
CA LEU H 160 -36.23 -28.76 -22.83
C LEU H 160 -35.18 -29.53 -22.05
N SER H 161 -35.48 -30.73 -21.62
CA SER H 161 -34.41 -31.46 -21.00
C SER H 161 -33.60 -32.29 -21.97
N VAL H 162 -34.00 -32.21 -23.25
CA VAL H 162 -33.26 -32.81 -24.36
C VAL H 162 -32.65 -31.69 -25.24
N SER H 163 -31.32 -31.60 -25.19
CA SER H 163 -30.60 -30.47 -25.83
C SER H 163 -30.04 -30.86 -27.21
N ALA H 164 -30.10 -32.14 -27.53
CA ALA H 164 -29.82 -32.54 -28.87
C ALA H 164 -30.77 -31.87 -29.86
N GLN H 165 -30.23 -31.51 -31.02
CA GLN H 165 -31.03 -30.84 -32.00
C GLN H 165 -31.04 -31.56 -33.37
N LEU H 166 -30.04 -32.39 -33.63
CA LEU H 166 -29.94 -33.11 -34.90
C LEU H 166 -29.50 -34.52 -34.65
N LEU H 167 -30.28 -35.48 -35.16
CA LEU H 167 -29.86 -36.88 -35.22
C LEU H 167 -30.27 -37.51 -36.56
N LYS H 168 -29.36 -38.30 -37.13
CA LYS H 168 -29.52 -38.78 -38.50
C LYS H 168 -28.66 -40.00 -38.78
N GLY H 169 -28.99 -40.72 -39.84
CA GLY H 169 -28.23 -41.90 -40.20
C GLY H 169 -28.88 -43.20 -39.75
N GLU H 170 -29.01 -44.13 -40.69
CA GLU H 170 -29.67 -45.41 -40.42
C GLU H 170 -28.87 -46.24 -39.42
N LYS H 171 -27.67 -45.81 -39.13
CA LYS H 171 -26.90 -46.41 -38.04
C LYS H 171 -27.42 -46.04 -36.63
N TYR H 172 -28.06 -44.87 -36.49
CA TYR H 172 -28.32 -44.27 -35.15
C TYR H 172 -29.79 -43.95 -34.81
N CYS H 173 -30.61 -43.78 -35.84
CA CYS H 173 -32.02 -43.48 -35.63
C CYS H 173 -32.86 -43.93 -36.80
N SER H 174 -34.14 -44.16 -36.53
CA SER H 174 -35.08 -44.56 -37.54
C SER H 174 -35.92 -43.41 -38.07
N VAL H 175 -36.18 -43.45 -39.38
CA VAL H 175 -37.13 -42.53 -40.01
C VAL H 175 -38.44 -43.27 -40.24
N ASN H 176 -39.49 -42.84 -39.55
CA ASN H 176 -40.81 -43.43 -39.78
C ASN H 176 -40.74 -44.94 -39.63
N GLY H 177 -39.95 -45.40 -38.67
CA GLY H 177 -39.95 -46.80 -38.30
C GLY H 177 -38.84 -47.67 -38.88
N THR H 178 -38.15 -47.19 -39.91
CA THR H 178 -37.05 -47.98 -40.51
C THR H 178 -35.68 -47.27 -40.47
N PRO H 179 -34.61 -48.00 -40.08
CA PRO H 179 -34.66 -49.40 -39.68
C PRO H 179 -35.38 -49.58 -38.37
N SER H 180 -36.19 -50.62 -38.26
CA SER H 180 -36.90 -50.91 -37.03
C SER H 180 -35.89 -51.30 -35.95
N GLY H 181 -36.33 -51.29 -34.70
CA GLY H 181 -35.48 -51.75 -33.60
C GLY H 181 -34.60 -50.68 -32.94
N LEU H 182 -34.48 -49.52 -33.57
CA LEU H 182 -33.69 -48.45 -33.01
C LEU H 182 -34.46 -47.70 -31.92
N THR H 183 -33.76 -47.36 -30.84
CA THR H 183 -34.34 -46.64 -29.67
C THR H 183 -34.84 -45.24 -30.00
N TRP H 184 -34.05 -44.52 -30.80
CA TRP H 184 -34.35 -43.13 -31.13
C TRP H 184 -34.83 -43.04 -32.57
N ALA H 185 -35.87 -42.26 -32.78
CA ALA H 185 -36.20 -41.74 -34.11
C ALA H 185 -35.32 -40.56 -34.44
N CYS H 186 -34.99 -40.37 -35.72
CA CYS H 186 -34.25 -39.20 -36.19
C CYS H 186 -35.04 -37.94 -36.02
N PHE H 187 -34.35 -36.80 -36.12
CA PHE H 187 -35.00 -35.49 -36.01
C PHE H 187 -33.99 -34.46 -36.43
N GLU H 188 -34.48 -33.29 -36.87
CA GLU H 188 -33.63 -32.21 -37.22
C GLU H 188 -34.39 -30.88 -36.99
N PRO H 189 -33.66 -29.76 -36.87
CA PRO H 189 -34.30 -28.45 -36.75
C PRO H 189 -34.92 -28.01 -38.09
N VAL H 190 -35.98 -27.24 -38.01
CA VAL H 190 -36.64 -26.70 -39.16
C VAL H 190 -37.24 -25.37 -38.74
N LYS H 191 -37.51 -24.50 -39.70
CA LYS H 191 -38.24 -23.26 -39.45
C LYS H 191 -39.72 -23.48 -39.81
N GLU H 192 -40.62 -23.14 -38.90
CA GLU H 192 -42.03 -23.39 -39.15
C GLU H 192 -42.90 -22.16 -38.97
N LYS H 193 -43.94 -22.07 -39.77
CA LYS H 193 -44.91 -20.98 -39.65
C LYS H 193 -46.29 -21.59 -39.77
N SER H 194 -46.88 -21.83 -38.62
CA SER H 194 -48.21 -22.39 -38.45
C SER H 194 -48.99 -21.31 -37.69
N SER H 195 -50.28 -21.24 -37.87
CA SER H 195 -51.04 -20.33 -37.02
C SER H 195 -51.37 -20.96 -35.67
N ALA H 196 -51.11 -22.26 -35.52
CA ALA H 196 -51.41 -22.97 -34.27
C ALA H 196 -50.45 -22.67 -33.12
N ARG H 197 -49.18 -22.51 -33.42
CA ARG H 197 -48.22 -22.12 -32.40
C ARG H 197 -47.23 -21.15 -33.04
N ALA H 198 -46.49 -20.43 -32.22
CA ALA H 198 -45.42 -19.55 -32.69
C ALA H 198 -44.21 -19.68 -31.80
N LEU H 199 -43.26 -20.48 -32.23
CA LEU H 199 -42.22 -20.94 -31.38
C LEU H 199 -40.95 -20.08 -31.49
N VAL H 200 -40.24 -19.97 -30.38
CA VAL H 200 -38.89 -19.37 -30.37
C VAL H 200 -38.06 -20.33 -29.58
N TYR H 201 -36.94 -20.76 -30.16
CA TYR H 201 -36.00 -21.73 -29.51
C TYR H 201 -34.79 -20.98 -28.95
N GLY H 202 -34.32 -21.36 -27.78
CA GLY H 202 -33.39 -20.48 -27.09
C GLY H 202 -32.53 -21.23 -26.10
N SER H 203 -31.31 -20.74 -25.91
CA SER H 203 -30.48 -21.24 -24.85
C SER H 203 -30.74 -20.41 -23.60
N ALA H 204 -30.50 -21.05 -22.47
CA ALA H 204 -30.61 -20.44 -21.15
C ALA H 204 -29.80 -19.13 -21.07
N PHE H 205 -28.66 -19.06 -21.78
CA PHE H 205 -27.81 -17.90 -21.75
C PHE H 205 -28.39 -16.69 -22.45
N VAL H 206 -29.58 -16.81 -23.03
CA VAL H 206 -30.38 -15.59 -23.37
C VAL H 206 -30.73 -14.82 -22.11
N ALA H 207 -30.81 -15.53 -20.98
CA ALA H 207 -31.17 -14.90 -19.74
C ALA H 207 -29.98 -14.18 -19.08
N GLU H 208 -28.79 -14.41 -19.59
CA GLU H 208 -27.59 -13.98 -18.89
C GLU H 208 -27.36 -12.50 -19.17
N GLY H 209 -27.03 -11.72 -18.14
CA GLY H 209 -26.78 -10.28 -18.29
C GLY H 209 -28.07 -9.46 -18.25
N ASN H 210 -28.83 -9.48 -19.35
CA ASN H 210 -30.18 -8.93 -19.37
C ASN H 210 -31.12 -9.85 -20.13
N PRO H 211 -32.06 -10.47 -19.43
CA PRO H 211 -32.93 -11.45 -20.12
C PRO H 211 -33.69 -10.78 -21.27
N ASP H 212 -33.95 -9.47 -21.16
CA ASP H 212 -34.73 -8.76 -22.14
C ASP H 212 -33.95 -8.13 -23.28
N ALA H 213 -32.62 -8.29 -23.31
CA ALA H 213 -31.82 -7.51 -24.27
C ALA H 213 -32.14 -7.93 -25.69
N TRP H 214 -32.60 -9.18 -25.87
CA TRP H 214 -32.81 -9.73 -27.23
C TRP H 214 -33.69 -8.78 -28.02
N GLN H 215 -34.44 -7.93 -27.31
CA GLN H 215 -35.45 -7.16 -27.99
C GLN H 215 -34.82 -6.03 -28.80
N SER H 216 -33.79 -5.40 -28.27
CA SER H 216 -33.12 -4.38 -29.04
C SER H 216 -31.73 -4.72 -29.51
N ALA H 217 -31.33 -5.97 -29.26
CA ALA H 217 -29.98 -6.44 -29.60
C ALA H 217 -29.95 -7.35 -30.85
N CYS H 218 -31.01 -8.13 -31.05
CA CYS H 218 -30.95 -9.29 -31.91
C CYS H 218 -31.73 -9.05 -33.22
N PRO H 219 -31.41 -9.84 -34.26
CA PRO H 219 -32.10 -9.67 -35.53
C PRO H 219 -33.41 -10.42 -35.55
N ASN H 220 -34.38 -9.98 -34.75
CA ASN H 220 -35.59 -10.80 -34.52
C ASN H 220 -36.60 -10.81 -35.67
N ASP H 221 -36.47 -9.85 -36.59
CA ASP H 221 -37.47 -9.61 -37.60
C ASP H 221 -36.85 -9.54 -38.97
N ALA H 222 -37.56 -10.04 -39.98
CA ALA H 222 -37.19 -9.71 -41.38
C ALA H 222 -37.35 -8.21 -41.58
N VAL H 223 -36.57 -7.67 -42.49
CA VAL H 223 -36.63 -6.26 -42.79
C VAL H 223 -37.23 -6.05 -44.20
N LYS H 224 -38.32 -5.29 -44.26
CA LYS H 224 -39.04 -5.14 -45.52
C LYS H 224 -38.56 -3.92 -46.32
N ASP H 225 -38.62 -4.08 -47.64
CA ASP H 225 -38.30 -3.02 -48.57
C ASP H 225 -36.86 -2.62 -48.41
N ALA H 226 -35.99 -3.60 -48.17
CA ALA H 226 -34.55 -3.35 -48.12
C ALA H 226 -33.80 -4.66 -48.28
N LEU H 227 -32.50 -4.56 -48.49
CA LEU H 227 -31.63 -5.68 -48.66
C LEU H 227 -30.40 -5.37 -47.86
N PHE H 228 -29.72 -6.42 -47.42
CA PHE H 228 -28.45 -6.28 -46.77
C PHE H 228 -27.40 -5.86 -47.78
N GLY H 229 -26.53 -4.94 -47.39
CA GLY H 229 -25.46 -4.54 -48.28
C GLY H 229 -24.11 -4.49 -47.63
N LYS H 230 -23.12 -4.17 -48.44
CA LYS H 230 -21.85 -3.72 -47.94
C LYS H 230 -21.59 -2.33 -48.52
N TRP H 231 -21.14 -1.42 -47.68
CA TRP H 231 -21.03 -0.04 -48.05
C TRP H 231 -19.71 0.15 -48.77
N GLU H 232 -19.78 0.45 -50.08
CA GLU H 232 -18.62 0.83 -50.90
C GLU H 232 -18.91 2.07 -51.76
N ASP H 233 -17.90 2.91 -51.93
CA ASP H 233 -17.90 3.88 -53.01
C ASP H 233 -19.04 4.85 -52.80
N GLY H 234 -19.34 5.16 -51.54
CA GLY H 234 -20.36 6.16 -51.23
C GLY H 234 -21.78 5.63 -51.33
N GLN H 235 -21.95 4.32 -51.49
CA GLN H 235 -23.30 3.72 -51.62
C GLN H 235 -23.38 2.34 -50.95
N CYS H 236 -24.59 1.89 -50.68
CA CYS H 236 -24.79 0.52 -50.26
C CYS H 236 -24.97 -0.43 -51.46
N VAL H 237 -24.02 -1.33 -51.65
CA VAL H 237 -24.15 -2.32 -52.69
C VAL H 237 -24.68 -3.64 -52.15
N PRO H 238 -25.96 -3.95 -52.46
CA PRO H 238 -26.61 -5.10 -51.87
C PRO H 238 -25.85 -6.36 -52.22
N PHE H 239 -25.89 -7.35 -51.35
CA PHE H 239 -25.45 -8.71 -51.68
C PHE H 239 -26.40 -9.35 -52.70
N ASP H 240 -25.83 -10.08 -53.66
CA ASP H 240 -26.61 -10.67 -54.74
C ASP H 240 -25.85 -11.86 -55.30
N THR H 241 -26.14 -12.25 -56.54
CA THR H 241 -25.68 -13.56 -57.03
C THR H 241 -24.16 -13.67 -57.09
N LYS H 242 -23.49 -12.59 -57.43
CA LYS H 242 -22.04 -12.55 -57.48
C LYS H 242 -21.38 -12.64 -56.09
N THR H 243 -22.03 -12.09 -55.08
CA THR H 243 -21.40 -11.97 -53.76
C THR H 243 -21.84 -13.07 -52.79
N SER H 244 -22.61 -14.04 -53.30
CA SER H 244 -23.37 -14.93 -52.46
C SER H 244 -22.99 -16.37 -52.65
N VAL H 245 -23.37 -17.17 -51.67
CA VAL H 245 -22.99 -18.55 -51.58
C VAL H 245 -23.96 -19.46 -52.37
N GLN H 246 -25.20 -19.01 -52.52
CA GLN H 246 -26.22 -19.70 -53.32
C GLN H 246 -27.30 -18.68 -53.56
N SER H 247 -27.92 -18.70 -54.73
CA SER H 247 -28.83 -17.64 -55.08
C SER H 247 -29.85 -18.14 -56.09
N ASP H 248 -30.49 -19.23 -55.77
CA ASP H 248 -31.51 -19.79 -56.62
C ASP H 248 -32.82 -19.06 -56.44
N GLN H 249 -33.73 -19.29 -57.38
CA GLN H 249 -35.01 -18.63 -57.37
C GLN H 249 -35.84 -19.26 -56.25
N ALA H 250 -36.81 -18.51 -55.73
CA ALA H 250 -37.69 -19.02 -54.69
C ALA H 250 -39.08 -18.58 -55.00
N THR H 251 -40.03 -19.50 -54.85
CA THR H 251 -41.41 -19.21 -55.21
C THR H 251 -41.80 -17.89 -54.58
N ASN H 252 -41.64 -17.82 -53.26
CA ASN H 252 -42.17 -16.73 -52.46
C ASN H 252 -41.25 -16.40 -51.27
N LYS H 253 -41.48 -15.24 -50.67
CA LYS H 253 -40.75 -14.75 -49.50
C LYS H 253 -40.43 -15.88 -48.55
N GLU H 254 -41.50 -16.48 -48.05
CA GLU H 254 -41.42 -17.39 -46.97
C GLU H 254 -40.51 -18.57 -47.27
N GLU H 255 -40.48 -19.01 -48.52
CA GLU H 255 -39.60 -20.12 -48.88
C GLU H 255 -38.16 -19.66 -48.67
N CYS H 256 -37.91 -18.37 -48.90
CA CYS H 256 -36.59 -17.85 -48.69
C CYS H 256 -36.21 -17.85 -47.19
N TRP H 257 -37.12 -17.40 -46.36
CA TRP H 257 -36.92 -17.38 -44.91
C TRP H 257 -36.60 -18.79 -44.36
N LYS H 258 -37.27 -19.81 -44.89
CA LYS H 258 -37.01 -21.13 -44.42
C LYS H 258 -35.70 -21.67 -44.95
N ARG H 259 -35.40 -21.29 -46.17
CA ARG H 259 -34.22 -21.80 -46.86
C ARG H 259 -32.93 -21.38 -46.16
N VAL H 260 -32.88 -20.14 -45.67
CA VAL H 260 -31.64 -19.59 -45.13
C VAL H 260 -31.25 -20.28 -43.84
N PHE H 261 -32.26 -20.66 -43.06
CA PHE H 261 -32.06 -21.39 -41.85
C PHE H 261 -31.45 -22.78 -42.09
N ALA H 262 -31.94 -23.50 -43.10
CA ALA H 262 -31.57 -24.91 -43.31
C ALA H 262 -30.42 -25.08 -44.29
N ASN H 263 -29.81 -23.99 -44.71
CA ASN H 263 -28.85 -24.08 -45.77
C ASN H 263 -27.53 -24.67 -45.28
N PRO H 264 -26.91 -25.53 -46.10
CA PRO H 264 -25.81 -26.33 -45.59
C PRO H 264 -24.59 -25.51 -45.08
N LEU H 265 -24.55 -24.20 -45.38
CA LEU H 265 -23.46 -23.33 -44.84
C LEU H 265 -23.88 -22.39 -43.68
N VAL H 266 -25.11 -22.55 -43.20
CA VAL H 266 -25.57 -21.78 -42.05
C VAL H 266 -24.69 -22.09 -40.84
N ALA H 267 -24.45 -21.10 -39.99
CA ALA H 267 -23.85 -21.34 -38.67
C ALA H 267 -24.43 -22.55 -37.96
N SER H 268 -23.64 -23.58 -37.77
CA SER H 268 -24.17 -24.75 -37.12
C SER H 268 -23.05 -25.44 -36.36
N ASP H 269 -23.36 -25.96 -35.17
CA ASP H 269 -22.35 -26.65 -34.36
C ASP H 269 -22.48 -28.19 -34.42
N ALA H 270 -23.26 -28.72 -35.38
CA ALA H 270 -23.36 -30.20 -35.61
C ALA H 270 -22.06 -30.71 -36.16
N PRO H 271 -21.64 -31.93 -35.72
CA PRO H 271 -20.36 -32.50 -36.12
C PRO H 271 -20.36 -32.87 -37.60
N THR H 272 -19.33 -32.45 -38.31
CA THR H 272 -19.24 -32.67 -39.74
C THR H 272 -19.07 -34.13 -40.04
N THR H 273 -18.19 -34.73 -39.25
CA THR H 273 -17.92 -36.14 -39.34
C THR H 273 -18.56 -36.76 -38.13
N TYR H 274 -19.28 -37.85 -38.34
CA TYR H 274 -19.54 -38.71 -37.23
C TYR H 274 -18.58 -39.81 -37.47
N PRO H 275 -17.84 -40.16 -36.41
CA PRO H 275 -16.87 -41.27 -36.40
C PRO H 275 -17.47 -42.58 -35.87
N ALA H 278 -21.46 -46.70 -32.28
CA ALA H 278 -21.80 -46.08 -31.00
C ALA H 278 -23.32 -45.99 -30.80
N GLN H 279 -23.91 -47.05 -30.25
CA GLN H 279 -25.37 -47.13 -30.13
C GLN H 279 -25.91 -46.19 -29.04
N LYS H 280 -27.08 -45.63 -29.29
CA LYS H 280 -27.61 -44.55 -28.46
C LYS H 280 -28.53 -45.07 -27.37
N ASN H 281 -28.33 -44.60 -26.14
CA ASN H 281 -29.22 -44.98 -25.04
C ASN H 281 -30.42 -44.05 -24.89
N TRP H 282 -31.48 -44.57 -24.30
CA TRP H 282 -32.73 -43.87 -24.27
C TRP H 282 -32.57 -42.55 -23.52
N ASN H 283 -31.64 -42.51 -22.57
CA ASN H 283 -31.39 -41.28 -21.79
C ASN H 283 -30.19 -40.42 -22.24
N ASP H 284 -29.63 -40.68 -23.42
CA ASP H 284 -28.63 -39.74 -23.96
C ASP H 284 -29.27 -38.41 -24.40
N PHE H 285 -29.74 -37.65 -23.42
CA PHE H 285 -30.40 -36.40 -23.67
C PHE H 285 -29.47 -35.30 -24.18
N TRP H 286 -28.20 -35.39 -23.77
CA TRP H 286 -27.20 -34.35 -23.98
C TRP H 286 -26.07 -34.89 -24.82
N PRO H 287 -25.73 -34.17 -25.86
CA PRO H 287 -24.61 -34.62 -26.64
C PRO H 287 -23.31 -34.53 -25.83
N VAL H 288 -22.49 -35.55 -25.98
CA VAL H 288 -21.19 -35.60 -25.34
C VAL H 288 -20.21 -34.65 -26.04
N HIS H 289 -19.45 -33.88 -25.27
CA HIS H 289 -18.47 -32.96 -25.86
C HIS H 289 -17.17 -33.66 -26.20
N GLU H 290 -16.71 -33.51 -27.44
CA GLU H 290 -15.49 -34.17 -27.89
C GLU H 290 -14.47 -33.16 -28.36
N GLN H 291 -13.23 -33.60 -28.51
CA GLN H 291 -12.22 -32.67 -28.97
C GLN H 291 -12.48 -32.21 -30.41
N SER H 292 -13.27 -32.98 -31.14
CA SER H 292 -13.60 -32.60 -32.52
C SER H 292 -14.96 -31.86 -32.66
N SER H 293 -15.71 -31.72 -31.57
CA SER H 293 -16.97 -30.94 -31.59
C SER H 293 -16.72 -29.51 -32.09
N PRO H 294 -17.45 -29.11 -33.13
CA PRO H 294 -17.17 -27.81 -33.70
C PRO H 294 -18.07 -26.74 -33.13
N LYS H 295 -17.50 -25.56 -32.92
CA LYS H 295 -18.25 -24.44 -32.46
C LYS H 295 -18.20 -23.36 -33.55
N SER H 296 -19.31 -23.17 -34.24
CA SER H 296 -19.35 -22.15 -35.28
C SER H 296 -19.00 -20.79 -34.69
N GLY H 297 -19.41 -20.54 -33.45
CA GLY H 297 -19.33 -19.15 -32.92
C GLY H 297 -20.24 -18.22 -33.69
N GLY H 298 -21.15 -18.79 -34.50
CA GLY H 298 -22.14 -17.98 -35.21
C GLY H 298 -21.66 -17.41 -36.53
N PHE H 299 -20.46 -17.81 -36.96
CA PHE H 299 -19.96 -17.49 -38.32
C PHE H 299 -20.55 -18.48 -39.35
N GLY H 300 -21.03 -17.97 -40.49
CA GLY H 300 -21.58 -18.87 -41.52
C GLY H 300 -22.53 -18.14 -42.41
N ALA H 301 -23.20 -18.88 -43.27
CA ALA H 301 -24.17 -18.28 -44.20
C ALA H 301 -25.52 -18.09 -43.52
N ASN H 302 -25.73 -16.88 -42.98
CA ASN H 302 -26.76 -16.58 -42.01
C ASN H 302 -27.81 -15.59 -42.52
N TRP H 303 -27.50 -14.89 -43.61
CA TRP H 303 -28.35 -13.84 -44.13
C TRP H 303 -28.86 -14.18 -45.55
N ALA H 304 -30.06 -13.67 -45.88
CA ALA H 304 -30.63 -13.89 -47.19
C ALA H 304 -31.28 -12.61 -47.70
N ASN H 305 -30.97 -12.26 -48.94
CA ASN H 305 -31.66 -11.17 -49.62
C ASN H 305 -32.71 -11.79 -50.55
N PHE H 306 -33.97 -11.39 -50.35
CA PHE H 306 -35.04 -11.87 -51.18
C PHE H 306 -35.47 -10.72 -52.06
N TYR H 307 -35.42 -10.91 -53.39
CA TYR H 307 -35.73 -9.78 -54.29
C TYR H 307 -36.12 -10.20 -55.73
N LEU H 308 -36.77 -9.29 -56.45
CA LEU H 308 -37.06 -9.49 -57.87
C LEU H 308 -35.83 -9.14 -58.68
N GLU H 309 -35.25 -10.14 -59.34
CA GLU H 309 -34.05 -9.93 -60.13
C GLU H 309 -34.46 -9.45 -61.51
N LYS H 310 -33.87 -8.34 -61.94
CA LYS H 310 -34.42 -7.62 -63.08
C LYS H 310 -34.28 -8.38 -64.39
N GLU H 311 -33.08 -8.90 -64.66
CA GLU H 311 -32.90 -9.72 -65.83
C GLU H 311 -33.82 -10.96 -65.80
N SER H 312 -33.64 -11.83 -64.80
CA SER H 312 -34.56 -12.94 -64.57
C SER H 312 -36.02 -12.57 -64.82
N GLY H 313 -36.51 -11.55 -64.13
CA GLY H 313 -37.95 -11.40 -63.91
C GLY H 313 -38.43 -12.32 -62.80
N GLU H 314 -37.50 -13.05 -62.20
CA GLU H 314 -37.88 -13.97 -61.13
C GLU H 314 -37.36 -13.56 -59.75
N THR H 315 -38.01 -14.07 -58.72
CA THR H 315 -37.70 -13.75 -57.35
C THR H 315 -36.61 -14.68 -56.87
N ILE H 316 -35.51 -14.09 -56.44
CA ILE H 316 -34.30 -14.82 -56.08
C ILE H 316 -34.13 -14.78 -54.56
N CYS H 317 -33.57 -15.84 -54.01
CA CYS H 317 -33.17 -15.86 -52.61
C CYS H 317 -31.66 -15.93 -52.53
N ALA H 318 -31.00 -14.79 -52.29
CA ALA H 318 -29.54 -14.74 -52.24
C ALA H 318 -29.00 -14.91 -50.80
N ILE H 319 -28.30 -15.99 -50.56
CA ILE H 319 -27.82 -16.29 -49.22
C ILE H 319 -26.33 -16.10 -49.16
N PHE H 320 -25.89 -15.35 -48.17
CA PHE H 320 -24.53 -14.97 -48.10
C PHE H 320 -23.97 -15.07 -46.68
N ASP H 321 -22.65 -14.94 -46.56
CA ASP H 321 -21.96 -15.27 -45.33
C ASP H 321 -21.02 -14.19 -44.82
N GLN H 322 -21.32 -12.93 -45.10
CA GLN H 322 -20.54 -11.85 -44.53
C GLN H 322 -21.46 -10.92 -43.77
N VAL H 323 -20.93 -10.34 -42.70
CA VAL H 323 -21.66 -9.37 -41.92
C VAL H 323 -21.98 -8.14 -42.79
N PRO H 324 -23.25 -7.82 -42.93
CA PRO H 324 -23.69 -6.60 -43.62
C PRO H 324 -23.42 -5.35 -42.81
N ASP H 325 -23.05 -4.27 -43.46
CA ASP H 325 -22.88 -3.03 -42.76
C ASP H 325 -23.72 -1.93 -43.30
N CYS H 326 -24.65 -2.24 -44.20
CA CYS H 326 -25.67 -1.27 -44.57
C CYS H 326 -26.92 -1.94 -45.08
N PHE H 327 -27.93 -1.10 -45.30
CA PHE H 327 -29.14 -1.48 -46.00
C PHE H 327 -29.34 -0.59 -47.21
N ALA H 328 -29.94 -1.20 -48.23
CA ALA H 328 -30.35 -0.55 -49.45
C ALA H 328 -31.87 -0.58 -49.52
N PRO H 329 -32.52 0.60 -49.40
CA PRO H 329 -33.97 0.57 -49.49
C PRO H 329 -34.43 0.29 -50.91
N ILE H 330 -35.02 -0.88 -51.10
CA ILE H 330 -35.47 -1.34 -52.40
C ILE H 330 -36.89 -1.81 -52.19
N THR H 331 -37.84 -1.25 -52.91
CA THR H 331 -39.19 -1.22 -52.40
C THR H 331 -40.04 -2.50 -52.39
N GLY H 332 -39.63 -3.56 -53.07
CA GLY H 332 -40.39 -4.84 -52.91
C GLY H 332 -39.59 -5.95 -52.21
N ALA H 333 -38.37 -5.65 -51.80
CA ALA H 333 -37.44 -6.69 -51.29
C ALA H 333 -37.61 -6.99 -49.81
N VAL H 334 -36.99 -8.10 -49.39
CA VAL H 334 -36.93 -8.45 -47.97
C VAL H 334 -35.60 -9.03 -47.60
N ALA H 335 -35.14 -8.70 -46.39
CA ALA H 335 -33.87 -9.16 -45.92
C ALA H 335 -34.09 -10.05 -44.69
N TYR H 336 -33.68 -11.31 -44.78
CA TYR H 336 -33.97 -12.32 -43.74
C TYR H 336 -32.70 -12.77 -43.08
N THR H 337 -32.82 -13.42 -41.91
CA THR H 337 -31.71 -14.24 -41.37
C THR H 337 -32.23 -15.55 -40.83
N ALA H 338 -31.32 -16.51 -40.64
CA ALA H 338 -31.57 -17.74 -39.92
C ALA H 338 -32.13 -17.56 -38.49
N LEU H 339 -31.75 -16.49 -37.80
CA LEU H 339 -32.20 -16.27 -36.42
C LEU H 339 -33.64 -15.77 -36.35
N GLY H 340 -34.01 -14.98 -37.34
CA GLY H 340 -35.12 -14.10 -37.26
C GLY H 340 -36.40 -14.73 -37.72
N SER H 341 -37.48 -14.00 -37.47
CA SER H 341 -38.83 -14.41 -37.79
C SER H 341 -39.13 -13.89 -39.20
N SER H 342 -40.28 -14.25 -39.77
CA SER H 342 -40.64 -13.70 -41.04
C SER H 342 -41.56 -12.50 -40.97
N THR H 343 -42.05 -12.21 -39.75
CA THR H 343 -42.60 -10.89 -39.43
C THR H 343 -41.69 -9.83 -39.87
N GLU H 344 -42.24 -8.78 -40.47
CA GLU H 344 -41.45 -7.70 -41.06
C GLU H 344 -41.54 -6.38 -40.30
N VAL H 345 -40.40 -5.68 -40.22
CA VAL H 345 -40.35 -4.31 -39.69
C VAL H 345 -39.81 -3.35 -40.74
N ASN H 346 -40.03 -2.06 -40.53
CA ASN H 346 -39.45 -1.07 -41.41
C ASN H 346 -38.01 -0.71 -41.04
N LEU H 347 -37.29 -0.11 -41.99
CA LEU H 347 -36.00 0.49 -41.66
C LEU H 347 -36.26 1.60 -40.68
N PRO H 348 -35.27 1.94 -39.83
CA PRO H 348 -35.56 3.03 -38.93
C PRO H 348 -35.84 4.28 -39.74
N GLN H 349 -36.63 5.19 -39.22
CA GLN H 349 -36.91 6.44 -39.89
C GLN H 349 -35.68 7.29 -39.83
N CYS H 350 -35.61 8.27 -40.71
CA CYS H 350 -34.50 9.20 -40.67
C CYS H 350 -35.06 10.60 -40.49
N ASP H 351 -34.17 11.57 -40.39
CA ASP H 351 -34.57 12.94 -40.08
C ASP H 351 -34.34 13.85 -41.29
N SER H 352 -35.38 14.12 -42.07
CA SER H 352 -35.20 14.94 -43.28
C SER H 352 -34.49 16.25 -42.93
N ALA H 353 -35.00 16.92 -41.89
CA ALA H 353 -34.42 18.17 -41.40
C ALA H 353 -32.89 18.19 -41.36
N SER H 354 -32.27 17.08 -40.96
CA SER H 354 -30.86 17.11 -40.56
C SER H 354 -29.97 16.21 -41.42
N PHE H 355 -30.58 15.29 -42.16
CA PHE H 355 -29.81 14.29 -42.88
C PHE H 355 -29.03 14.90 -44.04
N ILE H 356 -27.75 14.55 -44.12
CA ILE H 356 -26.87 15.06 -45.17
C ILE H 356 -26.78 14.07 -46.34
N PRO H 357 -27.41 14.41 -47.49
CA PRO H 357 -27.55 13.43 -48.58
C PRO H 357 -26.20 13.00 -49.08
N ILE H 358 -26.07 11.74 -49.47
CA ILE H 358 -24.74 11.25 -49.90
C ILE H 358 -24.73 10.89 -51.37
N GLU H 359 -23.69 11.34 -52.06
CA GLU H 359 -23.59 11.17 -53.49
C GLU H 359 -22.41 10.28 -53.84
N GLY H 360 -22.69 9.16 -54.49
CA GLY H 360 -21.63 8.32 -55.05
C GLY H 360 -20.97 8.96 -56.25
N PRO H 361 -19.94 8.28 -56.81
CA PRO H 361 -19.24 8.81 -57.97
C PRO H 361 -20.14 8.77 -59.23
N CYS H 362 -19.87 9.69 -60.17
CA CYS H 362 -20.56 9.67 -61.48
C CYS H 362 -19.91 8.64 -62.42
N ASN H 363 -20.54 7.48 -62.54
CA ASN H 363 -20.09 6.48 -63.50
C ASN H 363 -21.03 6.41 -64.68
N ASN H 364 -20.55 6.82 -65.84
CA ASN H 364 -21.35 6.74 -67.06
C ASN H 364 -22.65 7.50 -66.88
N CYS H 365 -22.56 8.64 -66.21
CA CYS H 365 -23.64 9.61 -66.18
C CYS H 365 -24.79 9.18 -65.25
N VAL H 366 -24.49 8.16 -64.44
CA VAL H 366 -25.36 7.72 -63.36
C VAL H 366 -24.63 7.71 -62.03
N GLN H 367 -25.16 8.45 -61.05
CA GLN H 367 -24.62 8.42 -59.70
C GLN H 367 -25.69 8.01 -58.74
N VAL H 368 -25.29 7.12 -57.81
CA VAL H 368 -26.15 6.66 -56.74
C VAL H 368 -26.13 7.70 -55.65
N VAL H 369 -27.30 7.98 -55.09
CA VAL H 369 -27.49 9.07 -54.16
C VAL H 369 -28.32 8.55 -52.98
N THR H 370 -27.90 8.89 -51.77
CA THR H 370 -28.62 8.46 -50.59
C THR H 370 -29.15 9.69 -49.90
N GLU H 371 -30.36 9.64 -49.48
CA GLU H 371 -30.96 10.85 -48.98
C GLU H 371 -32.14 10.46 -48.12
N CYS H 372 -32.64 11.42 -47.35
CA CYS H 372 -33.78 11.22 -46.51
C CYS H 372 -34.96 12.04 -47.04
N VAL H 373 -35.90 11.36 -47.68
CA VAL H 373 -37.08 12.03 -48.23
C VAL H 373 -38.37 11.61 -47.53
N GLY H 374 -38.99 12.55 -46.83
CA GLY H 374 -40.21 12.28 -46.10
C GLY H 374 -39.93 11.59 -44.77
N ASN H 375 -38.75 11.85 -44.22
CA ASN H 375 -38.25 11.09 -43.08
C ASN H 375 -38.04 9.61 -43.37
N GLN H 376 -37.98 9.25 -44.65
CA GLN H 376 -37.75 7.87 -45.03
C GLN H 376 -36.44 7.69 -45.80
N PHE H 377 -35.69 6.67 -45.42
CA PHE H 377 -34.43 6.40 -46.06
C PHE H 377 -34.65 6.03 -47.52
N ASP H 378 -33.84 6.62 -48.39
CA ASP H 378 -33.95 6.33 -49.80
C ASP H 378 -32.60 6.33 -50.47
N GLN H 379 -32.41 5.37 -51.36
CA GLN H 379 -31.23 5.30 -52.19
C GLN H 379 -31.68 5.22 -53.64
N THR H 380 -31.23 6.14 -54.48
CA THR H 380 -31.62 6.10 -55.89
C THR H 380 -30.46 6.33 -56.83
N SER H 381 -30.69 6.00 -58.10
CA SER H 381 -29.85 6.44 -59.17
C SER H 381 -30.30 7.77 -59.72
N LYS H 382 -29.31 8.63 -59.98
CA LYS H 382 -29.55 10.00 -60.44
C LYS H 382 -28.72 10.26 -61.72
N ALA H 383 -29.31 10.96 -62.68
CA ALA H 383 -28.59 11.33 -63.91
C ALA H 383 -27.57 12.42 -63.59
N CYS H 384 -26.33 12.25 -64.05
CA CYS H 384 -25.29 13.26 -63.70
C CYS H 384 -24.48 13.81 -64.87
N CYS H 385 -25.08 13.81 -66.08
CA CYS H 385 -24.46 14.41 -67.25
C CYS H 385 -25.35 15.47 -67.89
N THR H 386 -26.29 16.00 -67.12
CA THR H 386 -26.97 17.24 -67.47
C THR H 386 -26.09 18.46 -67.18
N GLY I 5 -74.41 -34.87 -10.27
CA GLY I 5 -73.11 -34.13 -10.41
C GLY I 5 -73.30 -32.73 -10.96
N GLN I 6 -72.42 -31.82 -10.54
CA GLN I 6 -72.56 -30.41 -10.87
C GLN I 6 -71.37 -29.90 -11.70
N ASN I 7 -71.50 -28.65 -12.16
CA ASN I 7 -70.64 -28.07 -13.18
C ASN I 7 -69.18 -28.05 -12.77
N PRO I 8 -68.32 -28.79 -13.49
CA PRO I 8 -66.89 -28.77 -13.23
C PRO I 8 -66.23 -27.39 -13.45
N TRP I 9 -66.88 -26.49 -14.20
CA TRP I 9 -66.30 -25.17 -14.55
C TRP I 9 -66.42 -24.10 -13.43
N ALA I 10 -67.18 -24.40 -12.38
CA ALA I 10 -67.16 -23.56 -11.19
C ALA I 10 -66.60 -24.37 -10.02
N THR I 11 -66.18 -25.60 -10.33
CA THR I 11 -65.83 -26.59 -9.34
C THR I 11 -64.33 -26.58 -8.99
N THR I 12 -63.54 -25.91 -9.81
CA THR I 12 -62.08 -25.95 -9.62
C THR I 12 -61.37 -24.71 -10.07
N THR I 13 -60.26 -24.41 -9.41
CA THR I 13 -59.61 -23.11 -9.54
C THR I 13 -59.13 -22.85 -10.98
N ALA I 14 -58.54 -23.86 -11.58
CA ALA I 14 -58.10 -23.73 -12.96
C ALA I 14 -59.30 -23.49 -13.88
N PHE I 15 -60.37 -24.28 -13.72
CA PHE I 15 -61.53 -24.19 -14.59
C PHE I 15 -62.30 -22.90 -14.41
N ALA I 16 -62.58 -22.54 -13.16
CA ALA I 16 -63.31 -21.30 -12.86
C ALA I 16 -62.55 -20.10 -13.35
N ASP I 17 -61.25 -20.07 -13.08
CA ASP I 17 -60.41 -19.00 -13.59
C ASP I 17 -60.53 -18.87 -15.11
N PHE I 18 -60.61 -19.99 -15.80
CA PHE I 18 -60.71 -19.94 -17.27
C PHE I 18 -62.09 -19.47 -17.71
N MET I 19 -63.13 -19.96 -17.02
CA MET I 19 -64.53 -19.66 -17.35
C MET I 19 -64.80 -18.17 -17.09
N LYS I 20 -64.26 -17.66 -15.99
CA LYS I 20 -64.42 -16.25 -15.64
C LYS I 20 -64.05 -15.33 -16.77
N ARG I 21 -63.04 -15.70 -17.56
CA ARG I 21 -62.58 -14.80 -18.60
C ARG I 21 -63.71 -14.46 -19.54
N PHE I 22 -64.65 -15.39 -19.71
CA PHE I 22 -65.67 -15.16 -20.69
C PHE I 22 -66.93 -14.49 -20.17
N ASN I 23 -66.89 -14.01 -18.91
CA ASN I 23 -67.98 -13.15 -18.38
C ASN I 23 -67.79 -11.71 -18.79
N ILE I 24 -68.11 -11.42 -20.04
CA ILE I 24 -67.64 -10.19 -20.67
C ILE I 24 -68.14 -8.91 -19.96
N PRO I 25 -69.43 -8.86 -19.62
CA PRO I 25 -69.99 -7.71 -18.87
C PRO I 25 -69.24 -7.44 -17.56
N GLN I 26 -68.80 -8.51 -16.91
CA GLN I 26 -68.06 -8.42 -15.66
C GLN I 26 -66.63 -7.93 -15.93
N VAL I 27 -65.99 -8.51 -16.92
CA VAL I 27 -64.53 -8.44 -16.99
C VAL I 27 -64.10 -7.24 -17.81
N HIS I 28 -64.91 -6.88 -18.79
CA HIS I 28 -64.60 -5.77 -19.69
C HIS I 28 -65.47 -4.60 -19.27
N GLY I 29 -66.77 -4.84 -19.22
CA GLY I 29 -67.71 -3.90 -18.62
C GLY I 29 -68.00 -2.64 -19.43
N SER I 30 -67.94 -2.73 -20.75
CA SER I 30 -68.15 -1.55 -21.60
C SER I 30 -68.33 -1.99 -23.06
N GLY I 31 -68.62 -1.02 -23.95
CA GLY I 31 -68.76 -1.36 -25.38
C GLY I 31 -67.54 -2.14 -25.91
N ILE I 32 -67.74 -2.90 -26.97
CA ILE I 32 -66.61 -3.56 -27.62
C ILE I 32 -66.43 -3.01 -28.99
N PHE I 33 -67.52 -2.93 -29.74
CA PHE I 33 -67.44 -2.48 -31.11
C PHE I 33 -67.07 -1.00 -31.10
N VAL I 34 -67.90 -0.21 -30.41
CA VAL I 34 -67.53 1.15 -30.05
C VAL I 34 -67.53 1.20 -28.54
N ASP I 35 -66.42 1.65 -27.95
CA ASP I 35 -66.26 1.69 -26.49
C ASP I 35 -66.18 3.14 -26.07
N LEU I 36 -67.16 3.56 -25.30
CA LEU I 36 -67.26 4.98 -24.91
C LEU I 36 -67.92 5.00 -23.57
N GLY I 37 -67.59 4.01 -22.74
CA GLY I 37 -68.41 3.65 -21.60
C GLY I 37 -68.11 4.45 -20.34
N ARG I 38 -67.16 5.39 -20.44
CA ARG I 38 -66.89 6.31 -19.33
CA ARG I 38 -66.84 6.31 -19.35
C ARG I 38 -67.00 7.75 -19.83
N ASP I 39 -67.14 8.68 -18.90
CA ASP I 39 -67.13 10.10 -19.25
C ASP I 39 -66.32 10.94 -18.28
N THR I 40 -65.82 12.05 -18.78
CA THR I 40 -64.96 12.92 -18.00
C THR I 40 -65.01 14.27 -18.70
N GLU I 41 -65.15 15.34 -17.91
CA GLU I 41 -65.27 16.72 -18.41
C GLU I 41 -66.25 16.91 -19.58
N GLY I 42 -67.39 16.21 -19.53
CA GLY I 42 -68.39 16.30 -20.59
C GLY I 42 -67.97 15.66 -21.90
N TYR I 43 -66.95 14.79 -21.84
CA TYR I 43 -66.56 14.02 -23.00
C TYR I 43 -66.66 12.53 -22.76
N ARG I 44 -67.07 11.81 -23.80
CA ARG I 44 -67.08 10.35 -23.76
C ARG I 44 -65.66 9.78 -23.83
N GLU I 45 -65.37 8.80 -22.97
CA GLU I 45 -64.02 8.26 -22.80
C GLU I 45 -64.11 6.79 -23.10
N VAL I 46 -63.09 6.23 -23.72
CA VAL I 46 -63.01 4.77 -23.82
C VAL I 46 -62.67 4.19 -22.48
N GLY I 47 -63.38 3.13 -22.07
CA GLY I 47 -63.34 2.68 -20.68
C GLY I 47 -63.44 1.20 -20.36
N GLY I 48 -63.42 0.33 -21.38
CA GLY I 48 -63.54 -1.11 -21.15
C GLY I 48 -62.26 -1.72 -20.63
N LYS I 49 -62.38 -2.76 -19.80
CA LYS I 49 -61.21 -3.26 -19.08
C LYS I 49 -60.39 -4.33 -19.81
N CYS I 50 -60.84 -4.77 -20.98
CA CYS I 50 -60.06 -5.73 -21.72
C CYS I 50 -59.54 -5.17 -23.01
N PRO I 51 -58.36 -5.66 -23.41
CA PRO I 51 -57.79 -5.36 -24.70
C PRO I 51 -58.63 -5.99 -25.80
N VAL I 52 -58.76 -5.29 -26.93
CA VAL I 52 -59.61 -5.75 -27.99
C VAL I 52 -58.72 -6.14 -29.16
N PHE I 53 -58.56 -7.43 -29.39
CA PHE I 53 -57.52 -7.89 -30.33
C PHE I 53 -57.99 -7.85 -31.77
N GLY I 54 -57.22 -7.19 -32.64
CA GLY I 54 -57.50 -7.19 -34.04
C GLY I 54 -58.35 -6.02 -34.45
N LYS I 55 -58.78 -5.20 -33.46
CA LYS I 55 -59.67 -4.07 -33.72
C LYS I 55 -58.88 -2.96 -34.37
N ALA I 56 -59.33 -2.52 -35.53
CA ALA I 56 -58.76 -1.33 -36.16
C ALA I 56 -59.91 -0.43 -36.52
N ILE I 57 -59.61 0.82 -36.76
CA ILE I 57 -60.60 1.69 -37.33
C ILE I 57 -60.36 1.77 -38.82
N GLN I 58 -61.40 1.52 -39.58
CA GLN I 58 -61.29 1.56 -41.00
C GLN I 58 -61.76 2.90 -41.48
N MET I 59 -60.89 3.61 -42.17
CA MET I 59 -61.26 4.93 -42.71
C MET I 59 -61.63 4.86 -44.20
N HIS I 60 -62.22 5.93 -44.72
CA HIS I 60 -62.61 5.98 -46.11
C HIS I 60 -62.29 7.31 -46.73
N GLN I 61 -61.07 7.77 -46.54
CA GLN I 61 -60.59 8.94 -47.26
C GLN I 61 -60.38 8.54 -48.71
N PRO I 62 -60.19 9.54 -49.60
CA PRO I 62 -59.94 9.28 -51.02
C PRO I 62 -58.67 8.44 -51.25
N ALA I 63 -58.62 7.73 -52.38
CA ALA I 63 -57.56 6.76 -52.65
C ALA I 63 -56.15 7.34 -52.52
N GLU I 64 -55.97 8.61 -52.88
CA GLU I 64 -54.65 9.24 -52.80
C GLU I 64 -54.25 9.63 -51.35
N TYR I 65 -55.20 9.65 -50.43
CA TYR I 65 -54.90 9.83 -49.04
C TYR I 65 -54.22 8.56 -48.44
N SER I 66 -53.46 8.75 -47.37
CA SER I 66 -52.89 7.63 -46.62
C SER I 66 -53.96 6.70 -46.04
N ASN I 67 -55.08 7.26 -45.63
CA ASN I 67 -56.21 6.44 -45.17
C ASN I 67 -55.83 5.40 -44.09
N ASN I 68 -54.97 5.80 -43.17
CA ASN I 68 -54.46 4.90 -42.13
C ASN I 68 -54.68 5.52 -40.75
N PHE I 69 -55.53 4.91 -39.94
CA PHE I 69 -55.87 5.51 -38.60
C PHE I 69 -54.70 5.67 -37.62
N LEU I 70 -53.53 5.09 -37.94
CA LEU I 70 -52.37 5.17 -37.05
C LEU I 70 -51.46 6.33 -37.40
N ASP I 71 -51.82 7.06 -38.45
CA ASP I 71 -51.18 8.32 -38.77
C ASP I 71 -51.45 9.41 -37.72
N ASP I 72 -50.63 10.45 -37.73
CA ASP I 72 -50.87 11.56 -36.81
C ASP I 72 -52.25 12.16 -37.04
N ALA I 73 -52.87 12.62 -35.96
CA ALA I 73 -53.99 13.52 -36.07
C ALA I 73 -53.50 14.91 -36.51
N PRO I 74 -54.39 15.70 -37.16
CA PRO I 74 -54.03 17.06 -37.58
C PRO I 74 -53.76 17.96 -36.36
N THR I 75 -52.87 18.93 -36.52
CA THR I 75 -52.56 19.85 -35.44
C THR I 75 -53.15 21.22 -35.70
N SER I 76 -53.56 21.45 -36.94
CA SER I 76 -54.29 22.65 -37.31
C SER I 76 -55.11 22.30 -38.53
N ASN I 77 -56.19 23.04 -38.75
CA ASN I 77 -56.98 22.85 -39.95
C ASN I 77 -56.29 23.35 -41.18
N ASP I 78 -56.56 22.68 -42.30
CA ASP I 78 -56.31 23.28 -43.61
C ASP I 78 -57.60 23.26 -44.42
N ALA I 79 -58.29 24.41 -44.43
CA ALA I 79 -59.66 24.49 -44.94
C ALA I 79 -59.74 24.15 -46.44
N SER I 80 -58.60 24.26 -47.12
CA SER I 80 -58.50 23.94 -48.55
C SER I 80 -58.41 22.43 -48.80
N LYS I 81 -58.35 21.64 -47.72
CA LYS I 81 -58.35 20.19 -47.84
C LYS I 81 -59.56 19.57 -47.18
N LYS I 82 -60.29 18.77 -47.96
CA LYS I 82 -61.49 18.11 -47.50
C LYS I 82 -61.58 16.77 -48.18
N PRO I 83 -61.55 15.68 -47.40
CA PRO I 83 -61.43 15.66 -45.94
C PRO I 83 -60.04 16.12 -45.45
N LEU I 84 -59.91 16.35 -44.15
CA LEU I 84 -58.61 16.75 -43.60
C LEU I 84 -57.71 15.55 -43.44
N PRO I 85 -56.55 15.58 -44.11
CA PRO I 85 -55.64 14.44 -44.10
C PRO I 85 -55.18 14.21 -42.69
N GLY I 86 -55.05 12.94 -42.30
CA GLY I 86 -54.57 12.59 -40.97
C GLY I 86 -55.03 11.23 -40.45
N GLY I 87 -54.73 10.98 -39.19
CA GLY I 87 -55.04 9.70 -38.58
C GLY I 87 -55.60 9.99 -37.22
N PHE I 88 -55.53 9.01 -36.33
CA PHE I 88 -56.05 9.17 -34.98
C PHE I 88 -54.94 9.31 -33.97
N ASN I 89 -53.71 9.10 -34.40
CA ASN I 89 -52.55 9.12 -33.51
C ASN I 89 -52.27 10.48 -32.87
N ASN I 90 -51.94 10.46 -31.58
CA ASN I 90 -51.53 11.67 -30.90
C ASN I 90 -50.27 12.24 -31.54
N PRO I 91 -50.35 13.48 -32.04
CA PRO I 91 -49.25 14.12 -32.74
C PRO I 91 -48.35 14.98 -31.87
N GLN I 92 -48.56 15.01 -30.55
CA GLN I 92 -47.70 15.87 -29.72
C GLN I 92 -46.21 15.49 -29.72
N VAL I 93 -45.35 16.47 -29.48
CA VAL I 93 -43.93 16.25 -29.20
C VAL I 93 -43.57 16.67 -27.77
N TYR I 94 -42.64 15.95 -27.14
CA TYR I 94 -41.97 16.44 -25.91
C TYR I 94 -41.10 17.62 -26.25
N THR I 95 -40.83 18.44 -25.24
CA THR I 95 -40.12 19.68 -25.47
C THR I 95 -38.75 19.43 -26.11
N SER I 96 -38.25 18.20 -25.92
CA SER I 96 -37.04 17.68 -26.58
C SER I 96 -37.21 17.47 -28.08
N GLY I 97 -38.46 17.45 -28.54
CA GLY I 97 -38.76 17.13 -29.94
C GLY I 97 -38.90 15.65 -30.26
N GLN I 98 -39.00 14.81 -29.22
CA GLN I 98 -39.40 13.42 -29.39
C GLN I 98 -40.93 13.32 -29.43
N LYS I 99 -41.44 12.51 -30.34
CA LYS I 99 -42.89 12.29 -30.48
C LYS I 99 -43.45 11.49 -29.30
N PHE I 100 -44.55 11.99 -28.74
CA PHE I 100 -45.36 11.19 -27.82
C PHE I 100 -45.57 9.79 -28.36
N SER I 101 -45.90 9.67 -29.64
CA SER I 101 -46.50 8.43 -30.22
C SER I 101 -46.27 8.29 -31.73
N PRO I 102 -46.07 7.06 -32.23
CA PRO I 102 -45.83 5.80 -31.53
C PRO I 102 -44.49 5.85 -30.82
N ILE I 103 -44.31 4.97 -29.85
CA ILE I 103 -43.05 4.78 -29.16
C ILE I 103 -42.72 3.28 -29.12
N ASP I 104 -41.46 2.94 -29.32
CA ASP I 104 -41.00 1.56 -29.31
C ASP I 104 -41.22 0.91 -27.98
N ASP I 105 -41.70 -0.32 -28.01
CA ASP I 105 -42.04 -1.00 -26.77
C ASP I 105 -40.85 -1.04 -25.85
N SER I 106 -39.67 -1.23 -26.44
CA SER I 106 -38.45 -1.39 -25.64
C SER I 106 -38.02 -0.08 -24.99
N LEU I 107 -38.38 1.05 -25.60
CA LEU I 107 -38.26 2.35 -24.94
C LEU I 107 -39.19 2.50 -23.74
N LEU I 108 -40.40 1.97 -23.88
CA LEU I 108 -41.33 1.92 -22.76
C LEU I 108 -40.77 1.10 -21.60
N GLN I 109 -40.18 -0.04 -21.92
CA GLN I 109 -39.51 -0.84 -20.90
C GLN I 109 -38.52 -0.01 -20.09
N GLU I 110 -37.69 0.77 -20.78
CA GLU I 110 -36.74 1.64 -20.14
C GLU I 110 -37.47 2.66 -19.27
N ARG I 111 -38.47 3.30 -19.87
CA ARG I 111 -39.10 4.47 -19.30
C ARG I 111 -39.87 4.10 -18.06
N LEU I 112 -40.51 2.94 -18.08
CA LEU I 112 -41.48 2.58 -17.06
C LEU I 112 -40.83 1.97 -15.82
N GLY I 113 -39.53 1.70 -15.91
CA GLY I 113 -38.75 1.38 -14.75
C GLY I 113 -38.69 -0.09 -14.36
N THR I 114 -38.10 -0.32 -13.22
CA THR I 114 -37.72 -1.63 -12.82
C THR I 114 -38.92 -2.44 -12.38
N ALA I 115 -39.92 -1.78 -11.85
CA ALA I 115 -41.11 -2.48 -11.46
C ALA I 115 -42.24 -2.29 -12.48
N GLY I 116 -41.90 -1.78 -13.68
CA GLY I 116 -42.91 -1.55 -14.72
C GLY I 116 -43.65 -2.83 -15.16
N PRO I 117 -44.72 -2.68 -15.93
CA PRO I 117 -45.57 -3.77 -16.37
C PRO I 117 -44.78 -4.82 -17.15
N LYS I 118 -45.19 -6.09 -17.03
CA LYS I 118 -44.50 -7.19 -17.66
C LYS I 118 -45.08 -7.55 -19.02
N THR I 119 -46.03 -6.76 -19.51
CA THR I 119 -46.62 -7.05 -20.82
C THR I 119 -46.59 -5.82 -21.68
N ALA I 120 -46.45 -6.03 -22.99
CA ALA I 120 -46.41 -4.94 -23.90
C ALA I 120 -47.74 -4.21 -23.82
N ILE I 121 -48.80 -4.97 -23.66
CA ILE I 121 -50.12 -4.39 -23.63
C ILE I 121 -50.29 -3.53 -22.38
N GLY I 122 -49.84 -4.06 -21.22
CA GLY I 122 -49.89 -3.30 -19.95
C GLY I 122 -49.01 -2.06 -19.99
N ARG I 123 -47.82 -2.17 -20.54
CA ARG I 123 -46.97 -0.99 -20.82
C ARG I 123 -47.63 0.06 -21.66
N CYS I 124 -48.28 -0.38 -22.75
CA CYS I 124 -48.86 0.58 -23.69
C CYS I 124 -50.08 1.30 -23.04
N ALA I 125 -50.85 0.54 -22.29
CA ALA I 125 -51.97 1.04 -21.53
C ALA I 125 -51.49 1.98 -20.39
N LEU I 126 -50.46 1.60 -19.67
CA LEU I 126 -49.92 2.50 -18.64
C LEU I 126 -49.32 3.77 -19.27
N TYR I 127 -48.72 3.62 -20.43
CA TYR I 127 -48.26 4.78 -21.15
C TYR I 127 -49.40 5.77 -21.47
N ALA I 128 -50.49 5.28 -22.03
CA ALA I 128 -51.57 6.17 -22.43
C ALA I 128 -52.23 6.73 -21.19
N TYR I 129 -52.47 5.86 -20.21
CA TYR I 129 -52.95 6.27 -18.94
C TYR I 129 -52.12 7.40 -18.34
N SER I 130 -50.81 7.41 -18.58
CA SER I 130 -49.96 8.41 -17.94
C SER I 130 -49.90 9.65 -18.76
N THR I 131 -50.61 9.65 -19.87
CA THR I 131 -50.46 10.73 -20.81
C THR I 131 -51.50 11.82 -20.54
N ILE I 132 -51.00 12.99 -20.17
CA ILE I 132 -51.81 14.16 -19.94
C ILE I 132 -52.44 14.66 -21.22
N ALA I 133 -53.76 14.48 -21.31
CA ALA I 133 -54.55 14.92 -22.45
C ALA I 133 -54.53 16.44 -22.58
N VAL I 134 -54.45 16.92 -23.80
CA VAL I 134 -54.78 18.33 -24.11
C VAL I 134 -56.09 18.42 -24.88
N ASN I 135 -57.09 19.11 -24.31
CA ASN I 135 -58.32 19.44 -25.02
C ASN I 135 -58.07 20.10 -26.38
N PRO I 136 -58.41 19.40 -27.48
CA PRO I 136 -58.03 19.84 -28.83
C PRO I 136 -58.75 21.11 -29.25
N SER I 137 -59.93 21.35 -28.66
CA SER I 137 -60.68 22.57 -28.91
C SER I 137 -60.14 23.73 -28.08
N THR I 138 -60.12 23.56 -26.75
CA THR I 138 -59.76 24.65 -25.84
C THR I 138 -58.24 24.81 -25.71
N ASN I 139 -57.51 23.70 -25.74
CA ASN I 139 -56.05 23.72 -25.63
C ASN I 139 -55.53 23.67 -24.19
N TYR I 140 -56.46 23.57 -23.23
CA TYR I 140 -56.10 23.34 -21.82
C TYR I 140 -55.68 21.89 -21.62
N THR I 141 -54.84 21.66 -20.60
CA THR I 141 -54.66 20.31 -20.07
C THR I 141 -55.99 19.79 -19.50
N SER I 142 -56.08 18.48 -19.38
CA SER I 142 -57.34 17.82 -19.08
C SER I 142 -57.04 16.47 -18.44
N THR I 143 -57.96 15.96 -17.63
CA THR I 143 -57.80 14.65 -17.02
C THR I 143 -58.31 13.50 -17.92
N TYR I 144 -58.53 13.79 -19.19
CA TYR I 144 -59.17 12.83 -20.09
C TYR I 144 -58.17 11.73 -20.43
N LYS I 145 -58.63 10.48 -20.49
CA LYS I 145 -57.73 9.34 -20.73
C LYS I 145 -57.84 8.80 -22.15
N TYR I 146 -56.87 9.13 -23.01
CA TYR I 146 -56.80 8.61 -24.37
C TYR I 146 -56.78 7.07 -24.38
N PRO I 147 -57.24 6.45 -25.50
CA PRO I 147 -57.06 5.02 -25.69
C PRO I 147 -55.74 4.68 -26.40
N PHE I 148 -55.41 3.39 -26.51
CA PHE I 148 -54.13 3.00 -27.16
C PHE I 148 -54.33 1.93 -28.22
N VAL I 149 -53.30 1.78 -29.04
CA VAL I 149 -53.18 0.63 -29.90
C VAL I 149 -51.76 0.09 -29.81
N TYR I 150 -51.63 -1.18 -29.49
CA TYR I 150 -50.33 -1.83 -29.51
C TYR I 150 -50.24 -2.64 -30.80
N ASP I 151 -49.09 -2.54 -31.49
CA ASP I 151 -48.89 -3.32 -32.70
C ASP I 151 -47.81 -4.35 -32.42
N ALA I 152 -48.23 -5.59 -32.14
CA ALA I 152 -47.27 -6.63 -31.77
C ALA I 152 -46.28 -6.98 -32.90
N VAL I 153 -46.56 -6.51 -34.13
CA VAL I 153 -45.58 -6.77 -35.17
C VAL I 153 -44.39 -5.81 -35.12
N SER I 154 -44.68 -4.52 -35.16
CA SER I 154 -43.63 -3.55 -35.11
C SER I 154 -43.13 -3.40 -33.68
N ARG I 155 -43.90 -3.91 -32.73
CA ARG I 155 -43.64 -3.71 -31.30
C ARG I 155 -43.67 -2.24 -30.92
N LYS I 156 -44.70 -1.52 -31.39
CA LYS I 156 -44.86 -0.10 -31.12
C LYS I 156 -46.21 0.17 -30.44
N CYS I 157 -46.19 1.10 -29.50
CA CYS I 157 -47.39 1.47 -28.74
C CYS I 157 -47.85 2.83 -29.25
N TYR I 158 -49.13 2.91 -29.62
CA TYR I 158 -49.73 4.20 -30.07
C TYR I 158 -50.72 4.71 -29.01
N VAL I 159 -50.72 6.02 -28.77
CA VAL I 159 -51.78 6.68 -27.97
C VAL I 159 -52.61 7.58 -28.92
N LEU I 160 -53.92 7.33 -29.01
CA LEU I 160 -54.73 8.04 -30.03
C LEU I 160 -55.34 9.30 -29.40
N SER I 161 -54.98 10.47 -29.91
CA SER I 161 -55.75 11.65 -29.50
C SER I 161 -57.19 11.71 -30.03
N VAL I 162 -57.51 10.82 -30.99
CA VAL I 162 -58.89 10.67 -31.46
C VAL I 162 -59.51 9.43 -30.86
N SER I 163 -60.48 9.64 -29.96
CA SER I 163 -61.16 8.58 -29.26
C SER I 163 -62.42 8.10 -29.97
N ALA I 164 -62.88 8.86 -30.95
CA ALA I 164 -64.02 8.48 -31.76
C ALA I 164 -63.69 7.22 -32.53
N GLN I 165 -64.74 6.45 -32.79
CA GLN I 165 -64.62 5.11 -33.27
C GLN I 165 -65.57 4.83 -34.44
N LEU I 166 -66.68 5.56 -34.49
CA LEU I 166 -67.68 5.36 -35.54
C LEU I 166 -68.14 6.69 -36.10
N LEU I 167 -68.33 6.76 -37.41
CA LEU I 167 -68.81 8.01 -38.02
C LEU I 167 -69.34 7.76 -39.41
N LYS I 168 -70.66 7.91 -39.54
CA LYS I 168 -71.36 7.58 -40.75
C LYS I 168 -72.37 8.66 -41.07
N GLY I 169 -72.88 8.65 -42.29
CA GLY I 169 -73.97 9.53 -42.68
C GLY I 169 -73.47 10.60 -43.61
N GLU I 170 -74.05 10.64 -44.81
CA GLU I 170 -73.59 11.54 -45.88
C GLU I 170 -73.78 13.00 -45.51
N LYS I 171 -74.56 13.25 -44.45
CA LYS I 171 -74.66 14.58 -43.86
C LYS I 171 -73.37 15.01 -43.15
N TYR I 172 -72.61 14.03 -42.64
CA TYR I 172 -71.57 14.29 -41.65
C TYR I 172 -70.14 13.93 -42.12
N CYS I 173 -70.04 12.99 -43.06
CA CYS I 173 -68.73 12.50 -43.50
C CYS I 173 -68.77 11.91 -44.91
N SER I 174 -67.64 11.97 -45.61
CA SER I 174 -67.57 11.51 -46.99
C SER I 174 -67.04 10.07 -47.07
N VAL I 175 -67.67 9.26 -47.92
CA VAL I 175 -67.09 7.97 -48.27
C VAL I 175 -66.32 8.08 -49.58
N ASN I 176 -64.99 8.00 -49.48
CA ASN I 176 -64.13 8.01 -50.66
C ASN I 176 -64.28 9.29 -51.46
N GLY I 177 -64.68 10.36 -50.78
CA GLY I 177 -64.65 11.66 -51.41
C GLY I 177 -66.04 12.17 -51.77
N THR I 178 -67.07 11.41 -51.42
CA THR I 178 -68.43 11.85 -51.61
C THR I 178 -69.31 11.67 -50.38
N PRO I 179 -70.12 12.70 -50.05
CA PRO I 179 -70.13 14.00 -50.74
C PRO I 179 -68.80 14.72 -50.63
N SER I 180 -68.45 15.50 -51.64
CA SER I 180 -67.25 16.33 -51.54
C SER I 180 -67.46 17.43 -50.49
N GLY I 181 -66.36 18.01 -50.03
CA GLY I 181 -66.43 19.21 -49.19
C GLY I 181 -66.49 18.94 -47.69
N LEU I 182 -66.87 17.73 -47.31
CA LEU I 182 -66.95 17.39 -45.88
C LEU I 182 -65.57 17.25 -45.23
N THR I 183 -65.46 17.76 -44.01
CA THR I 183 -64.19 17.92 -43.30
C THR I 183 -63.59 16.59 -42.88
N TRP I 184 -64.48 15.67 -42.52
CA TRP I 184 -64.10 14.36 -42.01
C TRP I 184 -64.50 13.31 -43.01
N ALA I 185 -63.66 12.28 -43.16
CA ALA I 185 -64.11 11.08 -43.84
C ALA I 185 -64.75 10.13 -42.84
N CYS I 186 -65.58 9.21 -43.31
CA CYS I 186 -66.26 8.25 -42.42
C CYS I 186 -65.29 7.17 -41.93
N PHE I 187 -65.73 6.40 -40.95
CA PHE I 187 -64.92 5.34 -40.41
C PHE I 187 -65.67 4.49 -39.41
N GLU I 188 -65.30 3.21 -39.34
CA GLU I 188 -65.87 2.32 -38.38
C GLU I 188 -64.91 1.23 -37.92
N PRO I 189 -65.17 0.65 -36.76
CA PRO I 189 -64.34 -0.42 -36.28
C PRO I 189 -64.49 -1.65 -37.13
N VAL I 190 -63.39 -2.38 -37.33
CA VAL I 190 -63.40 -3.68 -37.97
C VAL I 190 -62.37 -4.60 -37.30
N LYS I 191 -62.61 -5.91 -37.29
CA LYS I 191 -61.57 -6.85 -36.89
C LYS I 191 -60.75 -7.14 -38.14
N GLU I 192 -59.44 -6.97 -38.05
CA GLU I 192 -58.58 -7.23 -39.16
C GLU I 192 -57.57 -8.29 -38.80
N LYS I 193 -57.21 -9.13 -39.77
CA LYS I 193 -56.09 -10.02 -39.62
C LYS I 193 -55.14 -9.87 -40.77
N SER I 194 -53.98 -9.31 -40.50
CA SER I 194 -53.04 -8.97 -41.54
C SER I 194 -51.67 -9.46 -41.07
N SER I 195 -50.81 -9.83 -41.99
CA SER I 195 -49.53 -10.39 -41.63
C SER I 195 -48.56 -9.23 -41.32
N ALA I 196 -48.92 -8.06 -41.82
CA ALA I 196 -48.15 -6.86 -41.65
C ALA I 196 -48.23 -6.19 -40.26
N ARG I 197 -49.37 -6.28 -39.61
CA ARG I 197 -49.57 -5.66 -38.29
C ARG I 197 -50.47 -6.52 -37.45
N ALA I 198 -50.28 -6.48 -36.14
CA ALA I 198 -51.16 -7.25 -35.24
C ALA I 198 -51.65 -6.32 -34.16
N LEU I 199 -52.77 -5.65 -34.39
CA LEU I 199 -53.21 -4.56 -33.50
C LEU I 199 -54.00 -5.05 -32.31
N VAL I 200 -53.78 -4.40 -31.18
CA VAL I 200 -54.65 -4.51 -30.02
C VAL I 200 -55.11 -3.13 -29.63
N TYR I 201 -56.42 -2.93 -29.56
CA TYR I 201 -57.00 -1.63 -29.26
C TYR I 201 -57.57 -1.62 -27.85
N GLY I 202 -57.36 -0.55 -27.11
CA GLY I 202 -57.77 -0.57 -25.69
C GLY I 202 -58.06 0.77 -25.05
N SER I 203 -58.83 0.74 -23.95
CA SER I 203 -58.89 1.89 -23.04
C SER I 203 -57.61 2.02 -22.18
N ALA I 204 -57.28 3.24 -21.80
CA ALA I 204 -56.19 3.49 -20.86
C ALA I 204 -56.41 2.77 -19.56
N PHE I 205 -57.67 2.40 -19.30
CA PHE I 205 -58.08 1.81 -18.02
C PHE I 205 -57.80 0.31 -17.90
N VAL I 206 -57.35 -0.32 -19.00
CA VAL I 206 -56.59 -1.57 -18.90
C VAL I 206 -55.43 -1.44 -17.87
N ALA I 207 -54.83 -0.25 -17.80
CA ALA I 207 -53.74 0.00 -16.85
C ALA I 207 -54.16 0.44 -15.44
N GLU I 208 -55.44 0.32 -15.09
CA GLU I 208 -55.86 0.54 -13.71
C GLU I 208 -55.60 -0.70 -12.91
N GLY I 209 -55.18 -0.53 -11.67
CA GLY I 209 -54.79 -1.67 -10.86
C GLY I 209 -53.56 -2.33 -11.45
N ASN I 210 -53.69 -3.59 -11.81
CA ASN I 210 -52.59 -4.30 -12.40
C ASN I 210 -52.60 -4.17 -13.91
N PRO I 211 -51.69 -3.35 -14.48
CA PRO I 211 -51.83 -3.16 -15.91
C PRO I 211 -51.64 -4.48 -16.68
N ASP I 212 -51.12 -5.51 -16.00
CA ASP I 212 -50.92 -6.81 -16.66
C ASP I 212 -52.11 -7.78 -16.48
N ALA I 213 -53.23 -7.31 -15.92
CA ALA I 213 -54.26 -8.28 -15.51
C ALA I 213 -54.93 -8.96 -16.71
N TRP I 214 -55.20 -8.19 -17.76
CA TRP I 214 -55.75 -8.72 -19.01
C TRP I 214 -55.29 -10.14 -19.36
N GLN I 215 -54.03 -10.44 -19.10
CA GLN I 215 -53.49 -11.69 -19.59
C GLN I 215 -54.18 -12.89 -19.01
N SER I 216 -54.51 -12.83 -17.72
CA SER I 216 -55.24 -13.96 -17.13
C SER I 216 -56.69 -13.67 -16.72
N ALA I 217 -57.14 -12.44 -16.91
CA ALA I 217 -58.53 -12.09 -16.57
C ALA I 217 -59.46 -12.04 -17.78
N CYS I 218 -58.89 -11.80 -18.96
CA CYS I 218 -59.69 -11.49 -20.18
C CYS I 218 -59.70 -12.62 -21.21
N PRO I 219 -60.69 -12.61 -22.13
CA PRO I 219 -60.90 -13.65 -23.16
C PRO I 219 -60.10 -13.34 -24.42
N ASN I 220 -58.79 -13.35 -24.26
CA ASN I 220 -57.91 -12.84 -25.25
C ASN I 220 -57.84 -13.76 -26.47
N ASP I 221 -58.21 -15.03 -26.30
CA ASP I 221 -58.01 -16.08 -27.32
C ASP I 221 -59.28 -16.84 -27.67
N ALA I 222 -59.49 -17.12 -28.95
CA ALA I 222 -60.49 -18.10 -29.35
C ALA I 222 -60.17 -19.41 -28.67
N VAL I 223 -61.18 -20.27 -28.50
CA VAL I 223 -60.95 -21.53 -27.85
C VAL I 223 -61.10 -22.68 -28.85
N LYS I 224 -60.05 -23.49 -29.01
CA LYS I 224 -60.15 -24.55 -29.99
C LYS I 224 -60.78 -25.84 -29.50
N ASP I 225 -61.49 -26.49 -30.40
CA ASP I 225 -62.10 -27.79 -30.13
C ASP I 225 -63.05 -27.72 -28.94
N ALA I 226 -63.81 -26.65 -28.85
CA ALA I 226 -64.80 -26.48 -27.78
C ALA I 226 -65.79 -25.45 -28.24
N LEU I 227 -67.05 -25.55 -27.76
CA LEU I 227 -68.05 -24.45 -27.95
C LEU I 227 -68.41 -23.91 -26.59
N PHE I 228 -68.83 -22.64 -26.54
CA PHE I 228 -69.55 -22.10 -25.35
C PHE I 228 -70.88 -22.82 -25.07
N GLY I 229 -71.17 -23.10 -23.80
CA GLY I 229 -72.46 -23.71 -23.45
C GLY I 229 -73.06 -23.28 -22.12
N LYS I 230 -74.24 -23.80 -21.82
CA LYS I 230 -74.85 -23.73 -20.51
C LYS I 230 -74.92 -25.12 -19.90
N TRP I 231 -74.75 -25.19 -18.59
CA TRP I 231 -74.74 -26.46 -17.92
C TRP I 231 -76.16 -26.82 -17.47
N GLU I 232 -76.75 -27.83 -18.09
CA GLU I 232 -78.02 -28.36 -17.60
C GLU I 232 -78.04 -29.86 -17.78
N ASP I 233 -78.46 -30.56 -16.75
CA ASP I 233 -78.70 -31.99 -16.87
C ASP I 233 -77.41 -32.77 -16.92
N GLY I 234 -76.47 -32.40 -16.07
CA GLY I 234 -75.21 -33.14 -15.94
C GLY I 234 -74.36 -33.08 -17.18
N GLN I 235 -74.54 -32.02 -17.97
CA GLN I 235 -73.74 -31.87 -19.18
C GLN I 235 -73.67 -30.42 -19.64
N CYS I 236 -72.70 -30.11 -20.47
CA CYS I 236 -72.64 -28.82 -21.09
C CYS I 236 -73.33 -28.88 -22.44
N VAL I 237 -74.41 -28.12 -22.56
CA VAL I 237 -75.18 -28.02 -23.78
C VAL I 237 -74.73 -26.74 -24.43
N PRO I 238 -74.23 -26.83 -25.68
CA PRO I 238 -73.72 -25.68 -26.43
C PRO I 238 -74.87 -24.75 -26.80
N PHE I 239 -74.60 -23.47 -26.93
CA PHE I 239 -75.50 -22.56 -27.64
C PHE I 239 -75.47 -22.85 -29.13
N ASP I 240 -76.64 -23.05 -29.72
CA ASP I 240 -76.69 -23.28 -31.15
C ASP I 240 -77.74 -22.42 -31.86
N THR I 241 -78.24 -22.96 -32.97
CA THR I 241 -79.20 -22.27 -33.82
C THR I 241 -80.38 -21.79 -32.99
N LYS I 242 -80.93 -22.72 -32.21
CA LYS I 242 -82.07 -22.46 -31.34
C LYS I 242 -81.83 -21.31 -30.36
N THR I 243 -80.74 -21.39 -29.60
CA THR I 243 -80.54 -20.50 -28.45
C THR I 243 -80.03 -19.10 -28.82
N SER I 244 -79.83 -18.84 -30.10
CA SER I 244 -78.92 -17.78 -30.52
C SER I 244 -79.58 -16.63 -31.25
N VAL I 245 -78.99 -15.44 -31.10
CA VAL I 245 -79.46 -14.21 -31.76
C VAL I 245 -79.35 -14.28 -33.29
N GLN I 246 -78.48 -15.15 -33.78
CA GLN I 246 -78.21 -15.26 -35.22
C GLN I 246 -77.28 -16.45 -35.47
N SER I 247 -77.55 -17.20 -36.53
CA SER I 247 -76.78 -18.42 -36.81
C SER I 247 -76.75 -18.74 -38.30
N ASP I 248 -76.20 -17.82 -39.08
CA ASP I 248 -76.00 -18.05 -40.51
C ASP I 248 -74.74 -18.85 -40.81
N GLN I 249 -74.56 -19.17 -42.08
CA GLN I 249 -73.46 -20.02 -42.51
C GLN I 249 -72.18 -19.17 -42.58
N ALA I 250 -71.04 -19.81 -42.36
CA ALA I 250 -69.77 -19.09 -42.43
C ALA I 250 -68.77 -19.88 -43.26
N THR I 251 -68.10 -19.20 -44.19
CA THR I 251 -67.19 -19.88 -45.11
C THR I 251 -66.08 -20.56 -44.32
N ASN I 252 -65.69 -19.94 -43.19
CA ASN I 252 -64.54 -20.43 -42.41
C ASN I 252 -64.39 -19.73 -41.04
N LYS I 253 -63.60 -20.35 -40.16
CA LYS I 253 -63.26 -19.84 -38.81
C LYS I 253 -63.28 -18.30 -38.81
N GLU I 254 -62.38 -17.76 -39.61
CA GLU I 254 -62.01 -16.37 -39.54
C GLU I 254 -63.18 -15.47 -39.85
N GLU I 255 -64.02 -15.89 -40.80
CA GLU I 255 -65.18 -15.06 -41.18
C GLU I 255 -66.12 -14.94 -39.99
N CYS I 256 -66.23 -16.02 -39.22
CA CYS I 256 -67.04 -16.02 -38.01
C CYS I 256 -66.43 -15.18 -36.87
N TRP I 257 -65.11 -15.13 -36.80
CA TRP I 257 -64.44 -14.30 -35.79
C TRP I 257 -64.64 -12.80 -36.08
N LYS I 258 -64.58 -12.44 -37.35
CA LYS I 258 -64.87 -11.10 -37.76
C LYS I 258 -66.33 -10.72 -37.58
N ARG I 259 -67.21 -11.68 -37.81
CA ARG I 259 -68.64 -11.41 -37.80
C ARG I 259 -69.16 -11.08 -36.41
N VAL I 260 -68.71 -11.82 -35.42
CA VAL I 260 -69.14 -11.59 -34.05
C VAL I 260 -68.84 -10.16 -33.59
N PHE I 261 -67.71 -9.62 -34.06
CA PHE I 261 -67.36 -8.27 -33.70
C PHE I 261 -68.24 -7.17 -34.32
N ALA I 262 -68.57 -7.33 -35.60
CA ALA I 262 -69.35 -6.30 -36.30
C ALA I 262 -70.87 -6.55 -36.33
N ASN I 263 -71.33 -7.62 -35.69
CA ASN I 263 -72.77 -7.96 -35.70
C ASN I 263 -73.58 -6.91 -34.97
N PRO I 264 -74.82 -6.67 -35.43
CA PRO I 264 -75.53 -5.47 -35.01
C PRO I 264 -76.05 -5.50 -33.59
N LEU I 265 -75.83 -6.60 -32.88
CA LEU I 265 -76.16 -6.69 -31.44
C LEU I 265 -74.94 -6.88 -30.50
N VAL I 266 -73.73 -6.63 -31.00
CA VAL I 266 -72.55 -6.63 -30.12
C VAL I 266 -72.66 -5.51 -29.08
N ALA I 267 -72.09 -5.71 -27.90
CA ALA I 267 -71.98 -4.61 -26.96
C ALA I 267 -71.34 -3.42 -27.65
N SER I 268 -72.10 -2.34 -27.78
CA SER I 268 -71.60 -1.16 -28.49
C SER I 268 -72.15 0.08 -27.81
N ASP I 269 -71.28 1.05 -27.55
CA ASP I 269 -71.70 2.25 -26.86
C ASP I 269 -71.97 3.38 -27.86
N ALA I 270 -72.32 3.01 -29.08
CA ALA I 270 -72.60 4.02 -30.10
C ALA I 270 -74.06 4.52 -30.03
N PRO I 271 -74.27 5.81 -30.26
CA PRO I 271 -75.65 6.29 -30.20
C PRO I 271 -76.43 5.84 -31.42
N THR I 272 -77.74 5.96 -31.37
CA THR I 272 -78.57 5.78 -32.55
C THR I 272 -79.27 7.08 -32.94
N THR I 273 -78.96 7.59 -34.13
CA THR I 273 -79.23 8.99 -34.52
C THR I 273 -78.39 9.97 -33.69
N LYS I 280 -69.73 18.83 -37.70
CA LYS I 280 -68.49 18.24 -37.18
C LYS I 280 -67.28 19.09 -37.57
N ASN I 281 -66.48 19.49 -36.58
CA ASN I 281 -65.24 20.26 -36.81
C ASN I 281 -63.99 19.40 -36.98
N TRP I 282 -62.96 19.99 -37.57
CA TRP I 282 -61.72 19.28 -37.77
C TRP I 282 -61.15 18.71 -36.48
N ASN I 283 -61.38 19.41 -35.38
CA ASN I 283 -60.74 19.08 -34.12
C ASN I 283 -61.70 18.58 -33.03
N ASP I 284 -62.87 18.08 -33.41
CA ASP I 284 -63.71 17.34 -32.44
C ASP I 284 -63.22 15.91 -32.31
N PHE I 285 -62.08 15.72 -31.65
CA PHE I 285 -61.44 14.41 -31.49
C PHE I 285 -62.16 13.52 -30.49
N TRP I 286 -63.00 14.11 -29.66
CA TRP I 286 -63.66 13.35 -28.59
C TRP I 286 -65.16 13.54 -28.65
N PRO I 287 -65.92 12.43 -28.67
CA PRO I 287 -67.36 12.57 -28.78
C PRO I 287 -67.93 13.10 -27.46
N VAL I 288 -68.94 13.97 -27.54
CA VAL I 288 -69.47 14.64 -26.35
C VAL I 288 -70.52 13.81 -25.62
N HIS I 289 -70.48 13.84 -24.30
CA HIS I 289 -71.34 12.99 -23.47
C HIS I 289 -72.73 13.64 -23.25
N GLU I 290 -73.73 13.18 -23.99
CA GLU I 290 -75.12 13.54 -23.72
C GLU I 290 -75.65 12.81 -22.50
N GLN I 291 -76.86 13.16 -22.08
CA GLN I 291 -77.63 12.34 -21.14
C GLN I 291 -78.05 11.05 -21.83
N SER I 292 -78.32 11.16 -23.13
CA SER I 292 -78.90 10.07 -23.90
C SER I 292 -77.86 9.02 -24.33
N SER I 293 -76.57 9.31 -24.11
CA SER I 293 -75.49 8.46 -24.61
C SER I 293 -75.55 7.03 -24.06
N PRO I 294 -75.66 6.03 -24.94
CA PRO I 294 -75.87 4.66 -24.52
C PRO I 294 -74.59 4.07 -23.99
N LYS I 295 -74.69 3.41 -22.85
CA LYS I 295 -73.59 2.60 -22.32
C LYS I 295 -74.01 1.15 -22.21
N SER I 296 -73.57 0.34 -23.17
CA SER I 296 -73.72 -1.13 -23.17
C SER I 296 -73.35 -1.77 -21.83
N GLY I 297 -72.30 -1.23 -21.19
CA GLY I 297 -71.69 -1.88 -20.02
C GLY I 297 -71.20 -3.30 -20.33
N GLY I 298 -71.00 -3.59 -21.61
CA GLY I 298 -70.52 -4.90 -22.03
C GLY I 298 -71.57 -5.95 -22.33
N PHE I 299 -72.84 -5.62 -22.13
CA PHE I 299 -73.92 -6.57 -22.44
C PHE I 299 -74.24 -6.49 -23.92
N GLY I 300 -74.46 -7.64 -24.55
CA GLY I 300 -74.70 -7.70 -25.99
C GLY I 300 -74.42 -9.08 -26.51
N ALA I 301 -74.59 -9.24 -27.83
CA ALA I 301 -74.26 -10.49 -28.50
C ALA I 301 -72.75 -10.54 -28.81
N ASN I 302 -71.99 -11.07 -27.85
CA ASN I 302 -70.55 -10.89 -27.80
C ASN I 302 -69.84 -12.18 -28.09
N TRP I 303 -70.58 -13.28 -28.12
CA TRP I 303 -70.00 -14.61 -28.20
C TRP I 303 -70.41 -15.31 -29.49
N ALA I 304 -69.56 -16.19 -30.01
CA ALA I 304 -69.92 -16.99 -31.17
C ALA I 304 -69.30 -18.37 -31.18
N ASN I 305 -70.18 -19.34 -31.46
CA ASN I 305 -69.82 -20.72 -31.60
C ASN I 305 -69.66 -21.06 -33.08
N PHE I 306 -68.49 -21.60 -33.43
CA PHE I 306 -68.24 -22.00 -34.83
C PHE I 306 -68.18 -23.52 -34.88
N TYR I 307 -69.14 -24.13 -35.53
CA TYR I 307 -69.11 -25.58 -35.66
C TYR I 307 -69.64 -26.06 -37.01
N LEU I 308 -69.26 -27.29 -37.36
CA LEU I 308 -69.87 -28.03 -38.45
C LEU I 308 -71.15 -28.68 -37.93
N GLU I 309 -72.29 -28.25 -38.45
CA GLU I 309 -73.60 -28.70 -37.95
C GLU I 309 -73.79 -30.20 -38.14
N GLU I 311 -76.28 -32.34 -39.60
CA GLU I 311 -77.37 -32.05 -40.55
C GLU I 311 -76.85 -31.34 -41.79
N SER I 312 -77.02 -30.02 -41.82
CA SER I 312 -76.69 -29.25 -43.01
C SER I 312 -75.34 -29.63 -43.65
N GLY I 313 -74.40 -30.11 -42.83
CA GLY I 313 -73.01 -30.30 -43.28
C GLY I 313 -72.40 -28.97 -43.68
N GLU I 314 -72.99 -27.89 -43.18
CA GLU I 314 -72.38 -26.58 -43.27
C GLU I 314 -71.83 -26.13 -41.93
N THR I 315 -70.78 -25.32 -41.99
CA THR I 315 -70.19 -24.76 -40.82
C THR I 315 -70.98 -23.49 -40.48
N ILE I 316 -71.30 -23.35 -39.20
CA ILE I 316 -72.22 -22.31 -38.76
C ILE I 316 -71.54 -21.35 -37.81
N CYS I 317 -71.92 -20.09 -37.89
CA CYS I 317 -71.48 -19.14 -36.91
C CYS I 317 -72.66 -18.67 -36.02
N ALA I 318 -72.76 -19.31 -34.86
CA ALA I 318 -73.89 -19.06 -33.98
C ALA I 318 -73.52 -18.02 -32.96
N ILE I 319 -74.00 -16.80 -33.18
CA ILE I 319 -73.76 -15.69 -32.30
C ILE I 319 -74.84 -15.54 -31.21
N PHE I 320 -74.45 -15.66 -29.94
CA PHE I 320 -75.42 -15.53 -28.86
C PHE I 320 -75.10 -14.37 -27.91
N ASP I 321 -75.97 -14.14 -26.92
CA ASP I 321 -75.87 -12.95 -26.08
C ASP I 321 -75.95 -13.23 -24.59
N GLN I 322 -75.78 -14.47 -24.22
CA GLN I 322 -75.71 -14.83 -22.81
C GLN I 322 -74.30 -15.18 -22.44
N VAL I 323 -73.96 -14.92 -21.18
CA VAL I 323 -72.74 -15.39 -20.56
C VAL I 323 -72.78 -16.89 -20.45
N PRO I 324 -71.79 -17.56 -21.05
CA PRO I 324 -71.58 -19.00 -20.97
C PRO I 324 -71.03 -19.37 -19.61
N ASP I 325 -71.34 -20.58 -19.14
CA ASP I 325 -70.81 -21.07 -17.88
C ASP I 325 -70.19 -22.46 -17.98
N CYS I 326 -69.99 -22.95 -19.19
CA CYS I 326 -69.18 -24.15 -19.41
C CYS I 326 -68.77 -24.26 -20.85
N PHE I 327 -67.98 -25.30 -21.14
CA PHE I 327 -67.51 -25.55 -22.50
C PHE I 327 -67.80 -27.01 -22.83
N ALA I 328 -68.24 -27.24 -24.05
CA ALA I 328 -68.31 -28.60 -24.54
C ALA I 328 -67.11 -28.87 -25.42
N PRO I 329 -66.33 -29.90 -25.09
CA PRO I 329 -65.22 -30.21 -26.00
C PRO I 329 -65.77 -30.87 -27.23
N ILE I 330 -65.71 -30.17 -28.35
CA ILE I 330 -66.09 -30.70 -29.64
C ILE I 330 -64.91 -30.57 -30.62
N THR I 331 -64.31 -31.69 -30.99
CA THR I 331 -63.23 -31.67 -31.95
C THR I 331 -63.61 -30.92 -33.24
N GLY I 332 -62.85 -29.90 -33.58
CA GLY I 332 -63.10 -29.13 -34.82
C GLY I 332 -63.87 -27.84 -34.61
N ALA I 333 -64.56 -27.72 -33.48
CA ALA I 333 -65.29 -26.48 -33.17
C ALA I 333 -64.38 -25.36 -32.65
N VAL I 334 -64.86 -24.11 -32.68
CA VAL I 334 -64.09 -23.01 -32.12
C VAL I 334 -65.02 -22.06 -31.41
N ALA I 335 -64.56 -21.49 -30.29
CA ALA I 335 -65.36 -20.49 -29.56
C ALA I 335 -64.75 -19.08 -29.62
N TYR I 336 -65.55 -18.11 -30.05
CA TYR I 336 -65.02 -16.80 -30.37
C TYR I 336 -65.73 -15.74 -29.55
N THR I 337 -65.05 -14.61 -29.33
CA THR I 337 -65.74 -13.44 -28.79
C THR I 337 -65.36 -12.20 -29.55
N ALA I 338 -66.17 -11.17 -29.43
CA ALA I 338 -65.86 -9.89 -30.02
C ALA I 338 -64.55 -9.29 -29.50
N LEU I 339 -64.20 -9.54 -28.23
CA LEU I 339 -62.94 -8.99 -27.67
C LEU I 339 -61.72 -9.74 -28.20
N GLY I 340 -61.88 -11.05 -28.31
CA GLY I 340 -60.77 -11.97 -28.45
C GLY I 340 -60.11 -11.97 -29.80
N SER I 341 -58.98 -12.63 -29.84
CA SER I 341 -58.22 -12.77 -31.05
C SER I 341 -58.70 -14.02 -31.76
N SER I 342 -58.21 -14.29 -32.96
CA SER I 342 -58.53 -15.56 -33.60
C SER I 342 -57.42 -16.62 -33.43
N THR I 343 -56.32 -16.25 -32.79
CA THR I 343 -55.40 -17.26 -32.24
C THR I 343 -56.13 -18.17 -31.25
N GLU I 344 -55.89 -19.48 -31.35
CA GLU I 344 -56.62 -20.45 -30.54
C GLU I 344 -55.85 -21.00 -29.36
N VAL I 345 -56.50 -21.09 -28.20
CA VAL I 345 -55.95 -21.87 -27.11
C VAL I 345 -56.82 -23.09 -26.82
N ASN I 346 -56.23 -24.06 -26.14
CA ASN I 346 -56.92 -25.22 -25.62
C ASN I 346 -57.70 -24.94 -24.33
N LEU I 347 -58.64 -25.83 -24.02
CA LEU I 347 -59.24 -25.86 -22.71
C LEU I 347 -58.12 -26.20 -21.75
N PRO I 348 -58.21 -25.66 -20.53
CA PRO I 348 -57.26 -26.06 -19.47
C PRO I 348 -57.30 -27.57 -19.27
N GLN I 349 -56.14 -28.19 -19.10
CA GLN I 349 -56.08 -29.60 -18.80
C GLN I 349 -56.75 -29.96 -17.48
N CYS I 350 -56.93 -31.25 -17.22
CA CYS I 350 -57.51 -31.70 -15.96
C CYS I 350 -56.73 -32.90 -15.41
N ASP I 351 -56.87 -33.12 -14.12
CA ASP I 351 -56.11 -34.19 -13.46
C ASP I 351 -56.87 -35.49 -13.59
N SER I 352 -56.41 -36.36 -14.49
CA SER I 352 -57.18 -37.53 -14.88
C SER I 352 -57.52 -38.45 -13.71
N ALA I 353 -56.55 -38.79 -12.90
CA ALA I 353 -56.87 -39.40 -11.65
C ALA I 353 -57.39 -38.27 -10.79
N SER I 354 -58.42 -38.53 -10.02
CA SER I 354 -58.96 -37.53 -9.11
C SER I 354 -60.09 -36.69 -9.66
N PHE I 355 -60.30 -36.72 -10.96
CA PHE I 355 -61.40 -35.97 -11.53
C PHE I 355 -62.58 -36.88 -11.60
N ILE I 356 -63.67 -36.46 -11.00
CA ILE I 356 -64.80 -37.38 -10.83
C ILE I 356 -65.80 -37.32 -12.00
N PRO I 357 -65.80 -38.37 -12.84
CA PRO I 357 -66.62 -38.34 -14.09
C PRO I 357 -68.08 -38.03 -13.81
N ILE I 358 -68.73 -37.34 -14.72
CA ILE I 358 -70.08 -36.86 -14.50
C ILE I 358 -71.02 -37.43 -15.55
N GLU I 359 -72.11 -38.03 -15.09
CA GLU I 359 -73.04 -38.79 -15.95
C GLU I 359 -74.37 -38.07 -16.11
N GLY I 360 -74.72 -37.69 -17.34
CA GLY I 360 -76.02 -37.09 -17.60
C GLY I 360 -77.13 -38.14 -17.54
N PRO I 361 -78.39 -37.71 -17.70
CA PRO I 361 -79.48 -38.68 -17.60
C PRO I 361 -79.46 -39.66 -18.77
N CYS I 362 -79.83 -40.92 -18.52
CA CYS I 362 -80.04 -41.91 -19.59
C CYS I 362 -81.35 -41.72 -20.39
N ASN I 363 -81.24 -41.11 -21.57
CA ASN I 363 -82.39 -40.96 -22.48
C ASN I 363 -82.16 -41.68 -23.81
N ASN I 364 -83.22 -42.19 -24.42
CA ASN I 364 -83.07 -43.28 -25.35
C ASN I 364 -82.26 -44.34 -24.61
N CYS I 365 -81.12 -44.74 -25.15
CA CYS I 365 -80.17 -45.51 -24.37
C CYS I 365 -78.80 -44.84 -24.35
N VAL I 366 -78.84 -43.51 -24.32
CA VAL I 366 -77.61 -42.73 -24.40
C VAL I 366 -77.54 -41.73 -23.27
N GLN I 367 -76.48 -41.82 -22.46
CA GLN I 367 -76.14 -40.73 -21.59
C GLN I 367 -74.89 -40.01 -22.08
N VAL I 368 -74.89 -38.69 -21.89
CA VAL I 368 -73.72 -37.88 -22.10
C VAL I 368 -72.84 -37.93 -20.88
N VAL I 369 -71.52 -38.04 -21.09
CA VAL I 369 -70.59 -38.34 -20.00
C VAL I 369 -69.34 -37.46 -20.06
N THR I 370 -69.07 -36.76 -18.97
CA THR I 370 -67.97 -35.82 -18.93
C THR I 370 -66.86 -36.37 -18.08
N GLU I 371 -65.70 -36.62 -18.71
CA GLU I 371 -64.58 -37.33 -18.11
C GLU I 371 -63.28 -36.56 -18.32
N CYS I 372 -62.22 -37.06 -17.70
CA CYS I 372 -60.87 -36.59 -17.94
C CYS I 372 -60.04 -37.72 -18.53
N VAL I 373 -59.85 -37.69 -19.85
CA VAL I 373 -59.17 -38.80 -20.54
C VAL I 373 -57.71 -38.46 -20.81
N GLY I 374 -56.82 -39.13 -20.07
CA GLY I 374 -55.41 -38.75 -20.07
C GLY I 374 -55.30 -37.24 -19.98
N ASN I 375 -55.90 -36.68 -18.94
CA ASN I 375 -55.63 -35.31 -18.55
C ASN I 375 -56.29 -34.24 -19.41
N GLN I 376 -57.17 -34.68 -20.32
CA GLN I 376 -57.89 -33.75 -21.18
C GLN I 376 -59.40 -33.87 -20.98
N PHE I 377 -60.09 -32.73 -20.96
CA PHE I 377 -61.55 -32.69 -20.87
C PHE I 377 -62.17 -33.41 -22.02
N ASP I 378 -63.21 -34.20 -21.74
CA ASP I 378 -63.89 -34.94 -22.79
C ASP I 378 -65.38 -35.12 -22.50
N GLN I 379 -66.20 -34.89 -23.53
CA GLN I 379 -67.61 -35.11 -23.40
C GLN I 379 -68.09 -36.07 -24.51
N THR I 380 -68.43 -37.30 -24.15
CA THR I 380 -68.95 -38.26 -25.14
C THR I 380 -70.26 -38.84 -24.70
N SER I 381 -70.94 -39.49 -25.64
CA SER I 381 -72.17 -40.20 -25.37
C SER I 381 -71.91 -41.69 -25.16
N LYS I 382 -72.55 -42.28 -24.16
CA LYS I 382 -72.29 -43.65 -23.74
C LYS I 382 -73.57 -44.47 -23.84
N ALA I 383 -73.49 -45.67 -24.40
CA ALA I 383 -74.62 -46.62 -24.34
C ALA I 383 -74.95 -46.90 -22.89
N CYS I 384 -76.21 -46.75 -22.50
CA CYS I 384 -76.58 -46.97 -21.09
C CYS I 384 -77.70 -47.98 -20.85
N CYS I 385 -78.13 -48.68 -21.90
CA CYS I 385 -78.97 -49.86 -21.71
C CYS I 385 -78.10 -51.14 -21.83
N THR I 386 -78.26 -52.07 -20.89
CA THR I 386 -77.43 -53.27 -20.82
C THR I 386 -77.89 -54.22 -19.69
N GLY J 5 -80.79 -17.80 -3.39
CA GLY J 5 -79.33 -17.62 -3.60
C GLY J 5 -78.55 -18.82 -3.13
N GLN J 6 -77.23 -18.77 -3.26
CA GLN J 6 -76.42 -19.95 -3.02
C GLN J 6 -75.31 -19.87 -1.96
N ASN J 7 -74.98 -21.03 -1.39
CA ASN J 7 -74.13 -21.11 -0.22
C ASN J 7 -72.90 -20.27 -0.40
N PRO J 8 -72.73 -19.25 0.46
CA PRO J 8 -71.64 -18.29 0.29
C PRO J 8 -70.34 -18.82 0.91
N TRP J 9 -70.41 -20.00 1.49
CA TRP J 9 -69.19 -20.67 1.96
C TRP J 9 -68.53 -21.46 0.84
N ALA J 10 -69.05 -21.30 -0.36
CA ALA J 10 -68.44 -21.87 -1.56
C ALA J 10 -68.18 -20.79 -2.60
N THR J 11 -68.67 -19.57 -2.36
CA THR J 11 -68.51 -18.46 -3.32
C THR J 11 -67.13 -17.78 -3.34
N THR J 12 -66.70 -17.18 -2.24
CA THR J 12 -65.37 -16.55 -2.23
C THR J 12 -64.31 -17.45 -1.63
N THR J 13 -63.07 -17.17 -1.96
CA THR J 13 -61.99 -18.08 -1.68
C THR J 13 -61.57 -18.13 -0.18
N ALA J 14 -61.65 -16.99 0.51
CA ALA J 14 -61.43 -16.97 1.96
C ALA J 14 -62.47 -17.83 2.69
N PHE J 15 -63.72 -17.71 2.31
CA PHE J 15 -64.77 -18.52 2.94
C PHE J 15 -64.60 -20.02 2.68
N ALA J 16 -64.38 -20.40 1.43
CA ALA J 16 -64.17 -21.83 1.07
C ALA J 16 -62.98 -22.47 1.77
N ASP J 17 -61.86 -21.75 1.77
CA ASP J 17 -60.67 -22.16 2.51
C ASP J 17 -60.97 -22.42 3.98
N PHE J 18 -61.81 -21.57 4.55
CA PHE J 18 -62.15 -21.72 5.95
C PHE J 18 -63.05 -22.94 6.16
N MET J 19 -64.04 -23.09 5.30
CA MET J 19 -64.94 -24.23 5.41
C MET J 19 -64.18 -25.52 5.17
N LYS J 20 -63.20 -25.44 4.28
CA LYS J 20 -62.47 -26.62 3.83
C LYS J 20 -61.72 -27.30 4.96
N ARG J 21 -61.42 -26.57 6.02
CA ARG J 21 -60.71 -27.17 7.18
C ARG J 21 -61.53 -28.17 7.98
N PHE J 22 -62.85 -28.11 7.87
CA PHE J 22 -63.69 -28.95 8.74
C PHE J 22 -64.25 -30.16 8.01
N ASN J 23 -63.67 -30.47 6.85
CA ASN J 23 -63.95 -31.68 6.12
C ASN J 23 -62.96 -32.72 6.58
N ILE J 24 -63.19 -33.24 7.77
CA ILE J 24 -62.20 -34.00 8.47
C ILE J 24 -61.71 -35.27 7.72
N PRO J 25 -62.65 -36.10 7.24
CA PRO J 25 -62.24 -37.27 6.44
C PRO J 25 -61.27 -36.88 5.32
N GLN J 26 -61.54 -35.76 4.68
CA GLN J 26 -60.66 -35.24 3.61
C GLN J 26 -59.30 -34.78 4.12
N VAL J 27 -59.30 -33.87 5.09
CA VAL J 27 -58.06 -33.18 5.46
C VAL J 27 -57.22 -33.94 6.47
N HIS J 28 -57.85 -34.78 7.30
CA HIS J 28 -57.10 -35.60 8.30
C HIS J 28 -57.03 -37.08 7.89
N GLY J 29 -58.19 -37.63 7.49
CA GLY J 29 -58.27 -38.93 6.80
C GLY J 29 -57.83 -40.16 7.59
N SER J 30 -57.86 -40.06 8.92
CA SER J 30 -57.53 -41.21 9.78
C SER J 30 -58.28 -41.08 11.14
N GLY J 31 -58.07 -42.05 12.04
CA GLY J 31 -58.64 -41.95 13.39
C GLY J 31 -58.18 -40.71 14.15
N ILE J 32 -58.90 -40.36 15.22
CA ILE J 32 -58.64 -39.15 15.99
C ILE J 32 -58.41 -39.50 17.44
N PHE J 33 -59.38 -40.18 18.02
CA PHE J 33 -59.26 -40.73 19.35
C PHE J 33 -58.14 -41.75 19.43
N VAL J 34 -58.27 -42.81 18.65
CA VAL J 34 -57.15 -43.66 18.31
C VAL J 34 -56.84 -43.60 16.84
N ASP J 35 -55.61 -43.13 16.51
CA ASP J 35 -55.16 -43.01 15.14
C ASP J 35 -54.12 -44.06 14.81
N LEU J 36 -54.45 -44.92 13.85
CA LEU J 36 -53.52 -45.91 13.32
C LEU J 36 -53.91 -46.25 11.89
N GLY J 37 -54.13 -45.22 11.08
CA GLY J 37 -54.72 -45.39 9.75
C GLY J 37 -53.73 -45.89 8.73
N ARG J 38 -52.54 -46.29 9.20
CA ARG J 38 -51.52 -46.86 8.34
C ARG J 38 -50.91 -48.12 8.95
N ASP J 39 -50.18 -48.85 8.12
CA ASP J 39 -49.44 -50.00 8.57
C ASP J 39 -48.16 -50.03 7.78
N THR J 40 -47.13 -50.60 8.39
CA THR J 40 -45.85 -50.75 7.73
C THR J 40 -45.10 -51.85 8.43
N GLU J 41 -44.59 -52.80 7.65
CA GLU J 41 -43.82 -53.93 8.18
C GLU J 41 -44.64 -54.77 9.16
N GLY J 42 -45.96 -54.67 9.05
CA GLY J 42 -46.83 -55.51 9.86
C GLY J 42 -47.28 -54.89 11.17
N TYR J 43 -46.79 -53.69 11.47
CA TYR J 43 -47.38 -52.93 12.58
C TYR J 43 -48.27 -51.81 12.10
N ARG J 44 -49.20 -51.40 12.96
CA ARG J 44 -50.04 -50.26 12.65
C ARG J 44 -49.35 -48.95 13.00
N GLU J 45 -49.63 -47.93 12.22
CA GLU J 45 -48.82 -46.71 12.24
C GLU J 45 -49.75 -45.50 12.37
N VAL J 46 -49.30 -44.46 13.08
CA VAL J 46 -50.14 -43.24 13.21
C VAL J 46 -50.08 -42.44 11.93
N GLY J 47 -51.22 -42.06 11.37
CA GLY J 47 -51.23 -41.58 9.98
C GLY J 47 -52.12 -40.42 9.64
N GLY J 48 -52.69 -39.74 10.64
CA GLY J 48 -53.57 -38.60 10.38
C GLY J 48 -52.76 -37.38 9.93
N LYS J 49 -53.33 -36.56 9.04
CA LYS J 49 -52.60 -35.43 8.50
C LYS J 49 -52.73 -34.18 9.36
N CYS J 50 -53.62 -34.22 10.35
CA CYS J 50 -53.88 -33.03 11.20
C CYS J 50 -53.31 -33.19 12.58
N PRO J 51 -52.78 -32.09 13.12
CA PRO J 51 -52.30 -32.23 14.48
C PRO J 51 -53.51 -32.29 15.39
N VAL J 52 -53.40 -33.02 16.51
CA VAL J 52 -54.50 -33.16 17.45
C VAL J 52 -54.24 -32.42 18.72
N PHE J 53 -55.00 -31.34 18.93
CA PHE J 53 -54.74 -30.35 19.99
C PHE J 53 -55.33 -30.78 21.31
N GLY J 54 -54.47 -30.92 22.33
CA GLY J 54 -54.94 -31.30 23.66
C GLY J 54 -54.94 -32.79 23.93
N LYS J 55 -54.57 -33.59 22.92
CA LYS J 55 -54.51 -35.02 23.09
C LYS J 55 -53.33 -35.50 23.93
N ALA J 56 -53.65 -36.04 25.08
CA ALA J 56 -52.72 -36.68 25.94
C ALA J 56 -53.11 -38.14 26.09
N ILE J 57 -52.15 -38.98 26.47
CA ILE J 57 -52.51 -40.31 26.83
C ILE J 57 -52.55 -40.41 28.33
N GLN J 58 -53.71 -40.76 28.85
CA GLN J 58 -53.91 -40.95 30.25
C GLN J 58 -53.41 -42.33 30.67
N MET J 59 -52.56 -42.38 31.67
CA MET J 59 -52.08 -43.65 32.20
C MET J 59 -52.58 -43.97 33.61
N HIS J 60 -52.59 -45.26 33.97
CA HIS J 60 -53.15 -45.67 35.25
C HIS J 60 -52.21 -46.58 35.96
N GLN J 61 -51.02 -46.08 36.26
CA GLN J 61 -50.06 -46.83 37.03
C GLN J 61 -50.31 -46.53 38.52
N PRO J 62 -49.78 -47.39 39.41
CA PRO J 62 -49.97 -47.18 40.84
C PRO J 62 -49.48 -45.81 41.29
N ALA J 63 -50.12 -45.23 42.31
CA ALA J 63 -49.86 -43.85 42.72
C ALA J 63 -48.38 -43.56 43.02
N GLU J 64 -47.60 -44.60 43.29
CA GLU J 64 -46.19 -44.44 43.59
C GLU J 64 -45.40 -44.18 42.29
N TYR J 65 -45.98 -44.54 41.15
CA TYR J 65 -45.34 -44.36 39.84
C TYR J 65 -45.46 -42.94 39.34
N SER J 66 -44.55 -42.58 38.42
CA SER J 66 -44.63 -41.35 37.65
C SER J 66 -45.94 -41.09 36.90
N ASN J 67 -46.43 -42.06 36.16
CA ASN J 67 -47.69 -41.93 35.44
C ASN J 67 -47.74 -40.80 34.40
N ASN J 68 -46.59 -40.30 34.00
CA ASN J 68 -46.53 -39.36 32.93
C ASN J 68 -46.24 -40.09 31.63
N PHE J 69 -47.05 -39.90 30.60
CA PHE J 69 -46.76 -40.60 29.35
C PHE J 69 -45.58 -40.03 28.60
N LEU J 70 -45.13 -38.82 28.98
CA LEU J 70 -43.99 -38.18 28.27
C LEU J 70 -42.68 -38.60 28.86
N ASP J 71 -42.76 -39.53 29.79
CA ASP J 71 -41.57 -40.15 30.35
C ASP J 71 -40.96 -41.14 29.35
N ASP J 72 -39.64 -41.33 29.44
CA ASP J 72 -38.93 -42.36 28.67
C ASP J 72 -39.66 -43.68 28.73
N ALA J 73 -39.96 -44.22 27.57
CA ALA J 73 -40.14 -45.64 27.41
C ALA J 73 -38.98 -46.41 28.04
N PRO J 74 -39.27 -47.62 28.57
CA PRO J 74 -38.22 -48.47 29.14
C PRO J 74 -37.39 -49.10 28.02
N THR J 75 -36.10 -49.30 28.30
CA THR J 75 -35.18 -49.87 27.32
C THR J 75 -34.82 -51.30 27.69
N SER J 76 -35.32 -51.75 28.82
CA SER J 76 -35.06 -53.10 29.26
C SER J 76 -36.20 -53.51 30.19
N ASN J 77 -36.20 -54.76 30.62
CA ASN J 77 -37.24 -55.25 31.51
C ASN J 77 -36.80 -55.36 32.97
N ASP J 78 -37.79 -55.36 33.84
CA ASP J 78 -37.64 -55.80 35.22
C ASP J 78 -38.83 -56.71 35.52
N ALA J 79 -38.55 -58.01 35.56
CA ALA J 79 -39.62 -58.99 35.78
C ALA J 79 -40.21 -58.81 37.19
N SER J 80 -39.48 -58.07 38.04
CA SER J 80 -39.89 -57.82 39.42
C SER J 80 -40.73 -56.56 39.55
N LYS J 81 -40.86 -55.82 38.46
CA LYS J 81 -41.64 -54.58 38.45
C LYS J 81 -42.87 -54.71 37.55
N LYS J 82 -44.04 -54.75 38.19
CA LYS J 82 -45.32 -54.84 37.51
C LYS J 82 -46.25 -53.77 38.03
N PRO J 83 -46.75 -52.88 37.15
CA PRO J 83 -46.36 -52.77 35.73
C PRO J 83 -44.98 -52.12 35.58
N LEU J 84 -44.36 -52.32 34.42
CA LEU J 84 -43.01 -51.81 34.20
C LEU J 84 -43.07 -50.29 34.16
N PRO J 85 -42.38 -49.63 35.09
CA PRO J 85 -42.38 -48.17 35.11
C PRO J 85 -41.78 -47.63 33.81
N GLY J 86 -42.42 -46.62 33.24
CA GLY J 86 -41.92 -45.90 32.07
C GLY J 86 -43.08 -45.13 31.48
N GLY J 87 -42.79 -44.32 30.44
CA GLY J 87 -43.83 -43.68 29.59
C GLY J 87 -43.71 -44.07 28.09
N PHE J 88 -44.19 -43.20 27.19
CA PHE J 88 -44.19 -43.49 25.74
C PHE J 88 -43.01 -42.83 24.96
N ASN J 89 -42.23 -41.99 25.65
CA ASN J 89 -41.11 -41.28 25.01
C ASN J 89 -39.97 -42.17 24.50
N ASN J 90 -39.52 -41.92 23.28
CA ASN J 90 -38.33 -42.53 22.74
C ASN J 90 -37.10 -42.30 23.63
N PRO J 91 -36.38 -43.36 23.97
CA PRO J 91 -35.39 -43.19 24.98
C PRO J 91 -33.95 -43.32 24.44
N GLN J 92 -33.80 -43.58 23.13
CA GLN J 92 -32.48 -43.72 22.51
C GLN J 92 -31.67 -42.44 22.69
N VAL J 93 -30.36 -42.59 22.85
CA VAL J 93 -29.43 -41.46 22.77
C VAL J 93 -28.63 -41.52 21.46
N TYR J 94 -28.25 -40.35 20.95
CA TYR J 94 -27.23 -40.23 19.89
C TYR J 94 -25.88 -40.61 20.43
N THR J 95 -24.92 -40.84 19.54
CA THR J 95 -23.59 -41.30 19.96
C THR J 95 -22.90 -40.31 20.88
N SER J 96 -23.25 -39.03 20.73
CA SER J 96 -22.68 -37.96 21.55
C SER J 96 -23.15 -38.00 22.99
N GLY J 97 -24.17 -38.81 23.26
CA GLY J 97 -24.75 -38.86 24.61
C GLY J 97 -26.07 -38.12 24.71
N GLN J 98 -26.30 -37.20 23.77
CA GLN J 98 -27.52 -36.42 23.74
C GLN J 98 -28.74 -37.31 23.49
N LYS J 99 -29.80 -37.08 24.24
CA LYS J 99 -31.06 -37.82 24.06
C LYS J 99 -31.74 -37.51 22.71
N PHE J 100 -32.34 -38.53 22.08
CA PHE J 100 -33.25 -38.32 20.92
C PHE J 100 -34.37 -37.33 21.26
N SER J 101 -34.86 -37.41 22.49
CA SER J 101 -36.19 -36.87 22.84
C SER J 101 -36.36 -36.76 24.33
N PRO J 102 -37.04 -35.71 24.79
CA PRO J 102 -37.51 -34.55 24.01
C PRO J 102 -36.31 -33.70 23.63
N ILE J 103 -36.50 -32.79 22.69
CA ILE J 103 -35.45 -31.84 22.25
C ILE J 103 -36.10 -30.43 22.13
N ASP J 104 -35.38 -29.42 22.57
CA ASP J 104 -35.89 -28.05 22.54
C ASP J 104 -36.21 -27.62 21.10
N ASP J 105 -37.26 -26.84 20.91
CA ASP J 105 -37.66 -26.42 19.58
C ASP J 105 -36.55 -25.51 19.00
N SER J 106 -36.03 -24.63 19.84
CA SER J 106 -34.79 -23.89 19.56
C SER J 106 -33.78 -24.70 18.76
N LEU J 107 -33.38 -25.85 19.30
CA LEU J 107 -32.33 -26.66 18.71
C LEU J 107 -32.79 -27.17 17.38
N LEU J 108 -34.08 -27.53 17.33
CA LEU J 108 -34.67 -28.02 16.10
C LEU J 108 -34.58 -26.99 14.99
N GLN J 109 -34.68 -25.73 15.34
CA GLN J 109 -34.56 -24.69 14.31
C GLN J 109 -33.13 -24.63 13.80
N GLU J 110 -32.17 -24.86 14.70
CA GLU J 110 -30.79 -25.05 14.31
C GLU J 110 -30.61 -26.24 13.39
N ARG J 111 -31.17 -27.37 13.79
CA ARG J 111 -30.86 -28.64 13.17
C ARG J 111 -31.52 -28.75 11.81
N LEU J 112 -32.67 -28.09 11.65
CA LEU J 112 -33.47 -28.31 10.48
C LEU J 112 -33.07 -27.38 9.36
N GLY J 113 -32.21 -26.41 9.69
CA GLY J 113 -31.53 -25.61 8.71
C GLY J 113 -32.32 -24.41 8.23
N THR J 114 -31.71 -23.70 7.30
CA THR J 114 -32.16 -22.41 6.86
C THR J 114 -33.51 -22.47 6.16
N ALA J 115 -33.84 -23.61 5.57
CA ALA J 115 -35.12 -23.80 4.91
C ALA J 115 -36.10 -24.70 5.72
N GLY J 116 -35.75 -24.98 6.98
CA GLY J 116 -36.61 -25.75 7.87
C GLY J 116 -38.03 -25.21 8.04
N PRO J 117 -38.95 -26.06 8.54
CA PRO J 117 -40.34 -25.66 8.76
C PRO J 117 -40.47 -24.39 9.59
N LYS J 118 -41.53 -23.66 9.32
CA LYS J 118 -41.80 -22.36 9.93
C LYS J 118 -42.72 -22.47 11.18
N THR J 119 -43.23 -23.66 11.50
CA THR J 119 -44.14 -23.84 12.65
C THR J 119 -43.51 -24.82 13.62
N ALA J 120 -43.65 -24.58 14.93
CA ALA J 120 -43.05 -25.48 15.87
C ALA J 120 -43.65 -26.89 15.66
N ILE J 121 -44.94 -26.95 15.33
CA ILE J 121 -45.60 -28.26 15.08
C ILE J 121 -44.99 -28.93 13.83
N GLY J 122 -44.72 -28.13 12.80
CA GLY J 122 -44.16 -28.69 11.57
C GLY J 122 -42.79 -29.27 11.85
N ARG J 123 -41.99 -28.52 12.58
CA ARG J 123 -40.66 -28.98 12.98
C ARG J 123 -40.70 -30.29 13.73
N CYS J 124 -41.58 -30.38 14.72
CA CYS J 124 -41.63 -31.58 15.54
C CYS J 124 -42.00 -32.80 14.69
N ALA J 125 -42.90 -32.62 13.73
CA ALA J 125 -43.33 -33.74 12.88
C ALA J 125 -42.23 -34.15 11.95
N LEU J 126 -41.60 -33.16 11.33
CA LEU J 126 -40.45 -33.43 10.52
C LEU J 126 -39.41 -34.16 11.34
N TYR J 127 -39.13 -33.67 12.53
CA TYR J 127 -38.18 -34.38 13.36
C TYR J 127 -38.63 -35.85 13.57
N ALA J 128 -39.87 -36.05 14.03
CA ALA J 128 -40.35 -37.44 14.24
C ALA J 128 -40.21 -38.25 12.92
N TYR J 129 -40.77 -37.71 11.86
CA TYR J 129 -40.66 -38.26 10.51
C TYR J 129 -39.22 -38.63 10.15
N SER J 130 -38.28 -37.74 10.46
CA SER J 130 -36.87 -37.99 10.16
C SER J 130 -36.17 -39.01 11.07
N THR J 131 -36.82 -39.38 12.18
CA THR J 131 -36.19 -40.38 13.07
C THR J 131 -36.21 -41.78 12.48
N ILE J 132 -35.11 -42.50 12.63
CA ILE J 132 -35.03 -43.87 12.17
C ILE J 132 -35.51 -44.77 13.31
N ALA J 133 -36.64 -45.42 13.13
CA ALA J 133 -37.15 -46.32 14.15
C ALA J 133 -36.21 -47.53 14.34
N VAL J 134 -36.04 -47.96 15.58
CA VAL J 134 -35.42 -49.25 15.86
C VAL J 134 -36.50 -50.19 16.38
N ASN J 135 -36.89 -51.18 15.56
CA ASN J 135 -37.89 -52.18 15.99
C ASN J 135 -37.64 -52.63 17.43
N PRO J 136 -38.64 -52.44 18.31
CA PRO J 136 -38.39 -52.57 19.74
C PRO J 136 -37.98 -53.99 20.14
N SER J 137 -38.07 -54.93 19.20
CA SER J 137 -37.82 -56.37 19.48
C SER J 137 -36.63 -56.91 18.67
N THR J 138 -36.82 -57.04 17.35
CA THR J 138 -35.78 -57.56 16.47
C THR J 138 -34.53 -56.68 16.51
N ASN J 139 -34.68 -55.47 17.05
CA ASN J 139 -33.58 -54.52 17.16
C ASN J 139 -33.04 -54.03 15.81
N TYR J 140 -33.83 -54.21 14.76
CA TYR J 140 -33.43 -53.76 13.41
C TYR J 140 -34.06 -52.41 13.05
N THR J 141 -33.33 -51.61 12.30
CA THR J 141 -33.86 -50.35 11.80
C THR J 141 -35.02 -50.60 10.83
N SER J 142 -36.07 -49.81 10.96
CA SER J 142 -37.28 -49.99 10.15
C SER J 142 -37.61 -48.68 9.44
N THR J 143 -38.57 -48.73 8.51
CA THR J 143 -39.19 -47.51 7.95
C THR J 143 -40.35 -46.99 8.82
N TYR J 144 -40.50 -47.55 10.02
CA TYR J 144 -41.67 -47.23 10.86
C TYR J 144 -41.54 -45.78 11.34
N LYS J 145 -42.58 -44.99 11.09
CA LYS J 145 -42.62 -43.58 11.46
C LYS J 145 -43.34 -43.34 12.78
N TYR J 146 -42.57 -42.98 13.80
CA TYR J 146 -43.08 -42.60 15.11
C TYR J 146 -43.98 -41.36 15.09
N PRO J 147 -44.89 -41.24 16.08
CA PRO J 147 -45.66 -40.01 16.26
C PRO J 147 -44.94 -39.02 17.20
N PHE J 148 -45.53 -37.85 17.36
CA PHE J 148 -44.91 -36.81 18.19
C PHE J 148 -45.90 -36.20 19.13
N VAL J 149 -45.36 -35.54 20.13
CA VAL J 149 -46.11 -34.65 20.95
C VAL J 149 -45.25 -33.41 21.10
N TYR J 150 -45.79 -32.29 20.63
CA TYR J 150 -45.28 -30.97 20.93
C TYR J 150 -45.92 -30.40 22.18
N ASP J 151 -45.09 -29.86 23.07
CA ASP J 151 -45.56 -29.11 24.23
C ASP J 151 -45.33 -27.60 24.08
N ALA J 152 -46.39 -26.86 23.80
CA ALA J 152 -46.20 -25.45 23.46
C ALA J 152 -45.82 -24.56 24.66
N VAL J 153 -45.72 -25.13 25.88
CA VAL J 153 -45.38 -24.33 27.06
C VAL J 153 -43.89 -24.45 27.31
N SER J 154 -43.40 -25.70 27.34
CA SER J 154 -41.98 -25.94 27.46
C SER J 154 -41.23 -25.74 26.14
N ARG J 155 -41.97 -25.45 25.06
CA ARG J 155 -41.50 -25.50 23.68
C ARG J 155 -40.53 -26.63 23.40
N LYS J 156 -40.91 -27.84 23.81
CA LYS J 156 -40.10 -29.03 23.54
C LYS J 156 -40.90 -29.95 22.64
N CYS J 157 -40.17 -30.71 21.82
CA CYS J 157 -40.77 -31.64 20.90
C CYS J 157 -40.45 -33.04 21.38
N TYR J 158 -41.46 -33.90 21.45
CA TYR J 158 -41.28 -35.30 21.85
C TYR J 158 -41.51 -36.20 20.68
N VAL J 159 -40.64 -37.19 20.54
CA VAL J 159 -40.83 -38.27 19.58
C VAL J 159 -41.16 -39.54 20.38
N LEU J 160 -42.34 -40.12 20.14
CA LEU J 160 -42.79 -41.31 20.91
C LEU J 160 -42.37 -42.64 20.25
N SER J 161 -41.69 -43.50 21.00
CA SER J 161 -41.47 -44.85 20.50
C SER J 161 -42.61 -45.84 20.79
N VAL J 162 -43.56 -45.43 21.65
CA VAL J 162 -44.78 -46.19 21.92
C VAL J 162 -45.92 -45.52 21.17
N SER J 163 -46.42 -46.18 20.13
CA SER J 163 -47.48 -45.62 19.33
C SER J 163 -48.87 -46.22 19.66
N ALA J 164 -48.90 -47.20 20.55
CA ALA J 164 -50.17 -47.65 21.14
C ALA J 164 -50.85 -46.44 21.80
N GLN J 165 -52.18 -46.41 21.74
CA GLN J 165 -52.92 -45.28 22.26
C GLN J 165 -54.02 -45.74 23.25
N LEU J 166 -54.62 -46.88 22.94
CA LEU J 166 -55.67 -47.43 23.78
C LEU J 166 -55.37 -48.85 24.21
N LEU J 167 -55.28 -49.05 25.53
CA LEU J 167 -55.07 -50.38 26.12
C LEU J 167 -55.99 -50.58 27.33
N LYS J 168 -56.97 -51.47 27.14
CA LYS J 168 -58.15 -51.61 28.01
C LYS J 168 -58.24 -53.09 28.41
N GLY J 169 -58.83 -53.37 29.57
CA GLY J 169 -59.28 -54.73 29.87
C GLY J 169 -58.43 -55.44 30.90
N GLU J 170 -59.09 -55.93 31.96
CA GLU J 170 -58.37 -56.36 33.15
CA GLU J 170 -58.45 -56.40 33.18
C GLU J 170 -57.64 -57.67 32.88
N LYS J 171 -57.91 -58.24 31.72
CA LYS J 171 -57.15 -59.35 31.18
C LYS J 171 -55.76 -58.87 30.72
N TYR J 172 -55.65 -57.61 30.28
CA TYR J 172 -54.48 -57.10 29.52
C TYR J 172 -53.59 -56.08 30.27
N CYS J 173 -54.18 -55.41 31.25
CA CYS J 173 -53.53 -54.26 31.87
C CYS J 173 -54.15 -53.93 33.23
N SER J 174 -53.34 -53.46 34.15
CA SER J 174 -53.84 -53.00 35.44
C SER J 174 -54.22 -51.52 35.44
N VAL J 175 -55.26 -51.20 36.20
CA VAL J 175 -55.56 -49.84 36.62
C VAL J 175 -55.22 -49.67 38.09
N ASN J 176 -54.33 -48.74 38.39
CA ASN J 176 -53.90 -48.49 39.74
C ASN J 176 -53.47 -49.76 40.44
N GLY J 177 -52.96 -50.71 39.67
CA GLY J 177 -52.23 -51.82 40.24
C GLY J 177 -53.10 -53.04 40.51
N THR J 178 -54.27 -53.08 39.89
CA THR J 178 -55.09 -54.27 39.87
C THR J 178 -55.81 -54.48 38.53
N PRO J 179 -55.81 -55.73 38.04
CA PRO J 179 -55.11 -56.91 38.62
C PRO J 179 -53.64 -56.64 38.90
N SER J 180 -53.04 -57.45 39.77
CA SER J 180 -51.79 -57.08 40.47
C SER J 180 -50.46 -57.31 39.73
N GLY J 181 -50.35 -58.39 38.96
CA GLY J 181 -49.03 -58.78 38.42
C GLY J 181 -48.85 -58.61 36.91
N LEU J 182 -49.58 -57.66 36.33
CA LEU J 182 -49.53 -57.44 34.88
C LEU J 182 -48.43 -56.45 34.45
N THR J 183 -47.90 -56.65 33.25
CA THR J 183 -46.73 -55.91 32.78
C THR J 183 -47.07 -54.46 32.40
N TRP J 184 -48.23 -54.26 31.80
CA TRP J 184 -48.68 -52.93 31.35
C TRP J 184 -49.78 -52.34 32.23
N ALA J 185 -49.68 -51.06 32.54
CA ALA J 185 -50.83 -50.34 33.10
C ALA J 185 -51.76 -49.85 31.98
N CYS J 186 -53.05 -49.80 32.25
CA CYS J 186 -54.00 -49.40 31.19
C CYS J 186 -53.82 -47.91 30.83
N PHE J 187 -54.27 -47.54 29.64
CA PHE J 187 -54.15 -46.19 29.20
C PHE J 187 -55.08 -45.92 28.04
N GLU J 188 -55.42 -44.65 27.90
CA GLU J 188 -56.42 -44.23 26.93
C GLU J 188 -56.23 -42.76 26.64
N PRO J 189 -56.58 -42.35 25.43
CA PRO J 189 -56.55 -40.97 24.97
C PRO J 189 -57.54 -40.10 25.75
N VAL J 190 -57.20 -38.83 25.95
CA VAL J 190 -58.10 -37.87 26.53
C VAL J 190 -57.65 -36.45 26.17
N LYS J 191 -58.59 -35.57 25.91
CA LYS J 191 -58.27 -34.13 25.81
C LYS J 191 -57.99 -33.56 27.18
N GLU J 192 -56.94 -32.76 27.28
CA GLU J 192 -56.63 -32.06 28.52
C GLU J 192 -56.41 -30.57 28.32
N LYS J 193 -56.92 -29.78 29.26
CA LYS J 193 -56.64 -28.35 29.28
C LYS J 193 -56.00 -27.98 30.60
N SER J 194 -54.73 -27.61 30.56
CA SER J 194 -53.87 -27.53 31.73
C SER J 194 -52.99 -26.29 31.53
N SER J 195 -52.72 -25.56 32.60
CA SER J 195 -51.86 -24.38 32.47
C SER J 195 -50.41 -24.83 32.32
N ALA J 196 -50.12 -26.02 32.81
CA ALA J 196 -48.76 -26.53 32.93
C ALA J 196 -48.10 -27.00 31.63
N ARG J 197 -48.91 -27.50 30.69
CA ARG J 197 -48.42 -27.90 29.38
C ARG J 197 -49.49 -27.74 28.36
N ALA J 198 -49.11 -27.67 27.11
CA ALA J 198 -50.10 -27.56 26.07
C ALA J 198 -49.76 -28.51 24.95
N LEU J 199 -50.32 -29.71 25.00
CA LEU J 199 -49.85 -30.76 24.12
C LEU J 199 -50.50 -30.75 22.75
N VAL J 200 -49.74 -31.24 21.76
CA VAL J 200 -50.28 -31.54 20.47
C VAL J 200 -49.68 -32.87 20.03
N TYR J 201 -50.58 -33.79 19.71
CA TYR J 201 -50.26 -35.19 19.37
C TYR J 201 -50.48 -35.28 17.87
N GLY J 202 -49.62 -35.99 17.17
CA GLY J 202 -49.77 -36.05 15.72
C GLY J 202 -48.93 -37.19 15.17
N SER J 203 -49.21 -37.58 13.93
CA SER J 203 -48.41 -38.57 13.19
C SER J 203 -47.23 -37.91 12.52
N ALA J 204 -46.22 -38.71 12.22
CA ALA J 204 -45.06 -38.25 11.48
C ALA J 204 -45.49 -37.63 10.17
N PHE J 205 -46.66 -38.03 9.68
CA PHE J 205 -47.05 -37.73 8.30
C PHE J 205 -47.68 -36.38 8.13
N VAL J 206 -47.87 -35.68 9.24
CA VAL J 206 -48.03 -34.22 9.19
C VAL J 206 -46.81 -33.65 8.49
N ALA J 207 -45.68 -34.31 8.66
CA ALA J 207 -44.42 -33.84 8.06
C ALA J 207 -44.36 -33.87 6.51
N GLU J 208 -45.10 -34.77 5.87
CA GLU J 208 -44.95 -34.95 4.42
C GLU J 208 -45.61 -33.81 3.64
N GLY J 209 -45.21 -33.65 2.38
CA GLY J 209 -45.52 -32.41 1.66
C GLY J 209 -44.94 -31.19 2.38
N ASN J 210 -45.82 -30.26 2.74
CA ASN J 210 -45.41 -29.10 3.50
C ASN J 210 -45.76 -29.32 4.95
N PRO J 211 -44.75 -29.38 5.83
CA PRO J 211 -44.93 -29.70 7.24
C PRO J 211 -45.71 -28.63 7.98
N ASP J 212 -45.76 -27.43 7.41
CA ASP J 212 -46.48 -26.29 7.98
C ASP J 212 -47.94 -26.20 7.52
N ALA J 213 -48.32 -27.04 6.58
CA ALA J 213 -49.61 -26.88 5.90
C ALA J 213 -50.82 -26.90 6.88
N TRP J 214 -50.67 -27.60 8.02
CA TRP J 214 -51.76 -27.73 9.01
C TRP J 214 -52.31 -26.37 9.39
N GLN J 215 -51.42 -25.40 9.55
CA GLN J 215 -51.87 -24.11 10.02
C GLN J 215 -53.00 -23.60 9.17
N SER J 216 -52.95 -23.82 7.86
CA SER J 216 -54.08 -23.31 7.05
C SER J 216 -55.02 -24.33 6.45
N ALA J 217 -54.74 -25.61 6.68
CA ALA J 217 -55.56 -26.69 6.15
C ALA J 217 -56.49 -27.30 7.21
N CYS J 218 -56.05 -27.34 8.47
CA CYS J 218 -56.70 -28.15 9.50
C CYS J 218 -57.68 -27.40 10.39
N PRO J 219 -58.58 -28.13 11.08
CA PRO J 219 -59.53 -27.42 11.92
C PRO J 219 -58.95 -27.17 13.33
N ASN J 220 -57.98 -26.29 13.42
CA ASN J 220 -57.15 -26.20 14.61
C ASN J 220 -57.81 -25.58 15.83
N ASP J 221 -58.69 -24.62 15.60
CA ASP J 221 -59.37 -23.98 16.70
C ASP J 221 -60.89 -24.17 16.63
N ALA J 222 -61.50 -24.17 17.80
CA ALA J 222 -62.93 -23.87 17.93
C ALA J 222 -63.30 -22.60 17.17
N VAL J 223 -64.53 -22.52 16.66
CA VAL J 223 -65.03 -21.25 16.12
C VAL J 223 -65.99 -20.60 17.10
N LYS J 224 -65.73 -19.35 17.46
CA LYS J 224 -66.64 -18.64 18.37
C LYS J 224 -67.77 -17.93 17.66
N ASP J 225 -68.90 -17.89 18.36
CA ASP J 225 -70.11 -17.23 17.88
C ASP J 225 -70.53 -17.85 16.55
N ALA J 226 -70.41 -19.17 16.48
CA ALA J 226 -70.93 -19.88 15.33
C ALA J 226 -71.31 -21.32 15.59
N LEU J 227 -72.19 -21.83 14.74
CA LEU J 227 -72.48 -23.24 14.67
C LEU J 227 -72.25 -23.79 13.26
N PHE J 228 -71.74 -25.01 13.21
CA PHE J 228 -71.75 -25.84 12.00
C PHE J 228 -73.16 -26.01 11.45
N GLY J 229 -73.31 -25.86 10.14
CA GLY J 229 -74.60 -26.05 9.51
C GLY J 229 -74.59 -26.63 8.09
N LYS J 230 -75.74 -27.18 7.71
CA LYS J 230 -75.98 -27.63 6.34
C LYS J 230 -76.72 -26.54 5.61
N TRP J 231 -76.23 -26.16 4.44
CA TRP J 231 -76.92 -25.12 3.68
C TRP J 231 -78.15 -25.69 2.98
N GLU J 232 -79.26 -24.98 3.12
CA GLU J 232 -80.52 -25.37 2.49
C GLU J 232 -81.57 -24.27 2.62
N ASP J 233 -82.40 -24.11 1.59
CA ASP J 233 -83.47 -23.14 1.64
C ASP J 233 -82.92 -21.75 1.82
N GLY J 234 -81.82 -21.47 1.14
CA GLY J 234 -81.17 -20.16 1.21
C GLY J 234 -80.71 -19.70 2.60
N GLN J 235 -80.19 -20.61 3.42
CA GLN J 235 -79.66 -20.23 4.75
C GLN J 235 -78.86 -21.35 5.33
N CYS J 236 -77.99 -21.04 6.29
CA CYS J 236 -77.33 -22.10 7.03
C CYS J 236 -78.24 -22.66 8.10
N VAL J 237 -78.40 -23.99 8.12
CA VAL J 237 -79.22 -24.66 9.14
C VAL J 237 -78.32 -25.39 10.18
N PRO J 238 -78.25 -24.87 11.40
CA PRO J 238 -77.39 -25.49 12.40
C PRO J 238 -77.77 -26.96 12.63
N PHE J 239 -76.78 -27.83 12.72
CA PHE J 239 -76.98 -29.14 13.32
C PHE J 239 -77.42 -28.97 14.76
N ASP J 240 -78.30 -29.86 15.20
CA ASP J 240 -78.97 -29.77 16.51
C ASP J 240 -79.66 -31.10 16.87
N THR J 241 -80.31 -31.14 18.04
CA THR J 241 -80.87 -32.38 18.60
C THR J 241 -81.49 -33.31 17.53
N LYS J 242 -82.35 -32.75 16.68
CA LYS J 242 -82.83 -33.44 15.48
C LYS J 242 -81.76 -34.29 14.81
N THR J 243 -80.66 -33.63 14.45
CA THR J 243 -79.79 -34.08 13.36
C THR J 243 -78.50 -34.69 13.93
N SER J 244 -78.55 -35.07 15.20
CA SER J 244 -77.33 -35.26 15.95
C SER J 244 -77.27 -36.61 16.66
N VAL J 245 -76.12 -37.26 16.55
CA VAL J 245 -75.83 -38.58 17.10
C VAL J 245 -75.94 -38.69 18.63
N GLN J 246 -75.70 -37.59 19.31
CA GLN J 246 -76.03 -37.46 20.71
C GLN J 246 -76.11 -35.98 20.97
N SER J 247 -76.85 -35.57 21.99
CA SER J 247 -76.85 -34.17 22.34
C SER J 247 -77.28 -33.88 23.77
N ASP J 248 -76.59 -34.41 24.76
CA ASP J 248 -76.92 -34.13 26.14
C ASP J 248 -76.50 -32.73 26.56
N GLN J 249 -77.08 -32.23 27.64
CA GLN J 249 -76.66 -30.95 28.16
C GLN J 249 -75.20 -30.99 28.64
N ALA J 250 -74.53 -29.85 28.62
CA ALA J 250 -73.18 -29.75 29.17
C ALA J 250 -73.02 -28.49 30.01
N THR J 251 -72.30 -28.62 31.12
CA THR J 251 -72.18 -27.52 32.09
C THR J 251 -71.53 -26.28 31.47
N ASN J 252 -70.57 -26.49 30.57
CA ASN J 252 -69.82 -25.40 29.97
C ASN J 252 -69.10 -25.85 28.71
N LYS J 253 -68.70 -24.88 27.91
CA LYS J 253 -68.13 -25.15 26.62
C LYS J 253 -66.94 -26.11 26.61
N GLU J 254 -66.10 -26.06 27.64
CA GLU J 254 -64.94 -26.92 27.70
C GLU J 254 -65.32 -28.40 27.88
N GLU J 255 -66.41 -28.66 28.61
CA GLU J 255 -66.91 -30.04 28.85
C GLU J 255 -67.31 -30.65 27.51
N CYS J 256 -67.92 -29.82 26.67
CA CYS J 256 -68.27 -30.20 25.33
C CYS J 256 -67.06 -30.52 24.47
N TRP J 257 -66.12 -29.56 24.39
CA TRP J 257 -64.89 -29.79 23.67
C TRP J 257 -64.28 -31.14 24.01
N LYS J 258 -64.11 -31.42 25.29
CA LYS J 258 -63.53 -32.69 25.68
C LYS J 258 -64.41 -33.88 25.23
N ARG J 259 -65.72 -33.68 25.29
CA ARG J 259 -66.69 -34.77 25.11
C ARG J 259 -66.67 -35.27 23.66
N VAL J 260 -66.76 -34.33 22.71
CA VAL J 260 -66.71 -34.72 21.28
C VAL J 260 -65.50 -35.62 20.99
N PHE J 261 -64.38 -35.32 21.60
CA PHE J 261 -63.18 -36.13 21.38
C PHE J 261 -63.30 -37.56 21.89
N ALA J 262 -63.97 -37.72 23.04
CA ALA J 262 -64.00 -39.01 23.77
C ALA J 262 -65.27 -39.83 23.49
N ASN J 263 -66.15 -39.29 22.66
CA ASN J 263 -67.45 -39.89 22.46
C ASN J 263 -67.35 -41.17 21.62
N PRO J 264 -68.19 -42.19 21.95
CA PRO J 264 -67.97 -43.57 21.47
C PRO J 264 -68.13 -43.71 19.93
N LEU J 265 -68.65 -42.69 19.27
CA LEU J 265 -68.80 -42.69 17.83
C LEU J 265 -67.81 -41.81 17.02
N VAL J 266 -66.83 -41.20 17.68
CA VAL J 266 -65.80 -40.38 16.98
C VAL J 266 -64.98 -41.28 16.02
N ALA J 267 -64.48 -40.71 14.92
CA ALA J 267 -63.48 -41.41 14.14
C ALA J 267 -62.44 -42.01 15.10
N SER J 268 -62.34 -43.34 15.11
CA SER J 268 -61.22 -44.01 15.76
C SER J 268 -60.79 -45.27 15.00
N ASP J 269 -59.66 -45.85 15.38
CA ASP J 269 -59.12 -47.01 14.67
C ASP J 269 -58.78 -48.12 15.65
N ALA J 270 -59.26 -47.99 16.89
CA ALA J 270 -59.13 -49.08 17.84
C ALA J 270 -60.03 -50.26 17.45
N PRO J 271 -59.53 -51.48 17.66
CA PRO J 271 -60.29 -52.71 17.37
C PRO J 271 -61.45 -52.94 18.35
N THR J 272 -62.41 -53.80 17.97
CA THR J 272 -63.33 -54.40 18.95
C THR J 272 -63.07 -55.90 19.10
N THR J 273 -62.35 -56.26 20.16
CA THR J 273 -62.11 -57.66 20.52
C THR J 273 -62.37 -57.85 22.02
N ALA J 277 -56.88 -62.66 23.17
CA ALA J 277 -55.50 -62.97 22.82
C ALA J 277 -54.61 -63.06 24.04
N ALA J 278 -53.30 -63.08 23.79
CA ALA J 278 -52.28 -63.24 24.82
C ALA J 278 -52.04 -61.93 25.54
N GLN J 279 -51.22 -61.96 26.59
CA GLN J 279 -50.84 -60.74 27.29
C GLN J 279 -49.81 -59.95 26.49
N LYS J 280 -49.44 -58.78 27.00
CA LYS J 280 -48.49 -57.90 26.31
C LYS J 280 -47.08 -58.06 26.88
N ASN J 281 -46.10 -58.23 26.00
CA ASN J 281 -44.70 -58.17 26.39
C ASN J 281 -44.27 -56.74 26.73
N TRP J 282 -43.28 -56.62 27.60
CA TRP J 282 -42.78 -55.30 28.00
C TRP J 282 -42.48 -54.39 26.81
N ASN J 283 -42.07 -54.98 25.68
CA ASN J 283 -41.59 -54.20 24.56
C ASN J 283 -42.53 -54.15 23.33
N ASP J 284 -43.81 -54.46 23.54
CA ASP J 284 -44.83 -54.31 22.47
C ASP J 284 -45.22 -52.84 22.34
N PHE J 285 -44.33 -52.04 21.77
CA PHE J 285 -44.55 -50.61 21.59
C PHE J 285 -45.50 -50.31 20.44
N TRP J 286 -45.41 -51.09 19.39
CA TRP J 286 -46.29 -50.87 18.25
C TRP J 286 -47.34 -51.94 18.20
N PRO J 287 -48.62 -51.54 18.10
CA PRO J 287 -49.75 -52.39 17.75
C PRO J 287 -49.48 -53.17 16.46
N VAL J 288 -49.78 -54.48 16.49
CA VAL J 288 -49.66 -55.31 15.30
C VAL J 288 -50.85 -55.12 14.36
N HIS J 289 -50.55 -54.98 13.06
CA HIS J 289 -51.58 -54.86 12.02
C HIS J 289 -52.15 -56.24 11.67
N GLU J 290 -53.47 -56.31 11.51
CA GLU J 290 -54.12 -57.50 10.97
C GLU J 290 -55.13 -57.08 9.91
N GLN J 291 -55.70 -58.06 9.22
CA GLN J 291 -56.72 -57.78 8.21
C GLN J 291 -58.00 -57.22 8.85
N SER J 292 -58.20 -57.54 10.13
CA SER J 292 -59.39 -57.10 10.85
C SER J 292 -59.27 -55.70 11.47
N SER J 293 -58.09 -55.08 11.35
CA SER J 293 -57.82 -53.73 11.91
C SER J 293 -58.68 -52.67 11.22
N PRO J 294 -59.56 -52.00 12.00
CA PRO J 294 -60.47 -51.03 11.43
C PRO J 294 -59.75 -49.72 11.13
N LYS J 295 -60.01 -49.16 9.95
CA LYS J 295 -59.50 -47.86 9.57
C LYS J 295 -60.66 -46.88 9.38
N SER J 296 -60.94 -46.08 10.40
CA SER J 296 -62.00 -45.08 10.34
C SER J 296 -61.91 -44.31 9.04
N GLY J 297 -60.68 -43.99 8.62
CA GLY J 297 -60.47 -43.08 7.48
C GLY J 297 -60.91 -41.67 7.76
N GLY J 298 -61.15 -41.36 9.04
CA GLY J 298 -61.56 -40.02 9.41
C GLY J 298 -63.06 -39.82 9.48
N PHE J 299 -63.81 -40.91 9.44
CA PHE J 299 -65.27 -40.79 9.44
C PHE J 299 -65.80 -41.09 10.84
N GLY J 300 -66.70 -40.24 11.34
CA GLY J 300 -67.22 -40.37 12.69
C GLY J 300 -68.06 -39.19 13.15
N ALA J 301 -68.58 -39.28 14.37
CA ALA J 301 -69.12 -38.12 15.04
C ALA J 301 -67.95 -37.28 15.56
N ASN J 302 -67.39 -36.44 14.67
CA ASN J 302 -66.20 -35.65 14.99
C ASN J 302 -66.51 -34.18 15.32
N TRP J 303 -67.72 -33.73 15.01
CA TRP J 303 -68.09 -32.33 15.21
C TRP J 303 -69.06 -32.15 16.38
N ALA J 304 -68.96 -31.02 17.09
CA ALA J 304 -69.90 -30.69 18.15
C ALA J 304 -70.37 -29.25 18.09
N ASN J 305 -71.67 -29.04 18.14
CA ASN J 305 -72.21 -27.68 18.29
C ASN J 305 -72.57 -27.43 19.74
N PHE J 306 -72.09 -26.31 20.27
CA PHE J 306 -72.36 -25.97 21.64
C PHE J 306 -73.17 -24.69 21.68
N TYR J 307 -74.35 -24.77 22.28
CA TYR J 307 -75.25 -23.62 22.20
C TYR J 307 -76.30 -23.59 23.31
N LEU J 308 -76.91 -22.42 23.49
CA LEU J 308 -77.95 -22.26 24.48
C LEU J 308 -79.27 -22.57 23.82
N GLU J 309 -79.92 -23.65 24.25
CA GLU J 309 -81.14 -24.11 23.59
C GLU J 309 -82.31 -23.27 24.03
N LYS J 310 -82.77 -22.40 23.12
CA LYS J 310 -83.43 -21.18 23.52
C LYS J 310 -84.70 -21.44 24.33
N GLU J 311 -85.45 -22.46 23.93
CA GLU J 311 -86.69 -22.80 24.61
C GLU J 311 -86.46 -23.51 25.96
N SER J 312 -85.33 -24.22 26.07
CA SER J 312 -85.02 -25.01 27.27
C SER J 312 -84.14 -24.28 28.29
N GLY J 313 -83.40 -23.27 27.80
CA GLY J 313 -82.45 -22.55 28.65
C GLY J 313 -81.33 -23.42 29.19
N GLU J 314 -81.08 -24.55 28.54
CA GLU J 314 -79.96 -25.43 28.90
C GLU J 314 -78.89 -25.33 27.80
N THR J 315 -77.60 -25.34 28.19
CA THR J 315 -76.54 -25.40 27.18
C THR J 315 -76.33 -26.81 26.69
N ILE J 316 -76.49 -26.99 25.38
CA ILE J 316 -76.48 -28.32 24.77
C ILE J 316 -75.18 -28.57 23.99
N CYS J 317 -74.55 -29.72 24.25
CA CYS J 317 -73.46 -30.23 23.38
C CYS J 317 -73.97 -31.22 22.32
N ALA J 318 -74.21 -30.70 21.11
CA ALA J 318 -74.78 -31.48 20.00
C ALA J 318 -73.71 -32.08 19.09
N ILE J 319 -73.29 -33.29 19.40
CA ILE J 319 -72.30 -34.01 18.60
C ILE J 319 -72.91 -34.66 17.36
N PHE J 320 -72.31 -34.41 16.19
CA PHE J 320 -72.82 -34.99 14.93
C PHE J 320 -71.77 -35.60 13.98
N ASP J 321 -72.23 -36.24 12.91
CA ASP J 321 -71.34 -37.04 12.09
C ASP J 321 -71.41 -36.72 10.61
N GLN J 322 -72.07 -35.62 10.28
CA GLN J 322 -72.10 -35.12 8.92
C GLN J 322 -70.99 -34.10 8.69
N VAL J 323 -70.57 -33.93 7.44
CA VAL J 323 -69.63 -32.90 7.11
C VAL J 323 -70.33 -31.58 6.84
N PRO J 324 -70.04 -30.55 7.66
CA PRO J 324 -70.69 -29.25 7.58
C PRO J 324 -70.29 -28.54 6.29
N ASP J 325 -71.19 -27.76 5.71
CA ASP J 325 -70.83 -26.95 4.56
C ASP J 325 -71.13 -25.50 4.74
N CYS J 326 -71.50 -25.09 5.95
CA CYS J 326 -71.65 -23.63 6.24
C CYS J 326 -71.57 -23.35 7.73
N PHE J 327 -71.59 -22.06 8.08
CA PHE J 327 -71.63 -21.66 9.50
C PHE J 327 -72.82 -20.75 9.76
N ALA J 328 -73.42 -20.94 10.93
CA ALA J 328 -74.47 -20.01 11.35
C ALA J 328 -73.92 -19.12 12.43
N PRO J 329 -73.85 -17.80 12.16
CA PRO J 329 -73.40 -16.83 13.12
C PRO J 329 -74.43 -16.63 14.21
N ILE J 330 -74.14 -17.20 15.37
CA ILE J 330 -75.00 -17.11 16.52
C ILE J 330 -74.16 -16.76 17.71
N THR J 331 -74.36 -15.55 18.21
CA THR J 331 -73.69 -15.05 19.41
C THR J 331 -73.82 -16.01 20.57
N GLY J 332 -72.69 -16.31 21.21
CA GLY J 332 -72.72 -17.18 22.37
C GLY J 332 -72.41 -18.62 22.05
N ALA J 333 -72.70 -19.06 20.82
CA ALA J 333 -72.41 -20.47 20.44
C ALA J 333 -70.93 -20.71 20.13
N VAL J 334 -70.47 -21.96 20.31
CA VAL J 334 -69.16 -22.39 19.84
C VAL J 334 -69.24 -23.66 18.99
N ALA J 335 -68.36 -23.78 18.00
CA ALA J 335 -68.32 -24.98 17.16
C ALA J 335 -66.98 -25.66 17.31
N TYR J 336 -67.00 -26.92 17.72
CA TYR J 336 -65.78 -27.64 18.11
C TYR J 336 -65.59 -28.84 17.21
N THR J 337 -64.38 -29.42 17.25
CA THR J 337 -64.16 -30.73 16.67
C THR J 337 -63.22 -31.52 17.54
N ALA J 338 -63.13 -32.80 17.23
CA ALA J 338 -62.33 -33.68 18.05
C ALA J 338 -60.86 -33.46 17.81
N LEU J 339 -60.51 -32.88 16.63
CA LEU J 339 -59.09 -32.57 16.30
C LEU J 339 -58.60 -31.30 16.97
N GLY J 340 -59.41 -30.26 16.88
CA GLY J 340 -58.97 -28.93 17.23
C GLY J 340 -58.84 -28.70 18.72
N SER J 341 -58.63 -27.43 19.08
CA SER J 341 -58.23 -27.02 20.43
C SER J 341 -59.43 -26.27 20.99
N SER J 342 -59.43 -25.88 22.26
CA SER J 342 -60.52 -25.05 22.77
C SER J 342 -60.35 -23.55 22.53
N THR J 343 -59.16 -23.13 22.10
CA THR J 343 -58.94 -21.74 21.80
C THR J 343 -59.84 -21.35 20.65
N GLU J 344 -60.38 -20.14 20.66
CA GLU J 344 -61.38 -19.76 19.64
C GLU J 344 -60.93 -18.71 18.64
N VAL J 345 -61.33 -18.95 17.39
CA VAL J 345 -61.16 -18.05 16.31
C VAL J 345 -62.51 -17.52 15.77
N ASN J 346 -62.54 -16.31 15.23
CA ASN J 346 -63.75 -15.82 14.56
C ASN J 346 -63.91 -16.40 13.16
N LEU J 347 -65.09 -16.19 12.58
CA LEU J 347 -65.32 -16.51 11.19
C LEU J 347 -64.52 -15.56 10.35
N PRO J 348 -64.23 -15.94 9.11
CA PRO J 348 -63.50 -14.92 8.37
C PRO J 348 -64.40 -13.69 8.20
N GLN J 349 -63.79 -12.52 8.11
CA GLN J 349 -64.52 -11.32 7.75
C GLN J 349 -65.04 -11.42 6.33
N CYS J 350 -65.99 -10.55 6.00
CA CYS J 350 -66.50 -10.45 4.62
C CYS J 350 -66.46 -9.01 4.22
N ASP J 351 -66.77 -8.76 2.95
CA ASP J 351 -66.63 -7.43 2.37
C ASP J 351 -68.03 -6.86 2.12
N SER J 352 -68.44 -5.92 2.98
CA SER J 352 -69.77 -5.33 2.90
C SER J 352 -70.04 -4.81 1.49
N ALA J 353 -69.27 -3.81 1.06
CA ALA J 353 -69.56 -3.13 -0.19
C ALA J 353 -69.73 -4.05 -1.42
N SER J 354 -69.31 -5.31 -1.31
CA SER J 354 -69.35 -6.26 -2.46
C SER J 354 -70.23 -7.50 -2.25
N PHE J 355 -70.69 -7.72 -1.02
CA PHE J 355 -71.38 -8.97 -0.67
C PHE J 355 -72.86 -8.92 -1.04
N ILE J 356 -73.34 -9.98 -1.64
CA ILE J 356 -74.75 -10.03 -2.02
C ILE J 356 -75.59 -10.67 -0.92
N PRO J 357 -76.49 -9.87 -0.30
CA PRO J 357 -77.45 -10.41 0.67
C PRO J 357 -78.27 -11.55 0.09
N ILE J 358 -78.39 -12.63 0.84
CA ILE J 358 -79.16 -13.80 0.44
C ILE J 358 -80.40 -13.89 1.30
N GLU J 359 -81.57 -13.74 0.68
CA GLU J 359 -82.84 -13.85 1.36
C GLU J 359 -83.39 -15.26 1.31
N GLY J 360 -83.69 -15.81 2.48
CA GLY J 360 -84.43 -17.07 2.56
C GLY J 360 -85.92 -16.88 2.24
N PRO J 361 -86.64 -17.98 2.13
CA PRO J 361 -88.04 -17.90 1.75
C PRO J 361 -88.89 -17.32 2.90
N CYS J 362 -89.97 -16.63 2.55
CA CYS J 362 -90.82 -15.95 3.54
C CYS J 362 -91.86 -16.88 4.15
N ASN J 363 -91.51 -17.49 5.27
CA ASN J 363 -92.40 -18.42 5.98
C ASN J 363 -93.04 -17.76 7.18
N ASN J 364 -94.37 -17.70 7.18
CA ASN J 364 -95.09 -17.14 8.32
C ASN J 364 -94.67 -15.70 8.63
N CYS J 365 -94.31 -14.94 7.60
CA CYS J 365 -93.95 -13.53 7.74
C CYS J 365 -92.56 -13.27 8.30
N VAL J 366 -91.79 -14.34 8.45
CA VAL J 366 -90.41 -14.23 8.87
C VAL J 366 -89.50 -14.97 7.91
N GLN J 367 -88.44 -14.30 7.47
CA GLN J 367 -87.43 -14.91 6.60
C GLN J 367 -86.02 -14.68 7.13
N VAL J 368 -85.15 -15.67 6.90
CA VAL J 368 -83.78 -15.57 7.33
C VAL J 368 -82.94 -14.95 6.25
N VAL J 369 -82.27 -13.86 6.60
CA VAL J 369 -81.41 -13.15 5.70
C VAL J 369 -79.94 -13.32 6.09
N THR J 370 -79.10 -13.66 5.14
CA THR J 370 -77.68 -13.72 5.38
C THR J 370 -77.00 -12.49 4.77
N GLU J 371 -76.41 -11.64 5.63
CA GLU J 371 -75.72 -10.45 5.11
C GLU J 371 -74.37 -10.12 5.73
N CYS J 372 -73.75 -9.04 5.24
CA CYS J 372 -72.44 -8.60 5.71
C CYS J 372 -72.53 -7.20 6.31
N VAL J 373 -72.58 -7.13 7.63
CA VAL J 373 -72.74 -5.85 8.32
C VAL J 373 -71.42 -5.44 8.95
N GLY J 374 -70.96 -4.23 8.59
CA GLY J 374 -69.65 -3.75 9.02
C GLY J 374 -68.59 -4.81 8.86
N ASN J 375 -68.70 -5.56 7.75
CA ASN J 375 -67.73 -6.59 7.41
C ASN J 375 -67.69 -7.78 8.35
N GLN J 376 -68.84 -8.08 8.95
CA GLN J 376 -68.98 -9.32 9.68
C GLN J 376 -70.18 -10.11 9.14
N PHE J 377 -69.96 -11.40 8.97
CA PHE J 377 -71.00 -12.31 8.58
C PHE J 377 -72.12 -12.28 9.61
N ASP J 378 -73.35 -12.28 9.14
CA ASP J 378 -74.50 -12.11 10.01
C ASP J 378 -75.70 -12.83 9.44
N GLN J 379 -76.47 -13.47 10.29
CA GLN J 379 -77.65 -14.18 9.86
C GLN J 379 -78.82 -13.88 10.77
N THR J 380 -79.80 -13.12 10.27
CA THR J 380 -80.89 -12.67 11.13
C THR J 380 -82.27 -13.01 10.56
N SER J 381 -83.27 -12.95 11.43
CA SER J 381 -84.66 -12.97 10.98
C SER J 381 -85.28 -11.59 10.75
N LYS J 382 -85.91 -11.45 9.58
CA LYS J 382 -86.51 -10.20 9.15
C LYS J 382 -88.02 -10.40 8.99
N ALA J 383 -88.80 -9.37 9.34
CA ALA J 383 -90.25 -9.38 9.02
C ALA J 383 -90.44 -9.21 7.51
N CYS J 384 -91.22 -10.10 6.90
CA CYS J 384 -91.44 -10.04 5.44
C CYS J 384 -92.88 -9.80 5.01
N CYS J 385 -93.68 -9.18 5.87
CA CYS J 385 -95.05 -8.81 5.52
C CYS J 385 -95.33 -7.34 5.88
N THR J 386 -94.30 -6.48 5.79
CA THR J 386 -94.42 -5.08 6.23
C THR J 386 -95.62 -4.36 5.57
N GLY K 5 54.87 -15.95 45.73
CA GLY K 5 55.88 -16.76 44.98
C GLY K 5 55.20 -17.80 44.09
N GLN K 6 55.70 -17.95 42.88
CA GLN K 6 55.04 -18.83 41.91
C GLN K 6 55.98 -19.63 41.01
N ASN K 7 55.37 -20.58 40.29
CA ASN K 7 56.06 -21.75 39.80
C ASN K 7 57.13 -21.47 38.76
N PRO K 8 58.38 -21.74 39.10
CA PRO K 8 59.46 -21.54 38.16
C PRO K 8 59.24 -22.40 36.92
N TRP K 9 58.53 -23.50 37.08
CA TRP K 9 58.37 -24.46 35.99
C TRP K 9 57.39 -23.98 34.91
N ALA K 10 56.65 -22.90 35.22
CA ALA K 10 55.81 -22.20 34.24
C ALA K 10 56.31 -20.78 33.87
N THR K 11 57.12 -20.17 34.73
CA THR K 11 57.61 -18.80 34.51
C THR K 11 58.64 -18.69 33.38
N THR K 12 59.57 -19.62 33.35
CA THR K 12 60.82 -19.40 32.66
C THR K 12 60.95 -20.36 31.47
N THR K 13 61.11 -19.81 30.27
CA THR K 13 61.23 -20.65 29.06
C THR K 13 62.10 -21.89 29.27
N ALA K 14 63.23 -21.73 29.95
CA ALA K 14 64.16 -22.84 30.16
C ALA K 14 63.56 -23.98 30.97
N PHE K 15 62.74 -23.64 31.96
CA PHE K 15 62.17 -24.67 32.85
C PHE K 15 60.76 -25.09 32.47
N ALA K 16 60.09 -24.27 31.67
CA ALA K 16 58.73 -24.59 31.24
C ALA K 16 58.84 -25.50 30.05
N ASP K 17 59.86 -25.27 29.24
CA ASP K 17 60.13 -26.09 28.08
C ASP K 17 60.59 -27.50 28.46
N PHE K 18 61.18 -27.64 29.64
CA PHE K 18 61.58 -28.95 30.15
C PHE K 18 60.33 -29.66 30.61
N MET K 19 59.55 -28.97 31.43
CA MET K 19 58.36 -29.52 32.06
C MET K 19 57.25 -30.03 31.11
N LYS K 20 56.92 -29.22 30.10
CA LYS K 20 55.84 -29.55 29.18
C LYS K 20 56.08 -30.95 28.62
N ARG K 21 57.35 -31.32 28.54
CA ARG K 21 57.76 -32.64 28.03
C ARG K 21 57.02 -33.80 28.67
N PHE K 22 56.50 -33.56 29.87
CA PHE K 22 55.94 -34.59 30.72
C PHE K 22 54.42 -34.48 30.82
N ASN K 23 53.83 -33.59 30.04
CA ASN K 23 52.39 -33.62 29.83
C ASN K 23 52.03 -34.62 28.73
N ILE K 24 51.80 -35.86 29.14
CA ILE K 24 51.82 -36.95 28.18
C ILE K 24 50.59 -36.98 27.25
N PRO K 25 49.44 -36.67 27.80
CA PRO K 25 48.25 -36.50 26.93
C PRO K 25 48.51 -35.52 25.80
N GLN K 26 49.14 -34.40 26.13
CA GLN K 26 49.31 -33.31 25.19
C GLN K 26 50.40 -33.64 24.21
N VAL K 27 51.50 -34.19 24.72
CA VAL K 27 52.67 -34.28 23.88
C VAL K 27 52.67 -35.57 23.12
N HIS K 28 52.04 -36.59 23.70
CA HIS K 28 52.06 -37.94 23.13
C HIS K 28 50.78 -38.25 22.37
N GLY K 29 49.66 -37.95 23.03
CA GLY K 29 48.40 -37.88 22.35
C GLY K 29 47.73 -39.23 22.26
N SER K 30 48.45 -40.29 22.66
CA SER K 30 47.94 -41.64 22.45
C SER K 30 48.20 -42.63 23.59
N GLY K 31 48.03 -43.91 23.29
CA GLY K 31 48.36 -44.96 24.22
C GLY K 31 49.84 -45.22 24.21
N ILE K 32 50.37 -45.66 25.33
CA ILE K 32 51.78 -45.95 25.46
C ILE K 32 52.00 -47.45 25.49
N PHE K 33 51.33 -48.15 26.41
CA PHE K 33 51.45 -49.65 26.51
C PHE K 33 50.97 -50.31 25.23
N VAL K 34 49.71 -50.06 24.87
CA VAL K 34 49.22 -50.28 23.49
C VAL K 34 48.77 -48.95 22.80
N ASP K 35 49.38 -48.67 21.65
CA ASP K 35 49.18 -47.40 20.93
C ASP K 35 48.38 -47.71 19.70
N LEU K 36 47.08 -47.47 19.76
CA LEU K 36 46.25 -47.60 18.57
C LEU K 36 45.26 -46.44 18.54
N GLY K 37 45.79 -45.24 18.68
CA GLY K 37 44.98 -44.06 18.91
C GLY K 37 44.44 -43.46 17.61
N ARG K 38 44.90 -43.97 16.46
CA ARG K 38 44.34 -43.56 15.16
C ARG K 38 43.63 -44.67 14.38
N ASP K 39 42.44 -44.36 13.88
CA ASP K 39 41.75 -45.22 12.91
C ASP K 39 41.90 -44.72 11.45
N THR K 40 42.08 -45.64 10.52
CA THR K 40 42.40 -45.29 9.16
C THR K 40 41.97 -46.42 8.24
N GLU K 41 40.95 -46.14 7.42
CA GLU K 41 40.40 -47.13 6.49
C GLU K 41 39.80 -48.34 7.20
N GLY K 42 39.28 -48.12 8.40
CA GLY K 42 38.71 -49.18 9.19
C GLY K 42 39.68 -49.98 10.04
N TYR K 43 40.99 -49.74 9.87
CA TYR K 43 42.04 -50.42 10.68
C TYR K 43 42.62 -49.54 11.80
N ARG K 44 43.08 -50.15 12.90
CA ARG K 44 43.65 -49.33 13.98
C ARG K 44 45.10 -49.05 13.69
N GLU K 45 45.49 -47.78 13.83
CA GLU K 45 46.79 -47.29 13.33
C GLU K 45 47.57 -46.71 14.51
N VAL K 46 48.84 -47.07 14.64
CA VAL K 46 49.66 -46.53 15.71
C VAL K 46 49.86 -45.06 15.39
N GLY K 47 49.54 -44.19 16.34
CA GLY K 47 49.59 -42.77 16.06
C GLY K 47 50.08 -41.84 17.16
N GLY K 48 50.68 -42.39 18.23
CA GLY K 48 51.19 -41.55 19.31
C GLY K 48 52.37 -40.68 18.85
N LYS K 49 52.53 -39.52 19.47
CA LYS K 49 53.58 -38.59 19.05
C LYS K 49 55.00 -38.88 19.56
N CYS K 50 55.13 -39.45 20.75
CA CYS K 50 56.46 -39.71 21.33
C CYS K 50 57.00 -41.08 21.01
N PRO K 51 58.32 -41.18 20.87
CA PRO K 51 58.94 -42.48 20.75
C PRO K 51 59.00 -43.14 22.13
N VAL K 52 58.83 -44.46 22.17
CA VAL K 52 58.65 -45.17 23.44
C VAL K 52 59.87 -46.02 23.67
N PHE K 53 60.71 -45.60 24.60
CA PHE K 53 62.08 -46.13 24.70
C PHE K 53 62.09 -47.46 25.44
N GLY K 54 62.78 -48.45 24.86
CA GLY K 54 62.89 -49.74 25.52
C GLY K 54 61.68 -50.66 25.30
N LYS K 55 60.62 -50.16 24.64
CA LYS K 55 59.46 -51.02 24.29
C LYS K 55 59.82 -52.11 23.27
N ALA K 56 59.69 -53.36 23.67
CA ALA K 56 59.74 -54.46 22.75
C ALA K 56 58.38 -55.18 22.79
N ILE K 57 58.17 -56.07 21.85
CA ILE K 57 56.99 -56.91 21.89
C ILE K 57 57.52 -58.30 22.20
N GLN K 58 57.17 -58.78 23.38
CA GLN K 58 57.52 -60.13 23.77
C GLN K 58 56.55 -61.16 23.21
N MET K 59 57.09 -62.17 22.52
CA MET K 59 56.28 -63.17 21.84
C MET K 59 56.37 -64.51 22.56
N HIS K 60 55.49 -65.45 22.22
CA HIS K 60 55.42 -66.70 22.96
C HIS K 60 55.30 -67.90 22.05
N GLN K 61 56.18 -67.97 21.06
CA GLN K 61 56.17 -69.09 20.12
C GLN K 61 56.82 -70.32 20.76
N PRO K 62 56.61 -71.50 20.20
CA PRO K 62 57.31 -72.62 20.86
C PRO K 62 58.82 -72.36 20.89
N ALA K 63 59.52 -73.03 21.79
CA ALA K 63 60.95 -72.76 22.04
C ALA K 63 61.87 -73.07 20.87
N GLU K 64 61.44 -73.97 19.98
CA GLU K 64 62.18 -74.21 18.74
C GLU K 64 62.17 -72.99 17.81
N TYR K 65 61.14 -72.15 17.93
CA TYR K 65 61.00 -70.99 17.10
C TYR K 65 62.01 -69.89 17.43
N SER K 66 62.15 -68.98 16.48
CA SER K 66 63.01 -67.83 16.61
C SER K 66 62.51 -66.89 17.71
N ASN K 67 61.22 -66.54 17.66
CA ASN K 67 60.54 -65.85 18.77
C ASN K 67 61.02 -64.43 18.97
N ASN K 68 61.58 -63.89 17.90
CA ASN K 68 62.00 -62.53 17.86
C ASN K 68 61.06 -61.67 17.02
N PHE K 69 60.37 -60.74 17.65
CA PHE K 69 59.48 -59.81 16.94
C PHE K 69 60.06 -58.96 15.79
N LEU K 70 61.39 -58.88 15.69
CA LEU K 70 62.02 -58.05 14.66
C LEU K 70 62.32 -58.82 13.38
N ASP K 71 62.00 -60.11 13.38
CA ASP K 71 62.06 -60.94 12.17
C ASP K 71 60.94 -60.60 11.22
N ASP K 72 61.11 -61.04 9.98
CA ASP K 72 60.14 -60.83 8.93
C ASP K 72 58.81 -61.51 9.22
N ALA K 73 57.77 -60.71 9.21
CA ALA K 73 56.44 -61.20 9.04
C ALA K 73 56.38 -62.22 7.93
N PRO K 74 55.44 -63.17 8.06
CA PRO K 74 55.24 -64.19 7.03
C PRO K 74 54.79 -63.60 5.70
N THR K 75 55.12 -64.28 4.61
CA THR K 75 54.87 -63.74 3.29
C THR K 75 53.70 -64.44 2.60
N SER K 76 53.62 -65.75 2.77
CA SER K 76 52.43 -66.52 2.48
C SER K 76 52.10 -67.28 3.77
N ASN K 77 50.91 -67.88 3.82
CA ASN K 77 50.55 -68.81 4.88
C ASN K 77 51.18 -70.16 4.65
N ASP K 78 51.41 -70.88 5.74
CA ASP K 78 51.69 -72.32 5.67
C ASP K 78 50.80 -73.03 6.69
N ALA K 79 49.78 -73.71 6.17
CA ALA K 79 48.84 -74.45 7.01
C ALA K 79 49.50 -75.55 7.86
N SER K 80 50.61 -76.12 7.38
CA SER K 80 51.32 -77.18 8.11
C SER K 80 52.09 -76.67 9.35
N LYS K 81 52.24 -75.35 9.46
CA LYS K 81 52.85 -74.75 10.68
C LYS K 81 51.90 -73.89 11.54
N LYS K 82 51.80 -74.27 12.81
CA LYS K 82 51.05 -73.52 13.80
C LYS K 82 51.84 -73.50 15.09
N PRO K 83 52.07 -72.30 15.66
CA PRO K 83 51.71 -71.02 15.05
C PRO K 83 52.58 -70.75 13.82
N LEU K 84 52.20 -69.81 12.97
CA LEU K 84 53.03 -69.49 11.78
C LEU K 84 54.32 -68.75 12.22
N PRO K 85 55.47 -69.16 11.66
CA PRO K 85 56.74 -68.56 12.09
C PRO K 85 56.85 -67.10 11.63
N GLY K 86 57.82 -66.36 12.14
CA GLY K 86 58.08 -64.99 11.72
C GLY K 86 57.89 -63.97 12.81
N GLY K 87 58.19 -62.73 12.50
CA GLY K 87 58.05 -61.64 13.46
C GLY K 87 57.10 -60.57 12.94
N PHE K 88 57.28 -59.32 13.41
CA PHE K 88 56.44 -58.20 12.99
C PHE K 88 57.05 -57.38 11.83
N ASN K 89 58.27 -57.70 11.40
CA ASN K 89 59.00 -56.87 10.44
C ASN K 89 58.42 -56.86 9.00
N ASN K 90 58.39 -55.71 8.35
CA ASN K 90 57.93 -55.64 6.95
C ASN K 90 58.90 -56.31 6.04
N PRO K 91 58.46 -57.35 5.34
CA PRO K 91 59.34 -58.21 4.60
C PRO K 91 59.30 -57.92 3.11
N GLN K 92 58.57 -56.87 2.69
CA GLN K 92 58.56 -56.48 1.25
C GLN K 92 60.01 -56.19 0.81
N VAL K 93 60.41 -56.71 -0.35
CA VAL K 93 61.60 -56.18 -1.06
C VAL K 93 61.22 -55.07 -2.06
N TYR K 94 62.12 -54.11 -2.28
CA TYR K 94 61.95 -53.15 -3.39
C TYR K 94 62.08 -53.82 -4.72
N THR K 95 61.67 -53.12 -5.78
CA THR K 95 61.85 -53.58 -7.17
C THR K 95 63.32 -53.94 -7.44
N SER K 96 64.23 -53.11 -6.89
CA SER K 96 65.68 -53.27 -7.06
C SER K 96 66.24 -54.56 -6.47
N GLY K 97 65.63 -55.01 -5.37
CA GLY K 97 66.08 -56.24 -4.71
C GLY K 97 66.55 -56.01 -3.30
N GLN K 98 66.53 -54.76 -2.83
CA GLN K 98 66.75 -54.48 -1.44
C GLN K 98 65.47 -54.62 -0.65
N LYS K 99 65.59 -55.13 0.57
CA LYS K 99 64.48 -55.30 1.51
C LYS K 99 63.99 -53.93 1.95
N PHE K 100 62.69 -53.81 2.26
CA PHE K 100 62.19 -52.59 2.92
C PHE K 100 62.82 -52.43 4.32
N SER K 101 63.11 -53.56 4.99
CA SER K 101 63.31 -53.55 6.46
C SER K 101 63.98 -54.81 6.98
N PRO K 102 64.92 -54.66 7.92
CA PRO K 102 65.50 -53.41 8.43
C PRO K 102 66.37 -52.70 7.37
N ILE K 103 66.66 -51.42 7.59
CA ILE K 103 67.64 -50.68 6.76
C ILE K 103 68.69 -49.91 7.58
N ASP K 104 69.97 -50.12 7.28
CA ASP K 104 71.04 -49.40 8.01
C ASP K 104 70.75 -47.93 8.00
N ASP K 105 70.88 -47.30 9.16
CA ASP K 105 70.66 -45.87 9.28
C ASP K 105 71.77 -45.05 8.55
N SER K 106 72.90 -45.68 8.26
CA SER K 106 73.92 -45.05 7.40
C SER K 106 73.35 -44.99 5.98
N LEU K 107 72.87 -46.14 5.50
CA LEU K 107 72.15 -46.25 4.24
C LEU K 107 70.92 -45.36 4.10
N LEU K 108 70.30 -44.95 5.23
CA LEU K 108 69.14 -44.00 5.15
C LEU K 108 69.70 -42.68 4.90
N GLN K 109 70.81 -42.39 5.56
CA GLN K 109 71.44 -41.08 5.43
C GLN K 109 71.70 -40.73 3.95
N GLU K 110 72.13 -41.73 3.20
CA GLU K 110 72.47 -41.60 1.78
C GLU K 110 71.22 -41.49 0.90
N ARG K 111 70.08 -41.96 1.42
CA ARG K 111 68.85 -42.05 0.64
CA ARG K 111 68.83 -42.06 0.64
C ARG K 111 67.89 -40.88 0.89
N LEU K 112 67.79 -40.43 2.15
CA LEU K 112 66.97 -39.25 2.44
C LEU K 112 67.71 -37.97 2.04
N GLY K 113 67.13 -36.81 2.41
CA GLY K 113 67.62 -35.51 1.94
C GLY K 113 68.86 -35.01 2.66
N THR K 114 69.65 -34.19 1.97
CA THR K 114 70.66 -33.38 2.63
C THR K 114 69.96 -32.40 3.57
N ALA K 115 68.64 -32.33 3.43
CA ALA K 115 67.82 -31.85 4.53
C ALA K 115 67.03 -33.04 5.14
N GLY K 116 67.48 -34.26 4.84
CA GLY K 116 67.09 -35.45 5.63
C GLY K 116 67.35 -35.25 7.12
N PRO K 117 66.41 -35.69 7.97
CA PRO K 117 66.17 -35.11 9.30
C PRO K 117 67.28 -35.51 10.29
N LYS K 118 67.35 -34.84 11.43
CA LYS K 118 68.61 -34.74 12.24
C LYS K 118 68.90 -35.99 13.09
N THR K 119 67.89 -36.42 13.86
CA THR K 119 67.99 -37.49 14.87
C THR K 119 67.53 -38.79 14.26
N ALA K 120 68.33 -39.86 14.43
CA ALA K 120 68.09 -41.16 13.82
C ALA K 120 66.70 -41.76 14.11
N ILE K 121 66.08 -41.33 15.18
CA ILE K 121 64.72 -41.67 15.41
C ILE K 121 63.84 -41.03 14.31
N GLY K 122 63.92 -39.70 14.19
CA GLY K 122 63.23 -38.94 13.10
C GLY K 122 63.40 -39.57 11.74
N ARG K 123 64.63 -40.01 11.47
CA ARG K 123 64.97 -40.60 10.19
C ARG K 123 64.16 -41.87 9.97
N CYS K 124 63.99 -42.64 11.04
CA CYS K 124 63.41 -43.96 10.91
C CYS K 124 61.90 -43.84 10.93
N ALA K 125 61.37 -42.87 11.65
CA ALA K 125 59.98 -42.57 11.53
C ALA K 125 59.62 -42.10 10.08
N LEU K 126 60.22 -41.00 9.64
CA LEU K 126 59.91 -40.47 8.30
C LEU K 126 59.90 -41.58 7.23
N TYR K 127 60.88 -42.46 7.30
CA TYR K 127 60.97 -43.64 6.48
C TYR K 127 59.74 -44.55 6.56
N ALA K 128 59.20 -44.70 7.76
CA ALA K 128 58.01 -45.51 7.95
C ALA K 128 56.88 -44.72 7.37
N TYR K 129 56.92 -43.42 7.64
CA TYR K 129 55.85 -42.51 7.25
C TYR K 129 55.79 -42.35 5.75
N SER K 130 56.77 -42.93 5.06
CA SER K 130 56.96 -42.76 3.60
C SER K 130 56.75 -44.08 2.92
N THR K 131 56.58 -45.11 3.72
CA THR K 131 56.44 -46.39 3.12
C THR K 131 55.01 -46.54 2.68
N ILE K 132 54.85 -47.13 1.52
CA ILE K 132 53.55 -47.30 0.92
C ILE K 132 52.95 -48.58 1.48
N ALA K 133 51.93 -48.41 2.32
CA ALA K 133 51.28 -49.56 2.98
C ALA K 133 50.47 -50.35 1.97
N VAL K 134 50.70 -51.66 1.96
CA VAL K 134 49.87 -52.59 1.18
C VAL K 134 48.97 -53.44 2.11
N ASN K 135 47.67 -53.09 2.19
CA ASN K 135 46.68 -53.90 2.91
C ASN K 135 46.89 -55.40 2.72
N PRO K 136 47.18 -56.12 3.82
CA PRO K 136 47.70 -57.49 3.70
C PRO K 136 46.62 -58.56 3.40
N SER K 137 45.36 -58.14 3.28
CA SER K 137 44.30 -58.99 2.69
C SER K 137 44.16 -58.74 1.22
N THR K 138 43.86 -57.48 0.88
CA THR K 138 43.39 -57.13 -0.47
C THR K 138 44.55 -56.89 -1.46
N ASN K 139 45.74 -56.60 -0.93
CA ASN K 139 46.90 -56.25 -1.76
C ASN K 139 46.77 -54.91 -2.49
N TYR K 140 45.68 -54.20 -2.23
CA TYR K 140 45.59 -52.80 -2.63
C TYR K 140 46.45 -51.94 -1.72
N THR K 141 47.25 -51.07 -2.32
CA THR K 141 47.96 -50.06 -1.55
C THR K 141 46.92 -49.23 -0.81
N SER K 142 47.30 -48.70 0.36
CA SER K 142 46.40 -47.83 1.12
C SER K 142 47.18 -46.72 1.81
N THR K 143 46.49 -45.86 2.55
CA THR K 143 47.12 -44.74 3.22
C THR K 143 47.56 -45.07 4.66
N TYR K 144 47.60 -46.36 4.99
CA TYR K 144 47.86 -46.79 6.37
C TYR K 144 49.32 -46.53 6.69
N LYS K 145 49.58 -45.99 7.87
CA LYS K 145 50.97 -45.83 8.30
C LYS K 145 51.44 -46.92 9.27
N TYR K 146 52.32 -47.78 8.80
CA TYR K 146 53.08 -48.70 9.63
C TYR K 146 53.84 -48.01 10.78
N PRO K 147 54.16 -48.78 11.86
CA PRO K 147 55.05 -48.21 12.88
C PRO K 147 56.50 -48.55 12.62
N PHE K 148 57.38 -47.97 13.45
CA PHE K 148 58.81 -48.37 13.39
C PHE K 148 59.38 -48.76 14.74
N VAL K 149 60.55 -49.38 14.67
CA VAL K 149 61.38 -49.61 15.80
C VAL K 149 62.79 -49.32 15.37
N TYR K 150 63.49 -48.53 16.18
CA TYR K 150 64.88 -48.19 15.90
C TYR K 150 65.80 -48.92 16.89
N ASP K 151 66.80 -49.64 16.38
CA ASP K 151 67.83 -50.24 17.23
C ASP K 151 69.10 -49.34 17.36
N ALA K 152 69.19 -48.59 18.47
CA ALA K 152 70.33 -47.67 18.68
C ALA K 152 71.65 -48.39 18.79
N VAL K 153 71.64 -49.69 19.03
CA VAL K 153 72.89 -50.40 19.07
C VAL K 153 73.35 -50.66 17.67
N SER K 154 72.60 -51.49 16.94
CA SER K 154 73.09 -51.99 15.64
C SER K 154 73.03 -50.87 14.59
N ARG K 155 72.25 -49.84 14.90
CA ARG K 155 72.05 -48.70 14.03
C ARG K 155 71.22 -49.10 12.82
N LYS K 156 70.25 -49.98 13.08
CA LYS K 156 69.26 -50.37 12.08
C LYS K 156 67.84 -49.88 12.40
N CYS K 157 67.14 -49.49 11.34
CA CYS K 157 65.77 -49.00 11.42
C CYS K 157 64.82 -50.13 10.97
N TYR K 158 63.70 -50.32 11.70
CA TYR K 158 62.72 -51.34 11.29
C TYR K 158 61.40 -50.69 11.07
N VAL K 159 60.77 -51.03 9.96
CA VAL K 159 59.36 -50.70 9.78
C VAL K 159 58.54 -51.98 9.97
N LEU K 160 57.47 -51.90 10.73
CA LEU K 160 56.73 -53.11 11.07
C LEU K 160 55.44 -53.16 10.34
N SER K 161 55.26 -54.19 9.52
CA SER K 161 54.00 -54.31 8.79
C SER K 161 52.92 -54.93 9.69
N VAL K 162 53.33 -55.44 10.86
CA VAL K 162 52.39 -55.84 11.91
C VAL K 162 52.25 -54.79 12.98
N SER K 163 51.05 -54.26 13.17
CA SER K 163 50.88 -53.08 14.03
C SER K 163 50.12 -53.43 15.30
N ALA K 164 49.54 -54.64 15.32
CA ALA K 164 49.03 -55.21 16.61
C ALA K 164 50.16 -55.21 17.63
N GLN K 165 49.83 -55.00 18.91
CA GLN K 165 50.82 -55.02 19.99
C GLN K 165 50.43 -55.98 21.16
N LEU K 166 49.14 -56.29 21.30
CA LEU K 166 48.70 -57.22 22.34
C LEU K 166 47.73 -58.26 21.80
N LEU K 167 48.10 -59.54 21.96
CA LEU K 167 47.26 -60.67 21.60
C LEU K 167 47.35 -61.68 22.75
N LYS K 168 46.19 -62.16 23.20
CA LYS K 168 46.11 -63.02 24.40
C LYS K 168 44.80 -63.77 24.45
N GLY K 169 44.70 -64.71 25.40
CA GLY K 169 43.52 -65.58 25.53
C GLY K 169 43.69 -66.85 24.70
N GLU K 170 43.35 -67.99 25.30
CA GLU K 170 43.56 -69.33 24.68
C GLU K 170 42.61 -69.59 23.50
N LYS K 171 41.58 -68.77 23.41
CA LYS K 171 40.71 -68.78 22.22
C LYS K 171 41.42 -68.26 20.96
N TYR K 172 42.49 -67.48 21.12
CA TYR K 172 43.00 -66.64 20.01
C TYR K 172 44.44 -66.91 19.64
N CYS K 173 45.22 -67.40 20.58
CA CYS K 173 46.66 -67.53 20.38
C CYS K 173 47.23 -68.50 21.39
N SER K 174 48.39 -69.08 21.06
CA SER K 174 49.03 -70.07 21.91
C SER K 174 50.21 -69.45 22.67
N VAL K 175 50.47 -70.00 23.85
CA VAL K 175 51.62 -69.69 24.67
C VAL K 175 52.51 -70.93 24.65
N ASN K 176 53.77 -70.74 24.28
CA ASN K 176 54.67 -71.87 24.13
C ASN K 176 54.03 -73.14 23.54
N GLY K 177 53.18 -72.98 22.55
CA GLY K 177 52.72 -74.11 21.74
C GLY K 177 51.38 -74.68 22.22
N THR K 178 50.79 -74.03 23.22
CA THR K 178 49.58 -74.47 23.90
C THR K 178 48.60 -73.26 23.99
N PRO K 179 47.35 -73.45 23.55
CA PRO K 179 46.83 -74.63 22.84
C PRO K 179 47.52 -74.82 21.50
N SER K 180 47.63 -76.06 21.06
CA SER K 180 48.24 -76.31 19.75
C SER K 180 47.22 -75.93 18.66
N GLY K 181 47.71 -75.71 17.46
CA GLY K 181 46.81 -75.57 16.32
C GLY K 181 46.47 -74.14 15.98
N LEU K 182 46.89 -73.21 16.81
CA LEU K 182 46.57 -71.81 16.58
C LEU K 182 47.58 -71.15 15.66
N THR K 183 47.10 -70.33 14.71
CA THR K 183 47.93 -69.59 13.75
C THR K 183 48.93 -68.64 14.41
N TRP K 184 48.45 -67.86 15.37
CA TRP K 184 49.26 -66.86 16.07
C TRP K 184 49.68 -67.31 17.48
N ALA K 185 50.94 -67.10 17.82
CA ALA K 185 51.37 -67.10 19.20
C ALA K 185 51.06 -65.79 19.89
N CYS K 186 50.88 -65.84 21.20
CA CYS K 186 50.45 -64.66 21.95
C CYS K 186 51.64 -63.72 22.04
N PHE K 187 51.39 -62.46 22.33
CA PHE K 187 52.50 -61.50 22.48
C PHE K 187 51.97 -60.27 23.18
N GLU K 188 52.86 -59.56 23.84
CA GLU K 188 52.50 -58.37 24.57
C GLU K 188 53.74 -57.49 24.64
N PRO K 189 53.52 -56.18 24.83
CA PRO K 189 54.60 -55.22 25.02
C PRO K 189 55.26 -55.38 26.38
N VAL K 190 56.52 -55.00 26.45
CA VAL K 190 57.31 -55.05 27.68
C VAL K 190 58.52 -54.07 27.54
N LYS K 191 58.93 -53.41 28.65
CA LYS K 191 60.16 -52.60 28.64
C LYS K 191 61.34 -53.52 28.81
N GLU K 192 62.29 -53.42 27.91
CA GLU K 192 63.49 -54.24 28.08
C GLU K 192 64.69 -53.35 28.14
N LYS K 193 65.60 -53.71 29.04
CA LYS K 193 66.96 -53.21 29.04
C LYS K 193 67.93 -54.38 28.85
N SER K 194 68.68 -54.31 27.77
CA SER K 194 69.61 -55.34 27.39
C SER K 194 70.77 -54.61 26.77
N SER K 195 71.95 -55.19 26.85
CA SER K 195 73.07 -54.55 26.26
C SER K 195 73.25 -54.97 24.80
N ALA K 196 72.51 -55.98 24.35
CA ALA K 196 72.66 -56.47 22.96
C ALA K 196 72.01 -55.52 21.96
N ARG K 197 70.91 -54.88 22.33
CA ARG K 197 70.23 -53.95 21.46
C ARG K 197 69.60 -52.92 22.32
N ALA K 198 69.30 -51.75 21.74
CA ALA K 198 68.42 -50.77 22.40
C ALA K 198 67.34 -50.29 21.46
N LEU K 199 66.10 -50.43 21.89
CA LEU K 199 65.00 -50.33 20.96
C LEU K 199 64.23 -49.10 21.29
N VAL K 200 63.82 -48.38 20.24
CA VAL K 200 62.71 -47.41 20.38
C VAL K 200 61.54 -47.76 19.46
N TYR K 201 60.35 -47.75 20.05
CA TYR K 201 59.11 -48.03 19.34
C TYR K 201 58.34 -46.73 19.11
N GLY K 202 57.77 -46.59 17.91
CA GLY K 202 56.95 -45.40 17.67
C GLY K 202 56.10 -45.46 16.43
N SER K 203 55.07 -44.62 16.41
CA SER K 203 54.26 -44.47 15.22
C SER K 203 55.05 -43.83 14.09
N ALA K 204 54.63 -44.06 12.85
CA ALA K 204 54.95 -43.12 11.76
C ALA K 204 54.69 -41.69 12.16
N PHE K 205 53.61 -41.43 12.88
CA PHE K 205 53.24 -40.07 13.19
C PHE K 205 54.22 -39.24 14.04
N VAL K 206 55.35 -39.84 14.39
CA VAL K 206 56.43 -39.12 15.07
C VAL K 206 57.14 -38.26 14.05
N ALA K 207 57.14 -38.76 12.81
CA ALA K 207 57.77 -38.10 11.68
C ALA K 207 56.87 -37.07 11.03
N GLU K 208 55.66 -36.86 11.58
CA GLU K 208 54.92 -35.67 11.22
C GLU K 208 55.79 -34.52 11.62
N GLY K 209 55.43 -33.31 11.18
CA GLY K 209 56.21 -32.11 11.50
C GLY K 209 57.71 -32.29 11.28
N ASN K 210 58.51 -31.89 12.26
CA ASN K 210 59.89 -32.33 12.36
C ASN K 210 59.85 -33.72 12.96
N PRO K 211 60.31 -34.72 12.20
CA PRO K 211 60.61 -35.99 12.84
C PRO K 211 61.46 -35.77 14.11
N ASP K 212 62.57 -35.07 13.91
CA ASP K 212 63.55 -34.73 14.94
C ASP K 212 62.99 -34.05 16.19
N ALA K 213 61.76 -33.58 16.17
CA ALA K 213 61.21 -32.88 17.37
C ALA K 213 61.40 -33.56 18.73
N TRP K 214 61.20 -34.88 18.74
CA TRP K 214 61.01 -35.67 20.00
C TRP K 214 62.05 -35.34 21.05
N GLN K 215 63.29 -35.14 20.58
CA GLN K 215 64.44 -34.80 21.41
C GLN K 215 64.13 -33.70 22.39
N SER K 216 63.47 -32.65 21.91
CA SER K 216 63.21 -31.49 22.78
C SER K 216 61.82 -31.50 23.28
N ALA K 217 60.97 -32.28 22.65
CA ALA K 217 59.55 -32.27 23.00
C ALA K 217 59.15 -33.36 23.99
N CYS K 218 59.79 -34.53 23.85
CA CYS K 218 59.27 -35.75 24.52
C CYS K 218 60.05 -36.20 25.77
N PRO K 219 59.37 -36.84 26.74
CA PRO K 219 60.00 -37.16 28.00
C PRO K 219 60.89 -38.39 27.90
N ASN K 220 61.96 -38.30 27.13
CA ASN K 220 62.73 -39.46 26.71
C ASN K 220 63.65 -40.10 27.77
N ASP K 221 63.69 -39.49 28.96
CA ASP K 221 64.67 -39.84 30.00
C ASP K 221 64.09 -39.73 31.38
N ALA K 222 64.54 -40.62 32.27
CA ALA K 222 64.28 -40.46 33.71
C ALA K 222 65.02 -39.23 34.17
N VAL K 223 64.49 -38.61 35.21
CA VAL K 223 65.15 -37.47 35.76
C VAL K 223 65.78 -37.85 37.09
N LYS K 224 67.10 -37.77 37.17
CA LYS K 224 67.76 -38.13 38.43
C LYS K 224 67.75 -37.00 39.43
N ASP K 225 67.49 -37.38 40.67
CA ASP K 225 67.59 -36.47 41.79
C ASP K 225 66.41 -35.51 41.79
N ALA K 226 65.29 -35.98 41.22
CA ALA K 226 64.00 -35.27 41.31
C ALA K 226 62.81 -36.22 41.38
N LEU K 227 61.78 -35.81 42.13
CA LEU K 227 60.45 -36.39 41.98
C LEU K 227 59.51 -35.47 41.16
N PHE K 228 58.31 -35.97 40.88
CA PHE K 228 57.29 -35.22 40.14
C PHE K 228 56.36 -34.66 41.18
N GLY K 229 55.91 -33.43 40.98
CA GLY K 229 54.96 -32.83 41.92
C GLY K 229 53.94 -31.88 41.30
N LYS K 230 52.95 -31.55 42.10
CA LYS K 230 51.97 -30.52 41.81
C LYS K 230 52.27 -29.33 42.72
N TRP K 231 52.58 -28.18 42.11
CA TRP K 231 52.74 -26.90 42.82
C TRP K 231 51.55 -26.58 43.74
N GLU K 232 51.86 -26.14 44.96
CA GLU K 232 50.93 -25.41 45.82
C GLU K 232 51.69 -24.83 47.00
N ASP K 233 51.28 -23.66 47.46
CA ASP K 233 52.03 -22.91 48.48
C ASP K 233 53.48 -22.66 48.08
N GLY K 234 53.68 -22.13 46.87
CA GLY K 234 55.01 -21.71 46.42
C GLY K 234 56.10 -22.76 46.53
N GLN K 235 55.73 -24.02 46.31
CA GLN K 235 56.68 -25.13 46.40
C GLN K 235 56.23 -26.28 45.52
N CYS K 236 57.12 -27.22 45.26
CA CYS K 236 56.80 -28.37 44.42
C CYS K 236 56.59 -29.65 45.21
N VAL K 237 55.41 -29.81 45.79
CA VAL K 237 55.01 -31.06 46.47
C VAL K 237 55.08 -32.27 45.53
N PRO K 238 55.83 -33.30 45.92
CA PRO K 238 55.89 -34.51 45.09
C PRO K 238 54.65 -35.38 45.33
N PHE K 239 54.37 -36.24 44.36
CA PHE K 239 53.41 -37.33 44.56
C PHE K 239 54.04 -38.46 45.39
N ASP K 240 53.23 -39.07 46.23
CA ASP K 240 53.69 -40.17 47.08
C ASP K 240 52.58 -41.18 47.31
N THR K 241 52.61 -41.83 48.46
CA THR K 241 51.59 -42.79 48.84
C THR K 241 50.20 -42.18 48.76
N LYS K 242 50.09 -40.90 49.10
CA LYS K 242 48.79 -40.29 49.29
C LYS K 242 48.11 -40.03 47.94
N THR K 243 48.88 -39.51 47.00
CA THR K 243 48.35 -38.96 45.76
C THR K 243 48.31 -39.99 44.63
N SER K 244 48.69 -41.22 44.93
CA SER K 244 49.15 -42.13 43.89
C SER K 244 48.23 -43.31 43.64
N VAL K 245 48.36 -43.88 42.46
CA VAL K 245 47.59 -45.03 42.08
C VAL K 245 48.08 -46.39 42.62
N GLN K 246 49.39 -46.56 42.76
CA GLN K 246 49.92 -47.70 43.54
C GLN K 246 51.29 -47.35 44.09
N SER K 247 51.60 -47.77 45.30
CA SER K 247 52.84 -47.38 45.92
C SER K 247 53.56 -48.52 46.63
N ASP K 248 53.93 -49.55 45.88
CA ASP K 248 54.62 -50.71 46.47
C ASP K 248 56.12 -50.57 46.36
N GLN K 249 56.83 -51.22 47.27
CA GLN K 249 58.26 -51.11 47.29
C GLN K 249 58.85 -51.73 46.03
N ALA K 250 60.06 -51.28 45.66
CA ALA K 250 60.70 -51.80 44.45
C ALA K 250 62.15 -52.13 44.73
N THR K 251 62.55 -53.37 44.43
CA THR K 251 63.94 -53.84 44.63
C THR K 251 64.97 -52.74 44.27
N ASN K 252 64.85 -52.20 43.06
CA ASN K 252 65.73 -51.12 42.64
C ASN K 252 65.04 -50.25 41.59
N LYS K 253 65.72 -49.17 41.18
CA LYS K 253 65.14 -48.17 40.30
C LYS K 253 64.62 -48.72 38.95
N GLU K 254 65.34 -49.70 38.41
CA GLU K 254 65.05 -50.24 37.11
C GLU K 254 63.75 -51.06 37.14
N GLU K 255 63.42 -51.62 38.29
CA GLU K 255 62.24 -52.46 38.40
C GLU K 255 61.04 -51.55 38.38
N CYS K 256 61.21 -50.36 38.96
CA CYS K 256 60.21 -49.33 38.94
C CYS K 256 59.96 -48.80 37.51
N TRP K 257 61.03 -48.50 36.80
CA TRP K 257 60.93 -48.11 35.41
C TRP K 257 60.12 -49.13 34.59
N LYS K 258 60.35 -50.44 34.81
CA LYS K 258 59.70 -51.45 34.00
C LYS K 258 58.25 -51.56 34.43
N ARG K 259 58.01 -51.11 35.64
CA ARG K 259 56.70 -51.24 36.25
C ARG K 259 55.73 -50.18 35.75
N VAL K 260 56.16 -48.93 35.65
CA VAL K 260 55.22 -47.88 35.22
C VAL K 260 54.59 -48.33 33.94
N PHE K 261 55.42 -48.84 33.04
CA PHE K 261 55.01 -49.12 31.68
C PHE K 261 53.97 -50.25 31.65
N ALA K 262 54.14 -51.24 32.52
CA ALA K 262 53.30 -52.43 32.47
C ALA K 262 52.05 -52.28 33.29
N ASN K 263 52.03 -51.32 34.21
CA ASN K 263 51.02 -51.32 35.25
C ASN K 263 49.65 -51.18 34.57
N PRO K 264 48.62 -51.81 35.12
CA PRO K 264 47.37 -51.96 34.37
C PRO K 264 46.58 -50.66 34.12
N LEU K 265 47.06 -49.52 34.63
CA LEU K 265 46.30 -48.25 34.49
C LEU K 265 47.04 -47.26 33.63
N VAL K 266 48.17 -47.69 33.10
CA VAL K 266 48.94 -46.89 32.19
C VAL K 266 48.08 -46.62 30.94
N ALA K 267 48.50 -45.68 30.09
CA ALA K 267 47.69 -45.32 28.94
C ALA K 267 47.75 -46.40 27.87
N SER K 268 46.60 -47.00 27.60
CA SER K 268 46.57 -48.10 26.66
C SER K 268 45.32 -48.07 25.83
N ASP K 269 45.45 -48.45 24.57
CA ASP K 269 44.30 -48.42 23.66
C ASP K 269 43.74 -49.79 23.36
N ALA K 270 44.26 -50.79 24.09
CA ALA K 270 43.81 -52.17 23.92
C ALA K 270 42.40 -52.27 24.45
N PRO K 271 41.56 -53.02 23.75
CA PRO K 271 40.20 -53.29 24.20
C PRO K 271 40.15 -53.85 25.60
N THR K 272 39.19 -53.38 26.38
CA THR K 272 39.03 -53.84 27.76
C THR K 272 38.13 -55.09 27.80
N THR K 273 37.70 -55.54 26.64
CA THR K 273 36.70 -56.58 26.58
C THR K 273 36.89 -57.34 25.31
N TYR K 274 36.37 -58.56 25.25
CA TYR K 274 36.25 -59.18 23.94
C TYR K 274 35.16 -60.19 23.71
N PRO K 275 34.79 -60.34 22.43
CA PRO K 275 33.86 -61.35 21.93
C PRO K 275 34.46 -62.29 20.90
N ALA K 278 36.19 -63.98 16.87
CA ALA K 278 36.47 -65.31 16.34
C ALA K 278 37.97 -65.56 16.14
N GLN K 279 38.34 -66.14 14.99
CA GLN K 279 39.73 -66.57 14.78
C GLN K 279 40.47 -65.60 13.83
N LYS K 280 41.68 -65.22 14.22
CA LYS K 280 42.54 -64.33 13.43
C LYS K 280 43.21 -65.09 12.25
N ASN K 281 43.19 -64.47 11.07
CA ASN K 281 43.91 -65.06 9.91
C ASN K 281 45.39 -64.85 10.02
N TRP K 282 46.15 -65.51 9.13
CA TRP K 282 47.60 -65.41 9.16
C TRP K 282 48.08 -64.01 8.80
N ASN K 283 47.22 -63.22 8.16
CA ASN K 283 47.62 -61.92 7.65
C ASN K 283 46.73 -60.78 8.13
N ASP K 284 45.97 -61.00 9.21
CA ASP K 284 45.35 -59.90 9.92
C ASP K 284 46.45 -59.16 10.64
N PHE K 285 47.30 -58.45 9.88
CA PHE K 285 48.45 -57.77 10.46
C PHE K 285 47.98 -56.57 11.26
N TRP K 286 46.81 -56.03 10.92
CA TRP K 286 46.36 -54.76 11.48
C TRP K 286 45.04 -54.96 12.13
N PRO K 287 44.86 -54.40 13.32
CA PRO K 287 43.62 -54.59 14.02
C PRO K 287 42.55 -53.71 13.40
N VAL K 288 41.35 -54.25 13.33
CA VAL K 288 40.26 -53.56 12.71
C VAL K 288 39.58 -52.68 13.76
N HIS K 289 39.16 -51.51 13.31
CA HIS K 289 38.58 -50.51 14.19
C HIS K 289 37.10 -50.79 14.40
N GLU K 290 36.67 -50.75 15.66
CA GLU K 290 35.26 -50.92 15.98
C GLU K 290 34.80 -49.71 16.79
N GLN K 291 33.49 -49.50 16.84
CA GLN K 291 32.94 -48.36 17.58
C GLN K 291 33.43 -48.37 19.01
N SER K 292 33.71 -49.57 19.49
CA SER K 292 34.12 -49.75 20.88
C SER K 292 35.65 -49.71 21.07
N SER K 293 36.41 -49.50 19.99
CA SER K 293 37.89 -49.47 20.12
C SER K 293 38.31 -48.25 20.92
N PRO K 294 38.89 -48.49 22.12
CA PRO K 294 39.21 -47.45 23.07
C PRO K 294 40.44 -46.63 22.65
N LYS K 295 40.37 -45.32 22.82
CA LYS K 295 41.51 -44.44 22.50
C LYS K 295 41.86 -43.68 23.75
N SER K 296 43.01 -44.01 24.32
CA SER K 296 43.36 -43.54 25.66
C SER K 296 43.53 -42.02 25.60
N GLY K 297 43.95 -41.53 24.44
CA GLY K 297 44.36 -40.14 24.31
C GLY K 297 45.65 -39.81 25.05
N GLY K 298 46.25 -40.83 25.68
CA GLY K 298 47.47 -40.64 26.47
C GLY K 298 47.15 -40.30 27.90
N PHE K 299 45.88 -40.42 28.25
CA PHE K 299 45.51 -40.25 29.63
C PHE K 299 45.64 -41.59 30.34
N GLY K 300 46.17 -41.54 31.56
CA GLY K 300 46.34 -42.73 32.39
C GLY K 300 47.41 -42.56 33.47
N ALA K 301 47.82 -43.67 34.10
CA ALA K 301 48.84 -43.63 35.12
C ALA K 301 50.23 -43.85 34.54
N ASN K 302 50.94 -42.76 34.18
CA ASN K 302 52.09 -42.88 33.25
C ASN K 302 53.41 -42.45 33.87
N TRP K 303 53.34 -41.97 35.09
CA TRP K 303 54.48 -41.40 35.78
C TRP K 303 54.72 -42.22 37.04
N ALA K 304 55.98 -42.48 37.35
CA ALA K 304 56.26 -43.04 38.66
C ALA K 304 57.34 -42.24 39.32
N ASN K 305 57.19 -42.03 40.63
CA ASN K 305 58.29 -41.52 41.48
C ASN K 305 59.00 -42.66 42.18
N PHE K 306 60.32 -42.76 41.96
CA PHE K 306 61.14 -43.73 42.71
C PHE K 306 61.97 -43.03 43.77
N TYR K 307 61.78 -43.44 45.02
CA TYR K 307 62.40 -42.77 46.15
C TYR K 307 62.50 -43.63 47.42
N LEU K 308 63.41 -43.25 48.30
CA LEU K 308 63.54 -43.84 49.62
C LEU K 308 62.56 -43.21 50.58
N GLU K 309 61.56 -43.97 51.00
CA GLU K 309 60.54 -43.47 51.91
C GLU K 309 61.07 -43.37 53.32
N LYS K 310 61.60 -42.20 53.68
CA LYS K 310 62.30 -41.99 54.96
C LYS K 310 61.59 -42.73 56.09
N GLU K 311 60.31 -42.40 56.28
CA GLU K 311 59.45 -43.10 57.22
C GLU K 311 59.74 -44.61 57.27
N SER K 312 59.76 -45.26 56.11
CA SER K 312 59.75 -46.72 56.02
C SER K 312 61.14 -47.36 55.89
N GLY K 313 62.06 -46.64 55.25
CA GLY K 313 63.37 -47.21 54.92
C GLY K 313 63.32 -48.19 53.74
N GLU K 314 62.21 -48.14 52.98
CA GLU K 314 62.11 -48.92 51.75
C GLU K 314 62.17 -48.00 50.53
N THR K 315 62.47 -48.55 49.36
CA THR K 315 62.30 -47.80 48.12
C THR K 315 60.94 -48.02 47.46
N ILE K 316 60.19 -46.93 47.35
CA ILE K 316 58.83 -46.96 46.82
C ILE K 316 58.87 -46.59 45.34
N CYS K 317 58.25 -47.41 44.49
CA CYS K 317 57.83 -47.01 43.16
C CYS K 317 56.38 -46.55 43.22
N ALA K 318 56.16 -45.23 43.18
CA ALA K 318 54.82 -44.62 43.40
C ALA K 318 54.26 -44.10 42.08
N ILE K 319 53.29 -44.81 41.52
CA ILE K 319 52.78 -44.53 40.17
C ILE K 319 51.46 -43.73 40.21
N PHE K 320 51.38 -42.65 39.45
CA PHE K 320 50.20 -41.79 39.57
C PHE K 320 49.75 -41.32 38.22
N ASP K 321 48.52 -40.77 38.16
CA ASP K 321 47.86 -40.52 36.89
C ASP K 321 47.62 -39.03 36.58
N GLN K 322 48.11 -38.15 37.47
CA GLN K 322 48.10 -36.70 37.25
C GLN K 322 49.30 -36.20 36.41
N VAL K 323 49.05 -35.33 35.44
CA VAL K 323 50.15 -34.62 34.79
C VAL K 323 50.86 -33.77 35.83
N PRO K 324 52.19 -33.74 35.79
CA PRO K 324 52.88 -32.96 36.83
C PRO K 324 53.27 -31.58 36.32
N ASP K 325 53.21 -30.57 37.19
CA ASP K 325 53.51 -29.21 36.75
C ASP K 325 54.87 -28.69 37.24
N CYS K 326 55.68 -29.57 37.80
CA CYS K 326 56.97 -29.17 38.38
C CYS K 326 57.84 -30.37 38.76
N PHE K 327 58.92 -30.08 39.51
CA PHE K 327 59.81 -31.14 40.06
C PHE K 327 60.31 -30.79 41.48
N ALA K 328 60.37 -31.79 42.35
CA ALA K 328 61.08 -31.63 43.62
C ALA K 328 62.51 -32.17 43.54
N PRO K 329 63.52 -31.30 43.69
CA PRO K 329 64.92 -31.74 43.73
C PRO K 329 65.25 -32.47 45.02
N ILE K 330 65.60 -33.74 44.87
CA ILE K 330 65.71 -34.67 46.00
C ILE K 330 66.74 -35.70 45.59
N THR K 331 67.94 -35.61 46.15
CA THR K 331 69.05 -36.46 45.70
C THR K 331 68.74 -37.94 45.96
N GLY K 332 69.05 -38.79 44.98
CA GLY K 332 68.75 -40.21 45.08
C GLY K 332 67.42 -40.63 44.47
N ALA K 333 66.47 -39.71 44.45
CA ALA K 333 65.19 -39.97 43.84
C ALA K 333 65.29 -40.00 42.31
N VAL K 334 64.45 -40.80 41.66
CA VAL K 334 64.40 -40.81 40.20
C VAL K 334 62.96 -40.78 39.72
N ALA K 335 62.66 -39.89 38.76
CA ALA K 335 61.28 -39.80 38.23
C ALA K 335 61.23 -40.38 36.85
N TYR K 336 60.25 -41.26 36.60
CA TYR K 336 60.22 -42.03 35.34
C TYR K 336 58.91 -41.77 34.59
N THR K 337 58.87 -42.09 33.30
CA THR K 337 57.58 -42.36 32.69
C THR K 337 57.55 -43.70 31.97
N ALA K 338 56.35 -44.07 31.54
CA ALA K 338 56.18 -45.22 30.68
C ALA K 338 56.68 -45.00 29.27
N LEU K 339 56.88 -43.74 28.88
CA LEU K 339 57.38 -43.43 27.52
C LEU K 339 58.90 -43.49 27.47
N GLY K 340 59.49 -43.12 28.61
CA GLY K 340 60.88 -42.75 28.69
C GLY K 340 61.83 -43.91 28.97
N SER K 341 63.11 -43.60 28.85
CA SER K 341 64.19 -44.56 29.02
C SER K 341 64.52 -44.68 30.51
N SER K 342 65.49 -45.51 30.85
CA SER K 342 65.97 -45.50 32.22
C SER K 342 67.27 -44.72 32.36
N THR K 343 67.89 -44.36 31.21
CA THR K 343 69.00 -43.42 31.18
C THR K 343 68.53 -42.13 31.80
N GLU K 344 69.43 -41.43 32.46
CA GLU K 344 69.07 -40.37 33.37
C GLU K 344 69.60 -39.01 32.91
N VAL K 345 68.81 -38.00 33.26
CA VAL K 345 69.07 -36.63 32.90
C VAL K 345 68.91 -35.81 34.17
N ASN K 346 69.64 -34.69 34.27
CA ASN K 346 69.48 -33.75 35.39
C ASN K 346 68.33 -32.76 35.14
N LEU K 347 67.80 -32.17 36.20
CA LEU K 347 67.05 -30.94 36.11
C LEU K 347 67.86 -29.91 35.37
N PRO K 348 67.20 -29.05 34.58
CA PRO K 348 67.96 -28.07 33.83
C PRO K 348 68.74 -27.11 34.76
N GLN K 349 69.94 -26.68 34.33
CA GLN K 349 70.70 -25.70 35.10
C GLN K 349 69.93 -24.39 35.25
N CYS K 350 70.00 -23.78 36.42
CA CYS K 350 69.44 -22.44 36.64
C CYS K 350 70.54 -21.37 36.74
N ASP K 351 70.14 -20.09 36.68
CA ASP K 351 71.12 -19.01 36.81
C ASP K 351 71.22 -18.50 38.24
N SER K 352 72.33 -18.86 38.90
CA SER K 352 72.49 -18.68 40.34
C SER K 352 72.45 -17.21 40.70
N ALA K 353 72.99 -16.38 39.81
CA ALA K 353 72.94 -14.93 39.94
C ALA K 353 71.50 -14.41 39.96
N SER K 354 70.75 -14.69 38.90
CA SER K 354 69.59 -13.89 38.54
C SER K 354 68.29 -14.50 39.05
N PHE K 355 68.37 -15.76 39.48
CA PHE K 355 67.21 -16.49 40.00
C PHE K 355 66.69 -15.90 41.32
N ILE K 356 65.38 -15.70 41.40
CA ILE K 356 64.73 -15.09 42.56
C ILE K 356 64.15 -16.15 43.51
N PRO K 357 64.83 -16.40 44.65
CA PRO K 357 64.39 -17.34 45.67
C PRO K 357 62.89 -17.25 46.00
N ILE K 358 62.26 -18.42 46.20
CA ILE K 358 60.80 -18.53 46.37
C ILE K 358 60.53 -19.21 47.70
N GLU K 359 59.79 -18.54 48.58
CA GLU K 359 59.50 -19.13 49.89
C GLU K 359 58.04 -19.37 50.15
N GLY K 360 57.75 -20.53 50.74
CA GLY K 360 56.40 -20.84 51.16
C GLY K 360 56.12 -20.26 52.53
N PRO K 361 54.95 -20.60 53.09
CA PRO K 361 54.46 -20.14 54.40
C PRO K 361 55.12 -20.89 55.56
N CYS K 362 54.86 -20.43 56.78
CA CYS K 362 55.35 -21.06 57.99
C CYS K 362 54.25 -21.80 58.73
N ASN K 363 54.01 -23.03 58.32
CA ASN K 363 53.29 -23.98 59.14
C ASN K 363 54.23 -24.52 60.21
N ASN K 364 53.83 -24.35 61.47
CA ASN K 364 54.61 -24.81 62.60
C ASN K 364 56.13 -24.65 62.44
N CYS K 365 56.53 -23.43 62.10
CA CYS K 365 57.88 -22.94 62.37
C CYS K 365 58.88 -23.34 61.29
N VAL K 366 58.37 -23.94 60.23
CA VAL K 366 59.17 -24.34 59.08
C VAL K 366 58.52 -23.88 57.78
N GLN K 367 59.31 -23.28 56.89
CA GLN K 367 58.85 -22.93 55.57
C GLN K 367 59.71 -23.60 54.50
N VAL K 368 59.07 -24.22 53.50
CA VAL K 368 59.82 -24.70 52.34
C VAL K 368 60.29 -23.50 51.55
N VAL K 369 61.43 -23.65 50.90
CA VAL K 369 62.09 -22.56 50.21
C VAL K 369 62.75 -23.13 48.96
N THR K 370 62.58 -22.43 47.85
CA THR K 370 63.10 -22.90 46.58
C THR K 370 64.04 -21.83 46.05
N GLU K 371 65.28 -22.20 45.79
CA GLU K 371 66.29 -21.24 45.36
C GLU K 371 67.26 -21.90 44.41
N CYS K 372 68.23 -21.14 43.93
CA CYS K 372 69.19 -21.68 42.98
C CYS K 372 70.60 -21.58 43.56
N VAL K 373 71.23 -22.73 43.71
CA VAL K 373 72.46 -22.89 44.51
C VAL K 373 73.53 -23.50 43.63
N GLY K 374 74.58 -22.72 43.34
CA GLY K 374 75.65 -23.22 42.47
C GLY K 374 75.11 -23.74 41.15
N ASN K 375 74.10 -23.05 40.62
CA ASN K 375 73.54 -23.36 39.30
C ASN K 375 72.76 -24.66 39.23
N GLN K 376 72.16 -25.04 40.36
CA GLN K 376 71.25 -26.18 40.39
C GLN K 376 70.03 -25.83 41.21
N PHE K 377 68.88 -26.36 40.81
CA PHE K 377 67.65 -26.10 41.55
C PHE K 377 67.85 -26.66 42.92
N ASP K 378 67.18 -26.10 43.91
CA ASP K 378 67.24 -26.66 45.24
C ASP K 378 66.00 -26.29 46.01
N GLN K 379 65.52 -27.24 46.81
CA GLN K 379 64.37 -27.01 47.66
C GLN K 379 64.62 -27.59 49.04
N THR K 380 64.73 -26.71 50.05
CA THR K 380 65.01 -27.12 51.43
C THR K 380 63.95 -26.61 52.40
N SER K 381 64.02 -27.08 53.64
CA SER K 381 63.21 -26.53 54.72
C SER K 381 64.02 -25.56 55.56
N LYS K 382 63.35 -24.53 56.06
CA LYS K 382 64.03 -23.44 56.71
C LYS K 382 63.29 -23.14 57.98
N ALA K 383 64.01 -23.13 59.09
CA ALA K 383 63.43 -22.69 60.34
C ALA K 383 63.10 -21.21 60.20
N CYS K 384 62.00 -20.79 60.83
CA CYS K 384 61.45 -19.47 60.58
C CYS K 384 60.76 -18.88 61.81
N CYS K 385 60.95 -19.53 62.96
CA CYS K 385 60.52 -18.94 64.22
C CYS K 385 61.70 -18.38 64.99
N THR K 386 62.78 -18.07 64.27
CA THR K 386 64.02 -17.68 64.92
C THR K 386 64.42 -16.25 64.51
N GLY L 5 39.58 49.73 -38.26
CA GLY L 5 39.86 50.11 -36.85
C GLY L 5 38.62 50.54 -36.09
N GLN L 6 38.79 50.82 -34.81
CA GLN L 6 37.66 50.98 -33.91
C GLN L 6 37.68 52.32 -33.16
N ASN L 7 36.49 52.82 -32.86
CA ASN L 7 36.28 54.06 -32.10
C ASN L 7 37.19 54.27 -30.90
N PRO L 8 38.09 55.25 -30.98
CA PRO L 8 38.92 55.62 -29.84
C PRO L 8 38.12 56.23 -28.70
N TRP L 9 36.95 56.78 -29.02
CA TRP L 9 36.09 57.38 -27.98
C TRP L 9 35.42 56.31 -27.09
N ALA L 10 35.51 55.06 -27.55
CA ALA L 10 35.01 53.91 -26.78
C ALA L 10 36.15 53.04 -26.19
N THR L 11 37.35 53.16 -26.74
CA THR L 11 38.49 52.35 -26.32
C THR L 11 39.16 52.80 -25.02
N THR L 12 39.57 54.05 -24.98
CA THR L 12 40.56 54.47 -23.99
C THR L 12 39.88 55.21 -22.87
N THR L 13 40.26 54.92 -21.64
CA THR L 13 39.50 55.39 -20.46
C THR L 13 39.30 56.91 -20.42
N ALA L 14 40.29 57.66 -20.92
CA ALA L 14 40.29 59.12 -20.80
C ALA L 14 39.43 59.77 -21.86
N PHE L 15 39.37 59.14 -23.02
CA PHE L 15 38.48 59.62 -24.06
C PHE L 15 37.05 59.11 -23.83
N ALA L 16 36.91 58.01 -23.09
CA ALA L 16 35.60 57.43 -22.86
C ALA L 16 34.88 58.15 -21.74
N ASP L 17 35.59 58.46 -20.66
CA ASP L 17 35.03 59.33 -19.63
C ASP L 17 34.58 60.69 -20.17
N PHE L 18 34.90 60.98 -21.43
CA PHE L 18 34.59 62.28 -22.00
C PHE L 18 33.40 62.18 -22.94
N MET L 19 33.40 61.16 -23.78
CA MET L 19 32.29 60.97 -24.69
C MET L 19 31.02 60.59 -23.93
N LYS L 20 31.19 59.86 -22.84
CA LYS L 20 30.05 59.37 -22.05
C LYS L 20 29.26 60.53 -21.47
N ARG L 21 29.93 61.66 -21.29
CA ARG L 21 29.32 62.92 -20.82
C ARG L 21 28.09 63.28 -21.63
N PHE L 22 28.12 62.93 -22.90
CA PHE L 22 27.17 63.45 -23.86
C PHE L 22 25.99 62.52 -24.14
N ASN L 23 26.01 61.32 -23.53
CA ASN L 23 24.83 60.45 -23.53
C ASN L 23 23.82 60.96 -22.52
N ILE L 24 23.03 61.97 -22.93
CA ILE L 24 22.20 62.77 -21.99
C ILE L 24 21.13 61.94 -21.29
N PRO L 25 20.51 61.00 -22.01
CA PRO L 25 19.48 60.17 -21.41
C PRO L 25 20.02 59.24 -20.30
N GLN L 26 21.29 58.85 -20.37
CA GLN L 26 21.90 58.12 -19.26
C GLN L 26 22.38 59.05 -18.17
N VAL L 27 23.04 60.12 -18.56
CA VAL L 27 23.69 60.93 -17.57
C VAL L 27 22.71 61.82 -16.83
N HIS L 28 21.75 62.37 -17.58
CA HIS L 28 20.79 63.32 -17.02
C HIS L 28 19.51 62.56 -16.67
N GLY L 29 18.96 61.86 -17.65
CA GLY L 29 17.78 61.01 -17.47
C GLY L 29 16.50 61.74 -17.14
N SER L 30 16.22 62.85 -17.82
CA SER L 30 15.08 63.69 -17.47
C SER L 30 14.87 64.83 -18.46
N GLY L 31 13.70 65.47 -18.39
CA GLY L 31 13.47 66.69 -19.16
C GLY L 31 14.59 67.70 -18.96
N ILE L 32 14.89 68.46 -20.01
CA ILE L 32 15.87 69.54 -19.93
C ILE L 32 15.20 70.92 -19.87
N PHE L 33 14.45 71.25 -20.91
CA PHE L 33 13.72 72.54 -20.98
C PHE L 33 12.80 72.69 -19.76
N VAL L 34 11.75 71.87 -19.70
CA VAL L 34 11.03 71.59 -18.44
C VAL L 34 11.46 70.19 -17.88
N ASP L 35 11.90 70.17 -16.63
CA ASP L 35 12.36 68.90 -15.96
C ASP L 35 11.38 68.57 -14.84
N LEU L 36 10.48 67.66 -15.14
CA LEU L 36 9.49 67.28 -14.15
C LEU L 36 9.43 65.76 -14.14
N GLY L 37 10.60 65.15 -13.99
CA GLY L 37 10.81 63.74 -14.34
C GLY L 37 10.48 62.76 -13.21
N ARG L 38 10.12 63.29 -12.05
CA ARG L 38 9.71 62.47 -10.95
C ARG L 38 8.32 62.86 -10.46
N ASP L 39 7.57 61.87 -10.00
CA ASP L 39 6.41 62.11 -9.16
C ASP L 39 6.64 61.74 -7.70
N THR L 40 6.21 62.60 -6.80
CA THR L 40 6.42 62.41 -5.39
C THR L 40 5.24 63.00 -4.64
N GLU L 41 4.48 62.10 -3.98
CA GLU L 41 3.32 62.49 -3.18
C GLU L 41 2.26 63.15 -4.06
N GLY L 42 2.16 62.67 -5.30
CA GLY L 42 1.17 63.20 -6.24
C GLY L 42 1.61 64.46 -6.98
N TYR L 43 2.77 64.99 -6.64
CA TYR L 43 3.32 66.17 -7.29
C TYR L 43 4.44 65.86 -8.29
N ARG L 44 4.59 66.70 -9.31
CA ARG L 44 5.72 66.53 -10.23
C ARG L 44 6.96 67.15 -9.57
N GLU L 45 8.12 66.47 -9.67
CA GLU L 45 9.32 66.90 -8.87
C GLU L 45 10.46 67.00 -9.86
N VAL L 46 11.35 67.99 -9.71
CA VAL L 46 12.51 68.08 -10.60
C VAL L 46 13.55 66.98 -10.28
N GLY L 47 14.01 66.25 -11.30
CA GLY L 47 14.81 65.04 -11.10
C GLY L 47 15.91 64.67 -12.11
N GLY L 48 16.31 65.63 -12.94
CA GLY L 48 17.51 65.45 -13.77
C GLY L 48 18.80 65.32 -12.97
N LYS L 49 19.67 64.42 -13.39
CA LYS L 49 20.97 64.27 -12.70
C LYS L 49 21.93 65.46 -12.92
N CYS L 50 21.97 65.95 -14.17
CA CYS L 50 22.89 67.05 -14.54
C CYS L 50 22.36 68.45 -14.29
N PRO L 51 23.26 69.37 -13.91
CA PRO L 51 22.88 70.78 -13.84
C PRO L 51 22.77 71.41 -15.24
N VAL L 52 21.97 72.48 -15.33
CA VAL L 52 21.59 73.08 -16.61
C VAL L 52 22.08 74.50 -16.64
N PHE L 53 23.21 74.69 -17.32
CA PHE L 53 23.95 75.96 -17.24
C PHE L 53 23.23 77.04 -18.04
N GLY L 54 22.90 78.14 -17.36
CA GLY L 54 22.32 79.28 -18.02
C GLY L 54 20.79 79.28 -18.14
N LYS L 55 20.13 78.22 -17.66
CA LYS L 55 18.68 78.19 -17.60
C LYS L 55 18.08 79.21 -16.63
N ALA L 56 17.33 80.17 -17.17
CA ALA L 56 16.57 81.09 -16.34
C ALA L 56 15.13 80.78 -16.59
N ILE L 57 14.27 81.22 -15.68
CA ILE L 57 12.87 81.21 -16.02
C ILE L 57 12.46 82.64 -16.28
N GLN L 58 11.95 82.85 -17.47
CA GLN L 58 11.51 84.15 -17.92
C GLN L 58 10.06 84.35 -17.50
N MET L 59 9.79 85.46 -16.84
CA MET L 59 8.46 85.80 -16.36
C MET L 59 7.89 86.95 -17.16
N HIS L 60 6.61 87.22 -16.99
CA HIS L 60 5.95 88.25 -17.80
C HIS L 60 4.98 89.07 -16.97
N GLN L 61 5.41 89.40 -15.75
CA GLN L 61 4.61 90.29 -14.92
C GLN L 61 4.56 91.68 -15.58
N PRO L 62 3.54 92.50 -15.26
CA PRO L 62 3.52 93.83 -15.87
C PRO L 62 4.85 94.54 -15.68
N ALA L 63 5.01 95.67 -16.32
CA ALA L 63 6.30 96.35 -16.41
C ALA L 63 6.70 96.90 -15.04
N GLU L 64 5.71 97.20 -14.23
CA GLU L 64 5.94 97.82 -12.94
C GLU L 64 6.47 96.80 -11.92
N TYR L 65 6.29 95.51 -12.22
CA TYR L 65 6.77 94.45 -11.32
C TYR L 65 8.27 94.27 -11.43
N SER L 66 8.86 93.77 -10.33
CA SER L 66 10.23 93.29 -10.33
C SER L 66 10.51 92.25 -11.44
N ASN L 67 9.64 91.25 -11.59
CA ASN L 67 9.76 90.35 -12.74
C ASN L 67 11.06 89.53 -12.75
N ASN L 68 11.41 89.00 -11.59
CA ASN L 68 12.67 88.33 -11.41
C ASN L 68 12.45 87.03 -10.69
N PHE L 69 12.74 85.92 -11.35
CA PHE L 69 12.31 84.65 -10.79
C PHE L 69 13.06 84.18 -9.51
N LEU L 70 14.13 84.90 -9.13
CA LEU L 70 14.86 84.64 -7.85
C LEU L 70 14.37 85.51 -6.66
N ASP L 71 13.48 86.45 -6.94
CA ASP L 71 12.68 87.08 -5.90
C ASP L 71 11.93 86.02 -5.04
N ASP L 72 11.77 86.32 -3.76
CA ASP L 72 11.01 85.45 -2.88
C ASP L 72 9.63 85.14 -3.50
N ALA L 73 9.21 83.90 -3.43
CA ALA L 73 7.81 83.55 -3.65
C ALA L 73 6.92 84.22 -2.57
N PRO L 74 5.61 84.30 -2.85
CA PRO L 74 4.65 84.85 -1.88
C PRO L 74 4.41 83.90 -0.72
N THR L 75 4.20 84.44 0.48
CA THR L 75 3.82 83.63 1.64
C THR L 75 2.33 83.72 1.94
N SER L 76 1.68 84.77 1.42
CA SER L 76 0.23 84.87 1.47
C SER L 76 -0.31 85.53 0.23
N ASN L 77 -1.56 85.20 -0.10
CA ASN L 77 -2.24 85.82 -1.23
C ASN L 77 -2.69 87.22 -0.92
N ASP L 78 -2.48 88.12 -1.87
CA ASP L 78 -3.20 89.36 -1.88
C ASP L 78 -4.22 89.40 -3.01
N ALA L 79 -5.49 89.31 -2.65
CA ALA L 79 -6.56 89.15 -3.60
C ALA L 79 -6.63 90.39 -4.48
N SER L 80 -6.21 91.52 -3.92
CA SER L 80 -6.29 92.80 -4.60
C SER L 80 -5.24 92.97 -5.71
N LYS L 81 -4.15 92.20 -5.65
CA LYS L 81 -3.08 92.30 -6.62
C LYS L 81 -3.12 91.15 -7.64
N LYS L 82 -3.21 91.49 -8.91
CA LYS L 82 -3.18 90.53 -9.99
C LYS L 82 -2.29 91.05 -11.12
N PRO L 83 -1.23 90.32 -11.44
CA PRO L 83 -0.87 89.05 -10.83
C PRO L 83 -0.23 89.28 -9.45
N LEU L 84 -0.17 88.24 -8.63
CA LEU L 84 0.51 88.29 -7.31
C LEU L 84 2.03 88.47 -7.46
N PRO L 85 2.60 89.48 -6.80
CA PRO L 85 3.99 89.81 -7.13
C PRO L 85 4.91 88.75 -6.51
N GLY L 86 6.13 88.65 -6.99
CA GLY L 86 7.07 87.76 -6.35
C GLY L 86 7.78 86.88 -7.34
N GLY L 87 8.42 85.82 -6.81
CA GLY L 87 9.38 85.04 -7.56
C GLY L 87 9.24 83.58 -7.24
N PHE L 88 10.29 82.81 -7.54
CA PHE L 88 10.25 81.37 -7.36
C PHE L 88 11.00 80.94 -6.06
N ASN L 89 11.65 81.89 -5.38
CA ASN L 89 12.60 81.53 -4.36
C ASN L 89 11.93 81.21 -3.02
N ASN L 90 12.26 80.04 -2.43
CA ASN L 90 11.76 79.68 -1.08
C ASN L 90 11.90 80.82 -0.10
N PRO L 91 10.79 81.25 0.51
CA PRO L 91 10.83 82.47 1.31
C PRO L 91 10.88 82.22 2.81
N GLN L 92 11.13 80.97 3.20
CA GLN L 92 11.03 80.58 4.62
C GLN L 92 12.23 81.10 5.38
N VAL L 93 11.97 81.71 6.52
CA VAL L 93 13.00 81.92 7.53
C VAL L 93 13.28 80.64 8.33
N TYR L 94 14.48 80.55 8.89
CA TYR L 94 14.77 79.59 9.97
C TYR L 94 14.29 80.16 11.30
N THR L 95 14.11 79.30 12.29
CA THR L 95 13.80 79.76 13.66
C THR L 95 14.84 80.81 14.18
N SER L 96 16.10 80.66 13.76
CA SER L 96 17.19 81.64 14.03
C SER L 96 17.00 83.06 13.49
N GLY L 97 16.17 83.18 12.44
CA GLY L 97 15.91 84.49 11.82
C GLY L 97 16.63 84.67 10.49
N GLN L 98 17.55 83.77 10.18
CA GLN L 98 18.17 83.73 8.86
C GLN L 98 17.14 83.24 7.87
N LYS L 99 17.40 83.53 6.60
CA LYS L 99 16.55 83.11 5.51
C LYS L 99 17.03 81.78 4.89
N PHE L 100 16.10 80.87 4.64
CA PHE L 100 16.38 79.66 3.86
C PHE L 100 17.15 79.96 2.55
N SER L 101 16.84 81.10 1.91
CA SER L 101 17.27 81.37 0.51
C SER L 101 17.02 82.82 0.10
N PRO L 102 18.01 83.44 -0.60
CA PRO L 102 19.28 82.85 -1.05
C PRO L 102 20.27 82.66 0.16
N ILE L 103 21.23 81.75 0.02
CA ILE L 103 22.34 81.69 1.02
C ILE L 103 23.78 81.73 0.40
N ASP L 104 24.63 82.66 0.85
CA ASP L 104 26.04 82.76 0.33
C ASP L 104 26.71 81.41 0.40
N ASP L 105 27.48 81.04 -0.61
CA ASP L 105 28.13 79.72 -0.65
C ASP L 105 29.31 79.62 0.35
N SER L 106 29.84 80.76 0.81
CA SER L 106 30.78 80.72 1.91
C SER L 106 30.07 80.43 3.23
N LEU L 107 28.98 81.15 3.51
CA LEU L 107 28.09 80.81 4.65
C LEU L 107 27.65 79.36 4.62
N LEU L 108 27.53 78.79 3.42
CA LEU L 108 27.23 77.35 3.32
C LEU L 108 28.40 76.61 3.84
N GLN L 109 29.57 77.05 3.41
CA GLN L 109 30.74 76.21 3.47
C GLN L 109 31.04 75.84 4.92
N GLU L 110 30.79 76.81 5.81
CA GLU L 110 30.95 76.71 7.26
C GLU L 110 29.83 75.92 7.94
N ARG L 111 28.65 75.95 7.33
CA ARG L 111 27.46 75.26 7.83
CA ARG L 111 27.48 75.26 7.88
C ARG L 111 27.55 73.76 7.56
N LEU L 112 28.32 73.41 6.54
CA LEU L 112 28.15 72.11 5.90
C LEU L 112 29.25 71.11 6.22
N GLY L 113 30.33 71.60 6.86
CA GLY L 113 31.30 70.73 7.51
C GLY L 113 32.46 70.24 6.65
N THR L 114 33.51 69.77 7.33
CA THR L 114 34.80 69.48 6.71
C THR L 114 34.79 68.34 5.70
N ALA L 115 33.83 67.42 5.78
CA ALA L 115 33.62 66.47 4.67
C ALA L 115 32.50 67.00 3.77
N GLY L 116 32.09 66.22 2.77
CA GLY L 116 31.02 66.65 1.87
C GLY L 116 31.52 67.30 0.58
N PRO L 117 30.75 68.27 0.05
CA PRO L 117 30.76 68.54 -1.38
C PRO L 117 31.88 69.54 -1.74
N LYS L 118 32.67 69.20 -2.76
CA LYS L 118 33.81 70.10 -3.15
C LYS L 118 33.38 71.36 -3.94
N THR L 119 32.70 71.14 -5.06
CA THR L 119 32.09 72.22 -5.90
C THR L 119 31.06 73.10 -5.16
N ALA L 120 30.79 74.28 -5.74
CA ALA L 120 29.66 75.10 -5.33
C ALA L 120 28.29 74.58 -5.80
N ILE L 121 28.27 73.82 -6.88
CA ILE L 121 27.03 73.29 -7.36
C ILE L 121 26.56 72.20 -6.40
N GLY L 122 27.40 71.16 -6.23
CA GLY L 122 27.21 70.12 -5.19
C GLY L 122 26.68 70.66 -3.88
N ARG L 123 27.25 71.77 -3.44
CA ARG L 123 26.89 72.33 -2.18
C ARG L 123 25.43 72.78 -2.17
N CYS L 124 25.05 73.47 -3.24
CA CYS L 124 23.75 74.03 -3.36
C CYS L 124 22.70 72.94 -3.62
N ALA L 125 23.03 71.99 -4.47
CA ALA L 125 22.18 70.83 -4.64
C ALA L 125 21.91 70.16 -3.28
N LEU L 126 22.96 69.66 -2.64
CA LEU L 126 22.79 68.97 -1.37
C LEU L 126 21.96 69.83 -0.41
N TYR L 127 22.28 71.11 -0.33
CA TYR L 127 21.50 72.02 0.50
C TYR L 127 20.01 72.02 0.14
N ALA L 128 19.69 71.69 -1.11
CA ALA L 128 18.31 71.61 -1.52
C ALA L 128 17.75 70.24 -1.15
N TYR L 129 18.46 69.21 -1.57
CA TYR L 129 18.20 67.85 -1.18
C TYR L 129 17.90 67.77 0.30
N SER L 130 18.53 68.67 1.07
CA SER L 130 18.46 68.62 2.51
C SER L 130 17.44 69.55 3.09
N THR L 131 16.86 70.41 2.26
CA THR L 131 15.82 71.27 2.79
C THR L 131 14.51 70.46 2.93
N ILE L 132 13.79 70.69 4.03
CA ILE L 132 12.55 69.95 4.27
C ILE L 132 11.38 70.72 3.67
N ALA L 133 10.86 70.21 2.56
CA ALA L 133 9.78 70.87 1.85
C ALA L 133 8.57 70.89 2.73
N VAL L 134 7.91 72.05 2.73
CA VAL L 134 6.56 72.22 3.22
C VAL L 134 5.59 72.31 2.03
N ASN L 135 4.53 71.52 2.08
CA ASN L 135 3.47 71.61 1.09
C ASN L 135 2.77 72.96 1.18
N PRO L 136 2.68 73.69 0.05
CA PRO L 136 2.28 75.11 0.12
C PRO L 136 0.78 75.26 0.33
N SER L 137 0.02 74.19 0.07
CA SER L 137 -1.39 74.21 0.34
C SER L 137 -1.75 73.80 1.75
N THR L 138 -1.51 72.54 2.07
CA THR L 138 -1.78 71.99 3.39
C THR L 138 -0.93 72.55 4.50
N ASN L 139 0.35 72.74 4.23
CA ASN L 139 1.25 73.23 5.24
C ASN L 139 1.95 72.14 6.05
N TYR L 140 1.69 70.89 5.73
CA TYR L 140 2.43 69.78 6.32
C TYR L 140 3.82 69.61 5.71
N THR L 141 4.78 69.14 6.49
CA THR L 141 6.07 68.81 5.95
C THR L 141 5.89 67.67 4.95
N SER L 142 6.83 67.55 4.04
CA SER L 142 6.68 66.65 2.91
C SER L 142 8.06 66.05 2.56
N THR L 143 8.07 65.02 1.72
CA THR L 143 9.36 64.44 1.29
C THR L 143 9.77 64.97 -0.09
N TYR L 144 9.09 66.03 -0.53
CA TYR L 144 9.28 66.63 -1.86
C TYR L 144 10.63 67.37 -1.84
N LYS L 145 11.38 67.25 -2.93
CA LYS L 145 12.67 68.00 -3.10
C LYS L 145 12.57 69.26 -4.06
N TYR L 146 12.59 70.45 -3.48
CA TYR L 146 12.86 71.68 -4.22
C TYR L 146 14.00 71.56 -5.24
N PRO L 147 13.98 72.43 -6.28
CA PRO L 147 15.19 72.53 -7.10
C PRO L 147 15.99 73.70 -6.65
N PHE L 148 17.15 73.91 -7.29
CA PHE L 148 18.02 75.03 -6.87
C PHE L 148 18.50 75.83 -8.08
N VAL L 149 18.97 77.03 -7.82
CA VAL L 149 19.66 77.77 -8.83
C VAL L 149 20.90 78.28 -8.18
N TYR L 150 22.04 78.03 -8.81
CA TYR L 150 23.29 78.61 -8.35
C TYR L 150 23.68 79.82 -9.19
N ASP L 151 23.95 80.94 -8.55
CA ASP L 151 24.50 82.09 -9.21
C ASP L 151 25.99 82.25 -8.96
N ALA L 152 26.80 81.98 -9.98
CA ALA L 152 28.28 81.98 -9.80
C ALA L 152 28.93 83.37 -9.72
N VAL L 153 28.18 84.42 -10.05
CA VAL L 153 28.74 85.78 -9.95
C VAL L 153 28.61 86.28 -8.52
N SER L 154 27.39 86.25 -8.00
CA SER L 154 27.11 86.84 -6.69
C SER L 154 27.59 85.82 -5.66
N ARG L 155 27.86 84.61 -6.16
CA ARG L 155 28.24 83.44 -5.38
C ARG L 155 27.19 82.85 -4.46
N LYS L 156 25.93 82.98 -4.86
CA LYS L 156 24.83 82.60 -4.02
C LYS L 156 24.06 81.43 -4.51
N CYS L 157 23.40 80.79 -3.56
CA CYS L 157 22.68 79.60 -3.84
C CYS L 157 21.21 79.79 -3.43
N TYR L 158 20.32 79.25 -4.27
CA TYR L 158 18.90 79.54 -4.23
C TYR L 158 18.19 78.22 -4.17
N VAL L 159 17.29 78.06 -3.22
CA VAL L 159 16.36 76.93 -3.27
C VAL L 159 15.00 77.50 -3.64
N LEU L 160 14.35 76.89 -4.64
CA LEU L 160 13.12 77.43 -5.22
C LEU L 160 11.93 76.62 -4.71
N SER L 161 11.02 77.26 -4.01
CA SER L 161 9.82 76.53 -3.60
C SER L 161 8.86 76.35 -4.75
N VAL L 162 8.91 77.27 -5.72
CA VAL L 162 8.18 77.07 -6.96
C VAL L 162 8.99 76.19 -7.90
N SER L 163 8.44 75.05 -8.31
CA SER L 163 9.18 74.11 -9.19
C SER L 163 8.53 74.02 -10.55
N ALA L 164 7.46 74.78 -10.74
CA ALA L 164 6.84 74.92 -12.07
C ALA L 164 7.85 75.64 -12.96
N GLN L 165 7.97 75.20 -14.22
CA GLN L 165 8.93 75.78 -15.14
C GLN L 165 8.25 76.44 -16.37
N LEU L 166 6.99 76.07 -16.63
CA LEU L 166 6.28 76.57 -17.81
C LEU L 166 4.79 76.77 -17.52
N LEU L 167 4.36 78.03 -17.60
CA LEU L 167 2.94 78.38 -17.54
C LEU L 167 2.54 79.23 -18.74
N LYS L 168 1.56 78.77 -19.50
CA LYS L 168 1.18 79.49 -20.72
C LYS L 168 -0.29 79.44 -21.01
N GLY L 169 -0.79 80.45 -21.71
CA GLY L 169 -2.17 80.47 -22.16
C GLY L 169 -3.05 81.46 -21.40
N GLU L 170 -3.93 82.16 -22.12
CA GLU L 170 -4.73 83.25 -21.53
C GLU L 170 -5.88 82.74 -20.67
N LYS L 171 -6.24 81.47 -20.81
CA LYS L 171 -7.02 80.81 -19.76
C LYS L 171 -6.27 80.83 -18.41
N TYR L 172 -4.95 80.81 -18.43
CA TYR L 172 -4.16 80.44 -17.23
C TYR L 172 -3.28 81.52 -16.63
N CYS L 173 -2.82 82.45 -17.44
CA CYS L 173 -1.87 83.48 -16.99
C CYS L 173 -1.83 84.71 -17.91
N SER L 174 -1.40 85.85 -17.37
CA SER L 174 -1.24 87.04 -18.15
C SER L 174 0.17 87.18 -18.68
N VAL L 175 0.27 87.66 -19.91
CA VAL L 175 1.47 88.27 -20.45
C VAL L 175 1.39 89.80 -20.36
N ASN L 176 2.33 90.38 -19.62
CA ASN L 176 2.38 91.84 -19.41
C ASN L 176 1.03 92.45 -18.98
N GLY L 177 0.26 91.72 -18.21
CA GLY L 177 -0.93 92.31 -17.59
C GLY L 177 -2.23 92.04 -18.34
N THR L 178 -2.15 91.36 -19.48
CA THR L 178 -3.36 90.92 -20.14
C THR L 178 -3.35 89.42 -20.43
N PRO L 179 -4.45 88.76 -20.17
CA PRO L 179 -5.70 89.38 -19.65
C PRO L 179 -5.54 89.82 -18.19
N SER L 180 -6.36 90.77 -17.76
CA SER L 180 -6.12 91.49 -16.53
C SER L 180 -6.50 90.77 -15.21
N GLY L 181 -7.24 89.70 -15.28
CA GLY L 181 -7.75 89.13 -14.03
C GLY L 181 -6.84 88.21 -13.20
N LEU L 182 -5.73 87.75 -13.78
CA LEU L 182 -5.16 86.45 -13.40
C LEU L 182 -4.16 86.48 -12.24
N THR L 183 -4.21 85.43 -11.44
CA THR L 183 -3.38 85.30 -10.25
C THR L 183 -1.91 85.23 -10.64
N TRP L 184 -1.65 84.58 -11.76
CA TRP L 184 -0.29 84.31 -12.18
C TRP L 184 0.03 84.94 -13.51
N ALA L 185 1.19 85.57 -13.57
CA ALA L 185 1.84 85.93 -14.82
C ALA L 185 2.43 84.70 -15.42
N CYS L 186 2.49 84.69 -16.75
CA CYS L 186 3.10 83.58 -17.48
C CYS L 186 4.61 83.56 -17.35
N PHE L 187 5.21 82.41 -17.66
CA PHE L 187 6.64 82.25 -17.53
C PHE L 187 7.12 81.01 -18.28
N GLU L 188 8.39 80.97 -18.61
CA GLU L 188 8.89 79.80 -19.32
C GLU L 188 10.38 79.83 -19.31
N PRO L 189 11.01 78.68 -19.65
CA PRO L 189 12.46 78.59 -19.52
C PRO L 189 13.12 79.19 -20.71
N VAL L 190 14.34 79.69 -20.49
CA VAL L 190 15.14 80.23 -21.53
C VAL L 190 16.62 80.19 -21.13
N LYS L 191 17.52 79.98 -22.08
CA LYS L 191 18.95 80.13 -21.79
C LYS L 191 19.33 81.58 -21.83
N GLU L 192 20.00 82.05 -20.78
CA GLU L 192 20.44 83.43 -20.74
C GLU L 192 21.95 83.49 -20.52
N LYS L 193 22.55 84.56 -21.02
CA LYS L 193 23.95 84.82 -20.81
C LYS L 193 24.10 86.29 -20.52
N SER L 194 24.42 86.60 -19.28
CA SER L 194 24.43 87.98 -18.84
C SER L 194 25.71 88.16 -18.05
N SER L 195 26.26 89.36 -18.02
CA SER L 195 27.49 89.55 -17.27
C SER L 195 27.19 89.89 -15.80
N ALA L 196 25.92 90.08 -15.50
CA ALA L 196 25.43 90.37 -14.16
C ALA L 196 25.24 89.09 -13.27
N ARG L 197 24.82 87.99 -13.85
CA ARG L 197 24.71 86.75 -13.11
C ARG L 197 25.09 85.61 -13.98
N ALA L 198 25.39 84.47 -13.37
CA ALA L 198 25.62 83.27 -14.15
C ALA L 198 24.90 82.12 -13.47
N LEU L 199 23.80 81.69 -14.07
CA LEU L 199 22.88 80.75 -13.42
C LEU L 199 23.10 79.34 -13.85
N VAL L 200 22.96 78.43 -12.89
CA VAL L 200 22.81 77.01 -13.16
C VAL L 200 21.54 76.58 -12.46
N TYR L 201 20.70 75.86 -13.19
CA TYR L 201 19.43 75.35 -12.65
C TYR L 201 19.62 73.85 -12.49
N GLY L 202 19.20 73.33 -11.35
CA GLY L 202 19.26 71.89 -11.16
C GLY L 202 18.20 71.32 -10.24
N SER L 203 17.89 70.04 -10.46
CA SER L 203 17.07 69.24 -9.53
C SER L 203 17.91 68.89 -8.27
N ALA L 204 17.25 68.57 -7.17
CA ALA L 204 17.97 68.23 -5.91
C ALA L 204 18.74 66.92 -6.08
N PHE L 205 18.23 66.05 -6.96
CA PHE L 205 18.86 64.79 -7.27
C PHE L 205 20.18 64.82 -8.06
N VAL L 206 20.70 66.04 -8.27
CA VAL L 206 22.11 66.24 -8.63
C VAL L 206 22.98 65.73 -7.46
N ALA L 207 22.54 66.00 -6.22
CA ALA L 207 23.27 65.65 -4.98
C ALA L 207 23.25 64.15 -4.58
N GLU L 208 22.49 63.35 -5.33
CA GLU L 208 22.26 61.94 -5.02
C GLU L 208 23.39 61.03 -5.50
N GLY L 209 23.85 60.16 -4.60
CA GLY L 209 25.15 59.53 -4.76
C GLY L 209 26.20 60.62 -4.65
N ASN L 210 26.85 60.89 -5.77
CA ASN L 210 27.89 61.91 -5.83
C ASN L 210 27.33 63.33 -6.13
N PRO L 211 27.39 64.26 -5.14
CA PRO L 211 26.96 65.62 -5.44
C PRO L 211 27.87 66.24 -6.50
N ASP L 212 29.17 66.01 -6.32
CA ASP L 212 30.24 66.66 -7.09
C ASP L 212 30.50 65.90 -8.39
N ALA L 213 29.70 64.90 -8.71
CA ALA L 213 29.91 64.07 -9.93
C ALA L 213 29.71 64.78 -11.28
N TRP L 214 28.95 65.87 -11.24
CA TRP L 214 28.50 66.51 -12.49
C TRP L 214 29.74 66.93 -13.27
N GLN L 215 30.70 67.46 -12.51
CA GLN L 215 31.91 68.03 -13.07
C GLN L 215 32.65 67.06 -13.94
N SER L 216 32.39 65.76 -13.74
CA SER L 216 33.08 64.72 -14.52
C SER L 216 32.13 63.90 -15.38
N ALA L 217 30.86 63.80 -14.98
CA ALA L 217 29.91 62.97 -15.75
C ALA L 217 29.03 63.75 -16.68
N CYS L 218 28.88 65.05 -16.43
CA CYS L 218 27.88 65.85 -17.19
C CYS L 218 28.50 66.66 -18.32
N PRO L 219 27.68 67.02 -19.34
CA PRO L 219 28.17 67.77 -20.49
C PRO L 219 28.09 69.27 -20.30
N ASN L 220 28.77 69.79 -19.28
CA ASN L 220 28.60 71.17 -18.85
C ASN L 220 29.09 72.27 -19.80
N ASP L 221 29.84 71.92 -20.83
CA ASP L 221 30.50 72.92 -21.65
C ASP L 221 30.33 72.64 -23.07
N ALA L 222 30.27 73.68 -23.88
CA ALA L 222 30.43 73.48 -25.31
C ALA L 222 31.85 72.98 -25.53
N VAL L 223 32.04 72.24 -26.62
CA VAL L 223 33.34 71.72 -26.96
C VAL L 223 33.82 72.41 -28.22
N LYS L 224 34.95 73.12 -28.14
CA LYS L 224 35.43 73.91 -29.29
C LYS L 224 36.19 73.10 -30.33
N ASP L 225 35.99 73.48 -31.59
CA ASP L 225 36.72 72.89 -32.71
C ASP L 225 36.43 71.42 -32.88
N ALA L 226 35.26 71.00 -32.40
CA ALA L 226 34.79 69.64 -32.64
C ALA L 226 33.30 69.58 -32.90
N LEU L 227 32.90 68.67 -33.81
CA LEU L 227 31.49 68.36 -34.04
C LEU L 227 31.12 66.97 -33.51
N PHE L 228 29.82 66.78 -33.25
CA PHE L 228 29.32 65.51 -32.76
C PHE L 228 29.17 64.56 -33.94
N GLY L 229 29.53 63.29 -33.72
CA GLY L 229 29.48 62.28 -34.79
C GLY L 229 29.02 60.88 -34.39
N LYS L 230 28.55 60.14 -35.40
CA LYS L 230 28.38 58.70 -35.30
C LYS L 230 29.52 58.03 -36.06
N TRP L 231 30.33 57.25 -35.34
CA TRP L 231 31.39 56.41 -35.93
C TRP L 231 30.87 55.47 -37.00
N GLU L 232 31.54 55.44 -38.16
CA GLU L 232 31.25 54.47 -39.21
C GLU L 232 32.29 54.48 -40.32
N ASP L 233 32.89 53.33 -40.57
CA ASP L 233 33.97 53.21 -41.56
C ASP L 233 35.25 53.83 -41.03
N GLY L 234 35.53 53.57 -39.75
CA GLY L 234 36.82 53.90 -39.15
C GLY L 234 37.00 55.38 -38.86
N GLN L 235 35.91 56.14 -38.95
CA GLN L 235 36.00 57.58 -38.99
C GLN L 235 34.77 58.22 -38.39
N CYS L 236 34.94 59.39 -37.78
CA CYS L 236 33.84 60.06 -37.13
C CYS L 236 33.05 60.93 -38.11
N VAL L 237 31.82 60.51 -38.42
CA VAL L 237 30.97 61.25 -39.34
C VAL L 237 29.99 62.13 -38.55
N PRO L 238 30.02 63.43 -38.82
CA PRO L 238 29.28 64.35 -37.97
C PRO L 238 27.84 64.44 -38.40
N PHE L 239 26.95 64.83 -37.48
CA PHE L 239 25.56 65.08 -37.85
C PHE L 239 25.45 66.40 -38.60
N ASP L 240 24.69 66.38 -39.68
CA ASP L 240 24.52 67.56 -40.49
C ASP L 240 23.11 67.60 -40.99
N THR L 241 22.77 68.64 -41.74
CA THR L 241 21.44 68.76 -42.30
C THR L 241 20.89 67.37 -42.59
N LYS L 242 21.73 66.50 -43.14
CA LYS L 242 21.29 65.22 -43.66
C LYS L 242 20.54 64.41 -42.61
N THR L 243 21.00 64.48 -41.36
CA THR L 243 20.57 63.55 -40.31
C THR L 243 20.07 64.29 -39.06
N SER L 244 19.52 65.49 -39.26
CA SER L 244 19.22 66.41 -38.18
C SER L 244 17.74 66.74 -38.21
N VAL L 245 17.24 67.27 -37.11
CA VAL L 245 15.82 67.52 -36.99
C VAL L 245 15.47 68.94 -37.45
N GLN L 246 16.48 69.82 -37.43
CA GLN L 246 16.41 71.13 -38.04
C GLN L 246 17.83 71.61 -38.22
N SER L 247 18.09 72.36 -39.29
CA SER L 247 19.44 72.86 -39.53
C SER L 247 19.41 74.20 -40.24
N ASP L 248 18.83 75.18 -39.57
CA ASP L 248 18.73 76.52 -40.13
C ASP L 248 19.95 77.35 -39.80
N GLN L 249 20.23 78.35 -40.61
CA GLN L 249 21.35 79.22 -40.37
C GLN L 249 21.19 79.89 -39.01
N ALA L 250 22.31 80.21 -38.39
CA ALA L 250 22.30 80.97 -37.16
C ALA L 250 23.34 82.04 -37.32
N THR L 251 23.01 83.23 -36.83
CA THR L 251 23.84 84.40 -37.02
C THR L 251 25.16 84.19 -36.31
N ASN L 252 25.09 83.62 -35.11
CA ASN L 252 26.28 83.30 -34.37
C ASN L 252 26.22 82.06 -33.47
N LYS L 253 27.40 81.66 -33.02
CA LYS L 253 27.60 80.58 -32.04
C LYS L 253 26.52 80.61 -31.01
N GLU L 254 26.45 81.74 -30.32
CA GLU L 254 25.65 81.87 -29.11
C GLU L 254 24.17 81.58 -29.40
N GLU L 255 23.72 81.93 -30.61
CA GLU L 255 22.32 81.81 -30.99
C GLU L 255 21.96 80.33 -31.16
N CYS L 256 22.90 79.57 -31.69
CA CYS L 256 22.75 78.14 -31.77
C CYS L 256 22.62 77.57 -30.37
N TRP L 257 23.41 78.09 -29.44
CA TRP L 257 23.39 77.57 -28.07
C TRP L 257 22.07 77.86 -27.35
N LYS L 258 21.49 79.05 -27.57
CA LYS L 258 20.12 79.31 -27.10
C LYS L 258 19.07 78.48 -27.82
N ARG L 259 19.26 78.26 -29.13
CA ARG L 259 18.30 77.57 -29.96
C ARG L 259 18.09 76.09 -29.57
N VAL L 260 19.16 75.38 -29.28
CA VAL L 260 19.02 73.97 -28.93
C VAL L 260 18.19 73.73 -27.66
N PHE L 261 18.36 74.62 -26.67
CA PHE L 261 17.65 74.51 -25.42
C PHE L 261 16.14 74.68 -25.57
N ALA L 262 15.76 75.49 -26.54
CA ALA L 262 14.42 75.97 -26.65
C ALA L 262 13.73 75.31 -27.80
N ASN L 263 14.45 74.45 -28.53
CA ASN L 263 13.84 73.82 -29.68
C ASN L 263 12.68 72.88 -29.29
N PRO L 264 11.66 72.79 -30.15
CA PRO L 264 10.39 72.14 -29.79
C PRO L 264 10.48 70.63 -29.66
N LEU L 265 11.60 70.05 -30.11
CA LEU L 265 11.83 68.61 -29.95
C LEU L 265 12.83 68.30 -28.86
N VAL L 266 13.23 69.31 -28.09
CA VAL L 266 14.15 69.05 -27.03
C VAL L 266 13.47 68.18 -25.99
N ALA L 267 14.25 67.30 -25.37
CA ALA L 267 13.81 66.69 -24.13
C ALA L 267 13.17 67.69 -23.19
N SER L 268 11.92 67.42 -22.89
CA SER L 268 11.14 68.25 -22.03
C SER L 268 10.05 67.37 -21.45
N ASP L 269 9.66 67.68 -20.22
CA ASP L 269 8.61 66.93 -19.55
C ASP L 269 7.30 67.72 -19.46
N ALA L 270 7.17 68.77 -20.28
CA ALA L 270 5.97 69.59 -20.25
C ALA L 270 4.85 68.87 -20.95
N PRO L 271 3.62 68.94 -20.39
CA PRO L 271 2.46 68.27 -20.98
C PRO L 271 2.11 68.85 -22.35
N THR L 272 1.63 68.01 -23.26
CA THR L 272 1.31 68.44 -24.62
C THR L 272 -0.17 68.74 -24.81
N THR L 273 -0.90 68.75 -23.71
CA THR L 273 -2.30 69.10 -23.74
C THR L 273 -2.66 69.75 -22.42
N TYR L 274 -3.76 70.48 -22.41
CA TYR L 274 -4.28 71.06 -21.16
C TYR L 274 -5.76 70.92 -21.42
N PRO L 275 -6.52 70.63 -20.35
CA PRO L 275 -7.95 70.49 -20.50
C PRO L 275 -8.73 71.43 -19.54
N ALA L 278 -9.01 74.91 -15.40
CA ALA L 278 -9.13 75.72 -14.19
C ALA L 278 -7.85 76.51 -13.86
N GLN L 279 -8.04 77.74 -13.36
CA GLN L 279 -6.93 78.66 -13.09
C GLN L 279 -6.17 78.26 -11.83
N LYS L 280 -4.86 78.51 -11.82
CA LYS L 280 -4.03 78.09 -10.70
C LYS L 280 -4.32 78.96 -9.47
N ASN L 281 -4.32 78.32 -8.30
CA ASN L 281 -4.34 79.05 -7.04
C ASN L 281 -3.04 79.79 -6.88
N TRP L 282 -3.02 80.77 -5.98
CA TRP L 282 -1.83 81.57 -5.80
C TRP L 282 -0.71 80.69 -5.29
N ASN L 283 -1.08 79.65 -4.55
CA ASN L 283 -0.10 78.78 -3.91
C ASN L 283 0.17 77.41 -4.56
N ASP L 284 -0.25 77.24 -5.81
CA ASP L 284 0.09 76.04 -6.58
C ASP L 284 1.54 76.09 -7.05
N PHE L 285 2.46 75.82 -6.14
CA PHE L 285 3.87 75.98 -6.42
C PHE L 285 4.42 74.78 -7.17
N TRP L 286 3.76 73.66 -7.04
CA TRP L 286 4.30 72.43 -7.57
C TRP L 286 3.24 71.86 -8.48
N PRO L 287 3.60 71.55 -9.73
CA PRO L 287 2.57 71.01 -10.59
C PRO L 287 2.10 69.65 -10.05
N VAL L 288 0.81 69.33 -10.23
CA VAL L 288 0.26 68.06 -9.77
C VAL L 288 0.52 66.95 -10.76
N HIS L 289 0.90 65.78 -10.27
CA HIS L 289 1.20 64.67 -11.15
C HIS L 289 -0.06 63.98 -11.66
N GLU L 290 -0.11 63.76 -12.98
CA GLU L 290 -1.21 63.03 -13.60
C GLU L 290 -0.70 61.78 -14.29
N GLN L 291 -1.59 60.81 -14.44
CA GLN L 291 -1.23 59.58 -15.12
C GLN L 291 -0.71 59.83 -16.55
N SER L 292 -1.06 60.99 -17.12
CA SER L 292 -0.63 61.34 -18.49
C SER L 292 0.58 62.30 -18.56
N SER L 293 1.08 62.76 -17.42
CA SER L 293 2.30 63.59 -17.40
C SER L 293 3.41 62.94 -18.18
N PRO L 294 4.10 63.69 -19.04
CA PRO L 294 5.13 63.02 -19.81
C PRO L 294 6.46 63.02 -19.06
N LYS L 295 7.15 61.89 -19.10
CA LYS L 295 8.55 61.90 -18.70
C LYS L 295 9.44 61.60 -19.89
N SER L 296 10.10 62.64 -20.41
CA SER L 296 11.09 62.47 -21.49
C SER L 296 12.12 61.43 -21.07
N GLY L 297 12.49 61.44 -19.78
CA GLY L 297 13.65 60.66 -19.34
C GLY L 297 14.94 61.10 -20.03
N GLY L 298 14.86 62.21 -20.77
CA GLY L 298 16.04 62.84 -21.34
C GLY L 298 16.19 62.57 -22.81
N PHE L 299 15.28 61.84 -23.39
CA PHE L 299 15.32 61.66 -24.82
C PHE L 299 14.73 62.90 -25.50
N GLY L 300 15.36 63.28 -26.61
CA GLY L 300 14.92 64.40 -27.43
C GLY L 300 16.01 64.97 -28.32
N ALA L 301 15.69 66.03 -29.04
CA ALA L 301 16.70 66.69 -29.85
C ALA L 301 17.57 67.62 -28.99
N ASN L 302 18.63 67.06 -28.38
CA ASN L 302 19.34 67.78 -27.33
C ASN L 302 20.74 68.30 -27.68
N TRP L 303 21.21 68.00 -28.88
CA TRP L 303 22.59 68.29 -29.29
C TRP L 303 22.57 69.20 -30.50
N ALA L 304 23.48 70.17 -30.54
CA ALA L 304 23.66 71.00 -31.73
C ALA L 304 25.10 71.06 -32.26
N ASN L 305 25.22 70.89 -33.57
CA ASN L 305 26.46 71.14 -34.27
C ASN L 305 26.43 72.52 -34.92
N PHE L 306 27.27 73.43 -34.42
CA PHE L 306 27.43 74.74 -35.07
C PHE L 306 28.70 74.70 -35.91
N TYR L 307 28.54 74.93 -37.21
CA TYR L 307 29.65 74.90 -38.14
C TYR L 307 29.35 75.71 -39.41
N LEU L 308 30.41 76.13 -40.10
CA LEU L 308 30.25 76.81 -41.36
C LEU L 308 30.13 75.78 -42.46
N GLU L 309 29.06 75.87 -43.24
CA GLU L 309 28.74 74.85 -44.25
C GLU L 309 29.31 75.26 -45.59
N LYS L 310 30.15 74.40 -46.15
CA LYS L 310 30.98 74.79 -47.28
C LYS L 310 30.20 75.13 -48.55
N GLU L 311 29.19 74.33 -48.88
CA GLU L 311 28.23 74.74 -49.91
C GLU L 311 27.82 76.19 -49.64
N SER L 312 27.08 76.39 -48.56
CA SER L 312 26.34 77.63 -48.32
C SER L 312 27.29 78.81 -48.13
N GLY L 313 28.44 78.52 -47.54
CA GLY L 313 29.20 79.54 -46.83
C GLY L 313 28.34 80.19 -45.74
N GLU L 314 27.27 79.51 -45.33
CA GLU L 314 26.55 79.88 -44.12
C GLU L 314 27.01 79.10 -42.87
N THR L 315 26.93 79.72 -41.71
CA THR L 315 27.04 78.98 -40.47
C THR L 315 25.70 78.42 -40.05
N ILE L 316 25.71 77.18 -39.56
CA ILE L 316 24.49 76.37 -39.46
C ILE L 316 24.40 75.84 -38.02
N CYS L 317 23.18 75.77 -37.49
CA CYS L 317 22.93 75.11 -36.19
C CYS L 317 22.16 73.82 -36.46
N ALA L 318 22.86 72.68 -36.36
CA ALA L 318 22.27 71.38 -36.73
C ALA L 318 21.92 70.62 -35.49
N ILE L 319 20.62 70.54 -35.25
CA ILE L 319 20.11 70.04 -33.99
C ILE L 319 19.58 68.66 -34.24
N PHE L 320 20.05 67.71 -33.44
CA PHE L 320 19.78 66.31 -33.70
C PHE L 320 19.46 65.57 -32.40
N ASP L 321 18.92 64.36 -32.54
CA ASP L 321 18.38 63.62 -31.40
C ASP L 321 18.93 62.21 -31.29
N GLN L 322 20.05 61.92 -31.94
CA GLN L 322 20.78 60.69 -31.67
C GLN L 322 21.89 60.98 -30.66
N VAL L 323 22.16 60.03 -29.78
CA VAL L 323 23.34 60.13 -28.93
C VAL L 323 24.58 60.08 -29.82
N PRO L 324 25.57 60.93 -29.52
CA PRO L 324 26.71 60.95 -30.40
C PRO L 324 27.74 59.97 -29.85
N ASP L 325 28.38 59.19 -30.73
CA ASP L 325 29.43 58.26 -30.25
C ASP L 325 30.86 58.77 -30.36
N CYS L 326 31.09 59.76 -31.21
CA CYS L 326 32.42 60.33 -31.32
C CYS L 326 32.45 61.86 -31.51
N PHE L 327 33.66 62.40 -31.71
CA PHE L 327 33.85 63.78 -32.14
C PHE L 327 34.72 63.87 -33.39
N ALA L 328 34.23 64.56 -34.40
CA ALA L 328 35.08 65.00 -35.50
C ALA L 328 35.80 66.33 -35.15
N PRO L 329 37.15 66.34 -35.15
CA PRO L 329 37.91 67.61 -35.12
C PRO L 329 37.70 68.47 -36.37
N ILE L 330 37.05 69.60 -36.18
CA ILE L 330 36.83 70.56 -37.25
C ILE L 330 37.04 71.97 -36.68
N THR L 331 38.10 72.61 -37.13
CA THR L 331 38.56 73.86 -36.55
C THR L 331 37.52 74.92 -36.85
N GLY L 332 37.13 75.66 -35.82
CA GLY L 332 36.14 76.70 -35.99
C GLY L 332 34.75 76.30 -35.55
N ALA L 333 34.49 75.00 -35.49
CA ALA L 333 33.13 74.53 -35.20
C ALA L 333 32.91 74.33 -33.69
N VAL L 334 31.66 74.27 -33.27
CA VAL L 334 31.36 74.16 -31.86
C VAL L 334 30.21 73.18 -31.62
N ALA L 335 30.35 72.37 -30.56
CA ALA L 335 29.38 71.31 -30.25
C ALA L 335 28.56 71.66 -29.03
N TYR L 336 27.27 71.82 -29.20
CA TYR L 336 26.46 72.29 -28.07
C TYR L 336 25.47 71.22 -27.55
N THR L 337 25.06 71.34 -26.29
CA THR L 337 23.85 70.62 -25.84
C THR L 337 22.98 71.57 -25.11
N ALA L 338 21.73 71.14 -24.90
CA ALA L 338 20.76 71.90 -24.11
C ALA L 338 21.14 72.08 -22.66
N LEU L 339 21.91 71.15 -22.12
CA LEU L 339 22.26 71.20 -20.68
C LEU L 339 23.38 72.19 -20.41
N GLY L 340 24.33 72.22 -21.33
CA GLY L 340 25.62 72.81 -21.08
C GLY L 340 25.72 74.31 -21.29
N SER L 341 26.90 74.83 -21.01
CA SER L 341 27.14 76.24 -21.11
C SER L 341 27.73 76.56 -22.47
N SER L 342 27.91 77.84 -22.75
CA SER L 342 28.49 78.24 -24.02
C SER L 342 29.99 78.40 -23.85
N THR L 343 30.44 78.39 -22.59
CA THR L 343 31.85 78.23 -22.29
C THR L 343 32.36 76.95 -22.94
N GLU L 344 33.59 77.00 -23.45
CA GLU L 344 34.12 75.95 -24.31
C GLU L 344 35.35 75.32 -23.70
N VAL L 345 35.53 74.04 -23.98
CA VAL L 345 36.69 73.29 -23.51
C VAL L 345 37.13 72.57 -24.73
N ASN L 346 38.37 72.10 -24.74
CA ASN L 346 38.87 71.34 -25.88
C ASN L 346 38.54 69.85 -25.73
N LEU L 347 38.59 69.14 -26.85
CA LEU L 347 38.72 67.70 -26.86
C LEU L 347 39.86 67.28 -25.95
N PRO L 348 39.74 66.12 -25.29
CA PRO L 348 40.78 65.73 -24.33
C PRO L 348 42.11 65.48 -25.06
N GLN L 349 43.19 65.96 -24.46
CA GLN L 349 44.52 65.77 -25.03
C GLN L 349 44.80 64.30 -25.17
N CYS L 350 45.34 63.90 -26.30
CA CYS L 350 45.83 62.55 -26.42
C CYS L 350 47.31 62.47 -26.00
N ASP L 351 47.89 61.28 -26.12
CA ASP L 351 49.33 61.07 -25.94
C ASP L 351 50.01 60.69 -27.26
N SER L 352 50.78 61.62 -27.82
CA SER L 352 51.09 61.54 -29.22
C SER L 352 51.80 60.25 -29.51
N ALA L 353 52.75 59.89 -28.66
CA ALA L 353 53.32 58.56 -28.67
C ALA L 353 52.35 57.61 -27.99
N SER L 354 52.30 56.37 -28.44
CA SER L 354 51.49 55.38 -27.76
C SER L 354 50.07 55.37 -28.25
N PHE L 355 49.78 56.25 -29.18
CA PHE L 355 48.44 56.32 -29.76
C PHE L 355 48.54 55.79 -31.17
N ILE L 356 47.64 54.90 -31.53
CA ILE L 356 47.77 54.21 -32.81
C ILE L 356 46.83 54.81 -33.86
N PRO L 357 47.40 55.46 -34.89
CA PRO L 357 46.62 56.09 -35.96
C PRO L 357 45.61 55.15 -36.59
N ILE L 358 44.53 55.71 -37.14
CA ILE L 358 43.34 54.94 -37.50
C ILE L 358 42.87 55.38 -38.88
N GLU L 359 42.79 54.45 -39.81
CA GLU L 359 42.62 54.79 -41.20
C GLU L 359 41.32 54.31 -41.80
N GLY L 360 40.64 55.20 -42.49
CA GLY L 360 39.39 54.88 -43.12
C GLY L 360 39.66 54.21 -44.44
N PRO L 361 38.59 53.90 -45.14
CA PRO L 361 38.63 53.24 -46.43
C PRO L 361 39.23 54.14 -47.47
N CYS L 362 39.62 53.59 -48.60
CA CYS L 362 40.16 54.41 -49.68
C CYS L 362 39.07 54.56 -50.73
N ASN L 363 38.31 55.64 -50.63
CA ASN L 363 37.05 55.78 -51.36
C ASN L 363 37.22 56.15 -52.83
N ASN L 364 37.34 57.45 -53.08
CA ASN L 364 37.86 57.93 -54.35
C ASN L 364 39.20 58.59 -54.14
N CYS L 365 40.20 57.76 -53.89
CA CYS L 365 41.58 58.18 -53.87
C CYS L 365 41.87 59.08 -52.69
N VAL L 366 40.89 59.16 -51.79
CA VAL L 366 41.00 59.90 -50.56
C VAL L 366 40.52 59.01 -49.43
N GLN L 367 41.22 59.02 -48.31
CA GLN L 367 40.83 58.29 -47.11
C GLN L 367 40.87 59.15 -45.86
N VAL L 368 39.88 59.01 -45.01
CA VAL L 368 39.91 59.72 -43.75
C VAL L 368 40.74 59.02 -42.70
N VAL L 369 41.70 59.76 -42.16
CA VAL L 369 42.68 59.20 -41.28
C VAL L 369 42.56 59.99 -40.02
N THR L 370 42.75 59.32 -38.89
CA THR L 370 42.53 59.97 -37.64
C THR L 370 43.60 59.60 -36.61
N GLU L 371 44.42 60.57 -36.28
CA GLU L 371 45.69 60.29 -35.63
C GLU L 371 45.92 61.36 -34.60
N CYS L 372 46.96 61.20 -33.80
CA CYS L 372 47.27 62.20 -32.83
C CYS L 372 48.62 62.88 -33.03
N VAL L 373 48.61 64.20 -32.94
CA VAL L 373 49.75 65.01 -33.32
C VAL L 373 50.01 66.06 -32.24
N GLY L 374 51.09 65.88 -31.49
CA GLY L 374 51.49 66.85 -30.48
C GLY L 374 50.48 66.98 -29.36
N ASN L 375 49.90 65.84 -28.98
CA ASN L 375 48.98 65.78 -27.87
C ASN L 375 47.63 66.45 -28.16
N GLN L 376 47.18 66.34 -29.40
CA GLN L 376 45.83 66.76 -29.74
C GLN L 376 45.28 65.92 -30.88
N PHE L 377 44.04 65.49 -30.75
CA PHE L 377 43.37 64.65 -31.74
C PHE L 377 43.34 65.38 -33.06
N ASP L 378 43.40 64.62 -34.15
CA ASP L 378 43.30 65.19 -35.48
C ASP L 378 42.61 64.24 -36.47
N GLN L 379 41.77 64.81 -37.31
CA GLN L 379 41.13 64.06 -38.39
C GLN L 379 41.26 64.83 -39.70
N THR L 380 41.86 64.19 -40.70
CA THR L 380 42.21 64.85 -41.97
C THR L 380 42.07 63.83 -43.08
N SER L 381 41.95 64.30 -44.31
CA SER L 381 42.00 63.42 -45.46
C SER L 381 43.43 63.20 -45.94
N LYS L 382 43.64 62.06 -46.60
CA LYS L 382 44.95 61.65 -47.09
C LYS L 382 44.74 61.14 -48.50
N ALA L 383 45.67 61.45 -49.41
CA ALA L 383 45.59 60.90 -50.75
C ALA L 383 46.05 59.43 -50.73
N CYS L 384 45.25 58.54 -51.32
CA CYS L 384 45.55 57.09 -51.25
C CYS L 384 45.83 56.39 -52.59
N CYS L 385 45.81 57.16 -53.68
CA CYS L 385 46.25 56.66 -54.98
C CYS L 385 47.59 57.26 -55.39
N THR L 386 48.63 56.97 -54.61
CA THR L 386 49.99 57.47 -54.89
C THR L 386 50.92 56.33 -55.34
#